data_7BLX
#
_entry.id   7BLX
#
_cell.length_a   1.00
_cell.length_b   1.00
_cell.length_c   1.00
_cell.angle_alpha   90.00
_cell.angle_beta   90.00
_cell.angle_gamma   90.00
#
_symmetry.space_group_name_H-M   'P 1'
#
loop_
_entity.id
_entity.type
_entity.pdbx_description
1 polymer 'Photosystem I P700 chlorophyll a apoprotein A1'
2 polymer 'Photosystem I P700 chlorophyll a apoprotein A2'
3 polymer 'Photosystem I iron-sulfur center'
4 polymer 'Photosystem I reaction center subunit II, chloroplastic'
5 polymer 'Photosystem I reaction center subunit IV, chloroplastic'
6 polymer 'Photosystem I reaction center subunit III, chloroplastic'
7 polymer 'Photosystem I reaction center subunit V, chloroplastic'
8 polymer 'Photosystem I reaction center subunit VIII'
9 polymer 'Photosystem I reaction center subunit IX'
10 polymer 'Photosystem I reaction center subunit psaK, chloroplastic'
11 polymer 'PSI subunit V'
12 polymer 'Chlorophyll a-b binding protein, chloroplastic'
13 polymer 'Chlorophyll a-b binding protein, chloroplastic'
14 polymer 'Chlorophyll a-b binding protein, chloroplastic'
15 polymer 'Chlorophyll a-b binding protein, chloroplastic'
16 polymer 'Chlorophyll a-b binding protein, chloroplastic'
17 polymer 'Chlorophyll a-b binding protein, chloroplastic'
18 polymer 'Chlorophyll a-b binding protein, chloroplastic'
19 non-polymer 'CHLOROPHYLL A ISOMER'
20 non-polymer 'CHLOROPHYLL A'
21 non-polymer PHYLLOQUINONE
22 non-polymer 'IRON/SULFUR CLUSTER'
23 non-polymer BETA-CAROTENE
24 non-polymer 1,2-DIPALMITOYL-PHOSPHATIDYL-GLYCEROLE
25 non-polymer '(2R)-2-hydroxy-3-(phosphonooxy)propyl (9E)-octadec-9-enoate'
26 non-polymer DODECYL-BETA-D-MALTOSIDE
27 non-polymer 'OCTANOIC ACID (CAPRYLIC ACID)'
28 non-polymer 'LAURIC ACID'
29 non-polymer 1,2-DISTEAROYL-MONOGALACTOSYL-DIGLYCERIDE
30 non-polymer 'DIACYL GLYCEROL'
31 non-polymer 'DIGALACTOSYL DIACYL GLYCEROL (DGDG)'
32 non-polymer 'CALCIUM ION'
33 non-polymer (3R)-beta,beta-caroten-3-ol
34 non-polymer (1~{S})-3,5,5-trimethyl-4-[(1~{E},3~{E},5~{E},7~{E},9~{E},11~{E},13~{E},15~{E},17~{E})-3,7,12,16-tetramethyl-18-[(4~{S})-2,6,6-trimethyl-4-oxidanyl-cyclohexen-1-yl]octadeca-1,3,5,7,9,11,13,15,17-nonaenyl]cyclohex-3-en-1-ol
35 non-polymer SPHINGOSINE
36 non-polymer "(3R,3'R,6S)-4,5-DIDEHYDRO-5,6-DIHYDRO-BETA,BETA-CAROTENE-3,3'-DIOL"
37 non-polymer 'CHLOROPHYLL B'
38 non-polymer 1,2-DI-O-ACYL-3-O-[6-DEOXY-6-SULFO-ALPHA-D-GLUCOPYRANOSYL]-SN-GLYCEROL
39 non-polymer (3~{E},5~{E},7~{E})-6-methyl-8-[(6~{R})-2,2,6-trimethylcyclohexyl]octa-3,5,7-trien-2-one
40 non-polymer 1,2-DIACYL-GLYCEROL-3-SN-PHOSPHATE
41 non-polymer 'PALMITIC ACID'
42 non-polymer '(2S)-3-{[(R)-(2-aminoethoxy)(hydroxy)phosphoryl]oxy}-2-hydroxypropyl hexadecanoate'
43 water water
#
loop_
_entity_poly.entity_id
_entity_poly.type
_entity_poly.pdbx_seq_one_letter_code
_entity_poly.pdbx_strand_id
1 'polypeptide(L)'
;KKVKIAVDRNPVETSFEKWAKPGHFSRTLSKGPNTTTWIWNLHADAHDFDSHTSDLEEISRKVFSAHFGQLGIIFIWLSG
MYFHGARFSNYEAWLSDPTHIKPSAQVVWPIVGQEILNGDVGGGFQGIQITSGFFQLWRASGITSELQLYTTAIGGLVMA
AAMFFAGWFHYHKAAPKLEWFQNVESMLNHHLGGLLGLGSLAWAGHQIHVSLPVNKLLDAGVDPKEIPLPHDLLLNRAIM
ADLYPSFAKGIAPFFTLNWSEYSDFLTFKGGLNPVTGGLWLSDTAHHHVAIAVLFLVAGHMYRTNWGIGHSMKEILEAHR
GPFTGEGHVGLYEILTTSWHAQLAINLALFGSLSIIVAHHMYAMPPYPYLATDYGTQLSLFTHHTWIGGFCIVGAGAHAA
IFMVRDYDPTNNYNNLLDRVIRHRDAIISHLNWVCIFLGFHSFGLYIHNDTMSALGRPQDMFSDTAIQLQPVFAQWIQNT
HFLAPQLTAPNALAATSLTWGGDLVAVGGKVAMMPISLGTSDFMVHHIHAFTIHVTVLILLKGVLFARSSRLIPDKANLG
FRFPCDGPGRGGTCQVSAWDHVFLGLFWMYNSLSIVIFHFSWKMQSDVWGTVTASGVSHITGGNFAQSANTINGWLRDFL
WAQSSQVIQSYGSALSAYGLIFLGAHFVWAFSLMFLFSGRGYWQELIESIVWAHNKLKVAPAIQPRALSITQGRAVGVAH
YLLGGIATTWSFFLARIISVG
;
A
2 'polypeptide(L)'
;ATKLFPKFSQGLAQDPTTRRIWYGLAMAHDFESHDGMTEENLYQKIFASHFGQLSIIFLWTSGNLFHVAWQGNFEQWVTD
PVHIRPIAHAIWDPHFGQPAVEAFTRGGASGPVNISTSGVYQWWYTIGMRTNQDLYVGSVFLALVSAIFLFAGWLHLQPN
FQPSLSWFKDAESRLNHHLSGLFGVSSLAWTGHLVHVAIPESRGQHVGWDNFLSVLPHPQGLTPFFTGNWAAYAQSPDTA
SHVFGTAQGSGQAILTFLGGFHPQTQSLWLTDMAHHHLAIAVIFIVAGHMYRTNFGIGHRMQAILEAHTPPSGSLGAGHK
GLFDTVNNSLHFQLGLALASVGTITSLVAQHMYSLPPYAFQAIDFTTQAALYTHHQYIAGFIMCGAFAHGAIFFIRDYDP
EQNKGNVLARMLDHKEALISHLSWVSLFLGFHTLGLYVHNDVMQAFGTPEKQILIEPVFAQWIQAAHGKALYGFDFLLSS
KTSAAFANGQSLWLPGWLDAINNNQNSLFLTIGPGDFLVHHAIALGLHTTTLILVKGALDARGSKLMPDKKDFGYSFPCD
GPGRGGTCDISAYDAFYLAVFWMLNTIGWVTFYWHWKHLTLWQGNVAQFDESSTYLMGWLRDYLWLNSSQLINGYNPFGM
NSLSVWAWTFLFGHLIYATGFMFLISWRGYWQELIETLVWAHEKTPLANLVYWKDKPVALSIVQARLVGLAHFSVGYIFT
YAAFLIASTSGRF
;
B
3 'polypeptide(L)' AHIVKIYDTCIGCTQCVRACPLDVLEMVPWDGCKASQMASAPRTEDCVGCKRCETACPTDFLSVRVYLGSESTRSMGLSY C
4 'polypeptide(L)'
;WTVPTLNPDTPSPIFGGSTGGLLRKAQTEEFYVITWEAKKEQIFEMPTGGAAIMRQGPNLLKFGKKEQCLALTTQLRNKF
KLTP(SNC)FYRVFPDGKVQYLHPADGVYPEKVNAGRVGANQNMRRIGQNVNPIKVKFSGRMMSPAEI
;
D
5 'polypeptide(L)' EVGPKRGSLVKILRPESYWFNQVGKVVSVDQSGVRYPVVVRFENQNYAGVTTNNYALDEVVAA E
6 'polypeptide(L)'
;DIAGLTPCSESKAYAKLEKKELKTLEKRLKQYEADSAPAVALKATMERTKARFANYAKAGLLCGNDGLPHLIADPGLALK
YGHAGEVFIPTFGFLYVAGYIGYVGRQYLIAVKGEAKPTDKEIIIDVPLATKLAWQGAGWPLAAVQELQRGTLLEKEENI
TVSPR
;
F
7 'polypeptide(L)'
;LDPQIVISGSTAAFLAIGRFVFLGYQRREANFDSTVGPKTTGATYFDDLQKNSTIFATNDPAGFNIIDVAGWGALGHAVG
FAVLAINSLQG
;
G
8 'polypeptide(L)' PFVPPSWAPSVFVPLTGLVLPAIAMATLFVYIEKEAP I
9 'polypeptide(L)' MKDFTTYLSTAPVIATIWFTFTAGLLIEINRYFPDPLVF J
10 'polypeptide(L)'
;FIGSSTNLIMVASTTATLAAARFGLAPTVKKNTTAGLKLVDSKNSAGVISNDPAGFTIVDVLAMGAAGHGLGVGIVLGLK
GIGA
;
K
11 'polypeptide(L)'
;GMLETPVTSAPIVATYLSNLPAYRTGVAPVLRGVEIGLAHGFLLAGPFIKLGPLRNVPETAEIAGSLSAAGLVLILALCL
SIYGSAQFQSTVARDPLFSADGWSEFAAGFLVGGEAGVAWAYVCTQ
;
L
12 'polypeptide(L)'
;KAGNWLPGSDAPAWLPDDLPGNYGFDPLSLGKEPASLKRFTESEVIHGRWAMLGVAGSLAVELLGYGNWYDAPLWAVNGG
KATWFGIEVPFDLNALLAFEFVAMAAAEGQRGDAGGVVYPGGAFDPLGFAKDSSKSGELKLKEIKNGRLAMVAFLGFVAQ
HAATGKGPIAALGEHLANPWGANFATNGISVPFF
;
1,Z
13 'polypeptide(L)'
;LYVGASQSSLAYLDGSLPGDFGFDPLGLLDPVNSGGFIEPKWLQYSEVIHARWAMLGAAGCIAPEVLGAAGLIPDATNIK
WFESGVIPPAGSYNGYWADPYTIFFVEIVAMQFAELRRLQDFRYPGSMGQQYFLGLEAIFKGSGDAAYPGGPFFNLFNLG
KTEAAMKELKLKEIKNGRLAMLAMLGYGAQAVMTGKGPFQNLVEHLADPVNNNILTNFG
;
3
14 'polypeptide(L)'
;VRPVWFPGNPPPAHLDGSLAGDYGFDPLFLGQEPQTLKWYVQAELVHGRFAMLGAAGIILTSIGAKVGLGFPEWYDAGKV
VVEKNNIDFPTLMVIQFYLMGWAETKRWYDFKNPGSQADGSFLGFTEEFKGLENGYPGGRFFDPMGLSRGDAAKYQEYKQ
KEVKNGRLAMIACLGFAAQYAATGKGPLDNLADHLADPNHVNFATNGVSIPIA
;
7
15 'polypeptide(L)'
;RQSWLPGSQIPAHLDTPAAQALAGNFGFDPLGLGKDPVALRWYQQAELIHCRTAMAGVAGILIPGLLTKAGALNVPEWYD
AGKVAIENSFAPWGSLLAVQLFLCGFVEAKRWQDIRKPGSQGEPGSFLGFEASLKGTSELGYPGGPFDPLGLSKEADKWA
DWKLKEVKNGRLAMLAFLGFVAQKYATGAGPVDNLAAHLKDPWHVNYATNGVSLPFL
;
8
16 'polypeptide(L)'
;DAALPSWMPGADLPGYLNGTLPGDFGFDPLYLGQDPVKLKWYAQAELMNARFAMLAVAGILVPELLSNIGFSWPGAGVAW
YDAGKFEYFAPASSLFGVQMLLFAWVEIRRYQDFVKPGSANQDPIFTNNKLPDGNEPGYPGGIFDPFGWSKGDIKSLKLK
EIKNGRLAMLAFAGFIGQAYTTGTTPLKNLSTHLADPWSTTVWQNDLARL
;
4
17 'polypeptide(L)'
;DRKLWAPGVVAPEYLKGDLAGDYGWDPLGLGADPTALKWYRQSELQHARWAMLGVAGVLVQEIVKPDVYFYEAGLPQNLP
EPFTNINMGGLLAWEFILMHWVEVRRWQDYKNFGSVNEDPIFKGNKVPNPEMGYPGGIFDPFGFSKGNLKELQTKEIKNG
RLAMIAYMAFILQAQATGKGPLAALSAHLSNPFGNNILKNIGTCTVPHSVDVQGLTIPLTCLWPGSQ
;
5
18 'polypeptide(L)'
;RPLWLPGSTPPAHLKGDLPGDFGFDPLGLGANAESLKWFKESELVHSRWAMAAVAGILVQEIVRPDVFWYNAGKEVESPL
GPLGLLAVEFFLMHWVEVRRWQDLRKPGSVDQDPIFSQYKLPPHEVGYPGGVFAPFIPGDLAELKVKEIKNGRLAMLAFV
GFVMAAQVTGKGPIAALQEHLADPWGTTIFSKAAVVPGQAVAPPCKIPASVSYKGIEIPTPCFLQGLWP
;
6
#
# COMPACT_ATOMS: atom_id res chain seq x y z
N LYS A 1 32.35 42.37 21.46
CA LYS A 1 32.12 43.07 22.73
C LYS A 1 30.79 43.82 22.67
N LYS A 2 30.26 44.00 21.46
CA LYS A 2 29.01 44.71 21.24
C LYS A 2 27.91 43.71 20.88
N VAL A 3 26.78 43.81 21.57
CA VAL A 3 25.63 42.94 21.31
C VAL A 3 24.74 43.67 20.32
N LYS A 4 24.64 43.14 19.11
CA LYS A 4 23.83 43.76 18.07
C LYS A 4 23.16 42.66 17.24
N ILE A 5 22.47 43.08 16.19
CA ILE A 5 21.76 42.16 15.31
C ILE A 5 22.57 42.00 14.03
N ALA A 6 23.41 40.97 13.99
CA ALA A 6 24.23 40.67 12.81
C ALA A 6 23.41 39.75 11.93
N VAL A 7 23.47 39.97 10.61
CA VAL A 7 22.68 39.18 9.67
C VAL A 7 23.29 39.22 8.28
N ASP A 8 22.90 38.25 7.46
CA ASP A 8 23.30 38.12 6.06
C ASP A 8 22.03 38.12 5.24
N ARG A 9 22.05 38.83 4.10
CA ARG A 9 20.88 38.94 3.23
C ARG A 9 20.96 37.94 2.08
N ASN A 10 19.83 37.27 1.83
CA ASN A 10 19.64 36.27 0.78
C ASN A 10 20.79 35.26 0.65
N PRO A 11 21.09 34.48 1.69
CA PRO A 11 22.19 33.52 1.58
C PRO A 11 21.84 32.34 0.69
N VAL A 12 20.63 31.82 0.85
CA VAL A 12 20.14 30.67 0.08
C VAL A 12 18.94 31.15 -0.72
N GLU A 13 18.85 30.71 -1.96
CA GLU A 13 17.75 31.11 -2.81
C GLU A 13 16.59 30.14 -2.70
N THR A 14 15.38 30.67 -2.59
CA THR A 14 14.18 29.86 -2.47
C THR A 14 13.87 29.25 -3.83
N SER A 15 14.06 27.94 -3.94
CA SER A 15 13.81 27.23 -5.19
C SER A 15 13.51 25.77 -4.89
N PHE A 16 12.92 25.11 -5.88
CA PHE A 16 12.58 23.70 -5.78
C PHE A 16 13.59 22.81 -6.47
N GLU A 17 14.71 23.38 -6.92
CA GLU A 17 15.76 22.65 -7.62
C GLU A 17 16.34 21.54 -6.78
N LYS A 18 16.56 21.79 -5.49
CA LYS A 18 17.13 20.79 -4.61
C LYS A 18 16.09 19.79 -4.11
N TRP A 19 14.79 20.06 -4.26
CA TRP A 19 13.77 19.11 -3.82
C TRP A 19 13.79 17.86 -4.68
N ALA A 20 14.21 17.98 -5.94
CA ALA A 20 14.28 16.88 -6.88
C ALA A 20 15.59 16.12 -6.79
N LYS A 21 16.51 16.56 -5.93
CA LYS A 21 17.81 15.92 -5.77
C LYS A 21 17.94 15.40 -4.35
N PRO A 22 17.56 14.14 -4.10
CA PRO A 22 17.67 13.57 -2.76
C PRO A 22 19.11 13.40 -2.31
N GLY A 23 19.35 13.59 -1.02
CA GLY A 23 20.67 13.45 -0.45
C GLY A 23 21.66 14.52 -0.84
N HIS A 24 21.19 15.73 -1.15
CA HIS A 24 22.09 16.80 -1.55
C HIS A 24 22.85 17.38 -0.36
N PHE A 25 22.33 17.19 0.85
CA PHE A 25 22.97 17.78 2.03
C PHE A 25 24.34 17.18 2.33
N SER A 26 24.53 15.89 2.07
CA SER A 26 25.79 15.22 2.35
C SER A 26 26.55 14.94 1.05
N ARG A 27 27.88 14.96 1.14
CA ARG A 27 28.70 14.69 -0.04
C ARG A 27 28.67 13.22 -0.42
N THR A 28 28.41 12.34 0.55
CA THR A 28 28.36 10.91 0.25
C THR A 28 27.05 10.51 -0.41
N LEU A 29 25.95 11.14 -0.03
CA LEU A 29 24.64 10.83 -0.61
C LEU A 29 24.33 11.62 -1.85
N SER A 30 25.11 12.64 -2.17
CA SER A 30 24.85 13.45 -3.35
C SER A 30 25.08 12.70 -4.64
N LYS A 31 25.84 11.60 -4.60
CA LYS A 31 26.11 10.82 -5.81
C LYS A 31 24.84 10.15 -6.32
N GLY A 32 24.04 9.61 -5.42
CA GLY A 32 22.81 8.94 -5.80
C GLY A 32 22.74 7.54 -5.21
N PRO A 33 21.59 6.88 -5.38
CA PRO A 33 21.43 5.54 -4.83
C PRO A 33 22.04 4.46 -5.72
N ASN A 34 22.61 3.45 -5.08
CA ASN A 34 23.20 2.32 -5.75
C ASN A 34 22.74 1.06 -5.04
N THR A 35 22.47 1.20 -3.75
CA THR A 35 21.99 0.13 -2.89
C THR A 35 20.89 0.68 -2.00
N THR A 36 20.10 -0.22 -1.44
CA THR A 36 19.00 0.19 -0.58
C THR A 36 19.48 0.87 0.70
N THR A 37 20.69 0.53 1.14
CA THR A 37 21.29 1.11 2.34
C THR A 37 21.30 2.63 2.26
N TRP A 38 21.59 3.15 1.07
CA TRP A 38 21.62 4.59 0.81
C TRP A 38 20.32 5.25 1.23
N ILE A 39 19.19 4.62 0.90
CA ILE A 39 17.87 5.17 1.25
C ILE A 39 17.77 5.35 2.75
N TRP A 40 18.17 4.33 3.52
CA TRP A 40 18.12 4.45 4.97
C TRP A 40 19.05 5.56 5.43
N ASN A 41 20.22 5.66 4.79
CA ASN A 41 21.17 6.70 5.13
C ASN A 41 20.57 8.07 4.88
N LEU A 42 19.76 8.18 3.81
CA LEU A 42 19.10 9.44 3.47
C LEU A 42 18.25 9.94 4.62
N HIS A 43 17.67 9.03 5.41
CA HIS A 43 16.87 9.45 6.52
C HIS A 43 17.66 9.53 7.82
N ALA A 44 18.79 8.83 7.91
CA ALA A 44 19.58 8.86 9.13
C ALA A 44 20.43 10.11 9.28
N ASP A 45 20.86 10.71 8.17
CA ASP A 45 21.71 11.90 8.20
C ASP A 45 20.94 13.15 7.77
N ALA A 46 19.62 13.11 7.82
CA ALA A 46 18.83 14.27 7.40
C ALA A 46 19.01 15.47 8.33
N HIS A 47 18.86 15.27 9.64
CA HIS A 47 19.01 16.34 10.61
C HIS A 47 20.41 16.44 11.19
N ASP A 48 21.33 15.59 10.74
CA ASP A 48 22.70 15.60 11.24
C ASP A 48 23.39 16.79 10.57
N PHE A 49 23.18 17.97 11.16
CA PHE A 49 23.68 19.22 10.58
C PHE A 49 25.20 19.38 10.74
N ASP A 50 25.79 18.84 11.79
CA ASP A 50 27.24 19.02 11.91
C ASP A 50 28.01 18.01 11.06
N SER A 51 27.31 17.20 10.27
CA SER A 51 27.95 16.25 9.37
C SER A 51 27.90 16.72 7.92
N HIS A 52 26.95 17.60 7.60
CA HIS A 52 26.87 18.11 6.24
C HIS A 52 28.03 19.06 5.95
N THR A 53 28.33 19.95 6.89
CA THR A 53 29.42 20.89 6.74
C THR A 53 30.03 21.17 8.11
N SER A 54 31.25 21.68 8.09
CA SER A 54 31.96 21.98 9.32
C SER A 54 31.80 23.44 9.75
N ASP A 55 31.05 24.24 9.01
CA ASP A 55 30.83 25.64 9.34
C ASP A 55 29.81 25.73 10.47
N LEU A 56 30.19 26.37 11.58
CA LEU A 56 29.29 26.50 12.73
C LEU A 56 28.13 27.45 12.42
N GLU A 57 28.36 28.44 11.57
CA GLU A 57 27.31 29.39 11.23
C GLU A 57 26.18 28.71 10.46
N GLU A 58 26.54 27.83 9.52
CA GLU A 58 25.53 27.11 8.75
C GLU A 58 24.71 26.19 9.66
N ILE A 59 25.39 25.53 10.60
CA ILE A 59 24.71 24.64 11.54
C ILE A 59 23.73 25.42 12.40
N SER A 60 24.18 26.58 12.91
CA SER A 60 23.31 27.40 13.76
C SER A 60 22.09 27.91 13.01
N ARG A 61 22.28 28.35 11.75
CA ARG A 61 21.16 28.83 10.96
C ARG A 61 20.16 27.72 10.69
N LYS A 62 20.66 26.52 10.36
CA LYS A 62 19.79 25.39 10.12
C LYS A 62 19.02 25.02 11.39
N VAL A 63 19.67 25.13 12.55
CA VAL A 63 19.03 24.82 13.83
C VAL A 63 17.89 25.81 14.09
N PHE A 64 18.13 27.09 13.81
CA PHE A 64 17.13 28.13 14.00
C PHE A 64 15.89 27.87 13.15
N SER A 65 16.12 27.55 11.87
CA SER A 65 14.98 27.27 10.99
C SER A 65 14.27 25.98 11.37
N ALA A 66 15.03 24.99 11.87
CA ALA A 66 14.41 23.75 12.31
C ALA A 66 13.51 24.01 13.51
N HIS A 67 13.94 24.91 14.40
CA HIS A 67 13.15 25.26 15.57
C HIS A 67 11.85 25.93 15.15
N PHE A 68 11.92 26.81 14.14
CA PHE A 68 10.72 27.47 13.67
C PHE A 68 9.74 26.47 13.05
N GLY A 69 10.27 25.52 12.27
CA GLY A 69 9.40 24.51 11.68
C GLY A 69 8.75 23.63 12.74
N GLN A 70 9.51 23.31 13.78
CA GLN A 70 8.97 22.51 14.88
C GLN A 70 7.85 23.24 15.59
N LEU A 71 8.05 24.54 15.86
CA LEU A 71 7.01 25.31 16.53
C LEU A 71 5.78 25.44 15.63
N GLY A 72 5.98 25.48 14.31
CA GLY A 72 4.85 25.51 13.41
C GLY A 72 4.05 24.21 13.49
N ILE A 73 4.76 23.08 13.61
CA ILE A 73 4.10 21.78 13.75
C ILE A 73 3.31 21.73 15.06
N ILE A 74 3.91 22.25 16.14
CA ILE A 74 3.25 22.27 17.44
C ILE A 74 2.01 23.15 17.39
N PHE A 75 2.09 24.29 16.69
CA PHE A 75 0.93 25.16 16.59
C PHE A 75 -0.19 24.50 15.78
N ILE A 76 0.18 23.70 14.78
CA ILE A 76 -0.84 22.98 14.01
C ILE A 76 -1.53 21.96 14.92
N TRP A 77 -0.74 21.30 15.77
CA TRP A 77 -1.29 20.32 16.70
C TRP A 77 -2.25 20.97 17.71
N LEU A 78 -1.84 22.12 18.27
CA LEU A 78 -2.70 22.83 19.23
C LEU A 78 -3.96 23.34 18.57
N SER A 79 -3.83 23.87 17.34
CA SER A 79 -5.01 24.35 16.62
C SER A 79 -5.95 23.21 16.33
N GLY A 80 -5.40 22.02 16.07
CA GLY A 80 -6.24 20.86 15.84
C GLY A 80 -6.99 20.45 17.08
N MET A 81 -6.33 20.52 18.24
CA MET A 81 -7.00 20.16 19.48
C MET A 81 -8.13 21.14 19.78
N TYR A 82 -7.89 22.43 19.55
CA TYR A 82 -8.92 23.43 19.78
C TYR A 82 -10.08 23.29 18.79
N PHE A 83 -9.77 22.98 17.52
CA PHE A 83 -10.83 22.80 16.53
C PHE A 83 -11.66 21.56 16.85
N HIS A 84 -11.00 20.49 17.31
CA HIS A 84 -11.75 19.28 17.65
C HIS A 84 -12.61 19.53 18.87
N GLY A 85 -12.13 20.35 19.80
CA GLY A 85 -12.93 20.69 20.96
C GLY A 85 -14.07 21.63 20.63
N ALA A 86 -13.93 22.39 19.53
CA ALA A 86 -14.97 23.33 19.11
C ALA A 86 -16.00 22.74 18.16
N ARG A 87 -15.68 21.68 17.42
CA ARG A 87 -16.66 21.15 16.47
C ARG A 87 -17.01 19.67 16.62
N PHE A 88 -16.14 18.87 17.23
CA PHE A 88 -16.39 17.45 17.41
C PHE A 88 -16.29 17.04 18.86
N SER A 89 -16.71 17.92 19.77
CA SER A 89 -16.63 17.61 21.20
C SER A 89 -17.93 17.98 21.89
N ASN A 90 -18.00 17.63 23.17
CA ASN A 90 -19.14 17.91 24.03
C ASN A 90 -18.71 18.78 25.21
N TYR A 91 -17.85 19.76 24.94
CA TYR A 91 -17.36 20.65 25.98
C TYR A 91 -18.48 21.51 26.57
N GLU A 92 -19.41 21.96 25.72
CA GLU A 92 -20.51 22.77 26.21
C GLU A 92 -21.40 21.96 27.14
N ALA A 93 -21.62 20.68 26.82
CA ALA A 93 -22.43 19.83 27.68
C ALA A 93 -21.64 19.43 28.92
N TRP A 94 -20.34 19.21 28.78
CA TRP A 94 -19.50 18.84 29.92
C TRP A 94 -19.42 19.97 30.92
N LEU A 95 -19.53 21.22 30.47
CA LEU A 95 -19.48 22.35 31.40
C LEU A 95 -20.68 22.36 32.33
N SER A 96 -21.84 21.92 31.85
CA SER A 96 -23.05 21.88 32.66
C SER A 96 -23.07 20.70 33.63
N ASP A 97 -22.26 19.66 33.37
CA ASP A 97 -22.19 18.48 34.24
C ASP A 97 -20.78 17.92 34.17
N PRO A 98 -19.82 18.52 34.87
CA PRO A 98 -18.44 18.02 34.81
C PRO A 98 -18.19 16.82 35.71
N THR A 99 -19.20 16.29 36.39
CA THR A 99 -19.01 15.14 37.25
C THR A 99 -19.69 13.88 36.74
N HIS A 100 -20.45 13.96 35.65
CA HIS A 100 -21.15 12.79 35.13
C HIS A 100 -20.86 12.56 33.65
N ILE A 101 -20.71 13.65 32.89
CA ILE A 101 -20.46 13.56 31.46
C ILE A 101 -18.96 13.33 31.23
N LYS A 102 -18.63 12.30 30.47
CA LYS A 102 -17.24 12.00 30.19
C LYS A 102 -16.72 12.89 29.06
N PRO A 103 -15.51 13.43 29.17
CA PRO A 103 -14.98 14.28 28.10
C PRO A 103 -14.73 13.48 26.83
N SER A 104 -15.03 14.09 25.68
CA SER A 104 -14.84 13.43 24.40
C SER A 104 -14.66 14.49 23.33
N ALA A 105 -13.69 14.27 22.43
CA ALA A 105 -13.45 15.23 21.37
C ALA A 105 -13.10 14.58 20.03
N GLN A 106 -13.43 13.30 19.85
CA GLN A 106 -13.13 12.62 18.59
C GLN A 106 -14.28 11.73 18.20
N VAL A 107 -14.72 11.88 16.96
CA VAL A 107 -15.83 11.12 16.38
C VAL A 107 -15.26 10.30 15.23
N VAL A 108 -15.84 9.15 14.96
CA VAL A 108 -15.40 8.29 13.87
C VAL A 108 -16.49 8.20 12.83
N TRP A 109 -16.11 7.98 11.59
CA TRP A 109 -17.03 7.88 10.48
C TRP A 109 -17.67 6.48 10.45
N PRO A 110 -18.96 6.38 10.13
CA PRO A 110 -19.61 5.05 10.10
C PRO A 110 -19.19 4.21 8.90
N ILE A 111 -18.02 3.59 9.04
CA ILE A 111 -17.43 2.75 8.00
C ILE A 111 -16.89 1.49 8.67
N VAL A 112 -16.95 0.37 7.92
CA VAL A 112 -16.51 -0.98 8.27
C VAL A 112 -16.81 -1.41 9.70
N GLY A 113 -17.87 -0.87 10.29
CA GLY A 113 -18.26 -1.23 11.64
C GLY A 113 -17.52 -0.54 12.76
N GLN A 114 -16.75 0.51 12.48
CA GLN A 114 -16.02 1.19 13.54
C GLN A 114 -16.90 2.10 14.37
N GLU A 115 -18.17 2.32 13.96
CA GLU A 115 -19.08 3.20 14.69
C GLU A 115 -19.33 2.73 16.12
N ILE A 116 -18.99 1.49 16.45
CA ILE A 116 -19.13 0.98 17.80
C ILE A 116 -18.20 1.72 18.75
N LEU A 117 -17.12 2.33 18.23
CA LEU A 117 -16.20 3.09 19.07
C LEU A 117 -16.80 4.39 19.54
N ASN A 118 -17.89 4.85 18.90
CA ASN A 118 -18.57 6.08 19.29
C ASN A 118 -19.45 5.76 20.50
N GLY A 119 -18.81 5.60 21.64
CA GLY A 119 -19.53 5.29 22.85
C GLY A 119 -20.28 6.48 23.40
N ASP A 120 -21.29 6.16 24.22
CA ASP A 120 -22.14 7.16 24.86
C ASP A 120 -21.35 7.79 26.00
N VAL A 121 -20.67 8.89 25.68
CA VAL A 121 -19.87 9.60 26.68
C VAL A 121 -20.68 10.52 27.56
N GLY A 122 -21.95 10.75 27.23
CA GLY A 122 -22.81 11.60 28.03
C GLY A 122 -23.11 12.92 27.35
N GLY A 123 -24.14 13.59 27.85
CA GLY A 123 -24.56 14.87 27.32
C GLY A 123 -25.10 14.84 25.91
N GLY A 124 -25.72 13.73 25.50
CA GLY A 124 -26.26 13.63 24.16
C GLY A 124 -25.19 13.62 23.08
N PHE A 125 -24.10 12.90 23.32
CA PHE A 125 -22.98 12.80 22.39
C PHE A 125 -22.47 11.38 22.33
N GLN A 126 -21.85 11.04 21.21
CA GLN A 126 -21.27 9.72 20.99
C GLN A 126 -19.87 9.89 20.41
N GLY A 127 -18.86 9.48 21.16
CA GLY A 127 -17.50 9.62 20.67
C GLY A 127 -16.53 8.76 21.45
N ILE A 128 -15.29 9.22 21.46
CA ILE A 128 -14.19 8.54 22.15
C ILE A 128 -13.79 9.37 23.36
N GLN A 129 -13.76 8.74 24.53
CA GLN A 129 -13.39 9.44 25.76
C GLN A 129 -11.92 9.82 25.74
N ILE A 130 -11.66 11.09 25.80
CA ILE A 130 -10.30 11.62 25.77
C ILE A 130 -9.73 11.67 27.18
N THR A 131 -8.41 11.62 27.27
CA THR A 131 -7.69 11.65 28.53
C THR A 131 -6.61 12.73 28.55
N SER A 132 -6.62 13.63 27.56
CA SER A 132 -5.61 14.69 27.53
C SER A 132 -5.87 15.79 28.55
N GLY A 133 -7.08 15.87 29.09
CA GLY A 133 -7.39 16.90 30.06
C GLY A 133 -7.61 18.27 29.48
N PHE A 134 -7.94 18.37 28.20
CA PHE A 134 -8.17 19.67 27.60
C PHE A 134 -9.44 20.33 28.11
N PHE A 135 -10.46 19.53 28.44
CA PHE A 135 -11.71 20.08 28.94
C PHE A 135 -11.50 20.82 30.25
N GLN A 136 -10.74 20.22 31.17
CA GLN A 136 -10.45 20.85 32.45
C GLN A 136 -9.60 22.10 32.28
N LEU A 137 -8.65 22.07 31.33
CA LEU A 137 -7.81 23.23 31.07
C LEU A 137 -8.62 24.38 30.49
N TRP A 138 -9.55 24.07 29.58
CA TRP A 138 -10.41 25.10 29.01
C TRP A 138 -11.36 25.66 30.06
N ARG A 139 -11.81 24.81 30.99
CA ARG A 139 -12.68 25.27 32.05
C ARG A 139 -11.92 26.18 33.00
N ALA A 140 -10.64 25.88 33.22
CA ALA A 140 -9.81 26.69 34.11
C ALA A 140 -9.54 28.07 33.51
N SER A 141 -9.39 28.16 32.19
CA SER A 141 -9.14 29.44 31.55
C SER A 141 -10.39 30.28 31.37
N GLY A 142 -11.56 29.73 31.64
CA GLY A 142 -12.79 30.48 31.49
C GLY A 142 -13.51 30.31 30.18
N ILE A 143 -13.13 29.32 29.36
CA ILE A 143 -13.80 29.10 28.09
C ILE A 143 -15.18 28.50 28.34
N THR A 144 -16.21 29.14 27.80
CA THR A 144 -17.58 28.68 27.99
C THR A 144 -18.35 28.41 26.71
N SER A 145 -17.72 28.47 25.54
CA SER A 145 -18.45 28.23 24.29
C SER A 145 -17.51 27.72 23.22
N GLU A 146 -18.11 27.07 22.20
CA GLU A 146 -17.36 26.53 21.08
C GLU A 146 -16.78 27.62 20.18
N LEU A 147 -17.37 28.82 20.21
CA LEU A 147 -16.86 29.91 19.38
C LEU A 147 -15.47 30.35 19.82
N GLN A 148 -15.23 30.38 21.13
CA GLN A 148 -13.92 30.76 21.64
C GLN A 148 -12.85 29.74 21.24
N LEU A 149 -13.20 28.46 21.30
CA LEU A 149 -12.26 27.41 20.90
C LEU A 149 -12.01 27.45 19.40
N TYR A 150 -13.05 27.76 18.61
CA TYR A 150 -12.88 27.84 17.16
C TYR A 150 -11.97 29.01 16.81
N THR A 151 -12.14 30.14 17.50
CA THR A 151 -11.31 31.31 17.26
C THR A 151 -9.87 31.00 17.66
N THR A 152 -9.69 30.24 18.74
CA THR A 152 -8.34 29.86 19.16
C THR A 152 -7.71 28.93 18.14
N ALA A 153 -8.51 28.08 17.50
CA ALA A 153 -7.98 27.20 16.47
C ALA A 153 -7.52 28.01 15.26
N ILE A 154 -8.31 29.03 14.88
CA ILE A 154 -7.92 29.88 13.74
C ILE A 154 -6.66 30.65 14.08
N GLY A 155 -6.57 31.14 15.32
CA GLY A 155 -5.37 31.86 15.74
C GLY A 155 -4.15 30.94 15.75
N GLY A 156 -4.35 29.68 16.12
CA GLY A 156 -3.25 28.73 16.12
C GLY A 156 -2.77 28.44 14.71
N LEU A 157 -3.70 28.35 13.76
CA LEU A 157 -3.31 28.12 12.36
C LEU A 157 -2.52 29.31 11.83
N VAL A 158 -2.95 30.53 12.20
CA VAL A 158 -2.24 31.74 11.80
C VAL A 158 -0.84 31.74 12.39
N MET A 159 -0.72 31.35 13.66
CA MET A 159 0.58 31.30 14.31
C MET A 159 1.47 30.25 13.67
N ALA A 160 0.89 29.15 13.20
CA ALA A 160 1.67 28.11 12.52
C ALA A 160 2.24 28.63 11.21
N ALA A 161 1.41 29.37 10.46
CA ALA A 161 1.86 29.96 9.21
C ALA A 161 2.95 31.00 9.48
N ALA A 162 2.81 31.73 10.59
CA ALA A 162 3.82 32.73 10.94
C ALA A 162 5.14 32.07 11.31
N MET A 163 5.08 30.94 12.03
CA MET A 163 6.30 30.23 12.40
C MET A 163 7.00 29.68 11.16
N PHE A 164 6.23 29.14 10.21
CA PHE A 164 6.83 28.62 8.99
C PHE A 164 7.45 29.75 8.17
N PHE A 165 6.75 30.89 8.08
CA PHE A 165 7.29 32.04 7.35
C PHE A 165 8.54 32.56 8.04
N ALA A 166 8.57 32.52 9.37
CA ALA A 166 9.76 32.96 10.10
C ALA A 166 10.95 32.07 9.81
N GLY A 167 10.71 30.75 9.73
CA GLY A 167 11.81 29.85 9.42
C GLY A 167 12.34 30.08 8.02
N TRP A 168 11.43 30.23 7.05
CA TRP A 168 11.86 30.48 5.67
C TRP A 168 12.60 31.80 5.56
N PHE A 169 12.10 32.84 6.24
CA PHE A 169 12.72 34.16 6.21
C PHE A 169 14.10 34.15 6.83
N HIS A 170 14.25 33.46 7.97
CA HIS A 170 15.55 33.42 8.61
C HIS A 170 16.52 32.48 7.92
N TYR A 171 16.06 31.64 7.00
CA TYR A 171 17.02 30.81 6.30
C TYR A 171 17.36 31.32 4.91
N HIS A 172 16.41 31.94 4.21
CA HIS A 172 16.66 32.40 2.86
C HIS A 172 16.64 33.90 2.65
N LYS A 173 16.22 34.70 3.62
CA LYS A 173 16.17 36.14 3.43
C LYS A 173 17.06 36.91 4.39
N ALA A 174 17.07 36.55 5.67
CA ALA A 174 17.88 37.23 6.67
C ALA A 174 18.38 36.20 7.67
N ALA A 175 19.56 35.65 7.40
CA ALA A 175 20.14 34.63 8.27
C ALA A 175 21.13 35.27 9.24
N PRO A 176 20.93 35.14 10.55
CA PRO A 176 21.86 35.75 11.51
C PRO A 176 23.24 35.12 11.46
N LYS A 177 24.25 35.93 11.77
CA LYS A 177 25.63 35.49 11.79
C LYS A 177 25.90 34.64 13.03
N LEU A 178 27.12 34.09 13.08
CA LEU A 178 27.51 33.24 14.21
C LEU A 178 27.66 34.06 15.49
N GLU A 179 28.06 35.33 15.36
CA GLU A 179 28.23 36.16 16.55
C GLU A 179 26.89 36.49 17.19
N TRP A 180 25.80 36.45 16.42
CA TRP A 180 24.49 36.73 16.99
C TRP A 180 24.01 35.56 17.82
N PHE A 181 24.34 34.34 17.42
CA PHE A 181 23.93 33.16 18.16
C PHE A 181 24.74 32.97 19.43
N GLN A 182 25.98 33.45 19.46
CA GLN A 182 26.85 33.30 20.61
C GLN A 182 26.65 34.36 21.69
N ASN A 183 25.55 35.11 21.67
CA ASN A 183 25.28 36.11 22.70
C ASN A 183 24.43 35.44 23.78
N VAL A 184 25.07 34.52 24.50
CA VAL A 184 24.39 33.75 25.55
C VAL A 184 23.96 34.63 26.71
N GLU A 185 24.70 35.71 26.99
CA GLU A 185 24.31 36.59 28.08
C GLU A 185 23.00 37.30 27.77
N SER A 186 22.93 37.88 26.57
CA SER A 186 21.72 38.57 26.13
C SER A 186 20.57 37.59 25.97
N MET A 187 20.88 36.40 25.46
CA MET A 187 19.86 35.37 25.27
C MET A 187 19.24 34.95 26.60
N LEU A 188 20.09 34.74 27.61
CA LEU A 188 19.61 34.34 28.92
C LEU A 188 18.82 35.47 29.57
N ASN A 189 19.29 36.71 29.40
CA ASN A 189 18.57 37.85 29.98
C ASN A 189 17.17 37.96 29.39
N HIS A 190 17.05 37.76 28.09
CA HIS A 190 15.74 37.83 27.43
C HIS A 190 14.86 36.66 27.80
N HIS A 191 15.40 35.44 27.77
CA HIS A 191 14.60 34.27 28.11
C HIS A 191 14.14 34.29 29.56
N LEU A 192 14.93 34.92 30.43
CA LEU A 192 14.55 34.99 31.84
C LEU A 192 13.52 36.09 32.04
N GLY A 193 13.85 37.31 31.65
CA GLY A 193 12.89 38.40 31.81
C GLY A 193 11.73 38.31 30.85
N GLY A 194 11.96 38.58 29.57
CA GLY A 194 10.92 38.57 28.56
C GLY A 194 10.08 37.32 28.46
N LEU A 195 10.64 36.21 27.99
CA LEU A 195 9.86 34.98 27.83
C LEU A 195 9.17 34.48 29.09
N LEU A 196 9.92 34.04 30.09
CA LEU A 196 9.31 33.51 31.29
C LEU A 196 8.58 34.57 32.13
N GLY A 197 9.24 35.69 32.45
CA GLY A 197 8.59 36.70 33.26
C GLY A 197 7.38 37.34 32.61
N LEU A 198 7.50 37.74 31.34
CA LEU A 198 6.37 38.36 30.67
C LEU A 198 5.27 37.35 30.41
N GLY A 199 5.62 36.08 30.14
CA GLY A 199 4.58 35.08 29.95
C GLY A 199 3.81 34.82 31.22
N SER A 200 4.52 34.74 32.35
CA SER A 200 3.85 34.53 33.64
C SER A 200 3.02 35.74 34.01
N LEU A 201 3.50 36.94 33.71
CA LEU A 201 2.74 38.15 34.02
C LEU A 201 1.48 38.24 33.15
N ALA A 202 1.59 37.91 31.87
CA ALA A 202 0.44 37.94 30.99
C ALA A 202 -0.59 36.89 31.40
N TRP A 203 -0.12 35.70 31.77
CA TRP A 203 -1.06 34.68 32.22
C TRP A 203 -1.69 35.07 33.54
N ALA A 204 -0.94 35.78 34.39
CA ALA A 204 -1.49 36.24 35.65
C ALA A 204 -2.59 37.26 35.40
N GLY A 205 -2.37 38.13 34.42
CA GLY A 205 -3.39 39.11 34.07
C GLY A 205 -4.65 38.46 33.52
N HIS A 206 -4.48 37.43 32.68
CA HIS A 206 -5.64 36.73 32.15
C HIS A 206 -6.37 35.98 33.24
N GLN A 207 -5.63 35.35 34.16
CA GLN A 207 -6.26 34.62 35.25
C GLN A 207 -7.01 35.55 36.18
N ILE A 208 -6.45 36.73 36.45
CA ILE A 208 -7.10 37.69 37.33
C ILE A 208 -8.34 38.28 36.68
N HIS A 209 -8.25 38.60 35.39
CA HIS A 209 -9.38 39.22 34.71
C HIS A 209 -10.36 38.27 34.04
N VAL A 210 -9.99 37.02 33.77
CA VAL A 210 -10.95 36.13 33.11
C VAL A 210 -11.19 34.84 33.86
N SER A 211 -10.12 34.11 34.17
CA SER A 211 -10.25 32.82 34.85
C SER A 211 -10.88 32.96 36.23
N LEU A 212 -10.41 33.93 37.02
CA LEU A 212 -10.95 34.10 38.37
C LEU A 212 -12.44 34.46 38.40
N PRO A 213 -12.95 35.49 37.72
CA PRO A 213 -14.40 35.75 37.83
C PRO A 213 -15.27 34.71 37.16
N VAL A 214 -14.88 34.21 35.97
CA VAL A 214 -15.70 33.21 35.29
C VAL A 214 -15.76 31.91 36.10
N ASN A 215 -14.60 31.45 36.58
CA ASN A 215 -14.59 30.22 37.37
C ASN A 215 -15.27 30.42 38.72
N LYS A 216 -15.18 31.62 39.30
CA LYS A 216 -15.85 31.87 40.57
C LYS A 216 -17.36 31.80 40.37
N LEU A 217 -17.85 32.33 39.24
CA LEU A 217 -19.28 32.26 38.96
C LEU A 217 -19.70 30.83 38.65
N LEU A 218 -18.84 30.06 37.98
CA LEU A 218 -19.14 28.66 37.69
C LEU A 218 -19.24 27.86 38.97
N ASP A 219 -18.37 28.17 39.94
CA ASP A 219 -18.40 27.48 41.23
C ASP A 219 -19.52 28.02 42.11
N ALA A 220 -20.09 29.17 41.75
CA ALA A 220 -21.20 29.74 42.50
C ALA A 220 -22.55 29.21 42.04
N GLY A 221 -22.59 28.34 41.04
CA GLY A 221 -23.83 27.79 40.54
C GLY A 221 -24.45 28.50 39.37
N VAL A 222 -23.78 29.49 38.80
CA VAL A 222 -24.33 30.23 37.66
C VAL A 222 -24.21 29.40 36.40
N ASP A 223 -25.26 29.42 35.58
CA ASP A 223 -25.26 28.70 34.32
C ASP A 223 -24.22 29.30 33.39
N PRO A 224 -23.56 28.49 32.56
CA PRO A 224 -22.52 29.04 31.66
C PRO A 224 -23.04 30.03 30.64
N LYS A 225 -24.33 29.99 30.29
CA LYS A 225 -24.85 30.96 29.33
C LYS A 225 -25.09 32.32 30.00
N GLU A 226 -25.42 32.32 31.28
CA GLU A 226 -25.70 33.58 31.97
C GLU A 226 -24.45 34.26 32.50
N ILE A 227 -23.30 33.61 32.43
CA ILE A 227 -22.06 34.23 32.92
C ILE A 227 -21.63 35.33 31.95
N PRO A 228 -21.21 36.50 32.44
CA PRO A 228 -20.79 37.57 31.53
C PRO A 228 -19.56 37.17 30.72
N LEU A 229 -19.48 37.73 29.52
CA LEU A 229 -18.36 37.45 28.63
C LEU A 229 -17.07 38.02 29.22
N PRO A 230 -15.91 37.47 28.85
CA PRO A 230 -14.65 37.98 29.41
C PRO A 230 -14.41 39.45 29.13
N HIS A 231 -14.80 39.93 27.95
CA HIS A 231 -14.62 41.34 27.67
C HIS A 231 -15.57 42.19 28.50
N ASP A 232 -16.74 41.64 28.87
CA ASP A 232 -17.65 42.39 29.71
C ASP A 232 -17.04 42.61 31.07
N LEU A 233 -16.35 41.59 31.59
CA LEU A 233 -15.66 41.70 32.88
C LEU A 233 -14.45 42.60 32.77
N LEU A 234 -13.83 42.65 31.59
CA LEU A 234 -12.65 43.48 31.35
C LEU A 234 -12.99 44.93 31.02
N LEU A 235 -14.25 45.24 30.74
CA LEU A 235 -14.64 46.60 30.36
C LEU A 235 -15.20 47.43 31.51
N ASN A 236 -15.96 46.85 32.43
CA ASN A 236 -16.52 47.62 33.53
C ASN A 236 -15.99 47.14 34.87
N ARG A 237 -15.90 48.07 35.82
CA ARG A 237 -15.41 47.80 37.16
C ARG A 237 -16.51 47.39 38.12
N ALA A 238 -17.78 47.51 37.72
CA ALA A 238 -18.88 47.16 38.61
C ALA A 238 -18.96 45.66 38.88
N ILE A 239 -18.90 44.84 37.83
CA ILE A 239 -19.00 43.39 37.99
C ILE A 239 -17.80 42.87 38.77
N MET A 240 -16.61 43.35 38.41
CA MET A 240 -15.40 42.90 39.10
C MET A 240 -15.41 43.37 40.55
N ALA A 241 -15.92 44.57 40.81
CA ALA A 241 -15.99 45.08 42.18
C ALA A 241 -16.98 44.27 43.00
N ASP A 242 -18.06 43.80 42.36
CA ASP A 242 -19.03 42.97 43.07
C ASP A 242 -18.46 41.61 43.39
N LEU A 243 -17.72 41.02 42.44
CA LEU A 243 -17.12 39.71 42.69
C LEU A 243 -15.89 39.83 43.57
N TYR A 244 -15.18 40.94 43.49
CA TYR A 244 -13.97 41.19 44.29
C TYR A 244 -13.96 42.65 44.68
N PRO A 245 -14.22 42.99 45.95
CA PRO A 245 -14.24 44.41 46.36
C PRO A 245 -12.94 45.16 46.12
N SER A 246 -11.80 44.47 46.09
CA SER A 246 -10.51 45.14 45.86
C SER A 246 -10.46 45.80 44.50
N PHE A 247 -11.24 45.31 43.54
CA PHE A 247 -11.26 45.92 42.22
C PHE A 247 -11.87 47.29 42.23
N ALA A 248 -12.65 47.64 43.28
CA ALA A 248 -13.25 48.96 43.34
C ALA A 248 -12.21 50.04 43.61
N LYS A 249 -11.00 49.66 44.03
CA LYS A 249 -9.93 50.60 44.29
C LYS A 249 -9.00 50.79 43.11
N GLY A 250 -9.21 50.06 42.02
CA GLY A 250 -8.37 50.20 40.84
C GLY A 250 -6.97 49.66 41.06
N ILE A 251 -6.00 50.28 40.38
CA ILE A 251 -4.60 49.87 40.50
C ILE A 251 -3.90 50.74 41.53
N ALA A 252 -4.66 51.56 42.25
CA ALA A 252 -4.09 52.43 43.29
C ALA A 252 -3.40 51.66 44.42
N PRO A 253 -3.93 50.54 44.96
CA PRO A 253 -3.19 49.87 46.04
C PRO A 253 -1.87 49.27 45.60
N PHE A 254 -1.68 49.04 44.30
CA PHE A 254 -0.42 48.47 43.82
C PHE A 254 0.69 49.52 43.89
N PHE A 255 0.42 50.74 43.45
CA PHE A 255 1.44 51.79 43.45
C PHE A 255 1.65 52.42 44.82
N THR A 256 0.71 52.28 45.74
CA THR A 256 0.85 52.85 47.07
C THR A 256 1.42 51.86 48.07
N LEU A 257 1.89 50.70 47.59
CA LEU A 257 2.46 49.64 48.41
C LEU A 257 1.45 49.15 49.44
N ASN A 258 0.19 49.09 49.04
CA ASN A 258 -0.92 48.63 49.84
C ASN A 258 -1.48 47.36 49.22
N TRP A 259 -0.57 46.44 48.86
CA TRP A 259 -0.94 45.18 48.22
C TRP A 259 -1.87 44.34 49.08
N SER A 260 -1.88 44.56 50.40
CA SER A 260 -2.77 43.82 51.29
C SER A 260 -4.24 44.03 50.96
N GLU A 261 -4.57 45.12 50.25
CA GLU A 261 -5.94 45.37 49.87
C GLU A 261 -6.43 44.36 48.84
N TYR A 262 -5.50 43.74 48.10
CA TYR A 262 -5.78 42.73 47.10
C TYR A 262 -5.86 41.33 47.70
N SER A 263 -6.19 41.22 48.99
CA SER A 263 -6.24 39.92 49.66
C SER A 263 -7.50 39.12 49.34
N ASP A 264 -8.21 39.42 48.26
CA ASP A 264 -9.41 38.64 47.92
C ASP A 264 -9.18 37.77 46.70
N PHE A 265 -8.17 38.10 45.88
CA PHE A 265 -7.85 37.30 44.70
C PHE A 265 -6.38 36.93 44.66
N LEU A 266 -5.61 37.27 45.69
CA LEU A 266 -4.19 36.93 45.80
C LEU A 266 -3.99 36.42 47.22
N THR A 267 -4.20 35.13 47.44
CA THR A 267 -4.07 34.55 48.77
C THR A 267 -3.19 33.31 48.77
N PHE A 268 -3.15 32.67 49.94
CA PHE A 268 -2.45 31.42 50.27
C PHE A 268 -3.44 30.43 50.86
N LYS A 269 -4.55 30.22 50.16
CA LYS A 269 -5.58 29.29 50.64
C LYS A 269 -5.03 27.89 50.83
N GLY A 270 -4.27 27.39 49.85
CA GLY A 270 -3.71 26.06 49.96
C GLY A 270 -4.79 24.98 49.83
N GLY A 271 -4.31 23.74 49.84
CA GLY A 271 -5.23 22.62 49.73
C GLY A 271 -5.89 22.59 48.37
N LEU A 272 -7.18 22.26 48.34
CA LEU A 272 -7.92 22.16 47.10
C LEU A 272 -9.30 22.76 47.26
N ASN A 273 -9.90 23.13 46.14
CA ASN A 273 -11.24 23.69 46.12
C ASN A 273 -12.23 22.58 46.46
N PRO A 274 -13.08 22.75 47.48
CA PRO A 274 -14.02 21.68 47.82
C PRO A 274 -15.12 21.45 46.81
N VAL A 275 -15.34 22.40 45.89
CA VAL A 275 -16.40 22.22 44.90
C VAL A 275 -15.85 21.52 43.65
N THR A 276 -14.75 22.03 43.11
CA THR A 276 -14.16 21.48 41.89
C THR A 276 -13.11 20.41 42.14
N GLY A 277 -12.41 20.43 43.27
CA GLY A 277 -11.38 19.45 43.53
C GLY A 277 -10.00 19.87 43.10
N GLY A 278 -9.86 20.95 42.34
CA GLY A 278 -8.59 21.45 41.90
C GLY A 278 -8.08 22.58 42.78
N LEU A 279 -6.90 23.07 42.43
CA LEU A 279 -6.28 24.16 43.18
C LEU A 279 -7.05 25.46 43.01
N TRP A 280 -6.96 26.32 44.02
CA TRP A 280 -7.63 27.61 43.97
C TRP A 280 -6.99 28.48 42.91
N LEU A 281 -7.81 29.03 42.00
CA LEU A 281 -7.23 29.87 40.96
C LEU A 281 -6.70 31.18 41.51
N SER A 282 -7.18 31.60 42.67
CA SER A 282 -6.63 32.82 43.26
C SER A 282 -5.18 32.59 43.67
N ASP A 283 -4.91 31.39 44.18
CA ASP A 283 -3.54 31.02 44.55
C ASP A 283 -2.68 30.89 43.32
N THR A 284 -3.22 30.36 42.22
CA THR A 284 -2.42 30.23 41.00
C THR A 284 -2.12 31.60 40.40
N ALA A 285 -3.08 32.54 40.50
CA ALA A 285 -2.85 33.88 39.99
C ALA A 285 -1.77 34.58 40.81
N HIS A 286 -1.84 34.43 42.14
CA HIS A 286 -0.81 35.01 43.00
C HIS A 286 0.54 34.37 42.72
N HIS A 287 0.52 33.07 42.43
CA HIS A 287 1.71 32.31 42.09
C HIS A 287 2.35 32.86 40.82
N HIS A 288 1.54 33.09 39.79
CA HIS A 288 2.05 33.61 38.54
C HIS A 288 2.58 35.01 38.69
N VAL A 289 1.96 35.82 39.56
CA VAL A 289 2.45 37.18 39.80
C VAL A 289 3.85 37.13 40.43
N ALA A 290 4.00 36.29 41.46
CA ALA A 290 5.29 36.15 42.12
C ALA A 290 6.35 35.58 41.17
N ILE A 291 5.96 34.60 40.36
CA ILE A 291 6.87 33.98 39.40
C ILE A 291 7.32 35.01 38.37
N ALA A 292 6.39 35.83 37.90
CA ALA A 292 6.72 36.88 36.93
C ALA A 292 7.70 37.88 37.51
N VAL A 293 7.48 38.30 38.77
CA VAL A 293 8.39 39.26 39.39
C VAL A 293 9.78 38.65 39.57
N LEU A 294 9.82 37.38 40.00
CA LEU A 294 11.10 36.71 40.21
C LEU A 294 11.87 36.55 38.90
N PHE A 295 11.19 36.12 37.83
CA PHE A 295 11.88 35.96 36.55
C PHE A 295 12.28 37.30 35.95
N LEU A 296 11.44 38.33 36.13
CA LEU A 296 11.80 39.65 35.61
C LEU A 296 13.02 40.18 36.35
N VAL A 297 13.11 39.91 37.65
CA VAL A 297 14.28 40.34 38.41
C VAL A 297 15.51 39.59 37.94
N ALA A 298 15.38 38.27 37.75
CA ALA A 298 16.50 37.47 37.28
C ALA A 298 16.93 37.81 35.86
N GLY A 299 16.05 38.42 35.06
CA GLY A 299 16.40 38.78 33.71
C GLY A 299 17.35 39.96 33.55
N HIS A 300 17.84 40.53 34.63
CA HIS A 300 18.77 41.66 34.59
C HIS A 300 20.04 41.31 35.34
N MET A 301 20.53 40.10 35.10
CA MET A 301 21.72 39.60 35.75
C MET A 301 22.99 39.69 34.91
N TYR A 302 22.92 39.33 33.63
CA TYR A 302 24.10 39.34 32.77
C TYR A 302 24.26 40.65 32.02
N ARG A 303 25.52 41.03 31.78
CA ARG A 303 25.81 42.26 31.06
C ARG A 303 25.64 42.03 29.57
N THR A 304 25.05 43.01 28.88
CA THR A 304 24.81 42.90 27.45
C THR A 304 25.55 43.96 26.65
N ASN A 305 25.25 45.24 26.86
CA ASN A 305 25.90 46.33 26.14
C ASN A 305 26.29 47.45 27.08
N TRP A 306 26.03 47.32 28.36
CA TRP A 306 26.35 48.32 29.35
C TRP A 306 27.29 47.68 30.38
N GLY A 307 27.83 48.52 31.27
CA GLY A 307 28.75 48.02 32.27
C GLY A 307 28.12 47.11 33.31
N ILE A 308 26.90 47.44 33.75
CA ILE A 308 26.24 46.62 34.76
C ILE A 308 25.91 45.24 34.21
N GLY A 309 25.91 44.26 35.10
CA GLY A 309 25.63 42.88 34.74
C GLY A 309 26.84 41.99 34.93
N HIS A 310 26.66 40.71 34.61
CA HIS A 310 27.72 39.73 34.75
C HIS A 310 28.17 39.18 33.42
N SER A 311 29.35 38.57 33.47
CA SER A 311 29.97 37.88 32.36
C SER A 311 30.07 36.46 32.88
N MET A 312 29.43 35.50 32.19
CA MET A 312 29.44 34.13 32.66
C MET A 312 30.84 33.52 32.65
N LYS A 313 31.71 33.97 31.75
CA LYS A 313 33.07 33.46 31.73
C LYS A 313 33.81 33.88 32.99
N GLU A 314 33.56 35.11 33.47
CA GLU A 314 34.20 35.59 34.69
C GLU A 314 33.76 34.79 35.90
N ILE A 315 32.46 34.49 35.99
CA ILE A 315 31.93 33.72 37.12
C ILE A 315 32.47 32.30 37.08
N LEU A 316 32.55 31.72 35.88
CA LEU A 316 33.06 30.35 35.75
C LEU A 316 34.53 30.28 36.12
N GLU A 317 35.32 31.27 35.71
CA GLU A 317 36.73 31.27 36.03
C GLU A 317 36.98 31.61 37.49
N ALA A 318 36.06 32.31 38.14
CA ALA A 318 36.26 32.66 39.54
C ALA A 318 35.99 31.48 40.48
N HIS A 319 35.36 30.42 40.00
CA HIS A 319 35.03 29.26 40.81
C HIS A 319 36.12 28.20 40.63
N ARG A 320 37.07 28.15 41.56
CA ARG A 320 38.14 27.18 41.48
C ARG A 320 38.67 26.90 42.88
N GLY A 321 38.67 25.63 43.27
CA GLY A 321 39.14 25.23 44.58
C GLY A 321 40.40 24.40 44.53
N PRO A 322 40.88 23.96 45.71
CA PRO A 322 42.10 23.15 45.75
C PRO A 322 41.94 21.72 45.26
N PHE A 323 40.75 21.14 45.33
CA PHE A 323 40.53 19.77 44.91
C PHE A 323 40.10 19.62 43.46
N THR A 324 40.01 20.72 42.70
CA THR A 324 39.56 20.63 41.32
C THR A 324 40.56 21.18 40.30
N GLY A 325 41.74 21.61 40.73
CA GLY A 325 42.71 22.11 39.76
C GLY A 325 42.37 23.50 39.24
N GLU A 326 42.20 23.60 37.92
CA GLU A 326 41.90 24.89 37.30
C GLU A 326 40.44 25.28 37.47
N GLY A 327 39.53 24.31 37.45
CA GLY A 327 38.12 24.62 37.63
C GLY A 327 37.28 24.59 36.37
N HIS A 328 36.46 25.63 36.17
CA HIS A 328 35.58 25.74 35.02
C HIS A 328 36.21 26.48 33.85
N VAL A 329 37.53 26.46 33.74
CA VAL A 329 38.20 27.14 32.64
C VAL A 329 37.88 26.43 31.34
N GLY A 330 37.45 27.19 30.34
CA GLY A 330 37.11 26.62 29.05
C GLY A 330 35.70 26.09 28.91
N LEU A 331 34.90 26.11 29.99
CA LEU A 331 33.52 25.62 29.88
C LEU A 331 32.67 26.57 29.07
N TYR A 332 32.91 27.88 29.20
CA TYR A 332 32.16 28.88 28.46
C TYR A 332 32.40 28.71 26.96
N GLU A 333 33.64 28.45 26.56
CA GLU A 333 33.93 28.26 25.15
C GLU A 333 33.32 26.95 24.64
N ILE A 334 33.19 25.97 25.52
CA ILE A 334 32.60 24.68 25.13
C ILE A 334 31.11 24.85 24.88
N LEU A 335 30.40 25.55 25.76
CA LEU A 335 28.97 25.72 25.59
C LEU A 335 28.60 26.78 24.55
N THR A 336 29.51 27.68 24.20
CA THR A 336 29.21 28.70 23.20
C THR A 336 29.62 28.29 21.80
N THR A 337 30.13 27.08 21.61
CA THR A 337 30.54 26.61 20.29
C THR A 337 30.03 25.23 19.94
N SER A 338 29.48 24.47 20.89
CA SER A 338 28.97 23.13 20.62
C SER A 338 27.49 23.06 20.92
N TRP A 339 26.69 22.78 19.89
CA TRP A 339 25.25 22.67 20.07
C TRP A 339 24.87 21.38 20.77
N HIS A 340 25.69 20.33 20.63
CA HIS A 340 25.41 19.05 21.27
C HIS A 340 25.54 19.13 22.78
N ALA A 341 26.52 19.89 23.28
CA ALA A 341 26.70 20.03 24.72
C ALA A 341 25.52 20.77 25.34
N GLN A 342 25.07 21.83 24.68
CA GLN A 342 23.91 22.58 25.13
C GLN A 342 22.67 21.72 25.05
N LEU A 343 22.58 20.88 24.01
CA LEU A 343 21.44 19.98 23.87
C LEU A 343 21.42 18.96 24.99
N ALA A 344 22.59 18.48 25.40
CA ALA A 344 22.67 17.51 26.49
C ALA A 344 22.20 18.12 27.79
N ILE A 345 22.70 19.33 28.10
CA ILE A 345 22.31 20.00 29.35
C ILE A 345 20.80 20.32 29.34
N ASN A 346 20.31 20.87 28.23
CA ASN A 346 18.92 21.25 28.12
C ASN A 346 18.00 20.03 28.18
N LEU A 347 18.36 18.95 27.48
CA LEU A 347 17.53 17.75 27.49
C LEU A 347 17.49 17.12 28.88
N ALA A 348 18.61 17.13 29.60
CA ALA A 348 18.62 16.55 30.95
C ALA A 348 17.73 17.33 31.90
N LEU A 349 17.90 18.65 31.94
CA LEU A 349 17.09 19.46 32.85
C LEU A 349 15.62 19.47 32.42
N PHE A 350 15.38 19.42 31.11
CA PHE A 350 14.02 19.42 30.58
C PHE A 350 13.29 18.13 30.93
N GLY A 351 13.97 16.98 30.80
CA GLY A 351 13.35 15.72 31.16
C GLY A 351 13.10 15.61 32.64
N SER A 352 14.05 16.11 33.45
CA SER A 352 13.87 16.09 34.90
C SER A 352 12.68 16.94 35.28
N LEU A 353 12.55 18.12 34.67
CA LEU A 353 11.42 18.99 34.98
C LEU A 353 10.12 18.36 34.52
N SER A 354 10.14 17.59 33.42
CA SER A 354 8.92 16.93 32.97
C SER A 354 8.43 15.90 33.99
N ILE A 355 9.37 15.12 34.56
CA ILE A 355 9.00 14.14 35.57
C ILE A 355 8.49 14.85 36.82
N ILE A 356 9.12 15.98 37.17
CA ILE A 356 8.67 16.78 38.31
C ILE A 356 7.26 17.31 38.07
N VAL A 357 6.97 17.67 36.82
CA VAL A 357 5.64 18.15 36.44
C VAL A 357 4.62 17.06 36.67
N ALA A 358 4.95 15.83 36.27
CA ALA A 358 4.02 14.71 36.47
C ALA A 358 3.70 14.50 37.95
N HIS A 359 4.74 14.53 38.79
CA HIS A 359 4.53 14.33 40.22
C HIS A 359 3.71 15.48 40.83
N HIS A 360 4.06 16.72 40.49
CA HIS A 360 3.36 17.86 41.04
C HIS A 360 1.94 17.95 40.52
N MET A 361 1.66 17.40 39.35
CA MET A 361 0.31 17.48 38.84
C MET A 361 -0.58 16.42 39.44
N TYR A 362 -0.07 15.23 39.77
CA TYR A 362 -1.05 14.32 40.38
C TYR A 362 -1.25 14.73 41.83
N ALA A 363 -0.19 15.22 42.47
CA ALA A 363 -0.28 15.57 43.88
C ALA A 363 -1.11 16.83 44.11
N MET A 364 -0.87 17.89 43.34
CA MET A 364 -1.61 19.14 43.47
C MET A 364 -2.34 19.38 42.16
N PRO A 365 -3.58 18.92 42.03
CA PRO A 365 -4.32 19.12 40.79
C PRO A 365 -4.70 20.59 40.64
N PRO A 366 -4.24 21.24 39.57
CA PRO A 366 -4.55 22.66 39.42
C PRO A 366 -5.78 22.98 38.59
N TYR A 367 -6.29 22.01 37.87
CA TYR A 367 -7.45 22.29 37.06
C TYR A 367 -8.72 21.82 37.75
N PRO A 368 -9.84 22.52 37.53
CA PRO A 368 -11.09 22.11 38.16
C PRO A 368 -11.58 20.80 37.57
N TYR A 369 -12.10 19.93 38.45
CA TYR A 369 -12.64 18.62 38.11
C TYR A 369 -11.59 17.72 37.43
N LEU A 370 -10.32 17.94 37.77
CA LEU A 370 -9.22 17.15 37.23
C LEU A 370 -8.91 15.94 38.07
N ALA A 371 -8.93 16.10 39.40
CA ALA A 371 -8.63 14.99 40.29
C ALA A 371 -9.72 13.92 40.23
N THR A 372 -10.97 14.33 40.00
CA THR A 372 -12.06 13.37 39.91
C THR A 372 -11.98 12.55 38.62
N ASP A 373 -11.27 13.04 37.61
CA ASP A 373 -11.09 12.32 36.35
C ASP A 373 -9.82 11.51 36.52
N TYR A 374 -10.00 10.26 36.97
CA TYR A 374 -8.86 9.37 37.21
C TYR A 374 -8.15 9.02 35.92
N GLY A 375 -8.90 8.93 34.82
CA GLY A 375 -8.29 8.61 33.54
C GLY A 375 -7.29 9.65 33.10
N THR A 376 -7.69 10.93 33.22
CA THR A 376 -6.82 12.03 32.85
C THR A 376 -5.60 12.08 33.75
N GLN A 377 -5.79 11.87 35.06
CA GLN A 377 -4.68 11.91 36.01
C GLN A 377 -3.63 10.84 35.71
N LEU A 378 -4.09 9.58 35.54
CA LEU A 378 -3.18 8.49 35.26
C LEU A 378 -2.47 8.69 33.92
N SER A 379 -3.23 9.05 32.87
CA SER A 379 -2.64 9.25 31.56
C SER A 379 -1.65 10.40 31.54
N LEU A 380 -1.95 11.50 32.23
CA LEU A 380 -1.07 12.66 32.25
C LEU A 380 0.23 12.34 32.99
N PHE A 381 0.14 11.66 34.14
CA PHE A 381 1.34 11.30 34.88
C PHE A 381 2.22 10.38 34.06
N THR A 382 1.63 9.34 33.46
CA THR A 382 2.39 8.39 32.66
C THR A 382 3.02 9.06 31.44
N HIS A 383 2.26 9.92 30.74
CA HIS A 383 2.79 10.58 29.55
C HIS A 383 3.95 11.49 29.88
N HIS A 384 3.81 12.35 30.90
CA HIS A 384 4.89 13.26 31.26
C HIS A 384 6.12 12.50 31.75
N THR A 385 5.90 11.39 32.45
CA THR A 385 7.03 10.59 32.91
C THR A 385 7.79 9.99 31.75
N TRP A 386 7.08 9.46 30.75
CA TRP A 386 7.75 8.87 29.60
C TRP A 386 8.52 9.92 28.80
N ILE A 387 7.93 11.11 28.63
CA ILE A 387 8.62 12.16 27.91
C ILE A 387 9.90 12.57 28.65
N GLY A 388 9.82 12.66 29.99
CA GLY A 388 11.00 13.00 30.76
C GLY A 388 12.10 11.97 30.65
N GLY A 389 11.74 10.68 30.70
CA GLY A 389 12.73 9.63 30.58
C GLY A 389 13.41 9.62 29.22
N PHE A 390 12.61 9.78 28.15
CA PHE A 390 13.18 9.80 26.80
C PHE A 390 14.14 10.99 26.64
N CYS A 391 13.74 12.15 27.15
CA CYS A 391 14.59 13.33 27.06
C CYS A 391 15.89 13.15 27.83
N ILE A 392 15.85 12.43 28.96
CA ILE A 392 17.05 12.18 29.73
C ILE A 392 18.01 11.28 28.95
N VAL A 393 17.47 10.23 28.30
CA VAL A 393 18.32 9.35 27.50
C VAL A 393 18.94 10.12 26.34
N GLY A 394 18.16 11.03 25.74
CA GLY A 394 18.69 11.86 24.67
C GLY A 394 19.77 12.78 25.17
N ALA A 395 19.66 13.24 26.42
CA ALA A 395 20.68 14.09 27.00
C ALA A 395 22.00 13.34 27.08
N GLY A 396 21.94 12.10 27.56
CA GLY A 396 23.16 11.29 27.62
C GLY A 396 23.74 11.05 26.25
N ALA A 397 22.87 10.83 25.26
CA ALA A 397 23.32 10.61 23.88
C ALA A 397 24.07 11.82 23.34
N HIS A 398 23.51 13.01 23.56
CA HIS A 398 24.17 14.21 23.04
C HIS A 398 25.43 14.54 23.82
N ALA A 399 25.50 14.13 25.09
CA ALA A 399 26.72 14.33 25.85
C ALA A 399 27.83 13.49 25.22
N ALA A 400 27.49 12.27 24.83
CA ALA A 400 28.46 11.39 24.18
C ALA A 400 28.86 11.94 22.81
N ILE A 401 27.89 12.52 22.08
CA ILE A 401 28.19 13.10 20.77
C ILE A 401 29.17 14.26 20.93
N PHE A 402 28.96 15.10 21.94
CA PHE A 402 29.88 16.20 22.18
C PHE A 402 31.26 15.68 22.53
N MET A 403 31.33 14.64 23.37
CA MET A 403 32.61 14.07 23.76
C MET A 403 33.36 13.47 22.59
N VAL A 404 32.64 12.98 21.59
CA VAL A 404 33.29 12.37 20.44
C VAL A 404 33.69 13.40 19.38
N ARG A 405 32.77 14.30 19.01
CA ARG A 405 33.01 15.27 17.95
C ARG A 405 33.56 16.63 18.39
N ASP A 406 32.84 17.36 19.24
CA ASP A 406 33.27 18.70 19.63
C ASP A 406 34.32 18.77 20.74
N TYR A 407 34.73 17.66 21.33
CA TYR A 407 35.74 17.76 22.38
C TYR A 407 37.12 17.98 21.79
N ASP A 408 37.90 18.85 22.42
CA ASP A 408 39.25 19.18 22.00
C ASP A 408 40.16 19.18 23.24
N PRO A 409 41.15 18.30 23.30
CA PRO A 409 42.03 18.26 24.49
C PRO A 409 42.94 19.45 24.65
N THR A 410 43.12 20.28 23.61
CA THR A 410 44.01 21.42 23.73
C THR A 410 43.42 22.56 24.58
N ASN A 411 42.13 22.49 24.89
CA ASN A 411 41.48 23.52 25.70
C ASN A 411 40.92 22.97 27.00
N ASN A 412 41.25 21.73 27.34
CA ASN A 412 40.79 21.05 28.54
C ASN A 412 41.95 20.36 29.23
N TYR A 413 43.01 21.10 29.53
CA TYR A 413 44.18 20.49 30.15
C TYR A 413 43.93 20.04 31.59
N ASN A 414 43.64 20.96 32.49
CA ASN A 414 43.45 20.56 33.89
C ASN A 414 42.15 21.10 34.45
N ASN A 415 41.05 20.95 33.72
CA ASN A 415 39.76 21.41 34.17
C ASN A 415 39.00 20.26 34.81
N LEU A 416 37.73 20.50 35.11
CA LEU A 416 36.89 19.47 35.71
C LEU A 416 36.67 18.30 34.77
N LEU A 417 36.39 18.59 33.49
CA LEU A 417 36.13 17.55 32.51
C LEU A 417 37.34 16.63 32.32
N ASP A 418 38.54 17.21 32.28
CA ASP A 418 39.73 16.40 32.11
C ASP A 418 39.96 15.49 33.31
N ARG A 419 39.73 16.00 34.52
CA ARG A 419 39.91 15.19 35.71
C ARG A 419 38.86 14.07 35.77
N VAL A 420 37.65 14.36 35.28
CA VAL A 420 36.61 13.33 35.25
C VAL A 420 37.02 12.21 34.29
N ILE A 421 37.58 12.59 33.13
CA ILE A 421 38.04 11.59 32.19
C ILE A 421 39.23 10.83 32.78
N ARG A 422 40.04 11.51 33.59
CA ARG A 422 41.20 10.87 34.22
C ARG A 422 40.80 9.80 35.23
N HIS A 423 39.75 10.03 36.02
CA HIS A 423 39.32 9.03 37.00
C HIS A 423 37.99 8.37 36.62
N ARG A 424 37.69 8.31 35.31
CA ARG A 424 36.47 7.65 34.84
C ARG A 424 36.37 6.20 35.27
N ASP A 425 37.51 5.51 35.40
CA ASP A 425 37.51 4.12 35.82
C ASP A 425 36.99 3.99 37.25
N ALA A 426 37.43 4.90 38.13
CA ALA A 426 36.95 4.88 39.51
C ALA A 426 35.47 5.22 39.57
N ILE A 427 35.04 6.17 38.74
CA ILE A 427 33.62 6.56 38.71
C ILE A 427 32.76 5.36 38.31
N ILE A 428 33.13 4.71 37.21
CA ILE A 428 32.37 3.58 36.69
C ILE A 428 32.40 2.40 37.65
N SER A 429 33.56 2.13 38.27
CA SER A 429 33.65 1.01 39.21
C SER A 429 32.76 1.22 40.43
N HIS A 430 32.77 2.43 41.01
CA HIS A 430 31.94 2.68 42.18
C HIS A 430 30.45 2.68 41.80
N LEU A 431 30.11 3.23 40.63
CA LEU A 431 28.71 3.22 40.22
C LEU A 431 28.25 1.80 39.92
N ASN A 432 29.14 0.96 39.40
CA ASN A 432 28.80 -0.43 39.13
C ASN A 432 28.55 -1.17 40.44
N TRP A 433 29.40 -0.91 41.44
CA TRP A 433 29.21 -1.56 42.73
C TRP A 433 27.92 -1.12 43.40
N VAL A 434 27.60 0.19 43.34
CA VAL A 434 26.37 0.63 43.97
C VAL A 434 25.16 0.07 43.22
N CYS A 435 25.29 -0.14 41.90
CA CYS A 435 24.20 -0.73 41.14
C CYS A 435 23.98 -2.17 41.56
N ILE A 436 25.06 -2.91 41.78
CA ILE A 436 24.96 -4.30 42.23
C ILE A 436 24.37 -4.38 43.63
N PHE A 437 24.83 -3.48 44.52
CA PHE A 437 24.33 -3.46 45.90
C PHE A 437 22.84 -3.14 45.93
N LEU A 438 22.41 -2.14 45.14
CA LEU A 438 21.01 -1.77 45.08
C LEU A 438 20.18 -2.89 44.47
N GLY A 439 20.72 -3.56 43.45
CA GLY A 439 20.01 -4.67 42.83
C GLY A 439 19.78 -5.81 43.79
N PHE A 440 20.82 -6.15 44.56
CA PHE A 440 20.68 -7.23 45.53
C PHE A 440 19.69 -6.85 46.62
N HIS A 441 19.89 -5.70 47.25
CA HIS A 441 19.00 -5.28 48.33
C HIS A 441 17.62 -4.82 47.88
N SER A 442 17.36 -4.75 46.58
CA SER A 442 16.06 -4.36 46.10
C SER A 442 15.29 -5.54 45.53
N PHE A 443 15.96 -6.40 44.76
CA PHE A 443 15.30 -7.55 44.16
C PHE A 443 15.31 -8.76 45.10
N GLY A 444 16.35 -8.91 45.92
CA GLY A 444 16.40 -10.02 46.84
C GLY A 444 15.30 -9.98 47.87
N LEU A 445 14.83 -8.78 48.22
CA LEU A 445 13.72 -8.67 49.17
C LEU A 445 12.45 -9.27 48.56
N TYR A 446 12.18 -8.98 47.29
CA TYR A 446 11.00 -9.52 46.63
C TYR A 446 11.13 -11.03 46.43
N ILE A 447 12.33 -11.49 46.06
CA ILE A 447 12.53 -12.93 45.86
C ILE A 447 12.40 -13.67 47.20
N HIS A 448 12.95 -13.09 48.27
CA HIS A 448 12.86 -13.68 49.59
C HIS A 448 11.41 -13.73 50.06
N ASN A 449 10.64 -12.68 49.74
CA ASN A 449 9.23 -12.66 50.11
C ASN A 449 8.46 -13.72 49.35
N ASP A 450 8.76 -13.89 48.05
CA ASP A 450 8.10 -14.90 47.24
C ASP A 450 8.43 -16.30 47.74
N THR A 451 9.68 -16.50 48.15
CA THR A 451 10.10 -17.79 48.66
C THR A 451 9.42 -18.10 49.99
N MET A 452 9.44 -17.14 50.92
CA MET A 452 8.83 -17.34 52.23
C MET A 452 7.33 -17.53 52.12
N SER A 453 6.68 -16.84 51.17
CA SER A 453 5.24 -17.01 51.00
C SER A 453 4.95 -18.36 50.37
N ALA A 454 5.80 -18.80 49.44
CA ALA A 454 5.58 -20.09 48.80
C ALA A 454 5.92 -21.25 49.75
N LEU A 455 6.90 -21.06 50.62
CA LEU A 455 7.31 -22.08 51.58
C LEU A 455 6.37 -22.15 52.78
N GLY A 456 5.32 -21.33 52.79
CA GLY A 456 4.38 -21.33 53.90
C GLY A 456 4.92 -20.66 55.15
N ARG A 457 5.75 -19.64 54.99
CA ARG A 457 6.35 -18.92 56.11
C ARG A 457 6.10 -17.42 55.93
N PRO A 458 4.86 -16.96 56.14
CA PRO A 458 4.59 -15.52 55.98
C PRO A 458 5.20 -14.67 57.07
N GLN A 459 5.59 -15.25 58.21
CA GLN A 459 6.18 -14.48 59.29
C GLN A 459 7.64 -14.13 59.04
N ASP A 460 8.26 -14.73 58.01
CA ASP A 460 9.65 -14.47 57.67
C ASP A 460 9.78 -13.53 56.47
N MET A 461 8.69 -12.91 56.05
CA MET A 461 8.72 -12.00 54.92
C MET A 461 9.10 -10.59 55.35
N PHE A 462 9.10 -9.69 54.37
CA PHE A 462 9.40 -8.28 54.60
C PHE A 462 8.09 -7.53 54.35
N SER A 463 7.28 -7.45 55.40
CA SER A 463 5.98 -6.79 55.31
C SER A 463 5.70 -6.06 56.62
N ASP A 464 4.51 -5.44 56.68
CA ASP A 464 4.12 -4.71 57.88
C ASP A 464 3.88 -5.65 59.06
N THR A 465 3.28 -6.81 58.80
CA THR A 465 3.02 -7.77 59.87
C THR A 465 4.30 -8.47 60.31
N ALA A 466 5.13 -8.86 59.34
CA ALA A 466 6.40 -9.52 59.55
C ALA A 466 7.46 -8.42 59.71
N ILE A 467 8.73 -8.74 59.45
CA ILE A 467 9.85 -7.79 59.52
C ILE A 467 9.51 -6.56 58.67
N GLN A 468 9.38 -5.42 59.32
CA GLN A 468 8.99 -4.20 58.64
C GLN A 468 10.16 -3.23 58.43
N LEU A 469 10.13 -2.60 57.27
CA LEU A 469 11.12 -1.60 56.85
C LEU A 469 10.29 -0.36 56.54
N GLN A 470 10.02 0.44 57.56
CA GLN A 470 9.20 1.64 57.41
C GLN A 470 10.06 2.81 56.93
N PRO A 471 9.59 3.57 55.93
CA PRO A 471 10.34 4.75 55.46
C PRO A 471 10.11 5.90 56.43
N VAL A 472 10.90 5.89 57.51
CA VAL A 472 10.77 6.89 58.58
C VAL A 472 11.08 8.30 58.09
N PHE A 473 12.03 8.44 57.17
CA PHE A 473 12.39 9.77 56.66
C PHE A 473 11.24 10.39 55.88
N ALA A 474 10.62 9.61 54.99
CA ALA A 474 9.49 10.11 54.21
C ALA A 474 8.29 10.40 55.09
N GLN A 475 8.05 9.56 56.09
CA GLN A 475 6.92 9.79 56.99
C GLN A 475 7.14 11.04 57.83
N TRP A 476 8.39 11.28 58.27
CA TRP A 476 8.67 12.47 59.04
C TRP A 476 8.53 13.72 58.18
N ILE A 477 8.96 13.63 56.92
CA ILE A 477 8.84 14.77 56.01
C ILE A 477 7.36 15.06 55.74
N GLN A 478 6.56 13.99 55.64
CA GLN A 478 5.12 14.16 55.44
C GLN A 478 4.48 14.85 56.63
N ASN A 479 4.90 14.46 57.84
CA ASN A 479 4.37 15.08 59.05
C ASN A 479 4.79 16.54 59.14
N THR A 480 6.03 16.85 58.74
CA THR A 480 6.51 18.23 58.77
C THR A 480 5.72 19.09 57.79
N HIS A 481 5.42 18.54 56.60
CA HIS A 481 4.64 19.28 55.61
C HIS A 481 3.21 19.48 56.09
N PHE A 482 2.66 18.50 56.81
CA PHE A 482 1.30 18.63 57.31
C PHE A 482 1.23 19.68 58.41
N LEU A 483 2.24 19.74 59.27
CA LEU A 483 2.25 20.71 60.36
C LEU A 483 2.83 22.06 59.97
N ALA A 484 3.32 22.22 58.73
CA ALA A 484 3.87 23.49 58.30
C ALA A 484 2.95 24.71 58.36
N PRO A 485 1.66 24.65 58.00
CA PRO A 485 0.82 25.87 58.09
C PRO A 485 0.58 26.40 59.49
N GLN A 486 1.11 25.78 60.54
CA GLN A 486 0.88 26.27 61.89
C GLN A 486 2.11 26.87 62.54
N LEU A 487 3.31 26.48 62.13
CA LEU A 487 4.52 27.04 62.73
C LEU A 487 5.43 27.72 61.71
N THR A 488 5.79 27.05 60.64
CA THR A 488 6.67 27.63 59.63
C THR A 488 5.93 28.35 58.50
N ALA A 489 4.61 28.27 58.46
CA ALA A 489 3.82 28.96 57.43
C ALA A 489 2.63 29.63 58.11
N PRO A 490 2.88 30.71 58.88
CA PRO A 490 1.76 31.37 59.57
C PRO A 490 0.80 32.05 58.62
N ASN A 491 1.25 32.47 57.45
CA ASN A 491 0.37 33.14 56.49
C ASN A 491 -0.33 32.19 55.54
N ALA A 492 -0.02 30.90 55.62
CA ALA A 492 -0.67 29.91 54.78
C ALA A 492 -1.84 29.31 55.54
N LEU A 493 -2.97 29.11 54.85
CA LEU A 493 -4.13 28.56 55.53
C LEU A 493 -4.03 27.04 55.63
N ALA A 494 -3.91 26.35 54.50
CA ALA A 494 -3.82 24.89 54.49
C ALA A 494 -2.46 24.50 53.93
N ALA A 495 -2.23 23.19 53.86
CA ALA A 495 -0.97 22.65 53.35
C ALA A 495 -0.93 22.73 51.83
N THR A 496 0.26 22.49 51.28
CA THR A 496 0.45 22.54 49.83
C THR A 496 -0.36 21.45 49.12
N SER A 497 -0.41 20.26 49.71
CA SER A 497 -1.13 19.15 49.13
C SER A 497 -1.74 18.33 50.24
N LEU A 498 -2.76 17.54 49.88
CA LEU A 498 -3.41 16.70 50.87
C LEU A 498 -2.72 15.36 51.08
N THR A 499 -1.74 15.02 50.25
CA THR A 499 -1.05 13.74 50.40
C THR A 499 -0.23 13.67 51.68
N TRP A 500 0.12 14.82 52.27
CA TRP A 500 0.89 14.79 53.50
C TRP A 500 0.07 14.27 54.68
N GLY A 501 -1.16 14.76 54.83
CA GLY A 501 -2.02 14.33 55.90
C GLY A 501 -3.22 15.26 56.01
N GLY A 502 -4.08 14.94 56.96
CA GLY A 502 -5.27 15.72 57.21
C GLY A 502 -6.52 15.12 56.61
N ASP A 503 -7.50 15.98 56.42
CA ASP A 503 -8.79 15.56 55.87
C ASP A 503 -8.72 15.43 54.35
N LEU A 504 -9.47 14.47 53.84
CA LEU A 504 -9.52 14.20 52.41
C LEU A 504 -10.58 15.08 51.75
N VAL A 505 -10.41 15.31 50.46
CA VAL A 505 -11.34 16.10 49.67
C VAL A 505 -11.93 15.20 48.60
N ALA A 506 -13.26 15.14 48.55
CA ALA A 506 -14.00 14.32 47.59
C ALA A 506 -15.01 15.20 46.87
N VAL A 507 -15.15 14.98 45.57
CA VAL A 507 -16.06 15.75 44.73
C VAL A 507 -16.90 14.78 43.90
N GLY A 508 -18.22 14.93 43.98
CA GLY A 508 -19.13 14.08 43.23
C GLY A 508 -19.08 12.61 43.60
N GLY A 509 -18.87 12.31 44.87
CA GLY A 509 -18.80 10.93 45.33
C GLY A 509 -17.48 10.24 45.08
N LYS A 510 -16.56 10.87 44.36
CA LYS A 510 -15.26 10.31 44.05
C LYS A 510 -14.21 11.07 44.84
N VAL A 511 -13.23 10.35 45.36
CA VAL A 511 -12.17 10.95 46.16
C VAL A 511 -11.26 11.77 45.25
N ALA A 512 -11.21 13.09 45.48
CA ALA A 512 -10.33 13.92 44.67
C ALA A 512 -8.89 13.76 45.12
N MET A 513 -8.65 13.85 46.44
CA MET A 513 -7.31 13.69 46.98
C MET A 513 -7.40 13.39 48.47
N MET A 514 -6.69 12.35 48.89
CA MET A 514 -6.64 11.91 50.27
C MET A 514 -5.18 11.71 50.65
N PRO A 515 -4.87 11.66 51.95
CA PRO A 515 -3.47 11.46 52.35
C PRO A 515 -2.93 10.11 51.90
N ILE A 516 -1.62 10.08 51.63
CA ILE A 516 -0.94 8.88 51.17
C ILE A 516 -0.02 8.42 52.29
N SER A 517 -0.15 7.15 52.66
CA SER A 517 0.66 6.54 53.71
C SER A 517 1.64 5.54 53.09
N LEU A 518 2.89 5.64 53.52
CA LEU A 518 3.96 4.79 53.01
C LEU A 518 4.31 3.72 54.03
N GLY A 519 4.47 2.48 53.55
CA GLY A 519 4.80 1.34 54.36
C GLY A 519 6.00 0.59 53.80
N THR A 520 6.02 -0.72 54.06
CA THR A 520 7.10 -1.57 53.60
C THR A 520 7.11 -1.72 52.08
N SER A 521 5.93 -1.89 51.48
CA SER A 521 5.84 -2.04 50.03
C SER A 521 6.33 -0.79 49.32
N ASP A 522 6.00 0.38 49.87
CA ASP A 522 6.45 1.64 49.31
C ASP A 522 7.97 1.76 49.40
N PHE A 523 8.54 1.32 50.53
CA PHE A 523 9.98 1.34 50.72
C PHE A 523 10.68 0.47 49.69
N MET A 524 10.15 -0.75 49.50
CA MET A 524 10.74 -1.68 48.53
C MET A 524 10.65 -1.14 47.11
N VAL A 525 9.48 -0.61 46.71
CA VAL A 525 9.36 -0.11 45.35
C VAL A 525 10.21 1.14 45.14
N HIS A 526 10.42 1.95 46.19
CA HIS A 526 11.26 3.12 46.04
C HIS A 526 12.71 2.71 45.84
N HIS A 527 13.13 1.66 46.54
CA HIS A 527 14.49 1.17 46.35
C HIS A 527 14.66 0.54 44.98
N ILE A 528 13.58 -0.05 44.45
CA ILE A 528 13.61 -0.61 43.10
C ILE A 528 13.80 0.52 42.09
N HIS A 529 13.08 1.63 42.29
CA HIS A 529 13.20 2.78 41.41
C HIS A 529 14.61 3.36 41.45
N ALA A 530 15.17 3.47 42.65
CA ALA A 530 16.53 3.99 42.81
C ALA A 530 17.55 3.11 42.10
N PHE A 531 17.38 1.79 42.21
CA PHE A 531 18.29 0.85 41.57
C PHE A 531 18.21 0.96 40.05
N THR A 532 17.01 1.02 39.50
CA THR A 532 16.85 1.13 38.05
C THR A 532 17.40 2.45 37.52
N ILE A 533 17.19 3.54 38.27
CA ILE A 533 17.72 4.83 37.87
C ILE A 533 19.25 4.80 37.88
N HIS A 534 19.82 4.16 38.90
CA HIS A 534 21.27 4.07 38.99
C HIS A 534 21.85 3.25 37.84
N VAL A 535 21.18 2.17 37.44
CA VAL A 535 21.71 1.36 36.33
C VAL A 535 21.62 2.13 35.02
N THR A 536 20.53 2.87 34.80
CA THR A 536 20.41 3.66 33.57
C THR A 536 21.50 4.73 33.54
N VAL A 537 21.76 5.34 34.69
CA VAL A 537 22.82 6.34 34.79
C VAL A 537 24.17 5.69 34.53
N LEU A 538 24.36 4.46 35.00
CA LEU A 538 25.62 3.76 34.79
C LEU A 538 25.88 3.51 33.31
N ILE A 539 24.86 3.05 32.58
CA ILE A 539 25.03 2.78 31.16
C ILE A 539 25.29 4.07 30.38
N LEU A 540 24.52 5.12 30.68
CA LEU A 540 24.71 6.40 29.98
C LEU A 540 26.05 7.05 30.31
N LEU A 541 26.42 7.09 31.59
CA LEU A 541 27.69 7.69 32.01
C LEU A 541 28.87 6.89 31.50
N LYS A 542 28.72 5.56 31.40
CA LYS A 542 29.81 4.76 30.86
C LYS A 542 29.98 5.04 29.38
N GLY A 543 28.85 5.25 28.68
CA GLY A 543 28.95 5.58 27.27
C GLY A 543 29.45 6.97 27.01
N VAL A 544 29.33 7.87 28.00
CA VAL A 544 29.79 9.24 27.83
C VAL A 544 31.27 9.35 28.16
N LEU A 545 31.69 8.81 29.31
CA LEU A 545 33.09 8.90 29.72
C LEU A 545 34.00 8.07 28.83
N PHE A 546 33.60 6.85 28.48
CA PHE A 546 34.42 5.99 27.63
C PHE A 546 34.10 6.14 26.15
N ALA A 547 33.61 7.30 25.73
CA ALA A 547 33.27 7.51 24.32
C ALA A 547 34.50 7.74 23.45
N ARG A 548 35.51 8.44 23.98
CA ARG A 548 36.73 8.71 23.22
C ARG A 548 37.70 7.54 23.22
N SER A 549 37.89 6.90 24.37
CA SER A 549 38.83 5.79 24.46
C SER A 549 38.45 4.91 25.65
N SER A 550 39.09 3.76 25.73
CA SER A 550 38.87 2.80 26.80
C SER A 550 40.08 1.89 26.88
N ARG A 551 40.06 1.01 27.88
CA ARG A 551 41.16 0.06 28.03
C ARG A 551 41.12 -1.03 26.98
N LEU A 552 39.98 -1.21 26.30
CA LEU A 552 39.84 -2.22 25.26
C LEU A 552 40.18 -1.64 23.89
N ILE A 553 39.72 -0.42 23.61
CA ILE A 553 39.97 0.25 22.35
C ILE A 553 40.46 1.66 22.67
N PRO A 554 41.75 1.94 22.46
CA PRO A 554 42.29 3.27 22.77
C PRO A 554 41.97 4.33 21.72
N ASP A 555 41.52 3.96 20.53
CA ASP A 555 41.23 4.96 19.51
C ASP A 555 39.77 4.95 19.12
N LYS A 556 38.88 4.86 20.10
CA LYS A 556 37.45 4.84 19.84
C LYS A 556 36.97 6.14 19.20
N ALA A 557 37.59 7.26 19.57
CA ALA A 557 37.20 8.55 19.00
C ALA A 557 37.44 8.59 17.50
N ASN A 558 38.43 7.84 17.01
CA ASN A 558 38.68 7.82 15.58
C ASN A 558 37.59 7.04 14.85
N LEU A 559 36.92 6.13 15.54
CA LEU A 559 35.87 5.34 14.94
C LEU A 559 34.54 6.09 14.94
N GLY A 560 34.46 7.23 15.58
CA GLY A 560 33.23 8.02 15.60
C GLY A 560 32.38 7.74 16.81
N PHE A 561 31.19 8.33 16.77
CA PHE A 561 30.21 8.17 17.84
C PHE A 561 29.30 6.99 17.61
N ARG A 562 28.89 6.77 16.36
CA ARG A 562 27.99 5.70 15.98
C ARG A 562 28.66 4.76 14.98
N PHE A 563 29.11 3.61 15.47
CA PHE A 563 29.73 2.58 14.68
C PHE A 563 29.33 1.25 15.29
N PRO A 564 29.20 0.20 14.49
CA PRO A 564 28.76 -1.09 15.06
C PRO A 564 29.73 -1.73 16.04
N CYS A 565 30.97 -1.93 15.63
CA CYS A 565 31.96 -2.59 16.47
C CYS A 565 33.35 -2.31 15.92
N ASP A 566 34.33 -3.02 16.46
CA ASP A 566 35.73 -2.96 16.04
C ASP A 566 36.21 -4.33 15.61
N GLY A 567 35.29 -5.23 15.29
CA GLY A 567 35.63 -6.56 14.87
C GLY A 567 35.49 -7.59 15.96
N PRO A 568 35.66 -8.86 15.61
CA PRO A 568 35.55 -9.92 16.61
C PRO A 568 36.82 -10.09 17.42
N GLY A 569 37.82 -9.25 17.16
CA GLY A 569 39.08 -9.33 17.86
C GLY A 569 38.97 -8.92 19.30
N ARG A 570 40.05 -9.20 20.04
CA ARG A 570 40.17 -8.95 21.47
C ARG A 570 39.07 -9.70 22.24
N GLY A 571 38.67 -10.84 21.68
CA GLY A 571 37.61 -11.64 22.23
C GLY A 571 36.23 -11.26 21.72
N GLY A 572 36.10 -10.06 21.16
CA GLY A 572 34.85 -9.55 20.64
C GLY A 572 34.63 -8.13 21.13
N THR A 573 34.43 -7.20 20.21
CA THR A 573 34.21 -5.79 20.55
C THR A 573 32.84 -5.33 20.10
N CYS A 574 31.84 -6.17 20.30
CA CYS A 574 30.47 -5.85 19.89
C CYS A 574 29.87 -4.82 20.83
N GLN A 575 29.32 -3.74 20.25
CA GLN A 575 28.65 -2.65 20.98
C GLN A 575 29.61 -1.88 21.92
N VAL A 576 30.67 -1.36 21.35
CA VAL A 576 31.62 -0.55 22.11
C VAL A 576 31.40 0.94 21.92
N SER A 577 30.66 1.33 20.88
CA SER A 577 30.41 2.74 20.61
C SER A 577 29.47 3.32 21.66
N ALA A 578 29.48 4.66 21.71
CA ALA A 578 28.60 5.36 22.64
C ALA A 578 27.14 5.22 22.22
N TRP A 579 26.91 5.06 20.92
CA TRP A 579 25.56 4.88 20.40
C TRP A 579 24.93 3.61 20.98
N ASP A 580 25.73 2.55 21.10
CA ASP A 580 25.21 1.31 21.68
C ASP A 580 24.90 1.49 23.15
N HIS A 581 25.64 2.36 23.83
CA HIS A 581 25.35 2.62 25.23
C HIS A 581 24.01 3.34 25.35
N VAL A 582 23.73 4.24 24.42
CA VAL A 582 22.43 4.91 24.40
C VAL A 582 21.33 3.90 24.09
N PHE A 583 21.65 2.95 23.21
CA PHE A 583 20.71 1.90 22.82
C PHE A 583 20.35 1.02 24.01
N LEU A 584 21.32 0.72 24.88
CA LEU A 584 21.04 -0.08 26.07
C LEU A 584 20.35 0.76 27.16
N GLY A 585 20.71 2.05 27.23
CA GLY A 585 20.08 2.93 28.18
C GLY A 585 18.62 3.12 27.88
N LEU A 586 18.23 2.99 26.61
CA LEU A 586 16.82 3.11 26.24
C LEU A 586 16.01 1.97 26.87
N PHE A 587 16.55 0.75 26.80
CA PHE A 587 15.88 -0.41 27.39
C PHE A 587 15.78 -0.25 28.90
N TRP A 588 16.86 0.22 29.53
CA TRP A 588 16.82 0.37 30.98
C TRP A 588 15.88 1.49 31.40
N MET A 589 15.78 2.55 30.59
CA MET A 589 14.85 3.62 30.90
C MET A 589 13.42 3.12 30.78
N TYR A 590 13.17 2.28 29.78
CA TYR A 590 11.84 1.70 29.59
C TYR A 590 11.46 0.84 30.79
N ASN A 591 12.40 0.02 31.26
CA ASN A 591 12.16 -0.84 32.41
C ASN A 591 11.89 -0.01 33.67
N SER A 592 12.72 1.01 33.90
CA SER A 592 12.59 1.87 35.07
C SER A 592 11.25 2.61 35.08
N LEU A 593 10.94 3.29 33.98
CA LEU A 593 9.69 4.05 33.90
C LEU A 593 8.47 3.15 33.89
N SER A 594 8.60 1.92 33.39
CA SER A 594 7.47 1.01 33.43
C SER A 594 7.16 0.62 34.85
N ILE A 595 8.20 0.38 35.66
CA ILE A 595 7.96 0.04 37.06
C ILE A 595 7.40 1.26 37.79
N VAL A 596 7.85 2.46 37.41
CA VAL A 596 7.37 3.69 38.04
C VAL A 596 5.88 3.88 37.79
N ILE A 597 5.46 3.72 36.53
CA ILE A 597 4.04 3.91 36.22
C ILE A 597 3.19 2.79 36.82
N PHE A 598 3.74 1.56 36.91
CA PHE A 598 2.98 0.48 37.54
C PHE A 598 2.77 0.78 39.01
N HIS A 599 3.80 1.26 39.70
CA HIS A 599 3.68 1.61 41.11
C HIS A 599 2.69 2.74 41.29
N PHE A 600 2.74 3.75 40.41
CA PHE A 600 1.81 4.87 40.50
C PHE A 600 0.37 4.41 40.34
N SER A 601 0.11 3.59 39.32
CA SER A 601 -1.24 3.10 39.05
C SER A 601 -1.76 2.26 40.20
N TRP A 602 -0.94 1.33 40.71
CA TRP A 602 -1.40 0.48 41.81
C TRP A 602 -1.63 1.28 43.09
N LYS A 603 -0.71 2.17 43.44
CA LYS A 603 -0.88 2.96 44.66
C LYS A 603 -2.08 3.88 44.58
N MET A 604 -2.31 4.51 43.42
CA MET A 604 -3.45 5.40 43.29
C MET A 604 -4.76 4.64 43.30
N GLN A 605 -4.84 3.51 42.58
CA GLN A 605 -6.08 2.75 42.56
C GLN A 605 -6.33 1.98 43.85
N SER A 606 -5.30 1.80 44.67
CA SER A 606 -5.46 1.04 45.90
C SER A 606 -5.65 1.90 47.14
N ASP A 607 -4.93 3.01 47.29
CA ASP A 607 -5.06 3.80 48.50
C ASP A 607 -5.51 5.23 48.29
N VAL A 608 -5.80 5.67 47.07
CA VAL A 608 -6.22 7.05 46.88
C VAL A 608 -7.55 7.17 46.12
N TRP A 609 -7.61 6.60 44.92
CA TRP A 609 -8.82 6.70 44.12
C TRP A 609 -9.89 5.71 44.61
N GLY A 610 -11.14 6.13 44.48
CA GLY A 610 -12.25 5.29 44.90
C GLY A 610 -13.47 6.13 45.20
N THR A 611 -14.60 5.45 45.31
CA THR A 611 -15.88 6.09 45.59
C THR A 611 -16.00 6.42 47.07
N VAL A 612 -17.01 7.22 47.39
CA VAL A 612 -17.29 7.64 48.76
C VAL A 612 -18.65 7.09 49.16
N THR A 613 -18.67 6.24 50.18
CA THR A 613 -19.89 5.63 50.67
C THR A 613 -20.29 6.28 51.99
N ALA A 614 -21.33 5.73 52.61
CA ALA A 614 -21.82 6.24 53.88
C ALA A 614 -20.92 5.71 54.99
N SER A 615 -20.21 6.62 55.66
CA SER A 615 -19.29 6.32 56.76
C SER A 615 -18.20 5.33 56.33
N GLY A 616 -17.39 5.77 55.40
CA GLY A 616 -16.30 4.97 54.87
C GLY A 616 -16.03 5.28 53.42
N VAL A 617 -14.76 5.12 53.03
CA VAL A 617 -14.29 5.35 51.66
C VAL A 617 -13.78 4.02 51.12
N SER A 618 -14.33 3.58 50.00
CA SER A 618 -13.95 2.34 49.36
C SER A 618 -13.11 2.64 48.12
N HIS A 619 -11.94 2.02 48.03
CA HIS A 619 -11.06 2.24 46.90
C HIS A 619 -11.39 1.28 45.76
N ILE A 620 -10.65 1.41 44.66
CA ILE A 620 -10.91 0.58 43.48
C ILE A 620 -10.52 -0.87 43.73
N THR A 621 -9.33 -1.10 44.29
CA THR A 621 -8.87 -2.47 44.54
C THR A 621 -9.02 -2.89 45.99
N GLY A 622 -9.47 -2.00 46.88
CA GLY A 622 -9.65 -2.38 48.26
C GLY A 622 -8.45 -2.24 49.17
N GLY A 623 -7.47 -1.43 48.79
CA GLY A 623 -6.30 -1.23 49.61
C GLY A 623 -5.41 -2.45 49.79
N ASN A 624 -5.16 -3.17 48.71
CA ASN A 624 -4.32 -4.36 48.73
C ASN A 624 -2.86 -4.08 48.42
N PHE A 625 -2.47 -2.81 48.29
CA PHE A 625 -1.09 -2.47 47.98
C PHE A 625 -0.19 -2.66 49.20
N ALA A 626 -0.73 -2.47 50.41
CA ALA A 626 0.10 -2.61 51.60
C ALA A 626 0.24 -4.07 52.02
N GLN A 627 -0.37 -4.99 51.28
CA GLN A 627 -0.30 -6.41 51.61
C GLN A 627 0.12 -7.28 50.43
N SER A 628 -0.15 -6.85 49.19
CA SER A 628 0.20 -7.67 48.05
C SER A 628 1.29 -7.11 47.15
N ALA A 629 1.85 -5.93 47.42
CA ALA A 629 2.88 -5.38 46.55
C ALA A 629 4.29 -5.74 46.97
N ASN A 630 4.46 -6.54 48.01
CA ASN A 630 5.79 -6.92 48.47
C ASN A 630 6.30 -8.21 47.83
N THR A 631 5.55 -8.76 46.87
CA THR A 631 5.94 -9.98 46.19
C THR A 631 5.73 -9.81 44.70
N ILE A 632 6.52 -10.54 43.91
CA ILE A 632 6.38 -10.50 42.46
C ILE A 632 5.07 -11.18 42.07
N ASN A 633 4.70 -12.23 42.79
CA ASN A 633 3.45 -12.93 42.51
C ASN A 633 2.26 -12.02 42.75
N GLY A 634 2.35 -11.14 43.75
CA GLY A 634 1.29 -10.20 44.01
C GLY A 634 1.14 -9.19 42.88
N TRP A 635 2.27 -8.72 42.35
CA TRP A 635 2.24 -7.77 41.24
C TRP A 635 1.69 -8.43 39.98
N LEU A 636 2.05 -9.70 39.76
CA LEU A 636 1.60 -10.41 38.57
C LEU A 636 0.14 -10.83 38.65
N ARG A 637 -0.36 -11.15 39.84
CA ARG A 637 -1.73 -11.61 40.00
C ARG A 637 -2.73 -10.48 40.29
N ASP A 638 -2.49 -9.70 41.34
CA ASP A 638 -3.40 -8.64 41.71
C ASP A 638 -3.31 -7.40 40.84
N PHE A 639 -2.13 -7.06 40.33
CA PHE A 639 -2.02 -5.87 39.51
C PHE A 639 -1.97 -6.15 38.02
N LEU A 640 -1.38 -7.25 37.58
CA LEU A 640 -1.34 -7.48 36.14
C LEU A 640 -2.45 -8.40 35.67
N TRP A 641 -2.71 -9.50 36.37
CA TRP A 641 -3.74 -10.43 35.94
C TRP A 641 -5.15 -9.90 36.25
N ALA A 642 -5.34 -9.34 37.44
CA ALA A 642 -6.67 -8.86 37.82
C ALA A 642 -7.06 -7.59 37.08
N GLN A 643 -6.14 -6.63 37.00
CA GLN A 643 -6.45 -5.37 36.34
C GLN A 643 -6.49 -5.46 34.82
N SER A 644 -6.05 -6.57 34.21
CA SER A 644 -6.11 -6.65 32.76
C SER A 644 -7.41 -7.27 32.26
N SER A 645 -8.37 -7.51 33.17
CA SER A 645 -9.63 -8.10 32.76
C SER A 645 -10.44 -7.15 31.89
N GLN A 646 -10.31 -5.85 32.13
CA GLN A 646 -11.06 -4.86 31.37
C GLN A 646 -10.57 -4.74 29.93
N VAL A 647 -9.25 -4.81 29.72
CA VAL A 647 -8.71 -4.68 28.37
C VAL A 647 -8.88 -5.96 27.55
N ILE A 648 -9.12 -7.11 28.19
CA ILE A 648 -9.26 -8.32 27.39
C ILE A 648 -10.72 -8.61 27.06
N GLN A 649 -11.67 -8.07 27.83
CA GLN A 649 -13.09 -8.27 27.57
C GLN A 649 -13.74 -7.03 26.98
N SER A 650 -12.94 -6.05 26.55
CA SER A 650 -13.42 -4.81 25.98
C SER A 650 -14.09 -5.00 24.62
N TYR A 651 -13.94 -6.17 24.00
CA TYR A 651 -14.54 -6.45 22.70
C TYR A 651 -16.06 -6.27 22.75
N GLY A 652 -16.58 -5.60 21.73
CA GLY A 652 -18.01 -5.36 21.64
C GLY A 652 -18.49 -4.08 22.27
N SER A 653 -17.61 -3.34 22.94
CA SER A 653 -17.97 -2.08 23.58
C SER A 653 -17.14 -0.96 22.94
N ALA A 654 -17.24 0.24 23.51
CA ALA A 654 -16.51 1.39 22.98
C ALA A 654 -15.01 1.32 23.24
N LEU A 655 -14.56 0.40 24.10
CA LEU A 655 -13.14 0.27 24.41
C LEU A 655 -12.49 -0.89 23.67
N SER A 656 -13.22 -1.52 22.75
CA SER A 656 -12.70 -2.67 21.99
C SER A 656 -11.42 -2.34 21.24
N ALA A 657 -11.33 -1.10 20.75
CA ALA A 657 -10.13 -0.65 20.02
C ALA A 657 -8.90 -0.81 20.89
N TYR A 658 -9.03 -0.47 22.18
CA TYR A 658 -7.93 -0.60 23.12
C TYR A 658 -7.46 -2.05 23.17
N GLY A 659 -8.43 -2.97 23.26
CA GLY A 659 -8.10 -4.39 23.27
C GLY A 659 -7.35 -4.78 22.03
N LEU A 660 -7.78 -4.26 20.87
CA LEU A 660 -7.09 -4.53 19.62
C LEU A 660 -5.67 -4.03 19.69
N ILE A 661 -5.49 -2.81 20.20
CA ILE A 661 -4.15 -2.27 20.32
C ILE A 661 -3.36 -3.09 21.33
N PHE A 662 -4.06 -3.56 22.39
CA PHE A 662 -3.41 -4.40 23.40
C PHE A 662 -2.84 -5.64 22.77
N LEU A 663 -3.50 -6.14 21.72
CA LEU A 663 -2.96 -7.29 21.03
C LEU A 663 -1.89 -6.85 20.04
N GLY A 664 -2.17 -5.75 19.32
CA GLY A 664 -1.22 -5.26 18.32
C GLY A 664 0.11 -4.87 18.95
N ALA A 665 0.06 -4.26 20.13
CA ALA A 665 1.26 -3.86 20.82
C ALA A 665 2.07 -5.07 21.26
N HIS A 666 1.41 -6.22 21.48
CA HIS A 666 2.15 -7.41 21.86
C HIS A 666 2.89 -7.95 20.66
N PHE A 667 2.41 -7.61 19.47
CA PHE A 667 3.02 -8.07 18.23
C PHE A 667 4.31 -7.32 17.94
N VAL A 668 4.20 -5.98 17.86
CA VAL A 668 5.33 -5.10 17.58
C VAL A 668 6.49 -5.36 18.52
N TRP A 669 6.20 -5.48 19.82
CA TRP A 669 7.22 -5.75 20.81
C TRP A 669 7.94 -7.05 20.50
N ALA A 670 7.18 -8.11 20.24
CA ALA A 670 7.81 -9.39 19.92
C ALA A 670 8.52 -9.29 18.59
N PHE A 671 8.02 -8.43 17.70
CA PHE A 671 8.65 -8.18 16.40
C PHE A 671 10.05 -7.63 16.61
N SER A 672 10.22 -6.85 17.69
CA SER A 672 11.51 -6.27 18.02
C SER A 672 12.55 -7.36 18.26
N LEU A 673 12.11 -8.49 18.84
CA LEU A 673 13.03 -9.58 19.12
C LEU A 673 13.64 -10.16 17.85
N MET A 674 13.02 -9.92 16.69
CA MET A 674 13.61 -10.43 15.46
C MET A 674 14.84 -9.61 15.08
N PHE A 675 14.82 -8.31 15.39
CA PHE A 675 15.95 -7.45 15.05
C PHE A 675 16.98 -7.37 16.15
N LEU A 676 16.63 -7.81 17.37
CA LEU A 676 17.58 -7.74 18.47
C LEU A 676 18.33 -9.04 18.71
N PHE A 677 17.75 -10.17 18.36
CA PHE A 677 18.41 -11.46 18.61
C PHE A 677 19.14 -12.01 17.40
N SER A 678 19.13 -11.31 16.27
CA SER A 678 19.78 -11.80 15.06
C SER A 678 20.81 -10.81 14.52
N GLY A 679 21.46 -11.23 13.44
CA GLY A 679 22.48 -10.44 12.78
C GLY A 679 22.26 -10.30 11.29
N ARG A 680 22.79 -9.24 10.69
CA ARG A 680 22.60 -8.94 9.27
C ARG A 680 23.27 -9.90 8.29
N GLY A 681 24.20 -10.76 8.73
CA GLY A 681 24.82 -11.68 7.78
C GLY A 681 23.83 -12.71 7.26
N TYR A 682 23.02 -13.26 8.16
CA TYR A 682 22.01 -14.23 7.78
C TYR A 682 21.00 -13.60 6.83
N TRP A 683 20.56 -12.37 7.15
CA TRP A 683 19.58 -11.67 6.33
C TRP A 683 20.17 -11.32 4.97
N GLN A 684 21.47 -11.02 4.92
CA GLN A 684 22.08 -10.71 3.64
C GLN A 684 22.13 -11.94 2.75
N GLU A 685 22.44 -13.11 3.32
CA GLU A 685 22.45 -14.33 2.50
C GLU A 685 21.04 -14.71 2.06
N LEU A 686 20.04 -14.50 2.94
CA LEU A 686 18.67 -14.79 2.58
C LEU A 686 18.22 -13.87 1.46
N ILE A 687 18.64 -12.59 1.54
CA ILE A 687 18.33 -11.63 0.50
C ILE A 687 19.00 -12.04 -0.80
N GLU A 688 20.19 -12.66 -0.72
CA GLU A 688 20.86 -13.13 -1.92
C GLU A 688 20.04 -14.22 -2.61
N SER A 689 19.47 -15.13 -1.82
CA SER A 689 18.62 -16.18 -2.39
C SER A 689 17.38 -15.58 -3.05
N ILE A 690 16.78 -14.58 -2.39
CA ILE A 690 15.60 -13.91 -2.94
C ILE A 690 15.98 -13.15 -4.21
N VAL A 691 17.19 -12.57 -4.24
CA VAL A 691 17.69 -11.87 -5.41
C VAL A 691 17.86 -12.84 -6.57
N TRP A 692 18.28 -14.08 -6.26
CA TRP A 692 18.41 -15.08 -7.31
C TRP A 692 17.05 -15.38 -7.90
N ALA A 693 16.04 -15.49 -7.03
CA ALA A 693 14.68 -15.74 -7.50
C ALA A 693 14.20 -14.61 -8.40
N HIS A 694 14.56 -13.37 -8.06
CA HIS A 694 14.19 -12.23 -8.88
C HIS A 694 14.91 -12.23 -10.22
N ASN A 695 16.22 -12.52 -10.20
CA ASN A 695 17.03 -12.56 -11.40
C ASN A 695 16.54 -13.63 -12.37
N LYS A 696 15.98 -14.73 -11.85
CA LYS A 696 15.47 -15.77 -12.73
C LYS A 696 14.30 -15.28 -13.57
N LEU A 697 13.41 -14.49 -12.98
CA LEU A 697 12.25 -13.96 -13.67
C LEU A 697 12.44 -12.54 -14.17
N LYS A 698 13.69 -12.06 -14.23
CA LYS A 698 14.05 -10.72 -14.70
C LYS A 698 13.29 -9.62 -13.97
N VAL A 699 13.13 -9.78 -12.66
CA VAL A 699 12.43 -8.79 -11.86
C VAL A 699 13.35 -8.30 -10.75
N ALA A 700 14.65 -8.27 -11.02
CA ALA A 700 15.61 -7.80 -10.04
C ALA A 700 15.77 -6.30 -10.18
N PRO A 701 15.56 -5.51 -9.13
CA PRO A 701 15.70 -4.06 -9.25
C PRO A 701 17.15 -3.66 -9.46
N ALA A 702 17.32 -2.46 -10.04
CA ALA A 702 18.67 -1.95 -10.27
C ALA A 702 19.32 -1.60 -8.94
N ILE A 703 18.53 -1.09 -8.00
CA ILE A 703 19.04 -0.76 -6.68
C ILE A 703 19.24 -2.09 -5.96
N GLN A 704 20.49 -2.44 -5.69
CA GLN A 704 20.80 -3.71 -5.07
C GLN A 704 20.24 -3.79 -3.66
N PRO A 705 19.41 -4.78 -3.35
CA PRO A 705 18.84 -4.88 -2.00
C PRO A 705 19.88 -5.39 -1.02
N ARG A 706 20.14 -4.58 0.01
CA ARG A 706 21.10 -4.92 1.04
C ARG A 706 20.37 -4.96 2.37
N ALA A 707 20.80 -5.86 3.25
CA ALA A 707 20.18 -5.98 4.56
C ALA A 707 20.46 -4.74 5.39
N LEU A 708 19.68 -4.56 6.45
CA LEU A 708 19.86 -3.42 7.32
C LEU A 708 21.22 -3.50 7.99
N SER A 709 21.79 -2.33 8.28
CA SER A 709 23.10 -2.31 8.93
C SER A 709 22.94 -2.76 10.38
N ILE A 710 24.08 -3.04 11.01
CA ILE A 710 24.09 -3.51 12.40
C ILE A 710 23.49 -2.44 13.31
N THR A 711 23.92 -1.19 13.14
CA THR A 711 23.39 -0.09 13.93
C THR A 711 21.91 0.11 13.62
N GLN A 712 21.53 0.00 12.35
CA GLN A 712 20.12 0.14 11.99
C GLN A 712 19.30 -0.98 12.60
N GLY A 713 19.83 -2.21 12.60
CA GLY A 713 19.12 -3.32 13.20
C GLY A 713 18.89 -3.10 14.69
N ARG A 714 19.90 -2.59 15.38
CA ARG A 714 19.75 -2.30 16.81
C ARG A 714 18.72 -1.18 17.03
N ALA A 715 18.77 -0.14 16.19
CA ALA A 715 17.82 0.96 16.33
C ALA A 715 16.38 0.51 16.06
N VAL A 716 16.20 -0.34 15.04
CA VAL A 716 14.88 -0.86 14.71
C VAL A 716 14.36 -1.72 15.85
N GLY A 717 15.24 -2.57 16.41
CA GLY A 717 14.83 -3.43 17.51
C GLY A 717 14.42 -2.64 18.75
N VAL A 718 15.23 -1.64 19.12
CA VAL A 718 14.89 -0.86 20.31
C VAL A 718 13.63 -0.02 20.06
N ALA A 719 13.45 0.49 18.83
CA ALA A 719 12.26 1.28 18.52
C ALA A 719 11.01 0.44 18.63
N HIS A 720 11.04 -0.77 18.07
CA HIS A 720 9.89 -1.65 18.13
C HIS A 720 9.63 -2.13 19.55
N TYR A 721 10.70 -2.40 20.31
CA TYR A 721 10.54 -2.83 21.69
C TYR A 721 9.85 -1.76 22.52
N LEU A 722 10.32 -0.52 22.38
CA LEU A 722 9.75 0.60 23.11
C LEU A 722 8.30 0.85 22.70
N LEU A 723 8.04 0.85 21.38
CA LEU A 723 6.69 1.10 20.90
C LEU A 723 5.73 0.01 21.36
N GLY A 724 6.14 -1.27 21.26
CA GLY A 724 5.29 -2.36 21.68
C GLY A 724 4.99 -2.34 23.17
N GLY A 725 6.02 -2.17 23.99
CA GLY A 725 5.80 -2.15 25.43
C GLY A 725 5.00 -0.94 25.89
N ILE A 726 5.34 0.24 25.38
CA ILE A 726 4.64 1.46 25.76
C ILE A 726 3.19 1.42 25.30
N ALA A 727 2.94 0.93 24.08
CA ALA A 727 1.56 0.83 23.61
C ALA A 727 0.77 -0.21 24.39
N THR A 728 1.43 -1.30 24.83
CA THR A 728 0.74 -2.31 25.61
C THR A 728 0.29 -1.73 26.94
N THR A 729 1.19 -1.04 27.62
CA THR A 729 0.86 -0.43 28.90
C THR A 729 -0.17 0.68 28.72
N TRP A 730 -0.09 1.41 27.60
CA TRP A 730 -1.03 2.48 27.32
C TRP A 730 -2.44 1.94 27.16
N SER A 731 -2.59 0.86 26.40
CA SER A 731 -3.90 0.24 26.21
C SER A 731 -4.44 -0.31 27.52
N PHE A 732 -3.59 -0.99 28.29
CA PHE A 732 -4.01 -1.55 29.56
C PHE A 732 -4.46 -0.47 30.54
N PHE A 733 -3.62 0.56 30.74
CA PHE A 733 -3.99 1.66 31.64
C PHE A 733 -5.25 2.38 31.19
N LEU A 734 -5.34 2.75 29.91
CA LEU A 734 -6.50 3.51 29.45
C LEU A 734 -7.78 2.70 29.53
N ALA A 735 -7.77 1.44 29.08
CA ALA A 735 -8.97 0.62 29.14
C ALA A 735 -9.42 0.38 30.58
N ARG A 736 -8.47 0.10 31.48
CA ARG A 736 -8.81 -0.15 32.86
C ARG A 736 -9.33 1.10 33.55
N ILE A 737 -8.60 2.21 33.44
CA ILE A 737 -8.98 3.46 34.11
C ILE A 737 -10.25 4.06 33.50
N ILE A 738 -10.61 3.71 32.26
CA ILE A 738 -11.83 4.25 31.70
C ILE A 738 -13.01 3.37 32.11
N SER A 739 -12.79 2.07 32.22
CA SER A 739 -13.87 1.17 32.61
C SER A 739 -14.23 1.30 34.08
N VAL A 740 -13.24 1.32 34.98
CA VAL A 740 -13.57 1.40 36.41
C VAL A 740 -13.37 2.79 37.02
N GLY A 741 -12.87 3.76 36.27
CA GLY A 741 -12.67 5.09 36.81
C GLY A 741 -13.74 6.09 36.43
N ALA B 1 50.94 -19.98 33.28
CA ALA B 1 51.45 -20.85 32.24
C ALA B 1 50.36 -21.79 31.72
N THR B 2 50.79 -22.86 31.06
CA THR B 2 49.86 -23.83 30.53
C THR B 2 49.27 -24.66 31.66
N LYS B 3 47.95 -24.78 31.66
CA LYS B 3 47.23 -25.54 32.67
C LYS B 3 46.98 -26.96 32.18
N LEU B 4 46.55 -27.82 33.11
CA LEU B 4 46.27 -29.20 32.74
C LEU B 4 44.92 -29.29 32.03
N PHE B 5 43.97 -28.44 32.40
CA PHE B 5 42.66 -28.47 31.75
C PHE B 5 42.57 -27.38 30.69
N PRO B 6 42.14 -27.69 29.47
CA PRO B 6 41.76 -29.03 29.03
C PRO B 6 42.94 -29.86 28.55
N LYS B 7 42.79 -31.19 28.61
CA LYS B 7 43.87 -32.09 28.19
C LYS B 7 43.79 -32.40 26.71
N PHE B 8 42.65 -32.15 26.08
CA PHE B 8 42.46 -32.44 24.67
C PHE B 8 42.78 -31.26 23.76
N SER B 9 43.15 -30.10 24.31
CA SER B 9 43.45 -28.94 23.49
C SER B 9 44.57 -28.14 24.15
N GLN B 10 45.77 -28.17 23.55
CA GLN B 10 46.87 -27.41 24.11
C GLN B 10 46.68 -25.92 23.89
N GLY B 11 45.99 -25.55 22.82
CA GLY B 11 45.72 -24.14 22.57
C GLY B 11 44.79 -23.55 23.60
N LEU B 12 43.75 -24.31 23.98
CA LEU B 12 42.82 -23.84 25.00
C LEU B 12 43.47 -23.87 26.36
N ALA B 13 44.41 -24.81 26.58
CA ALA B 13 45.10 -24.91 27.86
C ALA B 13 46.05 -23.75 28.08
N GLN B 14 46.55 -23.17 27.00
CA GLN B 14 47.46 -22.03 27.10
C GLN B 14 46.72 -20.71 27.29
N ASP B 15 45.39 -20.73 27.21
CA ASP B 15 44.59 -19.52 27.39
C ASP B 15 44.60 -19.11 28.85
N PRO B 16 45.11 -17.93 29.18
CA PRO B 16 45.16 -17.50 30.59
C PRO B 16 43.94 -16.77 31.10
N THR B 17 42.80 -16.84 30.40
CA THR B 17 41.60 -16.17 30.82
C THR B 17 40.51 -17.17 31.21
N THR B 18 39.37 -16.62 31.61
CA THR B 18 38.22 -17.45 31.98
C THR B 18 37.59 -18.12 30.78
N ARG B 19 37.93 -17.68 29.58
CA ARG B 19 37.43 -18.28 28.35
C ARG B 19 37.88 -19.73 28.22
N ARG B 20 39.01 -20.08 28.85
CA ARG B 20 39.55 -21.43 28.79
C ARG B 20 38.60 -22.44 29.42
N ILE B 21 38.04 -22.11 30.59
CA ILE B 21 37.13 -23.02 31.28
C ILE B 21 35.85 -23.23 30.48
N TRP B 22 35.24 -22.13 30.02
CA TRP B 22 34.00 -22.23 29.26
C TRP B 22 34.20 -22.99 27.96
N TYR B 23 35.29 -22.69 27.23
CA TYR B 23 35.54 -23.37 25.98
C TYR B 23 35.92 -24.83 26.19
N GLY B 24 36.64 -25.15 27.27
CA GLY B 24 36.99 -26.53 27.53
C GLY B 24 35.76 -27.35 27.89
N LEU B 25 34.81 -26.73 28.58
CA LEU B 25 33.58 -27.41 28.94
C LEU B 25 32.67 -27.59 27.74
N ALA B 26 32.67 -26.63 26.81
CA ALA B 26 31.81 -26.69 25.64
C ALA B 26 32.40 -27.47 24.47
N MET B 27 33.68 -27.86 24.52
CA MET B 27 34.30 -28.59 23.42
C MET B 27 34.79 -29.97 23.85
N ALA B 28 34.34 -30.46 25.00
CA ALA B 28 34.79 -31.77 25.47
C ALA B 28 34.25 -32.90 24.62
N HIS B 29 33.03 -32.79 24.12
CA HIS B 29 32.46 -33.84 23.30
C HIS B 29 32.84 -33.71 21.83
N ASP B 30 33.47 -32.61 21.42
CA ASP B 30 33.91 -32.44 20.05
C ASP B 30 35.20 -33.23 19.86
N PHE B 31 35.01 -34.54 19.69
CA PHE B 31 36.13 -35.47 19.57
C PHE B 31 37.01 -35.20 18.36
N GLU B 32 36.41 -34.78 17.23
CA GLU B 32 37.19 -34.51 16.03
C GLU B 32 38.12 -33.31 16.20
N SER B 33 37.80 -32.41 17.12
CA SER B 33 38.59 -31.21 17.36
C SER B 33 39.64 -31.34 18.45
N HIS B 34 39.90 -32.55 18.96
CA HIS B 34 40.91 -32.67 20.00
C HIS B 34 42.31 -32.72 19.39
N ASP B 35 43.30 -32.85 20.27
CA ASP B 35 44.68 -32.91 19.83
C ASP B 35 45.10 -34.35 19.59
N GLY B 36 45.60 -34.62 18.38
CA GLY B 36 46.01 -35.97 18.03
C GLY B 36 44.86 -36.93 17.92
N MET B 37 43.86 -36.60 17.12
CA MET B 37 42.70 -37.47 16.95
C MET B 37 42.71 -38.13 15.58
N THR B 38 42.55 -39.45 15.58
CA THR B 38 42.49 -40.26 14.38
C THR B 38 41.07 -40.78 14.23
N GLU B 39 40.83 -41.53 13.14
CA GLU B 39 39.49 -42.07 12.91
C GLU B 39 39.17 -43.21 13.87
N GLU B 40 40.11 -44.14 14.05
CA GLU B 40 39.90 -45.28 14.93
C GLU B 40 39.69 -44.85 16.37
N ASN B 41 40.51 -43.92 16.85
CA ASN B 41 40.36 -43.42 18.21
C ASN B 41 39.04 -42.69 18.38
N LEU B 42 38.63 -41.95 17.34
CA LEU B 42 37.35 -41.24 17.36
C LEU B 42 36.19 -42.19 17.55
N TYR B 43 36.16 -43.27 16.75
CA TYR B 43 35.09 -44.24 16.87
C TYR B 43 35.11 -44.94 18.23
N GLN B 44 36.31 -45.22 18.76
CA GLN B 44 36.38 -45.86 20.06
C GLN B 44 35.83 -44.95 21.17
N LYS B 45 36.15 -43.66 21.09
CA LYS B 45 35.65 -42.70 22.08
C LYS B 45 34.13 -42.61 22.01
N ILE B 46 33.58 -42.64 20.79
CA ILE B 46 32.13 -42.59 20.66
C ILE B 46 31.49 -43.87 21.21
N PHE B 47 32.16 -45.01 21.02
CA PHE B 47 31.66 -46.28 21.54
C PHE B 47 31.55 -46.24 23.06
N ALA B 48 32.61 -45.72 23.70
CA ALA B 48 32.61 -45.60 25.16
C ALA B 48 31.52 -44.63 25.61
N SER B 49 31.34 -43.53 24.87
CA SER B 49 30.31 -42.56 25.22
C SER B 49 28.93 -43.17 25.12
N HIS B 50 28.71 -44.02 24.11
CA HIS B 50 27.44 -44.69 23.94
C HIS B 50 27.14 -45.58 25.13
N PHE B 51 28.16 -46.33 25.58
CA PHE B 51 27.97 -47.21 26.74
C PHE B 51 27.65 -46.40 28.00
N GLY B 52 28.36 -45.27 28.17
CA GLY B 52 28.10 -44.44 29.35
C GLY B 52 26.71 -43.85 29.34
N GLN B 53 26.22 -43.47 28.16
CA GLN B 53 24.87 -42.93 28.04
C GLN B 53 23.83 -44.00 28.36
N LEU B 54 24.07 -45.23 27.87
CA LEU B 54 23.15 -46.33 28.16
C LEU B 54 23.11 -46.61 29.65
N SER B 55 24.27 -46.55 30.31
CA SER B 55 24.32 -46.78 31.75
C SER B 55 23.54 -45.71 32.50
N ILE B 56 23.66 -44.46 32.06
CA ILE B 56 22.93 -43.36 32.69
C ILE B 56 21.43 -43.55 32.53
N ILE B 57 20.98 -43.95 31.33
CA ILE B 57 19.56 -44.15 31.06
C ILE B 57 19.00 -45.26 31.95
N PHE B 58 19.72 -46.39 32.02
CA PHE B 58 19.25 -47.51 32.83
C PHE B 58 19.25 -47.18 34.31
N LEU B 59 20.26 -46.44 34.78
CA LEU B 59 20.31 -46.07 36.19
C LEU B 59 19.17 -45.12 36.54
N TRP B 60 18.83 -44.22 35.62
CA TRP B 60 17.72 -43.29 35.85
C TRP B 60 16.40 -44.05 35.92
N THR B 61 16.23 -45.05 35.03
CA THR B 61 15.01 -45.86 35.06
C THR B 61 14.90 -46.63 36.37
N SER B 62 16.03 -47.18 36.83
CA SER B 62 16.04 -47.92 38.08
C SER B 62 15.72 -47.00 39.25
N GLY B 63 16.20 -45.75 39.18
CA GLY B 63 15.90 -44.80 40.24
C GLY B 63 14.42 -44.47 40.31
N ASN B 64 13.77 -44.35 39.14
CA ASN B 64 12.35 -44.08 39.12
C ASN B 64 11.57 -45.25 39.72
N LEU B 65 11.95 -46.48 39.34
CA LEU B 65 11.30 -47.68 39.86
C LEU B 65 11.46 -47.78 41.38
N PHE B 66 12.67 -47.52 41.86
CA PHE B 66 12.97 -47.59 43.28
C PHE B 66 12.18 -46.56 44.07
N HIS B 67 12.08 -45.33 43.57
CA HIS B 67 11.35 -44.32 44.32
C HIS B 67 9.86 -44.59 44.31
N VAL B 68 9.33 -45.16 43.23
CA VAL B 68 7.91 -45.48 43.21
C VAL B 68 7.62 -46.63 44.17
N ALA B 69 8.55 -47.59 44.28
CA ALA B 69 8.34 -48.70 45.19
C ALA B 69 8.54 -48.29 46.65
N TRP B 70 9.36 -47.28 46.90
CA TRP B 70 9.64 -46.85 48.26
C TRP B 70 8.68 -45.78 48.78
N GLN B 71 8.61 -44.63 48.13
CA GLN B 71 7.74 -43.56 48.60
C GLN B 71 6.41 -43.46 47.85
N GLY B 72 6.23 -44.21 46.77
CA GLY B 72 5.00 -44.17 46.02
C GLY B 72 3.91 -45.00 46.67
N ASN B 73 2.72 -44.89 46.07
CA ASN B 73 1.53 -45.61 46.53
C ASN B 73 1.01 -46.52 45.42
N PHE B 74 1.92 -47.26 44.78
CA PHE B 74 1.52 -48.15 43.69
C PHE B 74 0.64 -49.30 44.17
N GLU B 75 0.86 -49.78 45.39
CA GLU B 75 0.04 -50.89 45.88
C GLU B 75 -1.39 -50.45 46.14
N GLN B 76 -1.61 -49.16 46.42
CA GLN B 76 -2.95 -48.66 46.66
C GLN B 76 -3.56 -48.03 45.42
N TRP B 77 -2.72 -47.57 44.49
CA TRP B 77 -3.22 -46.95 43.26
C TRP B 77 -3.81 -47.99 42.33
N VAL B 78 -3.29 -49.21 42.34
CA VAL B 78 -3.82 -50.25 41.46
C VAL B 78 -5.22 -50.68 41.86
N THR B 79 -5.57 -50.56 43.14
CA THR B 79 -6.90 -50.95 43.58
C THR B 79 -7.94 -49.91 43.16
N ASP B 80 -7.55 -48.63 43.12
CA ASP B 80 -8.45 -47.54 42.74
C ASP B 80 -7.69 -46.57 41.84
N PRO B 81 -7.52 -46.91 40.57
CA PRO B 81 -6.78 -46.04 39.64
C PRO B 81 -7.59 -44.90 39.07
N VAL B 82 -8.75 -44.57 39.63
CA VAL B 82 -9.57 -43.48 39.12
C VAL B 82 -9.63 -42.34 40.12
N HIS B 83 -9.71 -42.67 41.41
CA HIS B 83 -9.81 -41.67 42.46
C HIS B 83 -8.56 -41.52 43.32
N ILE B 84 -7.44 -42.13 42.95
CA ILE B 84 -6.21 -42.03 43.73
C ILE B 84 -5.13 -41.44 42.85
N ARG B 85 -4.48 -40.38 43.34
CA ARG B 85 -3.43 -39.71 42.57
C ARG B 85 -2.10 -40.41 42.78
N PRO B 86 -1.29 -40.58 41.73
CA PRO B 86 0.00 -41.24 41.89
C PRO B 86 0.98 -40.36 42.64
N ILE B 87 1.94 -40.99 43.31
CA ILE B 87 2.95 -40.29 44.09
C ILE B 87 4.30 -40.56 43.44
N ALA B 88 5.05 -39.48 43.17
CA ALA B 88 6.37 -39.61 42.55
C ALA B 88 7.41 -40.03 43.57
N HIS B 89 7.62 -39.20 44.59
CA HIS B 89 8.59 -39.46 45.65
C HIS B 89 8.28 -38.52 46.81
N ALA B 90 8.93 -38.78 47.94
CA ALA B 90 8.71 -37.92 49.09
C ALA B 90 9.52 -36.63 48.96
N ILE B 91 9.23 -35.69 49.84
CA ILE B 91 9.89 -34.40 49.87
C ILE B 91 10.52 -34.22 51.24
N TRP B 92 11.81 -33.91 51.27
CA TRP B 92 12.52 -33.64 52.51
C TRP B 92 13.19 -32.28 52.30
N ASP B 93 12.48 -31.22 52.67
CA ASP B 93 12.98 -29.87 52.53
C ASP B 93 12.95 -29.18 53.88
N PRO B 94 14.11 -28.84 54.46
CA PRO B 94 14.10 -28.16 55.76
C PRO B 94 13.55 -26.75 55.68
N HIS B 95 13.42 -26.20 54.47
CA HIS B 95 12.90 -24.85 54.29
C HIS B 95 11.38 -24.81 54.43
N PHE B 96 10.70 -25.95 54.30
CA PHE B 96 9.25 -25.97 54.43
C PHE B 96 8.80 -25.70 55.85
N GLY B 97 7.80 -24.85 55.98
CA GLY B 97 7.21 -24.57 57.27
C GLY B 97 6.06 -25.53 57.48
N GLN B 98 5.28 -25.27 58.53
CA GLN B 98 4.13 -26.13 58.79
C GLN B 98 3.09 -26.11 57.67
N PRO B 99 2.65 -24.94 57.14
CA PRO B 99 1.66 -25.00 56.05
C PRO B 99 2.14 -25.73 54.81
N ALA B 100 3.43 -25.65 54.50
CA ALA B 100 3.93 -26.37 53.33
C ALA B 100 3.89 -27.87 53.56
N VAL B 101 4.18 -28.30 54.79
CA VAL B 101 4.17 -29.72 55.10
C VAL B 101 2.75 -30.28 55.00
N GLU B 102 1.77 -29.57 55.57
CA GLU B 102 0.41 -30.10 55.43
C GLU B 102 -0.17 -29.85 54.04
N ALA B 103 0.35 -28.89 53.29
CA ALA B 103 -0.17 -28.63 51.95
C ALA B 103 0.30 -29.69 50.97
N PHE B 104 1.56 -30.12 51.08
CA PHE B 104 2.06 -31.14 50.18
C PHE B 104 1.71 -32.55 50.62
N THR B 105 1.22 -32.71 51.85
CA THR B 105 0.81 -34.00 52.37
C THR B 105 -0.52 -34.33 51.73
N ARG B 106 -0.47 -35.12 50.67
CA ARG B 106 -1.67 -35.51 49.95
C ARG B 106 -1.41 -36.87 49.31
N GLY B 107 -2.45 -37.43 48.70
CA GLY B 107 -2.33 -38.73 48.05
C GLY B 107 -2.27 -39.90 49.01
N GLY B 108 -2.78 -39.74 50.23
CA GLY B 108 -2.77 -40.81 51.21
C GLY B 108 -1.43 -41.10 51.84
N ALA B 109 -0.46 -40.22 51.69
CA ALA B 109 0.86 -40.44 52.27
C ALA B 109 0.91 -39.93 53.70
N SER B 110 2.04 -40.18 54.35
CA SER B 110 2.26 -39.77 55.72
C SER B 110 3.12 -38.50 55.81
N GLY B 111 3.54 -37.95 54.69
CA GLY B 111 4.36 -36.76 54.67
C GLY B 111 4.25 -36.02 53.35
N PRO B 112 5.06 -34.99 53.17
CA PRO B 112 5.01 -34.23 51.91
C PRO B 112 5.59 -35.04 50.76
N VAL B 113 4.78 -35.24 49.72
CA VAL B 113 5.17 -36.01 48.54
C VAL B 113 4.78 -35.23 47.30
N ASN B 114 5.40 -35.61 46.17
CA ASN B 114 5.12 -35.01 44.86
C ASN B 114 4.22 -35.95 44.08
N ILE B 115 3.16 -35.39 43.48
CA ILE B 115 2.24 -36.17 42.67
C ILE B 115 2.84 -36.26 41.27
N SER B 116 3.09 -37.49 40.81
CA SER B 116 3.72 -37.69 39.51
C SER B 116 2.79 -37.37 38.35
N THR B 117 3.39 -36.92 37.24
CA THR B 117 2.70 -36.61 36.00
C THR B 117 3.33 -37.35 34.82
N SER B 118 4.34 -38.17 35.07
CA SER B 118 5.03 -38.91 34.01
C SER B 118 4.24 -40.09 33.46
N GLY B 119 3.24 -40.59 34.18
CA GLY B 119 2.47 -41.71 33.68
C GLY B 119 3.13 -43.07 33.78
N VAL B 120 4.15 -43.22 34.64
CA VAL B 120 4.79 -44.52 34.77
C VAL B 120 3.90 -45.50 35.52
N TYR B 121 2.96 -45.00 36.32
CA TYR B 121 2.06 -45.87 37.07
C TYR B 121 1.17 -46.67 36.14
N GLN B 122 0.55 -45.99 35.17
CA GLN B 122 -0.33 -46.65 34.22
C GLN B 122 0.43 -47.63 33.35
N TRP B 123 1.63 -47.26 32.92
CA TRP B 123 2.45 -48.13 32.08
C TRP B 123 2.87 -49.38 32.82
N TRP B 124 3.37 -49.22 34.05
CA TRP B 124 3.81 -50.37 34.84
C TRP B 124 2.63 -51.25 35.23
N TYR B 125 1.47 -50.64 35.50
CA TYR B 125 0.30 -51.42 35.86
C TYR B 125 -0.21 -52.21 34.65
N THR B 126 -0.09 -51.62 33.46
CA THR B 126 -0.54 -52.30 32.25
C THR B 126 0.38 -53.45 31.88
N ILE B 127 1.69 -53.28 32.02
CA ILE B 127 2.61 -54.35 31.64
C ILE B 127 2.64 -55.50 32.65
N GLY B 128 2.10 -55.33 33.85
CA GLY B 128 2.11 -56.43 34.78
C GLY B 128 2.53 -56.18 36.22
N MET B 129 3.00 -54.98 36.55
CA MET B 129 3.42 -54.71 37.92
C MET B 129 2.20 -54.55 38.81
N ARG B 130 2.20 -55.24 39.95
CA ARG B 130 1.06 -55.18 40.87
C ARG B 130 1.49 -54.83 42.28
N THR B 131 2.62 -55.35 42.72
CA THR B 131 3.14 -55.11 44.07
C THR B 131 4.42 -54.30 44.00
N ASN B 132 4.80 -53.75 45.15
CA ASN B 132 6.04 -52.96 45.22
C ASN B 132 7.26 -53.84 45.09
N GLN B 133 7.11 -55.14 45.38
CA GLN B 133 8.23 -56.07 45.26
C GLN B 133 8.67 -56.18 43.82
N ASP B 134 7.72 -56.13 42.88
CA ASP B 134 8.04 -56.20 41.46
C ASP B 134 8.87 -54.99 41.04
N LEU B 135 8.48 -53.81 41.52
CA LEU B 135 9.21 -52.59 41.20
C LEU B 135 10.60 -52.62 41.80
N TYR B 136 10.73 -53.15 43.02
CA TYR B 136 12.04 -53.25 43.65
C TYR B 136 12.97 -54.19 42.89
N VAL B 137 12.43 -55.33 42.45
CA VAL B 137 13.22 -56.29 41.68
C VAL B 137 13.62 -55.68 40.34
N GLY B 138 12.71 -54.95 39.71
CA GLY B 138 13.03 -54.30 38.45
C GLY B 138 14.09 -53.23 38.61
N SER B 139 14.03 -52.48 39.71
CA SER B 139 15.02 -51.44 39.97
C SER B 139 16.40 -52.05 40.22
N VAL B 140 16.45 -53.15 40.96
CA VAL B 140 17.73 -53.81 41.22
C VAL B 140 18.31 -54.37 39.93
N PHE B 141 17.46 -54.99 39.10
CA PHE B 141 17.90 -55.56 37.84
C PHE B 141 18.41 -54.46 36.89
N LEU B 142 17.71 -53.34 36.81
CA LEU B 142 18.15 -52.27 35.94
C LEU B 142 19.41 -51.60 36.46
N ALA B 143 19.60 -51.53 37.78
CA ALA B 143 20.83 -50.96 38.32
C ALA B 143 22.02 -51.85 37.99
N LEU B 144 21.83 -53.17 38.11
CA LEU B 144 22.91 -54.09 37.76
C LEU B 144 23.22 -54.05 36.26
N VAL B 145 22.18 -53.88 35.43
CA VAL B 145 22.41 -53.78 33.99
C VAL B 145 23.17 -52.50 33.67
N SER B 146 22.84 -51.40 34.36
CA SER B 146 23.56 -50.15 34.16
C SER B 146 25.02 -50.28 34.57
N ALA B 147 25.27 -51.00 35.67
CA ALA B 147 26.65 -51.20 36.11
C ALA B 147 27.42 -52.03 35.10
N ILE B 148 26.77 -53.05 34.51
CA ILE B 148 27.42 -53.87 33.50
C ILE B 148 27.74 -53.03 32.26
N PHE B 149 26.82 -52.12 31.89
CA PHE B 149 27.08 -51.26 30.73
C PHE B 149 28.24 -50.31 31.01
N LEU B 150 28.34 -49.79 32.23
CA LEU B 150 29.46 -48.91 32.59
C LEU B 150 30.77 -49.67 32.54
N PHE B 151 30.77 -50.91 33.04
CA PHE B 151 31.97 -51.72 33.00
C PHE B 151 32.36 -52.04 31.57
N ALA B 152 31.37 -52.28 30.71
CA ALA B 152 31.63 -52.56 29.31
C ALA B 152 32.22 -51.33 28.63
N GLY B 153 31.76 -50.15 29.01
CA GLY B 153 32.31 -48.93 28.45
C GLY B 153 33.76 -48.72 28.86
N TRP B 154 34.09 -49.11 30.09
CA TRP B 154 35.47 -48.98 30.52
C TRP B 154 36.35 -50.05 29.88
N LEU B 155 35.81 -51.26 29.73
CA LEU B 155 36.55 -52.38 29.18
C LEU B 155 36.85 -52.21 27.71
N HIS B 156 35.92 -51.66 26.94
CA HIS B 156 36.18 -51.52 25.50
C HIS B 156 37.23 -50.48 25.16
N LEU B 157 37.73 -49.67 26.09
CA LEU B 157 38.78 -48.71 25.78
C LEU B 157 40.18 -49.22 26.03
N GLN B 158 40.32 -50.29 26.79
CA GLN B 158 41.60 -50.89 27.11
C GLN B 158 42.12 -51.73 25.96
N PRO B 159 43.44 -51.94 25.88
CA PRO B 159 44.00 -52.77 24.80
C PRO B 159 43.50 -54.20 24.89
N ASN B 160 43.45 -54.87 23.74
CA ASN B 160 42.98 -56.23 23.47
C ASN B 160 41.45 -56.25 23.48
N PHE B 161 40.80 -55.10 23.64
CA PHE B 161 39.36 -55.02 23.65
C PHE B 161 38.84 -53.87 22.79
N GLN B 162 39.73 -53.03 22.26
CA GLN B 162 39.31 -51.91 21.41
C GLN B 162 38.98 -52.43 20.02
N PRO B 163 37.81 -52.13 19.48
CA PRO B 163 37.48 -52.60 18.13
C PRO B 163 38.29 -51.88 17.07
N SER B 164 38.50 -52.57 15.95
CA SER B 164 39.25 -52.02 14.85
C SER B 164 38.42 -51.01 14.07
N LEU B 165 39.08 -50.24 13.21
CA LEU B 165 38.38 -49.24 12.41
C LEU B 165 37.47 -49.90 11.38
N SER B 166 37.89 -51.04 10.81
CA SER B 166 37.05 -51.72 9.84
C SER B 166 35.81 -52.32 10.49
N TRP B 167 35.89 -52.66 11.78
CA TRP B 167 34.74 -53.22 12.47
C TRP B 167 33.62 -52.20 12.60
N PHE B 168 33.98 -50.94 12.84
CA PHE B 168 32.99 -49.89 12.98
C PHE B 168 32.32 -49.52 11.66
N LYS B 169 32.93 -49.88 10.54
CA LYS B 169 32.39 -49.55 9.23
C LYS B 169 31.67 -50.72 8.56
N ASP B 170 31.36 -51.79 9.30
CA ASP B 170 30.65 -52.94 8.76
C ASP B 170 29.15 -52.59 8.78
N ALA B 171 28.74 -51.82 7.78
CA ALA B 171 27.35 -51.38 7.70
C ALA B 171 26.38 -52.53 7.45
N GLU B 172 26.74 -53.48 6.59
CA GLU B 172 25.85 -54.59 6.28
C GLU B 172 25.59 -55.45 7.51
N SER B 173 26.64 -55.85 8.22
CA SER B 173 26.49 -56.69 9.40
C SER B 173 25.75 -55.97 10.52
N ARG B 174 26.09 -54.71 10.76
CA ARG B 174 25.45 -53.94 11.82
C ARG B 174 23.97 -53.73 11.54
N LEU B 175 23.63 -53.41 10.29
CA LEU B 175 22.23 -53.20 9.96
C LEU B 175 21.44 -54.51 9.98
N ASN B 176 22.05 -55.62 9.55
CA ASN B 176 21.34 -56.89 9.61
C ASN B 176 21.09 -57.31 11.06
N HIS B 177 22.08 -57.10 11.93
CA HIS B 177 21.91 -57.47 13.33
C HIS B 177 20.95 -56.53 14.05
N HIS B 178 20.89 -55.26 13.66
CA HIS B 178 19.94 -54.37 14.33
C HIS B 178 18.52 -54.62 13.84
N LEU B 179 18.35 -55.00 12.58
CA LEU B 179 17.00 -55.25 12.10
C LEU B 179 16.49 -56.60 12.58
N SER B 180 17.36 -57.60 12.66
CA SER B 180 16.93 -58.93 13.07
C SER B 180 17.01 -59.14 14.58
N GLY B 181 18.09 -58.68 15.21
CA GLY B 181 18.26 -58.89 16.64
C GLY B 181 17.76 -57.80 17.59
N LEU B 182 18.21 -56.55 17.41
CA LEU B 182 17.78 -55.49 18.30
C LEU B 182 16.33 -55.10 18.09
N PHE B 183 15.79 -55.32 16.88
CA PHE B 183 14.41 -54.96 16.58
C PHE B 183 13.46 -56.15 16.58
N GLY B 184 13.85 -57.24 15.91
CA GLY B 184 12.96 -58.39 15.83
C GLY B 184 12.95 -59.24 17.09
N VAL B 185 14.12 -59.64 17.58
CA VAL B 185 14.18 -60.48 18.77
C VAL B 185 13.65 -59.74 19.99
N SER B 186 13.92 -58.43 20.10
CA SER B 186 13.42 -57.66 21.22
C SER B 186 11.90 -57.58 21.19
N SER B 187 11.33 -57.39 20.00
CA SER B 187 9.87 -57.33 19.87
C SER B 187 9.26 -58.70 20.14
N LEU B 188 9.95 -59.77 19.73
CA LEU B 188 9.46 -61.12 19.99
C LEU B 188 9.48 -61.41 21.49
N ALA B 189 10.51 -60.94 22.18
CA ALA B 189 10.60 -61.11 23.62
C ALA B 189 9.50 -60.33 24.31
N TRP B 190 9.18 -59.15 23.78
CA TRP B 190 8.10 -58.37 24.38
C TRP B 190 6.77 -59.06 24.17
N THR B 191 6.61 -59.73 23.02
CA THR B 191 5.39 -60.49 22.78
C THR B 191 5.29 -61.63 23.76
N GLY B 192 6.43 -62.27 24.06
CA GLY B 192 6.45 -63.34 25.02
C GLY B 192 6.09 -62.86 26.41
N HIS B 193 6.53 -61.65 26.78
CA HIS B 193 6.19 -61.12 28.09
C HIS B 193 4.71 -60.77 28.16
N LEU B 194 4.17 -60.16 27.10
CA LEU B 194 2.76 -59.79 27.09
C LEU B 194 1.87 -61.02 27.18
N VAL B 195 2.19 -62.07 26.41
CA VAL B 195 1.39 -63.29 26.43
C VAL B 195 1.57 -64.06 27.72
N HIS B 196 2.79 -64.12 28.26
CA HIS B 196 3.06 -64.87 29.47
C HIS B 196 2.82 -64.11 30.77
N VAL B 197 2.99 -62.80 30.79
CA VAL B 197 2.83 -62.07 32.05
C VAL B 197 1.72 -61.04 32.06
N ALA B 198 1.79 -60.07 31.14
CA ALA B 198 0.80 -58.97 31.11
C ALA B 198 -0.63 -59.48 30.92
N ILE B 199 -0.85 -60.34 29.92
CA ILE B 199 -2.21 -60.87 29.68
C ILE B 199 -2.72 -61.69 30.86
N PRO B 200 -1.95 -62.62 31.46
CA PRO B 200 -2.50 -63.32 32.63
C PRO B 200 -2.63 -62.43 33.85
N GLU B 201 -1.77 -61.42 34.02
CA GLU B 201 -1.89 -60.55 35.18
C GLU B 201 -3.10 -59.63 35.08
N SER B 202 -3.48 -59.24 33.85
CA SER B 202 -4.64 -58.38 33.68
C SER B 202 -5.95 -59.13 33.88
N ARG B 203 -5.91 -60.47 33.92
CA ARG B 203 -7.10 -61.28 34.11
C ARG B 203 -7.20 -61.85 35.52
N GLY B 204 -6.46 -61.27 36.48
CA GLY B 204 -6.50 -61.72 37.85
C GLY B 204 -5.62 -62.88 38.23
N GLN B 205 -4.70 -63.28 37.36
CA GLN B 205 -3.81 -64.40 37.66
C GLN B 205 -2.39 -63.88 37.81
N HIS B 206 -1.81 -64.07 39.00
CA HIS B 206 -0.44 -63.62 39.24
C HIS B 206 0.55 -64.61 38.66
N VAL B 207 1.32 -64.16 37.67
CA VAL B 207 2.33 -64.96 37.01
C VAL B 207 3.66 -64.25 37.19
N GLY B 208 4.59 -64.89 37.88
CA GLY B 208 5.89 -64.32 38.11
C GLY B 208 7.01 -65.31 37.86
N TRP B 209 8.24 -64.95 38.23
CA TRP B 209 9.38 -65.83 38.02
C TRP B 209 9.27 -67.14 38.80
N ASP B 210 8.46 -67.15 39.87
CA ASP B 210 8.29 -68.35 40.70
C ASP B 210 7.24 -69.31 40.17
N ASN B 211 6.38 -68.90 39.22
CA ASN B 211 5.36 -69.81 38.73
C ASN B 211 5.08 -69.69 37.24
N PHE B 212 5.92 -69.01 36.46
CA PHE B 212 5.63 -68.90 35.03
C PHE B 212 6.03 -70.14 34.26
N LEU B 213 6.87 -71.00 34.83
CA LEU B 213 7.28 -72.21 34.14
C LEU B 213 6.26 -73.33 34.27
N SER B 214 5.23 -73.16 35.09
CA SER B 214 4.20 -74.18 35.29
C SER B 214 2.81 -73.70 34.92
N VAL B 215 2.64 -72.42 34.57
CA VAL B 215 1.35 -71.86 34.19
C VAL B 215 1.32 -71.73 32.68
N LEU B 216 0.29 -72.31 32.04
CA LEU B 216 0.13 -72.27 30.59
C LEU B 216 -0.57 -70.99 30.17
N PRO B 217 0.00 -70.23 29.21
CA PRO B 217 -0.65 -69.00 28.77
C PRO B 217 -1.91 -69.24 27.96
N HIS B 218 -2.08 -70.43 27.40
CA HIS B 218 -3.24 -70.78 26.62
C HIS B 218 -3.66 -72.20 26.94
N PRO B 219 -4.96 -72.51 26.94
CA PRO B 219 -5.40 -73.88 27.26
C PRO B 219 -4.98 -74.93 26.24
N GLN B 220 -4.59 -74.54 25.04
CA GLN B 220 -4.16 -75.52 24.04
C GLN B 220 -2.67 -75.83 24.11
N GLY B 221 -1.88 -74.97 24.76
CA GLY B 221 -0.46 -75.17 24.95
C GLY B 221 0.49 -75.40 23.78
N LEU B 222 0.72 -74.37 22.96
CA LEU B 222 1.62 -74.35 21.81
C LEU B 222 1.25 -75.28 20.66
N THR B 223 0.19 -76.06 20.81
CA THR B 223 -0.23 -76.96 19.74
C THR B 223 -0.75 -76.24 18.50
N PRO B 224 -1.62 -75.21 18.59
CA PRO B 224 -2.07 -74.55 17.34
C PRO B 224 -0.97 -73.84 16.60
N PHE B 225 0.11 -73.44 17.28
CA PHE B 225 1.20 -72.77 16.59
C PHE B 225 1.94 -73.75 15.69
N PHE B 226 2.26 -74.94 16.20
CA PHE B 226 2.96 -75.94 15.42
C PHE B 226 2.07 -76.57 14.36
N THR B 227 0.76 -76.67 14.62
CA THR B 227 -0.14 -77.26 13.62
C THR B 227 -0.66 -76.24 12.62
N GLY B 228 -0.26 -74.98 12.71
CA GLY B 228 -0.70 -73.96 11.79
C GLY B 228 -2.10 -73.44 11.99
N ASN B 229 -2.80 -73.87 13.04
CA ASN B 229 -4.16 -73.41 13.32
C ASN B 229 -4.11 -72.23 14.29
N TRP B 230 -3.44 -71.17 13.83
CA TRP B 230 -3.26 -69.97 14.65
C TRP B 230 -4.58 -69.28 14.96
N ALA B 231 -5.63 -69.52 14.17
CA ALA B 231 -6.94 -68.91 14.41
C ALA B 231 -7.54 -69.34 15.74
N ALA B 232 -7.06 -70.44 16.32
CA ALA B 232 -7.56 -70.86 17.61
C ALA B 232 -7.05 -69.98 18.73
N TYR B 233 -6.00 -69.21 18.50
CA TYR B 233 -5.48 -68.33 19.54
C TYR B 233 -6.35 -67.11 19.77
N ALA B 234 -7.11 -66.68 18.77
CA ALA B 234 -7.98 -65.52 18.88
C ALA B 234 -9.37 -65.87 19.38
N GLN B 235 -9.63 -67.16 19.64
CA GLN B 235 -10.93 -67.60 20.13
C GLN B 235 -11.12 -67.20 21.58
N SER B 236 -12.37 -66.86 21.93
CA SER B 236 -12.81 -66.45 23.27
C SER B 236 -12.02 -65.26 23.79
N PRO B 237 -12.20 -64.06 23.23
CA PRO B 237 -11.45 -62.90 23.73
C PRO B 237 -12.11 -62.26 24.93
N ASP B 238 -11.58 -61.13 25.39
CA ASP B 238 -12.16 -60.43 26.53
C ASP B 238 -13.48 -59.80 26.12
N THR B 239 -14.51 -60.00 26.92
CA THR B 239 -15.83 -59.46 26.62
C THR B 239 -15.90 -57.97 26.96
N ALA B 240 -17.05 -57.37 26.64
CA ALA B 240 -17.26 -55.95 26.88
C ALA B 240 -17.44 -55.62 28.36
N SER B 241 -17.63 -56.61 29.24
CA SER B 241 -17.80 -56.38 30.66
C SER B 241 -16.57 -56.80 31.46
N HIS B 242 -15.42 -56.85 30.83
CA HIS B 242 -14.20 -57.26 31.52
C HIS B 242 -13.70 -56.17 32.44
N VAL B 243 -13.30 -56.56 33.64
CA VAL B 243 -12.76 -55.64 34.63
C VAL B 243 -11.26 -55.87 34.64
N PHE B 244 -10.49 -54.79 34.45
CA PHE B 244 -9.04 -54.90 34.42
C PHE B 244 -8.49 -55.28 35.78
N GLY B 245 -7.63 -56.30 35.81
CA GLY B 245 -7.02 -56.78 37.03
C GLY B 245 -7.75 -57.92 37.70
N THR B 246 -8.97 -58.22 37.29
CA THR B 246 -9.76 -59.30 37.86
C THR B 246 -10.13 -60.29 36.77
N ALA B 247 -10.76 -61.39 37.19
CA ALA B 247 -11.18 -62.42 36.26
C ALA B 247 -12.63 -62.25 35.82
N GLN B 248 -13.30 -61.18 36.21
CA GLN B 248 -14.69 -60.96 35.82
C GLN B 248 -14.79 -60.61 34.35
N GLY B 249 -15.41 -61.49 33.56
CA GLY B 249 -15.58 -61.29 32.14
C GLY B 249 -14.29 -61.39 31.33
N SER B 250 -13.27 -62.05 31.86
CA SER B 250 -12.01 -62.19 31.16
C SER B 250 -12.02 -63.40 30.23
N GLY B 251 -11.48 -63.19 29.02
CA GLY B 251 -11.39 -64.21 28.02
C GLY B 251 -10.13 -65.05 28.16
N GLN B 252 -9.93 -65.93 27.18
CA GLN B 252 -8.78 -66.82 27.16
C GLN B 252 -7.89 -66.63 25.94
N ALA B 253 -8.18 -65.64 25.09
CA ALA B 253 -7.38 -65.43 23.90
C ALA B 253 -6.10 -64.67 24.23
N ILE B 254 -5.07 -64.89 23.42
CA ILE B 254 -3.79 -64.23 23.61
C ILE B 254 -3.37 -63.37 22.43
N LEU B 255 -3.89 -63.60 21.24
CA LEU B 255 -3.52 -62.80 20.06
C LEU B 255 -4.77 -62.50 19.24
N THR B 256 -5.33 -61.30 19.41
CA THR B 256 -6.51 -60.89 18.68
C THR B 256 -6.24 -59.55 17.99
N PHE B 257 -7.21 -59.11 17.22
CA PHE B 257 -7.16 -57.82 16.51
C PHE B 257 -8.54 -57.19 16.55
N LEU B 258 -9.12 -57.15 17.76
CA LEU B 258 -10.45 -56.57 17.95
C LEU B 258 -10.48 -55.07 17.63
N GLY B 259 -9.39 -54.37 17.90
CA GLY B 259 -9.34 -52.94 17.63
C GLY B 259 -10.07 -52.13 18.68
N GLY B 260 -10.10 -50.83 18.45
CA GLY B 260 -10.76 -49.93 19.37
C GLY B 260 -10.04 -49.82 20.70
N PHE B 261 -10.82 -49.62 21.76
CA PHE B 261 -10.28 -49.49 23.11
C PHE B 261 -11.07 -50.35 24.08
N HIS B 262 -10.47 -50.57 25.24
CA HIS B 262 -11.12 -51.34 26.29
C HIS B 262 -12.26 -50.49 26.85
N PRO B 263 -13.44 -51.06 27.08
CA PRO B 263 -14.56 -50.25 27.60
C PRO B 263 -14.31 -49.61 28.95
N GLN B 264 -13.57 -50.25 29.85
CA GLN B 264 -13.35 -49.64 31.16
C GLN B 264 -12.14 -48.73 31.20
N THR B 265 -10.96 -49.26 30.91
CA THR B 265 -9.72 -48.50 30.95
C THR B 265 -9.59 -47.47 29.85
N GLN B 266 -10.39 -47.56 28.79
CA GLN B 266 -10.35 -46.66 27.63
C GLN B 266 -8.95 -46.67 27.02
N SER B 267 -8.35 -47.86 26.96
CA SER B 267 -7.02 -48.04 26.42
C SER B 267 -7.03 -49.24 25.49
N LEU B 268 -5.93 -49.41 24.77
CA LEU B 268 -5.79 -50.50 23.81
C LEU B 268 -5.79 -51.86 24.49
N TRP B 269 -6.32 -52.85 23.78
CA TRP B 269 -6.37 -54.21 24.28
C TRP B 269 -4.96 -54.79 24.35
N LEU B 270 -4.72 -55.60 25.37
CA LEU B 270 -3.41 -56.21 25.52
C LEU B 270 -3.17 -57.29 24.46
N THR B 271 -4.22 -58.03 24.08
CA THR B 271 -4.07 -59.07 23.08
C THR B 271 -3.71 -58.46 21.72
N ASP B 272 -4.31 -57.32 21.39
CA ASP B 272 -4.00 -56.64 20.14
C ASP B 272 -2.57 -56.14 20.14
N MET B 273 -2.09 -55.64 21.28
CA MET B 273 -0.71 -55.16 21.36
C MET B 273 0.28 -56.32 21.23
N ALA B 274 -0.05 -57.47 21.84
CA ALA B 274 0.81 -58.63 21.72
C ALA B 274 0.85 -59.13 20.28
N HIS B 275 -0.30 -59.17 19.62
CA HIS B 275 -0.38 -59.58 18.22
C HIS B 275 0.42 -58.63 17.35
N HIS B 276 0.35 -57.33 17.67
CA HIS B 276 1.09 -56.31 16.94
C HIS B 276 2.58 -56.54 17.04
N HIS B 277 3.07 -56.74 18.27
CA HIS B 277 4.49 -56.96 18.48
C HIS B 277 4.96 -58.24 17.81
N LEU B 278 4.10 -59.26 17.76
CA LEU B 278 4.48 -60.51 17.10
C LEU B 278 4.62 -60.29 15.59
N ALA B 279 3.66 -59.59 14.98
CA ALA B 279 3.70 -59.35 13.55
C ALA B 279 4.90 -58.48 13.17
N ILE B 280 5.16 -57.43 13.94
CA ILE B 280 6.30 -56.58 13.61
C ILE B 280 7.60 -57.32 13.91
N ALA B 281 7.59 -58.26 14.87
CA ALA B 281 8.80 -59.02 15.15
C ALA B 281 9.12 -59.93 13.98
N VAL B 282 8.10 -60.56 13.40
CA VAL B 282 8.31 -61.42 12.24
C VAL B 282 8.81 -60.60 11.07
N ILE B 283 8.21 -59.42 10.86
CA ILE B 283 8.63 -58.55 9.75
C ILE B 283 10.07 -58.07 9.93
N PHE B 284 10.43 -57.64 11.15
CA PHE B 284 11.79 -57.15 11.37
C PHE B 284 12.82 -58.27 11.27
N ILE B 285 12.48 -59.47 11.76
CA ILE B 285 13.41 -60.59 11.65
C ILE B 285 13.63 -60.93 10.18
N VAL B 286 12.56 -61.02 9.39
CA VAL B 286 12.70 -61.33 7.97
C VAL B 286 13.51 -60.24 7.27
N ALA B 287 13.26 -58.98 7.62
CA ALA B 287 14.01 -57.88 7.03
C ALA B 287 15.47 -57.89 7.44
N GLY B 288 15.81 -58.61 8.51
CA GLY B 288 17.19 -58.71 8.94
C GLY B 288 18.10 -59.55 8.08
N HIS B 289 17.59 -60.17 7.01
CA HIS B 289 18.39 -60.99 6.11
C HIS B 289 18.47 -60.39 4.72
N MET B 290 18.68 -59.08 4.64
CA MET B 290 18.71 -58.39 3.37
C MET B 290 20.11 -58.07 2.86
N TYR B 291 21.09 -57.95 3.73
CA TYR B 291 22.43 -57.58 3.30
C TYR B 291 23.45 -58.71 3.46
N ARG B 292 24.36 -58.78 2.47
CA ARG B 292 25.39 -59.79 2.42
C ARG B 292 26.51 -59.45 3.40
N THR B 293 26.77 -60.36 4.34
CA THR B 293 27.83 -60.12 5.32
C THR B 293 28.95 -61.14 5.22
N ASN B 294 28.67 -62.44 5.43
CA ASN B 294 29.71 -63.45 5.37
C ASN B 294 29.26 -64.77 4.75
N PHE B 295 28.07 -64.84 4.13
CA PHE B 295 27.60 -66.10 3.59
C PHE B 295 27.23 -66.04 2.12
N GLY B 296 27.78 -65.09 1.36
CA GLY B 296 27.47 -65.01 -0.06
C GLY B 296 26.14 -64.40 -0.44
N ILE B 297 25.04 -64.88 0.15
CA ILE B 297 23.71 -64.35 -0.15
C ILE B 297 23.55 -63.00 0.51
N GLY B 298 22.63 -62.20 0.00
CA GLY B 298 22.37 -60.88 0.52
C GLY B 298 22.62 -59.79 -0.50
N HIS B 299 22.63 -58.56 -0.02
CA HIS B 299 22.86 -57.39 -0.85
C HIS B 299 24.02 -56.56 -0.33
N ARG B 300 24.43 -55.62 -1.17
CA ARG B 300 25.47 -54.65 -0.87
C ARG B 300 24.82 -53.29 -1.06
N MET B 301 24.85 -52.46 -0.02
CA MET B 301 24.20 -51.15 -0.09
C MET B 301 24.86 -50.26 -1.15
N GLN B 302 26.15 -50.45 -1.39
CA GLN B 302 26.83 -49.67 -2.42
C GLN B 302 26.30 -50.01 -3.81
N ALA B 303 26.05 -51.30 -4.06
CA ALA B 303 25.54 -51.71 -5.36
C ALA B 303 24.12 -51.18 -5.59
N ILE B 304 23.28 -51.22 -4.55
CA ILE B 304 21.92 -50.71 -4.69
C ILE B 304 21.93 -49.21 -4.88
N LEU B 305 22.86 -48.53 -4.23
CA LEU B 305 22.94 -47.07 -4.40
C LEU B 305 23.44 -46.71 -5.79
N GLU B 306 24.49 -47.38 -6.25
CA GLU B 306 25.07 -47.08 -7.56
C GLU B 306 24.17 -47.53 -8.70
N ALA B 307 23.23 -48.44 -8.44
CA ALA B 307 22.32 -48.92 -9.46
C ALA B 307 20.96 -48.23 -9.40
N HIS B 308 20.93 -46.96 -9.03
CA HIS B 308 19.67 -46.22 -8.91
C HIS B 308 19.75 -44.87 -9.57
N THR B 309 20.25 -44.82 -10.80
CA THR B 309 20.32 -43.56 -11.53
C THR B 309 19.36 -43.60 -12.71
N PRO B 310 18.45 -42.63 -12.81
CA PRO B 310 17.49 -42.61 -13.92
C PRO B 310 18.18 -42.43 -15.27
N PRO B 311 17.67 -43.07 -16.32
CA PRO B 311 18.33 -42.93 -17.63
C PRO B 311 18.19 -41.56 -18.25
N SER B 312 17.15 -40.81 -17.90
CA SER B 312 16.95 -39.49 -18.47
C SER B 312 17.94 -38.46 -17.96
N GLY B 313 18.74 -38.78 -16.95
CA GLY B 313 19.68 -37.82 -16.43
C GLY B 313 19.05 -36.75 -15.59
N SER B 314 17.82 -36.96 -15.11
CA SER B 314 17.13 -35.98 -14.29
C SER B 314 17.82 -35.77 -12.95
N LEU B 315 18.36 -36.85 -12.37
CA LEU B 315 19.06 -36.79 -11.10
C LEU B 315 20.57 -36.73 -11.27
N GLY B 316 21.04 -36.51 -12.50
CA GLY B 316 22.47 -36.45 -12.75
C GLY B 316 23.08 -37.83 -12.65
N ALA B 317 24.04 -37.97 -11.73
CA ALA B 317 24.70 -39.25 -11.52
C ALA B 317 23.91 -40.15 -10.59
N GLY B 318 22.75 -39.70 -10.13
CA GLY B 318 21.91 -40.47 -9.24
C GLY B 318 22.47 -40.56 -7.84
N HIS B 319 22.62 -41.78 -7.36
CA HIS B 319 23.14 -42.02 -6.01
C HIS B 319 24.53 -42.62 -6.04
N LYS B 320 25.29 -42.37 -7.12
CA LYS B 320 26.65 -42.89 -7.23
C LYS B 320 27.55 -42.20 -6.22
N GLY B 321 28.32 -42.99 -5.49
CA GLY B 321 29.22 -42.45 -4.49
C GLY B 321 28.57 -42.07 -3.19
N LEU B 322 27.28 -42.38 -3.01
CA LEU B 322 26.60 -42.03 -1.76
C LEU B 322 27.01 -42.96 -0.63
N PHE B 323 27.42 -44.19 -0.96
CA PHE B 323 27.82 -45.13 0.09
C PHE B 323 29.10 -44.66 0.76
N ASP B 324 30.04 -44.12 -0.01
CA ASP B 324 31.30 -43.67 0.59
C ASP B 324 31.13 -42.36 1.35
N THR B 325 30.27 -41.46 0.88
CA THR B 325 30.11 -40.19 1.58
C THR B 325 29.26 -40.31 2.83
N VAL B 326 28.60 -41.43 3.04
CA VAL B 326 27.78 -41.62 4.23
C VAL B 326 28.49 -42.51 5.25
N ASN B 327 29.10 -43.60 4.78
CA ASN B 327 29.80 -44.51 5.67
C ASN B 327 31.04 -43.87 6.28
N ASN B 328 31.66 -42.91 5.58
CA ASN B 328 32.84 -42.23 6.07
C ASN B 328 32.54 -40.92 6.79
N SER B 329 31.27 -40.54 6.90
CA SER B 329 30.88 -39.30 7.57
C SER B 329 29.94 -39.61 8.72
N LEU B 330 30.41 -39.34 9.94
CA LEU B 330 29.59 -39.59 11.12
C LEU B 330 28.51 -38.55 11.30
N HIS B 331 28.73 -37.33 10.80
CA HIS B 331 27.72 -36.28 10.93
C HIS B 331 26.52 -36.57 10.06
N PHE B 332 26.74 -37.20 8.90
CA PHE B 332 25.63 -37.57 8.00
C PHE B 332 24.76 -38.62 8.67
N GLN B 333 25.40 -39.64 9.25
CA GLN B 333 24.66 -40.70 9.92
C GLN B 333 23.92 -40.16 11.13
N LEU B 334 24.57 -39.26 11.89
CA LEU B 334 23.93 -38.68 13.05
C LEU B 334 22.76 -37.80 12.65
N GLY B 335 22.88 -37.07 11.54
CA GLY B 335 21.79 -36.24 11.08
C GLY B 335 20.60 -37.07 10.62
N LEU B 336 20.88 -38.17 9.90
CA LEU B 336 19.81 -39.04 9.46
C LEU B 336 19.10 -39.68 10.65
N ALA B 337 19.90 -40.13 11.64
CA ALA B 337 19.36 -40.75 12.83
C ALA B 337 18.52 -39.77 13.63
N LEU B 338 19.00 -38.53 13.79
CA LEU B 338 18.25 -37.54 14.55
C LEU B 338 16.97 -37.15 13.82
N ALA B 339 17.00 -37.06 12.49
CA ALA B 339 15.79 -36.72 11.74
C ALA B 339 14.73 -37.79 11.92
N SER B 340 15.13 -39.06 11.77
CA SER B 340 14.19 -40.16 11.95
C SER B 340 13.70 -40.24 13.39
N VAL B 341 14.58 -40.02 14.37
CA VAL B 341 14.20 -40.08 15.77
C VAL B 341 13.21 -38.99 16.11
N GLY B 342 13.43 -37.77 15.62
CA GLY B 342 12.50 -36.68 15.91
C GLY B 342 11.14 -36.94 15.30
N THR B 343 11.11 -37.47 14.07
CA THR B 343 9.83 -37.76 13.44
C THR B 343 9.10 -38.87 14.21
N ILE B 344 9.83 -39.88 14.64
CA ILE B 344 9.24 -40.97 15.40
C ILE B 344 8.73 -40.47 16.75
N THR B 345 9.45 -39.52 17.38
CA THR B 345 9.01 -38.97 18.65
C THR B 345 7.69 -38.23 18.50
N SER B 346 7.56 -37.45 17.43
CA SER B 346 6.31 -36.75 17.18
C SER B 346 5.19 -37.76 16.93
N LEU B 347 5.52 -38.84 16.21
CA LEU B 347 4.57 -39.91 15.94
C LEU B 347 4.11 -40.57 17.24
N VAL B 348 5.05 -40.75 18.18
CA VAL B 348 4.73 -41.32 19.48
C VAL B 348 3.76 -40.43 20.25
N ALA B 349 4.03 -39.11 20.27
CA ALA B 349 3.16 -38.19 20.98
C ALA B 349 1.73 -38.22 20.43
N GLN B 350 1.60 -38.16 19.11
CA GLN B 350 0.28 -38.17 18.49
C GLN B 350 -0.45 -39.49 18.71
N HIS B 351 0.24 -40.62 18.51
CA HIS B 351 -0.38 -41.93 18.67
C HIS B 351 -0.72 -42.22 20.13
N MET B 352 0.08 -41.72 21.07
CA MET B 352 -0.24 -42.02 22.45
C MET B 352 -1.39 -41.19 22.96
N TYR B 353 -1.54 -39.94 22.50
CA TYR B 353 -2.70 -39.25 23.07
C TYR B 353 -3.98 -39.73 22.37
N SER B 354 -3.92 -39.98 21.06
CA SER B 354 -5.11 -40.40 20.36
C SER B 354 -5.49 -41.85 20.64
N LEU B 355 -4.50 -42.73 20.68
CA LEU B 355 -4.71 -44.17 20.95
C LEU B 355 -4.00 -44.47 22.27
N PRO B 356 -4.69 -44.39 23.40
CA PRO B 356 -4.05 -44.66 24.69
C PRO B 356 -3.68 -46.12 24.83
N PRO B 357 -2.41 -46.42 25.06
CA PRO B 357 -2.00 -47.81 25.20
C PRO B 357 -1.99 -48.35 26.63
N TYR B 358 -1.86 -47.47 27.63
CA TYR B 358 -1.82 -47.87 29.03
C TYR B 358 -3.17 -47.71 29.70
N ALA B 359 -3.47 -48.62 30.62
CA ALA B 359 -4.75 -48.63 31.33
C ALA B 359 -4.92 -47.42 32.22
N PHE B 360 -6.14 -46.86 32.20
CA PHE B 360 -6.53 -45.69 32.99
C PHE B 360 -5.62 -44.49 32.75
N GLN B 361 -5.24 -44.30 31.49
CA GLN B 361 -4.37 -43.21 31.10
C GLN B 361 -5.18 -42.05 30.53
N ALA B 362 -6.31 -42.33 29.90
CA ALA B 362 -7.14 -41.28 29.33
C ALA B 362 -7.79 -40.44 30.42
N ILE B 363 -8.15 -41.06 31.55
CA ILE B 363 -8.77 -40.30 32.63
C ILE B 363 -7.76 -39.36 33.28
N ASP B 364 -6.47 -39.71 33.24
CA ASP B 364 -5.46 -38.83 33.81
C ASP B 364 -5.15 -37.73 32.80
N PHE B 365 -5.78 -36.58 32.98
CA PHE B 365 -5.60 -35.47 32.04
C PHE B 365 -4.21 -34.85 32.13
N THR B 366 -3.68 -34.72 33.36
CA THR B 366 -2.36 -34.14 33.56
C THR B 366 -1.29 -34.99 32.87
N THR B 367 -1.42 -36.31 32.96
CA THR B 367 -0.46 -37.22 32.34
C THR B 367 -0.44 -37.02 30.83
N GLN B 368 -1.63 -36.93 30.21
CA GLN B 368 -1.75 -36.71 28.78
C GLN B 368 -1.10 -35.40 28.34
N ALA B 369 -1.46 -34.30 29.04
CA ALA B 369 -0.91 -33.01 28.67
C ALA B 369 0.61 -32.97 28.82
N ALA B 370 1.13 -33.42 29.95
CA ALA B 370 2.56 -33.40 30.20
C ALA B 370 3.33 -34.32 29.24
N LEU B 371 2.81 -35.53 28.98
CA LEU B 371 3.49 -36.45 28.08
C LEU B 371 3.53 -35.94 26.64
N TYR B 372 2.41 -35.41 26.14
CA TYR B 372 2.37 -34.89 24.78
C TYR B 372 3.31 -33.72 24.63
N THR B 373 3.27 -32.78 25.58
CA THR B 373 4.13 -31.60 25.51
C THR B 373 5.60 -31.98 25.60
N HIS B 374 5.93 -32.93 26.48
CA HIS B 374 7.31 -33.38 26.66
C HIS B 374 7.86 -33.99 25.38
N HIS B 375 7.10 -34.92 24.79
CA HIS B 375 7.56 -35.57 23.57
C HIS B 375 7.63 -34.59 22.40
N GLN B 376 6.69 -33.64 22.29
CA GLN B 376 6.76 -32.69 21.19
C GLN B 376 7.95 -31.75 21.30
N TYR B 377 8.27 -31.28 22.50
CA TYR B 377 9.42 -30.39 22.65
C TYR B 377 10.72 -31.16 22.40
N ILE B 378 10.79 -32.41 22.87
CA ILE B 378 11.98 -33.22 22.64
C ILE B 378 12.16 -33.45 21.14
N ALA B 379 11.05 -33.72 20.43
CA ALA B 379 11.12 -33.93 18.99
C ALA B 379 11.59 -32.68 18.27
N GLY B 380 11.13 -31.50 18.72
CA GLY B 380 11.58 -30.27 18.08
C GLY B 380 13.06 -30.05 18.24
N PHE B 381 13.58 -30.29 19.45
CA PHE B 381 15.01 -30.14 19.69
C PHE B 381 15.81 -31.13 18.85
N ILE B 382 15.33 -32.37 18.76
CA ILE B 382 16.02 -33.40 17.98
C ILE B 382 16.02 -33.06 16.49
N MET B 383 14.94 -32.48 15.99
CA MET B 383 14.89 -32.09 14.58
C MET B 383 15.90 -30.98 14.28
N CYS B 384 15.97 -29.98 15.18
CA CYS B 384 16.94 -28.92 15.01
C CYS B 384 18.34 -29.48 15.03
N GLY B 385 18.57 -30.51 15.87
CA GLY B 385 19.88 -31.14 15.92
C GLY B 385 20.21 -31.87 14.64
N ALA B 386 19.20 -32.48 14.02
CA ALA B 386 19.42 -33.18 12.76
C ALA B 386 19.90 -32.21 11.68
N PHE B 387 19.22 -31.08 11.58
CA PHE B 387 19.62 -30.10 10.57
C PHE B 387 20.97 -29.47 10.91
N ALA B 388 21.26 -29.28 12.19
CA ALA B 388 22.55 -28.72 12.59
C ALA B 388 23.68 -29.67 12.21
N HIS B 389 23.47 -30.97 12.43
CA HIS B 389 24.49 -31.94 12.06
C HIS B 389 24.62 -32.06 10.56
N GLY B 390 23.54 -31.78 9.81
CA GLY B 390 23.65 -31.78 8.37
C GLY B 390 24.56 -30.66 7.90
N ALA B 391 24.42 -29.49 8.53
CA ALA B 391 25.30 -28.36 8.21
C ALA B 391 26.75 -28.68 8.57
N ILE B 392 26.93 -29.37 9.71
CA ILE B 392 28.27 -29.77 10.13
C ILE B 392 28.86 -30.74 9.13
N PHE B 393 28.01 -31.61 8.54
CA PHE B 393 28.48 -32.53 7.52
C PHE B 393 28.97 -31.78 6.29
N PHE B 394 28.20 -30.77 5.86
CA PHE B 394 28.62 -30.01 4.68
C PHE B 394 29.94 -29.28 4.90
N ILE B 395 30.13 -28.70 6.08
CA ILE B 395 31.37 -27.97 6.32
C ILE B 395 32.55 -28.91 6.55
N ARG B 396 32.38 -29.93 7.38
CA ARG B 396 33.51 -30.81 7.72
C ARG B 396 33.69 -32.04 6.83
N ASP B 397 32.63 -32.77 6.49
CA ASP B 397 32.81 -34.00 5.73
C ASP B 397 32.35 -34.00 4.28
N TYR B 398 31.94 -32.88 3.71
CA TYR B 398 31.51 -32.93 2.31
C TYR B 398 32.72 -32.86 1.38
N ASP B 399 32.72 -33.71 0.35
CA ASP B 399 33.79 -33.73 -0.64
C ASP B 399 33.18 -33.58 -2.03
N PRO B 400 33.27 -32.39 -2.64
CA PRO B 400 32.67 -32.22 -3.98
C PRO B 400 33.29 -33.08 -5.06
N GLU B 401 34.57 -33.42 -4.95
CA GLU B 401 35.21 -34.25 -5.97
C GLU B 401 34.68 -35.68 -5.94
N GLN B 402 34.41 -36.19 -4.74
CA GLN B 402 33.87 -37.56 -4.65
C GLN B 402 32.38 -37.58 -4.97
N ASN B 403 31.66 -36.51 -4.61
CA ASN B 403 30.24 -36.38 -4.89
C ASN B 403 30.09 -35.42 -6.07
N LYS B 404 30.40 -35.91 -7.26
CA LYS B 404 30.33 -35.10 -8.47
C LYS B 404 29.16 -35.55 -9.32
N GLY B 405 28.14 -34.71 -9.42
CA GLY B 405 26.98 -35.02 -10.22
C GLY B 405 25.89 -35.82 -9.56
N ASN B 406 26.08 -36.25 -8.31
CA ASN B 406 25.05 -37.03 -7.64
C ASN B 406 23.98 -36.10 -7.08
N VAL B 407 23.03 -36.67 -6.35
CA VAL B 407 21.93 -35.89 -5.76
C VAL B 407 22.46 -34.91 -4.71
N LEU B 408 23.49 -35.31 -3.97
CA LEU B 408 24.05 -34.44 -2.92
C LEU B 408 24.65 -33.17 -3.51
N ALA B 409 25.39 -33.28 -4.61
CA ALA B 409 25.97 -32.08 -5.21
C ALA B 409 24.89 -31.24 -5.86
N ARG B 410 23.87 -31.88 -6.42
CA ARG B 410 22.76 -31.16 -7.03
C ARG B 410 21.95 -30.39 -6.00
N MET B 411 22.03 -30.78 -4.72
CA MET B 411 21.34 -30.00 -3.69
C MET B 411 21.98 -28.62 -3.57
N LEU B 412 23.31 -28.57 -3.57
CA LEU B 412 23.99 -27.29 -3.50
C LEU B 412 23.93 -26.58 -4.84
N ASP B 413 23.66 -27.31 -5.92
CA ASP B 413 23.59 -26.69 -7.25
C ASP B 413 22.40 -25.74 -7.37
N HIS B 414 21.25 -26.10 -6.81
CA HIS B 414 20.06 -25.26 -6.87
C HIS B 414 19.55 -24.86 -5.48
N LYS B 415 20.48 -24.57 -4.56
CA LYS B 415 20.08 -24.18 -3.21
C LYS B 415 19.34 -22.85 -3.17
N GLU B 416 19.65 -21.94 -4.09
CA GLU B 416 18.97 -20.65 -4.11
C GLU B 416 17.48 -20.82 -4.40
N ALA B 417 17.15 -21.75 -5.30
CA ALA B 417 15.75 -22.02 -5.62
C ALA B 417 15.02 -22.59 -4.42
N LEU B 418 15.67 -23.50 -3.68
CA LEU B 418 15.06 -24.11 -2.51
C LEU B 418 14.79 -23.07 -1.43
N ILE B 419 15.79 -22.23 -1.13
CA ILE B 419 15.61 -21.21 -0.10
C ILE B 419 14.55 -20.19 -0.53
N SER B 420 14.52 -19.85 -1.82
CA SER B 420 13.53 -18.89 -2.30
C SER B 420 12.11 -19.44 -2.21
N HIS B 421 11.91 -20.71 -2.57
CA HIS B 421 10.58 -21.29 -2.49
C HIS B 421 10.15 -21.49 -1.05
N LEU B 422 11.09 -21.81 -0.16
CA LEU B 422 10.75 -21.93 1.25
C LEU B 422 10.35 -20.57 1.79
N SER B 423 11.04 -19.52 1.34
CA SER B 423 10.72 -18.16 1.75
C SER B 423 9.34 -17.77 1.28
N TRP B 424 8.99 -18.15 0.04
CA TRP B 424 7.67 -17.83 -0.49
C TRP B 424 6.57 -18.53 0.30
N VAL B 425 6.78 -19.82 0.62
CA VAL B 425 5.78 -20.58 1.37
C VAL B 425 5.60 -19.99 2.76
N SER B 426 6.71 -19.69 3.44
CA SER B 426 6.63 -19.12 4.78
C SER B 426 5.96 -17.75 4.76
N LEU B 427 6.28 -16.93 3.75
CA LEU B 427 5.68 -15.61 3.65
C LEU B 427 4.19 -15.70 3.40
N PHE B 428 3.78 -16.59 2.48
CA PHE B 428 2.35 -16.75 2.18
C PHE B 428 1.58 -17.22 3.41
N LEU B 429 2.10 -18.24 4.09
CA LEU B 429 1.43 -18.77 5.27
C LEU B 429 1.36 -17.74 6.39
N GLY B 430 2.45 -16.99 6.61
CA GLY B 430 2.45 -15.99 7.67
C GLY B 430 1.48 -14.86 7.40
N PHE B 431 1.51 -14.31 6.17
CA PHE B 431 0.62 -13.22 5.82
C PHE B 431 -0.85 -13.64 5.90
N HIS B 432 -1.18 -14.82 5.37
CA HIS B 432 -2.58 -15.23 5.39
C HIS B 432 -3.08 -15.61 6.77
N THR B 433 -2.29 -16.36 7.55
CA THR B 433 -2.74 -16.74 8.88
C THR B 433 -2.88 -15.51 9.78
N LEU B 434 -1.90 -14.61 9.72
CA LEU B 434 -1.97 -13.40 10.54
C LEU B 434 -3.10 -12.50 10.07
N GLY B 435 -3.32 -12.40 8.76
CA GLY B 435 -4.40 -11.58 8.26
C GLY B 435 -5.76 -12.09 8.67
N LEU B 436 -5.98 -13.41 8.57
CA LEU B 436 -7.26 -13.99 8.96
C LEU B 436 -7.49 -13.82 10.47
N TYR B 437 -6.44 -14.01 11.28
CA TYR B 437 -6.57 -13.81 12.72
C TYR B 437 -6.89 -12.37 13.09
N VAL B 438 -6.19 -11.41 12.48
CA VAL B 438 -6.46 -10.01 12.78
C VAL B 438 -7.85 -9.62 12.31
N HIS B 439 -8.27 -10.15 11.16
CA HIS B 439 -9.61 -9.86 10.64
C HIS B 439 -10.68 -10.38 11.59
N ASN B 440 -10.50 -11.61 12.09
CA ASN B 440 -11.47 -12.18 13.04
C ASN B 440 -11.46 -11.39 14.34
N ASP B 441 -10.28 -10.92 14.76
CA ASP B 441 -10.18 -10.13 15.98
C ASP B 441 -10.92 -8.82 15.85
N VAL B 442 -10.78 -8.16 14.70
CA VAL B 442 -11.47 -6.88 14.47
C VAL B 442 -12.98 -7.11 14.41
N MET B 443 -13.41 -8.20 13.77
CA MET B 443 -14.84 -8.49 13.71
C MET B 443 -15.41 -8.76 15.09
N GLN B 444 -14.64 -9.45 15.94
CA GLN B 444 -15.12 -9.73 17.29
C GLN B 444 -15.10 -8.46 18.13
N ALA B 445 -14.18 -7.53 17.83
CA ALA B 445 -14.12 -6.28 18.56
C ALA B 445 -15.23 -5.33 18.14
N PHE B 446 -15.60 -5.37 16.87
CA PHE B 446 -16.66 -4.49 16.37
C PHE B 446 -18.06 -5.04 16.62
N GLY B 447 -18.18 -6.18 17.29
CA GLY B 447 -19.47 -6.75 17.61
C GLY B 447 -20.15 -7.47 16.47
N THR B 448 -19.40 -7.91 15.46
CA THR B 448 -19.95 -8.62 14.30
C THR B 448 -19.21 -9.94 14.10
N PRO B 449 -19.50 -10.96 14.91
CA PRO B 449 -18.80 -12.24 14.75
C PRO B 449 -19.17 -13.01 13.50
N GLU B 450 -20.26 -12.63 12.82
CA GLU B 450 -20.65 -13.32 11.60
C GLU B 450 -19.88 -12.82 10.39
N LYS B 451 -19.15 -11.71 10.53
CA LYS B 451 -18.38 -11.15 9.44
C LYS B 451 -16.97 -11.71 9.34
N GLN B 452 -16.53 -12.49 10.33
CA GLN B 452 -15.19 -13.05 10.29
C GLN B 452 -15.11 -14.21 9.30
N ILE B 453 -13.93 -14.43 8.77
CA ILE B 453 -13.67 -15.48 7.78
C ILE B 453 -13.41 -16.80 8.49
N LEU B 454 -14.28 -17.78 8.25
CA LEU B 454 -14.19 -19.10 8.87
C LEU B 454 -14.22 -20.16 7.78
N ILE B 455 -13.04 -20.56 7.30
CA ILE B 455 -12.94 -21.57 6.25
C ILE B 455 -13.05 -22.95 6.89
N GLU B 456 -13.99 -23.74 6.41
CA GLU B 456 -14.19 -25.09 6.94
C GLU B 456 -13.11 -26.03 6.40
N PRO B 457 -12.39 -26.75 7.27
CA PRO B 457 -11.34 -27.68 6.80
C PRO B 457 -11.96 -28.93 6.18
N VAL B 458 -12.43 -28.78 4.94
CA VAL B 458 -13.08 -29.89 4.23
C VAL B 458 -12.11 -31.03 3.89
N PHE B 459 -10.82 -30.74 3.73
CA PHE B 459 -9.88 -31.81 3.37
C PHE B 459 -9.64 -32.77 4.54
N ALA B 460 -9.33 -32.24 5.72
CA ALA B 460 -9.10 -33.10 6.87
C ALA B 460 -10.39 -33.75 7.34
N GLN B 461 -11.52 -33.04 7.20
CA GLN B 461 -12.80 -33.64 7.57
C GLN B 461 -13.15 -34.76 6.60
N TRP B 462 -12.74 -34.59 5.33
CA TRP B 462 -12.97 -35.63 4.34
C TRP B 462 -12.15 -36.86 4.67
N ILE B 463 -10.92 -36.65 5.14
CA ILE B 463 -10.06 -37.77 5.56
C ILE B 463 -10.68 -38.49 6.75
N GLN B 464 -11.21 -37.71 7.71
CA GLN B 464 -11.86 -38.29 8.88
C GLN B 464 -13.09 -39.10 8.47
N ALA B 465 -13.84 -38.60 7.48
CA ALA B 465 -15.00 -39.34 6.99
C ALA B 465 -14.55 -40.62 6.30
N ALA B 466 -13.37 -40.59 5.66
CA ALA B 466 -12.85 -41.80 5.03
C ALA B 466 -12.50 -42.83 6.09
N HIS B 467 -12.01 -42.37 7.25
CA HIS B 467 -11.66 -43.29 8.33
C HIS B 467 -12.87 -43.95 8.99
N GLY B 468 -14.07 -43.40 8.81
CA GLY B 468 -15.25 -43.99 9.41
C GLY B 468 -16.12 -43.05 10.22
N LYS B 469 -15.72 -41.78 10.33
CA LYS B 469 -16.51 -40.82 11.08
C LYS B 469 -17.71 -40.36 10.25
N ALA B 470 -18.91 -40.53 10.77
CA ALA B 470 -20.14 -40.17 10.07
C ALA B 470 -20.72 -38.83 10.50
N LEU B 471 -20.00 -38.04 11.30
CA LEU B 471 -20.54 -36.75 11.74
C LEU B 471 -20.65 -35.76 10.58
N TYR B 472 -19.69 -35.78 9.66
CA TYR B 472 -19.74 -34.85 8.53
C TYR B 472 -20.74 -35.28 7.47
N GLY B 473 -20.86 -36.57 7.20
CA GLY B 473 -21.82 -37.04 6.22
C GLY B 473 -21.31 -37.32 4.82
N PHE B 474 -20.02 -37.53 4.62
CA PHE B 474 -19.52 -37.80 3.28
C PHE B 474 -19.95 -39.19 2.81
N ASP B 475 -20.05 -40.14 3.75
CA ASP B 475 -20.50 -41.52 3.53
C ASP B 475 -19.76 -42.24 2.40
N PHE B 476 -18.47 -42.45 2.62
CA PHE B 476 -17.66 -43.15 1.63
C PHE B 476 -16.51 -43.86 2.34
N LEU B 477 -16.00 -44.90 1.68
CA LEU B 477 -14.91 -45.77 2.17
C LEU B 477 -15.38 -46.45 3.44
N LEU B 478 -14.82 -46.16 4.61
CA LEU B 478 -15.26 -46.81 5.84
C LEU B 478 -16.52 -46.19 6.41
N SER B 479 -17.00 -45.09 5.82
CA SER B 479 -18.22 -44.45 6.31
C SER B 479 -19.47 -45.04 5.66
N SER B 480 -19.38 -45.57 4.44
CA SER B 480 -20.51 -46.15 3.73
C SER B 480 -20.56 -47.64 4.01
N LYS B 481 -21.75 -48.14 4.36
CA LYS B 481 -21.91 -49.55 4.69
C LYS B 481 -21.89 -50.48 3.49
N THR B 482 -22.05 -49.97 2.26
CA THR B 482 -22.05 -50.81 1.07
C THR B 482 -20.69 -50.86 0.38
N SER B 483 -19.65 -50.28 0.97
CA SER B 483 -18.33 -50.27 0.38
C SER B 483 -17.56 -51.54 0.70
N ALA B 484 -16.68 -51.94 -0.22
CA ALA B 484 -15.88 -53.13 -0.03
C ALA B 484 -14.86 -52.94 1.09
N ALA B 485 -14.33 -51.71 1.23
CA ALA B 485 -13.36 -51.42 2.29
C ALA B 485 -14.02 -51.56 3.66
N PHE B 486 -15.31 -51.27 3.74
CA PHE B 486 -16.05 -51.39 4.99
C PHE B 486 -16.44 -52.84 5.27
N ALA B 487 -16.95 -53.53 4.25
CA ALA B 487 -17.37 -54.92 4.44
C ALA B 487 -16.19 -55.87 4.58
N ASN B 488 -14.98 -55.44 4.24
CA ASN B 488 -13.85 -56.35 4.37
C ASN B 488 -13.22 -56.32 5.75
N GLY B 489 -13.62 -55.41 6.61
CA GLY B 489 -13.06 -55.34 7.94
C GLY B 489 -14.07 -55.59 9.04
N GLN B 490 -15.34 -55.79 8.67
CA GLN B 490 -16.40 -56.02 9.65
C GLN B 490 -16.22 -57.29 10.46
N SER B 491 -15.41 -58.22 9.99
CA SER B 491 -15.18 -59.46 10.70
C SER B 491 -13.82 -59.51 11.39
N LEU B 492 -12.96 -58.52 11.19
CA LEU B 492 -11.65 -58.53 11.83
C LEU B 492 -11.44 -57.41 12.83
N TRP B 493 -11.48 -56.13 12.42
CA TRP B 493 -11.25 -55.05 13.37
C TRP B 493 -12.16 -53.84 13.25
N LEU B 494 -12.89 -53.67 12.15
CA LEU B 494 -13.73 -52.48 11.98
C LEU B 494 -14.80 -52.21 13.03
N PRO B 495 -15.49 -53.23 13.67
CA PRO B 495 -16.50 -52.87 14.69
C PRO B 495 -15.97 -52.03 15.84
N GLY B 496 -14.90 -52.51 16.50
CA GLY B 496 -14.33 -51.75 17.61
C GLY B 496 -13.74 -50.42 17.18
N TRP B 497 -13.07 -50.40 16.02
CA TRP B 497 -12.47 -49.16 15.52
C TRP B 497 -13.53 -48.11 15.21
N LEU B 498 -14.63 -48.52 14.58
CA LEU B 498 -15.70 -47.58 14.26
C LEU B 498 -16.41 -47.11 15.52
N ASP B 499 -16.58 -48.01 16.50
CA ASP B 499 -17.22 -47.64 17.76
C ASP B 499 -16.35 -46.66 18.54
N ALA B 500 -15.04 -46.76 18.40
CA ALA B 500 -14.15 -45.85 19.10
C ALA B 500 -13.96 -44.53 18.38
N ILE B 501 -13.96 -44.54 17.04
CA ILE B 501 -13.77 -43.30 16.31
C ILE B 501 -15.05 -42.48 16.28
N ASN B 502 -16.22 -43.12 16.33
CA ASN B 502 -17.44 -42.33 16.30
C ASN B 502 -17.80 -41.76 17.67
N ASN B 503 -17.17 -42.25 18.73
CA ASN B 503 -17.42 -41.74 20.07
C ASN B 503 -16.69 -40.42 20.21
N ASN B 504 -17.39 -39.39 20.65
CA ASN B 504 -16.80 -38.07 20.81
C ASN B 504 -16.24 -37.84 22.21
N GLN B 505 -16.21 -38.86 23.05
CA GLN B 505 -15.68 -38.74 24.41
C GLN B 505 -14.21 -39.07 24.51
N ASN B 506 -13.57 -39.49 23.41
CA ASN B 506 -12.16 -39.81 23.42
C ASN B 506 -11.38 -38.84 22.54
N SER B 507 -10.07 -39.05 22.46
CA SER B 507 -9.18 -38.24 21.66
C SER B 507 -8.87 -38.89 20.32
N LEU B 508 -9.70 -39.81 19.88
CA LEU B 508 -9.49 -40.50 18.61
C LEU B 508 -10.19 -39.74 17.50
N PHE B 509 -9.43 -38.93 16.76
CA PHE B 509 -9.91 -38.12 15.63
C PHE B 509 -11.03 -37.17 16.08
N LEU B 510 -10.63 -36.17 16.86
CA LEU B 510 -11.56 -35.18 17.37
C LEU B 510 -12.18 -34.36 16.24
N THR B 511 -13.36 -33.81 16.50
CA THR B 511 -14.05 -32.98 15.54
C THR B 511 -13.27 -31.68 15.34
N ILE B 512 -13.18 -31.23 14.10
CA ILE B 512 -12.42 -30.03 13.77
C ILE B 512 -13.31 -29.02 13.06
N GLY B 513 -12.94 -27.74 13.22
CA GLY B 513 -13.66 -26.65 12.62
C GLY B 513 -12.71 -25.58 12.11
N PRO B 514 -13.23 -24.36 11.93
CA PRO B 514 -12.37 -23.25 11.44
C PRO B 514 -11.21 -22.91 12.34
N GLY B 515 -11.38 -23.05 13.66
CA GLY B 515 -10.28 -22.76 14.56
C GLY B 515 -9.16 -23.77 14.39
N ASP B 516 -9.51 -25.03 14.15
CA ASP B 516 -8.52 -26.07 13.91
C ASP B 516 -7.81 -25.83 12.59
N PHE B 517 -8.55 -25.38 11.59
CA PHE B 517 -7.98 -25.06 10.28
C PHE B 517 -6.94 -23.96 10.39
N LEU B 518 -7.30 -22.88 11.11
CA LEU B 518 -6.41 -21.74 11.27
C LEU B 518 -5.17 -22.11 12.08
N VAL B 519 -5.34 -22.83 13.18
CA VAL B 519 -4.17 -23.18 13.97
C VAL B 519 -3.29 -24.18 13.22
N HIS B 520 -3.89 -25.00 12.34
CA HIS B 520 -3.08 -25.92 11.54
C HIS B 520 -2.25 -25.13 10.54
N HIS B 521 -2.81 -24.03 10.02
CA HIS B 521 -2.04 -23.20 9.11
C HIS B 521 -0.90 -22.53 9.86
N ALA B 522 -1.13 -22.16 11.11
CA ALA B 522 -0.07 -21.57 11.93
C ALA B 522 1.03 -22.60 12.17
N ILE B 523 0.64 -23.86 12.38
CA ILE B 523 1.61 -24.94 12.58
C ILE B 523 2.43 -25.12 11.31
N ALA B 524 1.78 -25.09 10.16
CA ALA B 524 2.47 -25.22 8.87
C ALA B 524 3.44 -24.08 8.66
N LEU B 525 3.04 -22.88 9.09
CA LEU B 525 3.92 -21.71 9.00
C LEU B 525 5.17 -21.89 9.84
N GLY B 526 4.97 -22.38 11.08
CA GLY B 526 6.11 -22.60 11.96
C GLY B 526 7.06 -23.65 11.43
N LEU B 527 6.50 -24.75 10.90
CA LEU B 527 7.33 -25.82 10.35
C LEU B 527 8.10 -25.34 9.13
N HIS B 528 7.44 -24.63 8.22
CA HIS B 528 8.10 -24.15 7.02
C HIS B 528 9.16 -23.11 7.33
N THR B 529 8.90 -22.22 8.28
CA THR B 529 9.91 -21.21 8.59
C THR B 529 11.11 -21.84 9.28
N THR B 530 10.88 -22.79 10.20
CA THR B 530 11.99 -23.45 10.87
C THR B 530 12.82 -24.23 9.85
N THR B 531 12.13 -24.90 8.92
CA THR B 531 12.82 -25.64 7.87
C THR B 531 13.59 -24.68 6.96
N LEU B 532 13.03 -23.50 6.70
CA LEU B 532 13.70 -22.51 5.86
C LEU B 532 15.01 -22.06 6.49
N ILE B 533 14.97 -21.73 7.78
CA ILE B 533 16.17 -21.27 8.47
C ILE B 533 17.22 -22.36 8.52
N LEU B 534 16.81 -23.57 8.88
CA LEU B 534 17.77 -24.68 8.98
C LEU B 534 18.34 -25.08 7.63
N VAL B 535 17.48 -25.20 6.60
CA VAL B 535 17.93 -25.57 5.26
C VAL B 535 18.84 -24.50 4.68
N LYS B 536 18.48 -23.24 4.86
CA LYS B 536 19.31 -22.15 4.35
C LYS B 536 20.66 -22.13 5.05
N GLY B 537 20.68 -22.38 6.36
CA GLY B 537 21.95 -22.41 7.07
C GLY B 537 22.82 -23.59 6.69
N ALA B 538 22.19 -24.73 6.35
CA ALA B 538 22.98 -25.89 5.96
C ALA B 538 23.51 -25.76 4.54
N LEU B 539 22.74 -25.16 3.64
CA LEU B 539 23.20 -25.03 2.26
C LEU B 539 24.19 -23.88 2.10
N ASP B 540 24.02 -22.80 2.87
CA ASP B 540 24.92 -21.66 2.83
C ASP B 540 26.09 -21.81 3.78
N ALA B 541 26.24 -22.97 4.41
CA ALA B 541 27.33 -23.18 5.36
C ALA B 541 28.69 -23.19 4.67
N ARG B 542 28.76 -23.73 3.45
CA ARG B 542 30.03 -23.79 2.75
C ARG B 542 30.39 -22.47 2.06
N GLY B 543 29.47 -21.54 1.98
CA GLY B 543 29.78 -20.27 1.34
C GLY B 543 28.59 -19.71 0.61
N SER B 544 28.64 -18.39 0.43
CA SER B 544 27.62 -17.63 -0.26
C SER B 544 28.29 -16.45 -0.93
N LYS B 545 27.51 -15.47 -1.37
CA LYS B 545 28.11 -14.30 -2.01
C LYS B 545 28.78 -13.40 -0.99
N LEU B 546 28.25 -13.34 0.23
CA LEU B 546 28.83 -12.50 1.26
C LEU B 546 30.14 -13.09 1.78
N MET B 547 30.17 -14.41 1.98
CA MET B 547 31.36 -15.10 2.48
C MET B 547 31.65 -16.28 1.56
N PRO B 548 32.46 -16.06 0.51
CA PRO B 548 32.79 -17.17 -0.41
C PRO B 548 33.65 -18.26 0.20
N ASP B 549 34.27 -18.03 1.35
CA ASP B 549 35.12 -19.02 1.99
C ASP B 549 34.65 -19.36 3.40
N LYS B 550 33.33 -19.52 3.58
CA LYS B 550 32.81 -19.85 4.89
C LYS B 550 33.16 -21.28 5.31
N LYS B 551 33.44 -22.15 4.33
CA LYS B 551 33.81 -23.52 4.66
C LYS B 551 35.18 -23.61 5.33
N ASP B 552 36.03 -22.60 5.15
CA ASP B 552 37.36 -22.59 5.74
C ASP B 552 37.38 -22.03 7.15
N PHE B 553 36.24 -21.60 7.69
CA PHE B 553 36.17 -21.04 9.02
C PHE B 553 35.54 -21.98 10.03
N GLY B 554 35.09 -23.15 9.62
CA GLY B 554 34.47 -24.09 10.52
C GLY B 554 32.98 -23.88 10.63
N TYR B 555 32.36 -24.74 11.44
CA TYR B 555 30.90 -24.66 11.63
C TYR B 555 30.51 -23.48 12.50
N SER B 556 31.25 -23.21 13.56
CA SER B 556 30.92 -22.13 14.48
C SER B 556 32.10 -21.17 14.62
N PHE B 557 31.83 -19.89 14.40
CA PHE B 557 32.77 -18.80 14.51
C PHE B 557 31.95 -17.54 14.76
N PRO B 558 32.53 -16.52 15.41
CA PRO B 558 31.75 -15.30 15.70
C PRO B 558 31.16 -14.58 14.50
N CYS B 559 32.02 -14.10 13.60
CA CYS B 559 31.60 -13.36 12.41
C CYS B 559 32.83 -13.18 11.52
N ASP B 560 32.65 -12.35 10.48
CA ASP B 560 33.71 -12.00 9.56
C ASP B 560 34.11 -10.53 9.73
N GLY B 561 33.67 -9.92 10.83
CA GLY B 561 33.98 -8.55 11.12
C GLY B 561 32.92 -7.59 10.60
N PRO B 562 33.09 -6.30 10.89
CA PRO B 562 32.12 -5.30 10.43
C PRO B 562 32.31 -4.90 8.98
N GLY B 563 33.30 -5.45 8.29
CA GLY B 563 33.52 -5.11 6.90
C GLY B 563 32.41 -5.67 6.03
N ARG B 564 32.37 -5.17 4.78
CA ARG B 564 31.37 -5.54 3.77
C ARG B 564 29.95 -5.26 4.25
N GLY B 565 29.79 -4.19 5.03
CA GLY B 565 28.49 -3.81 5.56
C GLY B 565 28.12 -4.46 6.87
N GLY B 566 28.77 -5.56 7.23
CA GLY B 566 28.47 -6.25 8.47
C GLY B 566 28.22 -7.72 8.21
N THR B 567 28.76 -8.58 9.06
CA THR B 567 28.62 -10.02 8.90
C THR B 567 28.18 -10.68 10.18
N CYS B 568 27.25 -10.07 10.89
CA CYS B 568 26.75 -10.62 12.14
C CYS B 568 25.90 -11.85 11.88
N ASP B 569 26.11 -12.91 12.65
CA ASP B 569 25.36 -14.16 12.57
C ASP B 569 25.44 -14.78 11.17
N ILE B 570 26.65 -14.86 10.64
CA ILE B 570 26.87 -15.39 9.30
C ILE B 570 27.16 -16.90 9.26
N SER B 571 27.61 -17.48 10.37
CA SER B 571 27.92 -18.91 10.40
C SER B 571 26.65 -19.77 10.43
N ALA B 572 26.84 -21.06 10.16
CA ALA B 572 25.72 -22.01 10.20
C ALA B 572 25.23 -22.21 11.62
N TYR B 573 26.14 -22.07 12.59
CA TYR B 573 25.78 -22.19 13.99
C TYR B 573 24.76 -21.11 14.34
N ASP B 574 24.93 -19.93 13.76
CA ASP B 574 24.01 -18.83 13.99
C ASP B 574 22.67 -19.10 13.34
N ALA B 575 22.66 -19.82 12.21
CA ALA B 575 21.39 -20.16 11.58
C ALA B 575 20.62 -21.12 12.48
N PHE B 576 21.33 -22.08 13.07
CA PHE B 576 20.69 -23.02 14.00
C PHE B 576 20.17 -22.24 15.21
N TYR B 577 20.98 -21.29 15.68
CA TYR B 577 20.66 -20.43 16.81
C TYR B 577 19.37 -19.66 16.59
N LEU B 578 19.19 -19.11 15.39
CA LEU B 578 17.96 -18.39 15.11
C LEU B 578 16.81 -19.37 14.88
N ALA B 579 17.12 -20.59 14.45
CA ALA B 579 16.07 -21.59 14.23
C ALA B 579 15.52 -22.19 15.51
N VAL B 580 16.30 -22.17 16.60
CA VAL B 580 15.82 -22.72 17.87
C VAL B 580 14.62 -21.92 18.37
N PHE B 581 14.64 -20.59 18.16
CA PHE B 581 13.51 -19.77 18.57
C PHE B 581 12.27 -20.13 17.79
N TRP B 582 12.41 -20.38 16.49
CA TRP B 582 11.27 -20.77 15.69
C TRP B 582 10.76 -22.15 16.07
N MET B 583 11.67 -23.04 16.46
CA MET B 583 11.23 -24.37 16.88
C MET B 583 10.44 -24.26 18.16
N LEU B 584 10.92 -23.45 19.11
CA LEU B 584 10.21 -23.26 20.37
C LEU B 584 8.86 -22.62 20.14
N ASN B 585 8.78 -21.67 19.21
CA ASN B 585 7.52 -21.01 18.88
C ASN B 585 6.54 -21.98 18.23
N THR B 586 7.03 -22.84 17.32
CA THR B 586 6.17 -23.81 16.66
C THR B 586 5.63 -24.83 17.64
N ILE B 587 6.51 -25.37 18.50
CA ILE B 587 6.07 -26.34 19.49
C ILE B 587 5.14 -25.65 20.49
N GLY B 588 5.36 -24.35 20.74
CA GLY B 588 4.48 -23.62 21.62
C GLY B 588 3.09 -23.54 21.05
N TRP B 589 2.98 -23.30 19.73
CA TRP B 589 1.68 -23.23 19.09
C TRP B 589 0.98 -24.59 19.10
N VAL B 590 1.72 -25.67 18.80
CA VAL B 590 1.10 -26.99 18.76
C VAL B 590 0.67 -27.43 20.16
N THR B 591 1.46 -27.11 21.19
CA THR B 591 1.11 -27.50 22.54
C THR B 591 -0.01 -26.64 23.08
N PHE B 592 -0.07 -25.37 22.66
CA PHE B 592 -1.18 -24.52 23.07
C PHE B 592 -2.48 -25.05 22.49
N TYR B 593 -2.45 -25.44 21.22
CA TYR B 593 -3.62 -25.98 20.55
C TYR B 593 -4.08 -27.27 21.21
N TRP B 594 -3.12 -28.17 21.48
CA TRP B 594 -3.46 -29.43 22.11
C TRP B 594 -4.07 -29.22 23.50
N HIS B 595 -3.42 -28.39 24.32
CA HIS B 595 -3.91 -28.13 25.67
C HIS B 595 -5.28 -27.49 25.67
N TRP B 596 -5.51 -26.48 24.82
CA TRP B 596 -6.82 -25.83 24.82
C TRP B 596 -7.93 -26.75 24.31
N LYS B 597 -7.69 -27.48 23.21
CA LYS B 597 -8.71 -28.38 22.69
C LYS B 597 -9.05 -29.47 23.70
N HIS B 598 -8.03 -30.06 24.32
CA HIS B 598 -8.31 -31.11 25.29
C HIS B 598 -8.92 -30.55 26.58
N LEU B 599 -8.57 -29.32 26.97
CA LEU B 599 -9.17 -28.72 28.16
C LEU B 599 -10.65 -28.49 27.95
N THR B 600 -11.01 -27.99 26.76
CA THR B 600 -12.41 -27.76 26.46
C THR B 600 -13.15 -29.09 26.30
N LEU B 601 -12.45 -30.14 25.87
CA LEU B 601 -13.11 -31.43 25.74
C LEU B 601 -13.35 -32.04 27.12
N TRP B 602 -12.36 -31.97 28.00
CA TRP B 602 -12.48 -32.54 29.34
C TRP B 602 -13.48 -31.74 30.18
N GLN B 603 -13.59 -30.43 29.93
CA GLN B 603 -14.55 -29.63 30.67
C GLN B 603 -15.97 -29.82 30.17
N GLY B 604 -16.15 -30.52 29.06
CA GLY B 604 -17.46 -30.77 28.49
C GLY B 604 -18.00 -29.67 27.62
N ASN B 605 -17.20 -28.66 27.27
CA ASN B 605 -17.64 -27.55 26.44
C ASN B 605 -16.67 -27.33 25.28
N VAL B 606 -16.83 -28.11 24.20
CA VAL B 606 -15.97 -27.94 23.05
C VAL B 606 -16.38 -26.73 22.23
N ALA B 607 -17.60 -26.23 22.45
CA ALA B 607 -18.06 -25.07 21.73
C ALA B 607 -17.26 -23.83 22.13
N GLN B 608 -16.73 -23.79 23.36
CA GLN B 608 -15.92 -22.66 23.79
C GLN B 608 -14.67 -22.56 22.94
N PHE B 609 -14.01 -23.70 22.71
CA PHE B 609 -12.83 -23.70 21.85
C PHE B 609 -13.20 -23.41 20.41
N ASP B 610 -14.28 -24.02 19.93
CA ASP B 610 -14.73 -23.82 18.55
C ASP B 610 -15.11 -22.37 18.26
N GLU B 611 -15.58 -21.64 19.25
CA GLU B 611 -15.98 -20.26 19.05
C GLU B 611 -14.90 -19.25 19.40
N SER B 612 -13.94 -19.60 20.25
CA SER B 612 -12.89 -18.65 20.61
C SER B 612 -11.53 -18.96 20.01
N SER B 613 -11.39 -20.02 19.21
CA SER B 613 -10.11 -20.35 18.61
C SER B 613 -9.90 -19.67 17.26
N THR B 614 -10.84 -18.85 16.82
CA THR B 614 -10.70 -18.18 15.53
C THR B 614 -10.08 -16.80 15.67
N TYR B 615 -10.11 -16.20 16.86
CA TYR B 615 -9.53 -14.90 17.09
C TYR B 615 -8.52 -15.02 18.22
N LEU B 616 -7.42 -14.26 18.11
CA LEU B 616 -6.36 -14.31 19.09
C LEU B 616 -6.76 -13.81 20.47
N MET B 617 -7.80 -12.98 20.55
CA MET B 617 -8.25 -12.51 21.85
C MET B 617 -8.83 -13.67 22.65
N GLY B 618 -9.47 -14.62 21.95
CA GLY B 618 -10.00 -15.78 22.64
C GLY B 618 -8.89 -16.65 23.18
N TRP B 619 -7.79 -16.76 22.44
CA TRP B 619 -6.64 -17.54 22.89
C TRP B 619 -5.96 -16.89 24.07
N LEU B 620 -5.87 -15.55 24.08
CA LEU B 620 -5.21 -14.84 25.16
C LEU B 620 -6.06 -14.76 26.42
N ARG B 621 -7.37 -14.60 26.31
CA ARG B 621 -8.24 -14.47 27.47
C ARG B 621 -8.84 -15.79 27.93
N ASP B 622 -9.50 -16.52 27.04
CA ASP B 622 -10.15 -17.76 27.40
C ASP B 622 -9.21 -18.93 27.61
N TYR B 623 -7.95 -18.83 27.22
CA TYR B 623 -7.03 -19.95 27.44
C TYR B 623 -5.87 -19.58 28.34
N LEU B 624 -5.13 -18.51 28.03
CA LEU B 624 -3.99 -18.14 28.85
C LEU B 624 -4.38 -17.39 30.12
N TRP B 625 -5.43 -16.55 30.06
CA TRP B 625 -5.83 -15.80 31.24
C TRP B 625 -6.81 -16.57 32.10
N LEU B 626 -7.70 -17.35 31.48
CA LEU B 626 -8.70 -18.09 32.23
C LEU B 626 -8.11 -19.28 32.96
N ASN B 627 -7.11 -19.94 32.39
CA ASN B 627 -6.53 -21.12 33.03
C ASN B 627 -5.39 -20.83 33.97
N SER B 628 -5.01 -19.57 34.19
CA SER B 628 -3.90 -19.27 35.10
C SER B 628 -4.37 -18.70 36.42
N SER B 629 -5.67 -18.62 36.65
CA SER B 629 -6.20 -18.06 37.90
C SER B 629 -5.80 -18.90 39.10
N GLN B 630 -5.83 -20.22 38.96
CA GLN B 630 -5.47 -21.07 40.08
C GLN B 630 -3.96 -21.19 40.23
N LEU B 631 -3.23 -21.09 39.11
CA LEU B 631 -1.78 -21.21 39.14
C LEU B 631 -1.13 -20.08 39.94
N ILE B 632 -1.48 -18.83 39.62
CA ILE B 632 -0.90 -17.70 40.33
C ILE B 632 -1.42 -17.55 41.74
N ASN B 633 -2.41 -18.33 42.14
CA ASN B 633 -2.97 -18.30 43.47
C ASN B 633 -2.38 -19.36 44.37
N GLY B 634 -1.25 -19.95 43.99
CA GLY B 634 -0.63 -20.98 44.81
C GLY B 634 -0.20 -20.46 46.16
N TYR B 635 0.31 -19.23 46.19
CA TYR B 635 0.72 -18.61 47.43
C TYR B 635 0.33 -17.14 47.34
N ASN B 636 -0.34 -16.66 48.36
CA ASN B 636 -0.83 -15.31 48.47
C ASN B 636 -0.84 -14.92 49.95
N PRO B 637 -1.15 -13.67 50.33
CA PRO B 637 -1.15 -13.34 51.77
C PRO B 637 -2.13 -14.14 52.62
N PHE B 638 -3.12 -14.79 52.02
CA PHE B 638 -4.09 -15.58 52.76
C PHE B 638 -3.61 -17.00 53.04
N GLY B 639 -2.42 -17.37 52.59
CA GLY B 639 -1.89 -18.69 52.82
C GLY B 639 -1.38 -19.30 51.53
N MET B 640 -1.24 -20.61 51.54
CA MET B 640 -0.77 -21.34 50.38
C MET B 640 -1.32 -22.76 50.38
N ASN B 641 -1.21 -23.42 49.24
CA ASN B 641 -1.66 -24.79 49.05
C ASN B 641 -0.60 -25.59 48.30
N SER B 642 -0.94 -26.78 47.83
CA SER B 642 0.00 -27.62 47.10
C SER B 642 0.35 -27.08 45.73
N LEU B 643 -0.34 -26.05 45.26
CA LEU B 643 -0.10 -25.49 43.94
C LEU B 643 0.90 -24.32 43.99
N SER B 644 1.52 -24.07 45.14
CA SER B 644 2.46 -22.96 45.26
C SER B 644 3.78 -23.26 44.56
N VAL B 645 4.17 -24.53 44.47
CA VAL B 645 5.41 -24.89 43.80
C VAL B 645 5.32 -24.57 42.31
N TRP B 646 4.14 -24.76 41.71
CA TRP B 646 4.00 -24.45 40.30
C TRP B 646 4.00 -22.94 40.06
N ALA B 647 3.50 -22.17 41.03
CA ALA B 647 3.53 -20.71 40.90
C ALA B 647 4.97 -20.22 40.99
N TRP B 648 5.74 -20.80 41.90
CA TRP B 648 7.15 -20.45 42.02
C TRP B 648 7.90 -20.83 40.76
N THR B 649 7.58 -22.00 40.18
CA THR B 649 8.22 -22.44 38.94
C THR B 649 7.85 -21.53 37.77
N PHE B 650 6.61 -21.03 37.77
CA PHE B 650 6.13 -20.11 36.75
C PHE B 650 6.97 -18.84 36.76
N LEU B 651 7.11 -18.25 37.95
CA LEU B 651 7.92 -17.04 38.07
C LEU B 651 9.40 -17.33 37.82
N PHE B 652 9.85 -18.54 38.16
CA PHE B 652 11.22 -18.96 37.94
C PHE B 652 11.54 -18.98 36.45
N GLY B 653 10.63 -19.57 35.67
CA GLY B 653 10.83 -19.63 34.23
C GLY B 653 10.79 -18.25 33.61
N HIS B 654 9.90 -17.37 34.12
CA HIS B 654 9.85 -16.02 33.60
C HIS B 654 11.16 -15.28 33.85
N LEU B 655 11.73 -15.47 35.05
CA LEU B 655 13.00 -14.83 35.39
C LEU B 655 14.13 -15.35 34.52
N ILE B 656 14.18 -16.67 34.28
CA ILE B 656 15.24 -17.23 33.45
C ILE B 656 15.14 -16.71 32.01
N TYR B 657 13.91 -16.62 31.50
CA TYR B 657 13.67 -16.12 30.15
C TYR B 657 14.14 -14.66 30.02
N ALA B 658 13.76 -13.84 30.99
CA ALA B 658 14.19 -12.44 30.97
C ALA B 658 15.70 -12.31 31.11
N THR B 659 16.31 -13.23 31.86
CA THR B 659 17.77 -13.19 32.01
C THR B 659 18.43 -13.54 30.70
N GLY B 660 17.81 -14.43 29.93
CA GLY B 660 18.36 -14.78 28.63
C GLY B 660 18.30 -13.62 27.67
N PHE B 661 17.26 -12.78 27.83
CA PHE B 661 17.13 -11.59 27.00
C PHE B 661 18.33 -10.67 27.14
N MET B 662 19.00 -10.67 28.30
CA MET B 662 20.18 -9.83 28.50
C MET B 662 21.32 -10.26 27.61
N PHE B 663 21.64 -11.56 27.62
CA PHE B 663 22.69 -12.10 26.77
C PHE B 663 22.31 -12.01 25.30
N LEU B 664 21.01 -11.95 25.02
CA LEU B 664 20.53 -11.89 23.65
C LEU B 664 20.56 -10.47 23.07
N ILE B 665 20.35 -9.44 23.89
CA ILE B 665 20.32 -8.06 23.42
C ILE B 665 21.65 -7.36 23.62
N SER B 666 22.13 -7.28 24.86
CA SER B 666 23.41 -6.64 25.14
C SER B 666 24.55 -7.52 24.62
N TRP B 667 25.57 -6.90 24.03
CA TRP B 667 26.68 -7.65 23.46
C TRP B 667 28.00 -7.35 24.20
N ARG B 668 29.00 -8.19 23.90
CA ARG B 668 30.32 -8.28 24.56
C ARG B 668 31.01 -6.98 24.95
N GLY B 669 31.33 -6.11 23.99
CA GLY B 669 32.10 -4.88 24.25
C GLY B 669 31.82 -4.06 25.49
N TYR B 670 30.54 -3.79 25.74
CA TYR B 670 30.15 -3.04 26.93
C TYR B 670 30.57 -3.80 28.19
N TRP B 671 30.36 -5.11 28.18
CA TRP B 671 30.70 -5.96 29.31
C TRP B 671 32.20 -6.05 29.51
N GLN B 672 32.97 -6.10 28.42
CA GLN B 672 34.42 -6.17 28.55
C GLN B 672 34.97 -4.88 29.15
N GLU B 673 34.43 -3.73 28.72
CA GLU B 673 34.89 -2.46 29.29
C GLU B 673 34.53 -2.38 30.77
N LEU B 674 33.32 -2.84 31.12
CA LEU B 674 32.91 -2.85 32.52
C LEU B 674 33.81 -3.76 33.34
N ILE B 675 34.16 -4.92 32.78
CA ILE B 675 35.04 -5.87 33.46
C ILE B 675 36.40 -5.25 33.68
N GLU B 676 36.90 -4.47 32.70
CA GLU B 676 38.20 -3.81 32.84
C GLU B 676 38.15 -2.82 34.00
N THR B 677 37.04 -2.10 34.14
CA THR B 677 36.91 -1.18 35.27
C THR B 677 36.90 -1.94 36.59
N LEU B 678 36.23 -3.10 36.62
CA LEU B 678 36.19 -3.90 37.84
C LEU B 678 37.57 -4.47 38.17
N VAL B 679 38.36 -4.79 37.14
CA VAL B 679 39.71 -5.30 37.33
C VAL B 679 40.56 -4.23 37.99
N TRP B 680 40.43 -2.98 37.52
CA TRP B 680 41.18 -1.88 38.12
C TRP B 680 40.75 -1.68 39.57
N ALA B 681 39.43 -1.77 39.83
CA ALA B 681 38.91 -1.58 41.18
C ALA B 681 39.44 -2.65 42.14
N HIS B 682 39.52 -3.90 41.69
CA HIS B 682 40.04 -4.94 42.58
C HIS B 682 41.54 -4.80 42.77
N GLU B 683 42.27 -4.40 41.72
CA GLU B 683 43.71 -4.25 41.82
C GLU B 683 44.13 -3.06 42.67
N LYS B 684 43.26 -2.06 42.83
CA LYS B 684 43.59 -0.88 43.62
C LYS B 684 42.83 -0.82 44.95
N THR B 685 42.39 -1.96 45.48
CA THR B 685 41.66 -1.97 46.74
C THR B 685 42.51 -2.62 47.81
N PRO B 686 42.75 -1.98 48.95
CA PRO B 686 43.54 -2.61 50.00
C PRO B 686 42.73 -3.68 50.69
N LEU B 687 43.45 -4.60 51.34
CA LEU B 687 42.91 -5.76 52.07
C LEU B 687 42.20 -6.75 51.16
N ALA B 688 42.20 -6.50 49.86
CA ALA B 688 41.56 -7.35 48.88
C ALA B 688 42.42 -7.63 47.67
N ASN B 689 43.41 -6.80 47.37
CA ASN B 689 44.27 -7.07 46.24
C ASN B 689 45.24 -8.20 46.53
N LEU B 690 45.33 -8.64 47.80
CA LEU B 690 46.18 -9.75 48.16
C LEU B 690 45.62 -11.05 47.60
N VAL B 691 44.30 -11.10 47.36
CA VAL B 691 43.63 -12.24 46.80
C VAL B 691 43.48 -11.95 45.31
N TYR B 692 44.38 -12.49 44.50
CA TYR B 692 44.36 -12.28 43.06
C TYR B 692 43.82 -13.52 42.34
N TRP B 693 43.24 -13.29 41.18
CA TRP B 693 42.66 -14.35 40.38
C TRP B 693 43.72 -15.18 39.66
N LYS B 694 43.37 -16.43 39.38
CA LYS B 694 44.27 -17.33 38.66
C LYS B 694 43.99 -17.30 37.16
N ASP B 695 42.81 -16.84 36.78
CA ASP B 695 42.39 -16.71 35.39
C ASP B 695 42.02 -15.24 35.20
N LYS B 696 42.47 -14.66 34.12
CA LYS B 696 42.17 -13.26 33.85
C LYS B 696 40.69 -13.13 33.52
N PRO B 697 39.92 -12.31 34.25
CA PRO B 697 38.49 -12.17 33.96
C PRO B 697 38.26 -11.44 32.64
N VAL B 698 37.49 -12.07 31.75
CA VAL B 698 37.15 -11.50 30.45
C VAL B 698 35.66 -11.71 30.21
N ALA B 699 35.11 -10.94 29.29
CA ALA B 699 33.71 -11.06 28.95
C ALA B 699 33.48 -12.33 28.14
N LEU B 700 32.25 -12.83 28.17
CA LEU B 700 31.92 -14.04 27.43
C LEU B 700 32.02 -13.78 25.94
N SER B 701 32.44 -14.80 25.19
CA SER B 701 32.57 -14.64 23.75
C SER B 701 31.19 -14.52 23.10
N ILE B 702 31.21 -14.09 21.83
CA ILE B 702 29.97 -13.91 21.07
C ILE B 702 29.21 -15.22 20.93
N VAL B 703 29.91 -16.28 20.56
CA VAL B 703 29.27 -17.60 20.40
C VAL B 703 28.77 -18.09 21.76
N GLN B 704 29.58 -17.91 22.80
CA GLN B 704 29.18 -18.32 24.14
C GLN B 704 27.97 -17.51 24.60
N ALA B 705 27.93 -16.23 24.25
CA ALA B 705 26.80 -15.39 24.59
C ALA B 705 25.52 -15.86 23.93
N ARG B 706 25.61 -16.22 22.65
CA ARG B 706 24.45 -16.72 21.93
C ARG B 706 23.95 -18.01 22.55
N LEU B 707 24.88 -18.91 22.90
CA LEU B 707 24.51 -20.17 23.52
C LEU B 707 23.89 -19.98 24.90
N VAL B 708 24.46 -19.08 25.71
CA VAL B 708 23.95 -18.81 27.06
C VAL B 708 22.55 -18.20 26.99
N GLY B 709 22.36 -17.23 26.09
CA GLY B 709 21.06 -16.62 25.94
C GLY B 709 20.02 -17.61 25.44
N LEU B 710 20.42 -18.47 24.50
CA LEU B 710 19.52 -19.48 23.98
C LEU B 710 19.16 -20.49 25.05
N ALA B 711 20.13 -20.88 25.88
CA ALA B 711 19.88 -21.84 26.95
C ALA B 711 18.92 -21.26 27.98
N HIS B 712 19.12 -20.00 28.38
CA HIS B 712 18.20 -19.39 29.33
C HIS B 712 16.80 -19.26 28.74
N PHE B 713 16.73 -18.85 27.47
CA PHE B 713 15.45 -18.70 26.78
C PHE B 713 14.69 -20.01 26.76
N SER B 714 15.36 -21.09 26.35
CA SER B 714 14.73 -22.41 26.28
C SER B 714 14.34 -22.93 27.66
N VAL B 715 15.22 -22.79 28.66
CA VAL B 715 14.90 -23.28 30.00
C VAL B 715 13.71 -22.54 30.59
N GLY B 716 13.70 -21.21 30.46
CA GLY B 716 12.59 -20.44 30.98
C GLY B 716 11.29 -20.77 30.27
N TYR B 717 11.36 -20.92 28.95
CA TYR B 717 10.21 -21.27 28.13
C TYR B 717 9.61 -22.60 28.57
N ILE B 718 10.47 -23.63 28.68
CA ILE B 718 10.05 -24.97 29.05
C ILE B 718 9.47 -25.00 30.46
N PHE B 719 10.17 -24.41 31.43
CA PHE B 719 9.70 -24.43 32.80
C PHE B 719 8.40 -23.64 32.97
N THR B 720 8.27 -22.52 32.27
CA THR B 720 7.05 -21.72 32.38
C THR B 720 5.85 -22.48 31.83
N TYR B 721 5.99 -23.06 30.65
CA TYR B 721 4.85 -23.79 30.08
C TYR B 721 4.55 -25.06 30.85
N ALA B 722 5.57 -25.78 31.32
CA ALA B 722 5.32 -27.01 32.06
C ALA B 722 4.60 -26.70 33.37
N ALA B 723 5.02 -25.63 34.06
CA ALA B 723 4.37 -25.25 35.31
C ALA B 723 2.94 -24.84 35.08
N PHE B 724 2.69 -24.01 34.05
CA PHE B 724 1.32 -23.57 33.76
C PHE B 724 0.43 -24.74 33.36
N LEU B 725 0.94 -25.63 32.51
CA LEU B 725 0.17 -26.78 32.06
C LEU B 725 -0.21 -27.70 33.20
N ILE B 726 0.77 -28.12 34.01
CA ILE B 726 0.49 -29.03 35.11
C ILE B 726 -0.42 -28.37 36.15
N ALA B 727 -0.17 -27.10 36.49
CA ALA B 727 -0.99 -26.43 37.50
C ALA B 727 -2.43 -26.27 37.04
N SER B 728 -2.64 -25.81 35.79
CA SER B 728 -4.00 -25.63 35.30
C SER B 728 -4.74 -26.96 35.19
N THR B 729 -4.10 -27.99 34.64
CA THR B 729 -4.77 -29.28 34.49
C THR B 729 -5.03 -29.94 35.85
N SER B 730 -4.11 -29.81 36.80
CA SER B 730 -4.31 -30.43 38.10
C SER B 730 -5.36 -29.70 38.92
N GLY B 731 -5.35 -28.37 38.91
CA GLY B 731 -6.34 -27.63 39.65
C GLY B 731 -7.74 -27.78 39.07
N ARG B 732 -7.85 -27.77 37.74
CA ARG B 732 -9.16 -27.93 37.10
C ARG B 732 -9.74 -29.31 37.31
N PHE B 733 -8.89 -30.34 37.40
CA PHE B 733 -9.38 -31.70 37.60
C PHE B 733 -8.63 -32.37 38.75
N ALA C 1 47.59 -18.00 18.71
CA ALA C 1 47.59 -16.76 17.94
C ALA C 1 46.73 -16.91 16.69
N HIS C 2 46.23 -15.77 16.18
CA HIS C 2 45.41 -15.78 14.98
C HIS C 2 46.27 -15.99 13.75
N ILE C 3 45.65 -16.54 12.71
CA ILE C 3 46.33 -16.84 11.45
C ILE C 3 45.99 -15.76 10.44
N VAL C 4 47.01 -15.02 9.99
CA VAL C 4 46.84 -13.97 8.99
C VAL C 4 47.53 -14.44 7.73
N LYS C 5 46.80 -14.47 6.63
CA LYS C 5 47.35 -14.92 5.36
C LYS C 5 47.16 -13.88 4.28
N ILE C 6 48.13 -13.81 3.36
CA ILE C 6 48.10 -12.91 2.21
C ILE C 6 48.06 -13.78 0.97
N TYR C 7 47.11 -13.50 0.08
CA TYR C 7 46.96 -14.26 -1.16
C TYR C 7 47.60 -13.50 -2.32
N ASP C 8 47.74 -14.21 -3.46
CA ASP C 8 48.40 -13.62 -4.63
C ASP C 8 47.59 -12.52 -5.30
N THR C 9 46.34 -12.30 -4.92
CA THR C 9 45.54 -11.24 -5.54
C THR C 9 45.87 -9.88 -4.98
N CYS C 10 46.85 -9.78 -4.08
CA CYS C 10 47.22 -8.51 -3.50
C CYS C 10 47.80 -7.57 -4.55
N ILE C 11 47.24 -6.36 -4.62
CA ILE C 11 47.68 -5.36 -5.59
C ILE C 11 48.71 -4.40 -5.02
N GLY C 12 49.11 -4.59 -3.77
CA GLY C 12 50.10 -3.71 -3.15
C GLY C 12 49.64 -2.29 -2.96
N CYS C 13 48.38 -2.09 -2.58
CA CYS C 13 47.83 -0.76 -2.37
C CYS C 13 48.18 -0.19 -1.01
N THR C 14 48.79 -0.99 -0.14
CA THR C 14 49.24 -0.62 1.21
C THR C 14 48.13 -0.06 2.10
N GLN C 15 46.87 -0.36 1.81
CA GLN C 15 45.80 0.15 2.66
C GLN C 15 45.61 -0.73 3.88
N CYS C 16 45.88 -2.03 3.75
CA CYS C 16 45.71 -2.96 4.87
C CYS C 16 46.74 -2.71 5.95
N VAL C 17 47.95 -2.28 5.57
CA VAL C 17 49.00 -2.04 6.56
C VAL C 17 48.69 -0.80 7.37
N ARG C 18 48.18 0.24 6.72
CA ARG C 18 47.83 1.48 7.42
C ARG C 18 46.65 1.29 8.35
N ALA C 19 45.72 0.40 7.99
CA ALA C 19 44.55 0.14 8.81
C ALA C 19 44.84 -0.79 9.98
N CYS C 20 45.97 -1.48 9.96
CA CYS C 20 46.32 -2.38 11.07
C CYS C 20 46.64 -1.57 12.30
N PRO C 21 45.95 -1.76 13.42
CA PRO C 21 46.24 -0.97 14.62
C PRO C 21 47.28 -1.57 15.55
N LEU C 22 47.87 -2.73 15.25
CA LEU C 22 48.88 -3.26 16.17
C LEU C 22 50.20 -3.60 15.48
N ASP C 23 50.45 -3.07 14.27
CA ASP C 23 51.68 -3.27 13.50
C ASP C 23 51.99 -4.75 13.26
N VAL C 24 51.11 -5.38 12.51
CA VAL C 24 51.24 -6.79 12.16
C VAL C 24 51.66 -6.96 10.70
N LEU C 25 51.09 -6.16 9.81
CA LEU C 25 51.36 -6.22 8.38
C LEU C 25 52.49 -5.26 7.99
N GLU C 26 53.07 -5.53 6.83
CA GLU C 26 54.16 -4.73 6.28
C GLU C 26 54.17 -4.94 4.77
N MET C 27 55.04 -4.21 4.08
CA MET C 27 55.15 -4.32 2.63
C MET C 27 56.54 -4.84 2.26
N VAL C 28 56.58 -5.85 1.39
CA VAL C 28 57.82 -6.46 0.93
C VAL C 28 57.86 -6.33 -0.59
N PRO C 29 59.05 -6.39 -1.22
CA PRO C 29 59.10 -6.29 -2.68
C PRO C 29 58.50 -7.53 -3.33
N TRP C 30 57.95 -7.34 -4.52
CA TRP C 30 57.31 -8.43 -5.25
C TRP C 30 57.36 -8.13 -6.73
N ASP C 31 56.98 -9.12 -7.54
CA ASP C 31 56.94 -8.99 -8.99
C ASP C 31 55.62 -9.42 -9.60
N GLY C 32 54.55 -9.50 -8.82
CA GLY C 32 53.26 -9.91 -9.32
C GLY C 32 52.24 -8.82 -9.54
N CYS C 33 52.58 -7.56 -9.28
CA CYS C 33 51.66 -6.46 -9.46
C CYS C 33 52.44 -5.26 -10.01
N LYS C 34 51.69 -4.26 -10.46
CA LYS C 34 52.30 -3.05 -11.01
C LYS C 34 53.06 -2.27 -9.95
N ALA C 35 52.54 -2.24 -8.72
CA ALA C 35 53.22 -1.53 -7.63
C ALA C 35 54.49 -2.24 -7.19
N SER C 36 54.66 -3.51 -7.57
CA SER C 36 55.83 -4.34 -7.23
C SER C 36 56.01 -4.50 -5.72
N GLN C 37 54.91 -4.47 -4.97
CA GLN C 37 54.91 -4.62 -3.52
C GLN C 37 53.85 -5.65 -3.15
N MET C 38 54.01 -6.24 -1.97
CA MET C 38 53.05 -7.23 -1.49
C MET C 38 52.97 -7.16 0.02
N ALA C 39 51.77 -7.35 0.56
CA ALA C 39 51.60 -7.31 2.00
C ALA C 39 52.14 -8.58 2.63
N SER C 40 52.65 -8.45 3.86
CA SER C 40 53.23 -9.54 4.61
C SER C 40 52.79 -9.44 6.07
N ALA C 41 52.79 -10.59 6.75
CA ALA C 41 52.39 -10.68 8.15
C ALA C 41 53.47 -11.39 8.97
N PRO C 42 54.55 -10.70 9.30
CA PRO C 42 55.62 -11.33 10.08
C PRO C 42 55.48 -11.20 11.59
N ARG C 43 54.48 -10.49 12.08
CA ARG C 43 54.26 -10.29 13.52
C ARG C 43 52.84 -10.66 13.90
N THR C 44 52.40 -11.84 13.46
CA THR C 44 51.05 -12.32 13.78
C THR C 44 50.85 -12.60 15.26
N GLU C 45 51.93 -12.66 16.04
CA GLU C 45 51.82 -12.92 17.47
C GLU C 45 51.15 -11.76 18.20
N ASP C 46 51.10 -10.58 17.59
CA ASP C 46 50.47 -9.41 18.19
C ASP C 46 49.08 -9.14 17.63
N CYS C 47 48.64 -9.86 16.61
CA CYS C 47 47.33 -9.62 16.02
C CYS C 47 46.19 -9.98 16.98
N VAL C 48 45.20 -9.09 17.07
CA VAL C 48 44.05 -9.32 17.92
C VAL C 48 42.85 -9.88 17.16
N GLY C 49 42.75 -9.61 15.85
CA GLY C 49 41.64 -10.10 15.06
C GLY C 49 40.55 -9.09 14.80
N CYS C 50 40.88 -7.79 14.83
CA CYS C 50 39.89 -6.75 14.60
C CYS C 50 39.35 -6.74 13.18
N LYS C 51 40.08 -7.37 12.25
CA LYS C 51 39.71 -7.49 10.84
C LYS C 51 39.60 -6.13 10.14
N ARG C 52 40.34 -5.13 10.64
CA ARG C 52 40.35 -3.83 10.00
C ARG C 52 41.04 -3.91 8.65
N CYS C 53 42.03 -4.80 8.56
CA CYS C 53 42.75 -5.03 7.33
C CYS C 53 41.83 -5.62 6.26
N GLU C 54 40.92 -6.52 6.67
CA GLU C 54 39.98 -7.10 5.72
C GLU C 54 39.01 -6.04 5.23
N THR C 55 38.63 -5.11 6.10
CA THR C 55 37.73 -4.03 5.70
C THR C 55 38.43 -3.09 4.73
N ALA C 56 39.72 -2.85 4.93
CA ALA C 56 40.48 -1.95 4.07
C ALA C 56 40.94 -2.59 2.77
N CYS C 57 40.76 -3.90 2.59
CA CYS C 57 41.20 -4.53 1.35
C CYS C 57 40.20 -4.28 0.23
N PRO C 58 40.64 -3.80 -0.93
CA PRO C 58 39.72 -3.52 -2.03
C PRO C 58 39.58 -4.62 -3.08
N THR C 59 40.33 -5.72 -2.97
CA THR C 59 40.22 -6.77 -3.97
C THR C 59 38.98 -7.63 -3.74
N ASP C 60 38.50 -8.24 -4.84
CA ASP C 60 37.32 -9.10 -4.83
C ASP C 60 37.74 -10.46 -5.39
N PHE C 61 37.86 -11.48 -4.54
CA PHE C 61 37.63 -11.39 -3.10
C PHE C 61 38.90 -10.87 -2.41
N LEU C 62 38.86 -10.76 -1.07
CA LEU C 62 39.95 -10.22 -0.27
C LEU C 62 41.29 -10.93 -0.50
N SER C 63 42.36 -10.19 -0.26
CA SER C 63 43.71 -10.70 -0.38
C SER C 63 44.32 -11.04 0.97
N VAL C 64 43.84 -10.40 2.04
CA VAL C 64 44.30 -10.65 3.39
C VAL C 64 43.15 -11.27 4.17
N ARG C 65 43.43 -12.38 4.85
CA ARG C 65 42.40 -13.08 5.62
C ARG C 65 42.89 -13.32 7.03
N VAL C 66 41.96 -13.22 7.98
CA VAL C 66 42.25 -13.42 9.39
C VAL C 66 41.38 -14.58 9.87
N TYR C 67 42.02 -15.56 10.49
CA TYR C 67 41.36 -16.73 11.02
C TYR C 67 41.62 -16.74 12.52
N LEU C 68 40.55 -16.74 13.30
CA LEU C 68 40.70 -16.73 14.76
C LEU C 68 41.31 -18.03 15.25
N GLY C 69 42.41 -17.90 16.00
CA GLY C 69 43.11 -19.05 16.52
C GLY C 69 43.13 -19.09 18.04
N SER C 70 44.22 -19.59 18.61
CA SER C 70 44.34 -19.69 20.04
C SER C 70 44.44 -18.30 20.67
N GLU C 71 43.63 -18.05 21.69
CA GLU C 71 43.60 -16.78 22.38
C GLU C 71 44.69 -16.73 23.44
N SER C 72 45.32 -15.58 23.58
CA SER C 72 46.38 -15.36 24.56
C SER C 72 46.22 -13.94 25.10
N THR C 73 47.24 -13.46 25.81
CA THR C 73 47.17 -12.12 26.38
C THR C 73 47.23 -11.04 25.30
N ARG C 74 48.16 -11.19 24.35
CA ARG C 74 48.28 -10.20 23.28
C ARG C 74 47.11 -10.29 22.31
N SER C 75 46.64 -11.50 22.03
CA SER C 75 45.52 -11.68 21.09
C SER C 75 44.21 -11.16 21.66
N MET C 76 44.02 -11.23 22.99
CA MET C 76 42.79 -10.73 23.58
C MET C 76 42.85 -9.23 23.88
N GLY C 77 44.00 -8.60 23.66
CA GLY C 77 44.16 -7.17 23.91
C GLY C 77 43.88 -6.77 25.34
N LEU C 78 44.42 -7.50 26.29
CA LEU C 78 44.19 -7.23 27.70
C LEU C 78 45.33 -6.38 28.27
N SER C 79 44.96 -5.34 29.02
CA SER C 79 45.93 -4.47 29.65
C SER C 79 46.26 -4.94 31.06
N TYR C 80 45.71 -6.09 31.46
CA TYR C 80 45.95 -6.66 32.78
C TYR C 80 46.40 -8.11 32.63
N TRP D 1 71.73 1.74 9.39
CA TRP D 1 70.70 1.89 10.41
C TRP D 1 71.07 1.05 11.63
N THR D 2 70.72 1.53 12.82
CA THR D 2 71.03 0.85 14.06
C THR D 2 69.81 0.84 14.97
N VAL D 3 69.67 -0.26 15.72
CA VAL D 3 68.54 -0.41 16.64
C VAL D 3 68.70 0.56 17.81
N PRO D 4 67.70 1.39 18.11
CA PRO D 4 67.83 2.33 19.22
C PRO D 4 67.86 1.64 20.57
N THR D 5 68.57 2.29 21.51
CA THR D 5 68.72 1.81 22.86
C THR D 5 67.82 2.64 23.78
N LEU D 6 67.03 1.96 24.61
CA LEU D 6 66.13 2.64 25.52
C LEU D 6 66.88 3.41 26.60
N ASN D 7 66.52 4.68 26.77
CA ASN D 7 67.11 5.57 27.76
C ASN D 7 66.06 5.75 28.86
N PRO D 8 66.26 5.12 30.03
CA PRO D 8 65.27 5.27 31.09
C PRO D 8 65.27 6.66 31.73
N ASP D 9 66.37 7.42 31.59
CA ASP D 9 66.45 8.76 32.16
C ASP D 9 66.04 9.79 31.10
N THR D 10 64.87 9.53 30.51
CA THR D 10 64.29 10.38 29.49
C THR D 10 63.10 11.11 30.09
N PRO D 11 62.99 12.42 29.93
CA PRO D 11 61.85 13.15 30.49
C PRO D 11 60.55 12.69 29.85
N SER D 12 59.49 12.75 30.63
CA SER D 12 58.16 12.34 30.24
C SER D 12 57.24 13.56 30.13
N PRO D 13 56.17 13.46 29.33
CA PRO D 13 55.24 14.58 29.21
C PRO D 13 54.55 14.89 30.53
N ILE D 14 54.24 16.16 30.75
CA ILE D 14 53.60 16.58 31.98
C ILE D 14 52.14 16.14 31.95
N PHE D 15 51.82 15.13 32.76
CA PHE D 15 50.48 14.59 32.88
C PHE D 15 50.18 14.46 34.36
N GLY D 16 48.94 14.79 34.75
CA GLY D 16 48.57 14.70 36.15
C GLY D 16 48.30 13.31 36.66
N GLY D 17 48.28 12.32 35.79
CA GLY D 17 48.00 10.97 36.19
C GLY D 17 46.54 10.62 36.01
N SER D 18 46.28 9.34 35.82
CA SER D 18 44.92 8.88 35.61
C SER D 18 44.78 7.46 36.15
N THR D 19 43.55 6.96 36.06
CA THR D 19 43.22 5.61 36.51
C THR D 19 43.30 4.59 35.38
N GLY D 20 43.63 5.02 34.17
CA GLY D 20 43.74 4.13 33.04
C GLY D 20 45.18 3.77 32.76
N GLY D 21 46.04 3.97 33.76
CA GLY D 21 47.46 3.69 33.63
C GLY D 21 47.80 2.21 33.68
N LEU D 22 49.02 1.93 34.10
CA LEU D 22 49.51 0.56 34.18
C LEU D 22 48.81 -0.21 35.29
N LEU D 23 48.85 -1.54 35.16
CA LEU D 23 48.24 -2.46 36.12
C LEU D 23 49.29 -3.47 36.57
N ARG D 24 48.85 -4.54 37.26
CA ARG D 24 49.78 -5.56 37.73
C ARG D 24 50.48 -6.31 36.60
N LYS D 25 49.96 -6.22 35.38
CA LYS D 25 50.59 -6.89 34.25
C LYS D 25 51.93 -6.25 33.91
N ALA D 26 52.07 -4.95 34.18
CA ALA D 26 53.32 -4.25 33.90
C ALA D 26 54.44 -4.75 34.80
N GLN D 27 54.09 -5.29 35.97
CA GLN D 27 55.09 -5.81 36.88
C GLN D 27 55.18 -7.33 36.86
N THR D 28 54.17 -8.01 36.32
CA THR D 28 54.21 -9.46 36.27
C THR D 28 54.43 -10.05 34.89
N GLU D 29 53.91 -9.46 33.82
CA GLU D 29 54.08 -10.05 32.50
C GLU D 29 54.97 -9.21 31.56
N GLU D 30 54.54 -8.01 31.21
CA GLU D 30 55.26 -7.10 30.31
C GLU D 30 54.47 -5.80 30.19
N PHE D 31 55.13 -4.81 29.60
CA PHE D 31 54.51 -3.51 29.35
C PHE D 31 55.22 -2.90 28.13
N TYR D 32 54.79 -1.71 27.73
CA TYR D 32 55.37 -1.08 26.55
C TYR D 32 55.80 0.34 26.87
N VAL D 33 56.85 0.78 26.19
CA VAL D 33 57.44 2.11 26.37
C VAL D 33 57.54 2.78 25.02
N ILE D 34 56.92 3.95 24.89
CA ILE D 34 56.93 4.74 23.66
C ILE D 34 57.78 5.98 23.86
N THR D 35 58.69 6.23 22.90
CA THR D 35 59.59 7.37 22.95
C THR D 35 59.49 8.13 21.62
N TRP D 36 59.63 9.45 21.70
CA TRP D 36 59.57 10.27 20.50
C TRP D 36 60.29 11.59 20.75
N GLU D 37 60.54 12.31 19.67
CA GLU D 37 61.20 13.60 19.68
C GLU D 37 60.22 14.68 19.26
N ALA D 38 59.98 15.65 20.12
CA ALA D 38 59.05 16.74 19.84
C ALA D 38 59.82 18.03 19.64
N LYS D 39 59.45 18.77 18.60
CA LYS D 39 60.12 20.03 18.30
C LYS D 39 59.71 21.15 19.24
N LYS D 40 58.50 21.08 19.81
CA LYS D 40 58.04 22.12 20.72
C LYS D 40 57.00 21.54 21.67
N GLU D 41 56.72 22.29 22.72
CA GLU D 41 55.75 21.88 23.71
C GLU D 41 54.35 21.93 23.11
N GLN D 42 53.55 20.88 23.33
CA GLN D 42 52.21 20.86 22.77
C GLN D 42 51.31 19.93 23.54
N ILE D 43 50.07 20.35 23.74
CA ILE D 43 49.08 19.54 24.46
C ILE D 43 48.52 18.50 23.51
N PHE D 44 48.65 17.23 23.89
CA PHE D 44 48.15 16.10 23.12
C PHE D 44 47.19 15.30 23.98
N GLU D 45 46.50 14.36 23.35
CA GLU D 45 45.52 13.52 24.02
C GLU D 45 46.12 12.16 24.37
N MET D 46 45.98 11.77 25.62
CA MET D 46 46.48 10.49 26.08
C MET D 46 45.56 9.36 25.62
N PRO D 47 46.11 8.23 25.16
CA PRO D 47 45.25 7.12 24.71
C PRO D 47 44.44 6.49 25.82
N THR D 48 44.84 6.67 27.07
CA THR D 48 44.12 6.11 28.21
C THR D 48 43.22 7.14 28.89
N GLY D 49 43.04 8.31 28.29
CA GLY D 49 42.19 9.33 28.87
C GLY D 49 42.97 10.49 29.45
N GLY D 50 42.55 11.70 29.13
CA GLY D 50 43.18 12.90 29.62
C GLY D 50 44.06 13.57 28.57
N ALA D 51 44.43 14.81 28.86
CA ALA D 51 45.26 15.61 27.99
C ALA D 51 46.59 15.90 28.69
N ALA D 52 47.69 15.55 28.03
CA ALA D 52 49.01 15.78 28.57
C ALA D 52 49.73 16.80 27.71
N ILE D 53 50.91 17.22 28.15
CA ILE D 53 51.69 18.22 27.42
C ILE D 53 53.04 17.61 27.08
N MET D 54 53.27 17.36 25.80
CA MET D 54 54.55 16.82 25.38
C MET D 54 55.58 17.94 25.43
N ARG D 55 56.74 17.62 26.01
CA ARG D 55 57.86 18.52 26.19
C ARG D 55 58.66 18.65 24.91
N GLN D 56 59.56 19.64 24.90
CA GLN D 56 60.42 19.85 23.74
C GLN D 56 61.60 18.90 23.82
N GLY D 57 61.77 18.07 22.79
CA GLY D 57 62.86 17.12 22.76
C GLY D 57 62.38 15.70 22.98
N PRO D 58 63.16 14.91 23.71
CA PRO D 58 62.76 13.52 23.98
C PRO D 58 61.59 13.43 24.93
N ASN D 59 60.73 12.44 24.71
CA ASN D 59 59.55 12.20 25.54
C ASN D 59 59.32 10.70 25.61
N LEU D 60 59.11 10.21 26.83
CA LEU D 60 58.91 8.79 27.12
C LEU D 60 57.61 8.57 27.88
N LEU D 61 56.93 7.47 27.55
CA LEU D 61 55.67 7.12 28.20
C LEU D 61 55.56 5.61 28.32
N LYS D 62 54.76 5.15 29.28
CA LYS D 62 54.54 3.73 29.53
C LYS D 62 53.08 3.38 29.30
N PHE D 63 52.84 2.24 28.67
CA PHE D 63 51.49 1.77 28.37
C PHE D 63 51.37 0.29 28.66
N GLY D 64 50.13 -0.15 28.85
CA GLY D 64 49.88 -1.56 29.16
C GLY D 64 49.93 -2.50 27.99
N LYS D 65 49.49 -2.06 26.81
CA LYS D 65 49.50 -2.94 25.63
C LYS D 65 50.05 -2.20 24.43
N LYS D 66 50.43 -2.99 23.42
CA LYS D 66 51.01 -2.45 22.18
C LYS D 66 50.03 -1.58 21.40
N GLU D 67 48.73 -1.87 21.49
CA GLU D 67 47.74 -1.08 20.77
C GLU D 67 47.73 0.37 21.23
N GLN D 68 47.93 0.60 22.53
CA GLN D 68 47.96 1.97 23.05
C GLN D 68 49.16 2.73 22.49
N CYS D 69 50.31 2.08 22.44
CA CYS D 69 51.52 2.71 21.90
C CYS D 69 51.38 3.00 20.41
N LEU D 70 50.82 2.07 19.64
CA LEU D 70 50.66 2.34 18.22
C LEU D 70 49.58 3.39 17.97
N ALA D 71 48.56 3.46 18.83
CA ALA D 71 47.54 4.48 18.68
C ALA D 71 48.14 5.86 18.94
N LEU D 72 48.98 5.97 19.97
CA LEU D 72 49.64 7.24 20.24
C LEU D 72 50.62 7.58 19.13
N THR D 73 51.27 6.56 18.56
CA THR D 73 52.21 6.78 17.46
C THR D 73 51.48 7.35 16.26
N THR D 74 50.32 6.77 15.93
CA THR D 74 49.52 7.25 14.80
C THR D 74 49.02 8.66 15.06
N GLN D 75 48.62 8.95 16.30
CA GLN D 75 48.16 10.30 16.62
C GLN D 75 49.27 11.33 16.48
N LEU D 76 50.47 11.00 16.95
CA LEU D 76 51.59 11.92 16.85
C LEU D 76 52.04 12.11 15.40
N ARG D 77 51.99 11.04 14.60
CA ARG D 77 52.41 11.14 13.21
C ARG D 77 51.40 11.92 12.36
N ASN D 78 50.11 11.68 12.57
CA ASN D 78 49.10 12.34 11.75
C ASN D 78 48.69 13.72 12.24
N LYS D 79 48.93 14.07 13.50
CA LYS D 79 48.50 15.38 13.96
C LYS D 79 49.65 16.37 14.12
N PHE D 80 50.85 15.89 14.44
CA PHE D 80 51.98 16.79 14.64
C PHE D 80 53.17 16.48 13.76
N LYS D 81 53.10 15.45 12.92
CA LYS D 81 54.17 15.05 12.00
C LYS D 81 55.48 14.76 12.73
N LEU D 82 55.46 13.73 13.57
CA LEU D 82 56.62 13.30 14.32
C LEU D 82 57.00 11.88 13.90
N THR D 83 58.08 11.36 14.51
CA THR D 83 58.59 10.03 14.24
C THR D 83 58.78 9.29 15.56
N PRO D 84 57.72 8.64 16.08
CA PRO D 84 57.86 7.92 17.35
C PRO D 84 58.28 6.46 17.17
N PHE D 86 58.55 2.47 19.64
CA PHE D 86 58.31 1.87 20.94
C PHE D 86 58.92 0.48 21.13
N TYR D 87 59.04 0.12 22.40
CA TYR D 87 59.63 -1.12 22.83
C TYR D 87 58.70 -1.84 23.80
N ARG D 88 59.00 -3.11 24.00
CA ARG D 88 58.30 -3.98 24.94
C ARG D 88 59.31 -4.27 26.04
N VAL D 89 58.96 -3.93 27.28
CA VAL D 89 59.84 -4.11 28.42
C VAL D 89 59.25 -5.16 29.35
N PHE D 90 60.07 -6.13 29.73
CA PHE D 90 59.82 -7.25 30.61
C PHE D 90 60.25 -6.91 32.04
N PRO D 91 59.68 -7.58 33.05
CA PRO D 91 60.05 -7.28 34.44
C PRO D 91 61.52 -7.53 34.77
N ASP D 92 62.22 -8.39 34.01
CA ASP D 92 63.62 -8.63 34.30
C ASP D 92 64.52 -7.55 33.72
N GLY D 93 63.96 -6.60 32.97
CA GLY D 93 64.73 -5.52 32.39
C GLY D 93 65.03 -5.68 30.92
N LYS D 94 64.52 -6.71 30.26
CA LYS D 94 64.79 -6.90 28.84
C LYS D 94 63.94 -5.94 28.02
N VAL D 95 64.59 -5.25 27.09
CA VAL D 95 63.94 -4.29 26.21
C VAL D 95 63.99 -4.83 24.79
N GLN D 96 62.84 -4.86 24.13
CA GLN D 96 62.73 -5.37 22.77
C GLN D 96 62.10 -4.31 21.88
N TYR D 97 62.85 -3.85 20.87
CA TYR D 97 62.36 -2.85 19.93
C TYR D 97 61.28 -3.45 19.06
N LEU D 98 60.14 -2.76 18.89
CA LEU D 98 59.07 -3.31 18.08
C LEU D 98 58.75 -2.53 16.81
N HIS D 99 58.40 -1.25 16.92
CA HIS D 99 58.01 -0.48 15.75
C HIS D 99 58.69 0.88 15.64
N PRO D 100 59.23 1.25 14.46
CA PRO D 100 59.27 0.45 13.22
C PRO D 100 60.31 -0.67 13.29
N ALA D 101 59.98 -1.83 12.75
CA ALA D 101 60.86 -3.00 12.80
C ALA D 101 62.22 -2.81 12.13
N ASP D 102 62.24 -2.17 10.97
CA ASP D 102 63.48 -1.95 10.24
C ASP D 102 63.91 -0.50 10.23
N GLY D 103 63.25 0.34 11.01
CA GLY D 103 63.54 1.76 11.02
C GLY D 103 62.72 2.51 10.00
N VAL D 104 62.12 1.79 9.07
CA VAL D 104 61.26 2.32 8.02
C VAL D 104 59.85 1.87 8.36
N TYR D 105 58.89 2.76 8.23
CA TYR D 105 57.51 2.41 8.54
C TYR D 105 57.00 1.35 7.57
N PRO D 106 56.12 0.45 8.00
CA PRO D 106 55.66 -0.63 7.11
C PRO D 106 54.73 -0.21 5.98
N GLU D 107 54.27 1.03 5.91
CA GLU D 107 53.38 1.40 4.81
C GLU D 107 54.13 1.47 3.50
N LYS D 108 55.40 1.83 3.53
CA LYS D 108 56.23 1.93 2.35
C LYS D 108 57.10 0.68 2.24
N VAL D 109 57.40 0.27 1.00
CA VAL D 109 58.21 -0.92 0.80
C VAL D 109 59.67 -0.56 1.06
N ASN D 110 60.37 -1.48 1.73
CA ASN D 110 61.77 -1.31 2.09
C ASN D 110 62.53 -2.58 1.73
N ALA D 111 63.76 -2.41 1.25
CA ALA D 111 64.59 -3.53 0.86
C ALA D 111 65.06 -4.31 2.09
N GLY D 112 65.20 -5.62 1.92
CA GLY D 112 65.64 -6.51 2.98
C GLY D 112 64.53 -7.25 3.68
N ARG D 113 63.29 -6.80 3.54
CA ARG D 113 62.16 -7.47 4.17
C ARG D 113 61.80 -8.73 3.39
N VAL D 114 61.36 -9.75 4.11
CA VAL D 114 60.98 -11.02 3.50
C VAL D 114 59.51 -11.28 3.83
N GLY D 115 58.71 -11.50 2.79
CA GLY D 115 57.30 -11.75 3.00
C GLY D 115 57.06 -13.09 3.68
N ALA D 116 56.20 -13.07 4.70
CA ALA D 116 55.85 -14.25 5.47
C ALA D 116 54.34 -14.39 5.51
N ASN D 117 53.89 -15.64 5.74
CA ASN D 117 52.47 -15.98 5.81
C ASN D 117 51.73 -15.58 4.53
N GLN D 118 52.41 -15.75 3.39
CA GLN D 118 51.85 -15.42 2.09
C GLN D 118 51.54 -16.69 1.33
N ASN D 119 50.33 -16.76 0.77
CA ASN D 119 49.89 -17.90 -0.01
C ASN D 119 49.97 -17.52 -1.48
N MET D 120 50.70 -18.30 -2.27
CA MET D 120 50.87 -18.04 -3.69
C MET D 120 49.74 -18.68 -4.50
N ARG D 121 48.52 -18.28 -4.15
CA ARG D 121 47.27 -18.73 -4.75
C ARG D 121 46.19 -17.78 -4.27
N ARG D 122 44.95 -18.07 -4.63
CA ARG D 122 43.83 -17.22 -4.20
C ARG D 122 42.96 -17.99 -3.22
N ILE D 123 41.94 -17.30 -2.72
CA ILE D 123 41.02 -17.89 -1.74
C ILE D 123 40.24 -19.04 -2.37
N GLY D 124 39.73 -18.84 -3.59
CA GLY D 124 38.96 -19.88 -4.25
C GLY D 124 39.75 -21.13 -4.60
N GLN D 125 41.07 -21.07 -4.50
CA GLN D 125 41.91 -22.22 -4.79
C GLN D 125 42.27 -23.03 -3.55
N ASN D 126 41.67 -22.72 -2.40
CA ASN D 126 41.96 -23.46 -1.18
C ASN D 126 41.31 -24.84 -1.23
N VAL D 127 41.85 -25.77 -0.45
CA VAL D 127 41.36 -27.14 -0.41
C VAL D 127 40.15 -27.28 0.50
N ASN D 128 39.43 -28.41 0.40
CA ASN D 128 38.27 -28.63 1.24
C ASN D 128 38.70 -29.05 2.64
N PRO D 129 37.86 -28.78 3.66
CA PRO D 129 38.23 -29.19 5.03
C PRO D 129 38.42 -30.69 5.21
N ILE D 130 37.75 -31.51 4.40
CA ILE D 130 37.90 -32.96 4.50
C ILE D 130 39.35 -33.38 4.24
N LYS D 131 40.06 -32.59 3.42
CA LYS D 131 41.46 -32.88 3.15
C LYS D 131 42.37 -32.53 4.32
N VAL D 132 41.98 -31.57 5.17
CA VAL D 132 42.80 -31.21 6.31
C VAL D 132 42.26 -31.78 7.61
N LYS D 133 41.29 -32.68 7.53
CA LYS D 133 40.72 -33.30 8.72
C LYS D 133 41.68 -34.35 9.26
N PHE D 134 41.45 -34.74 10.52
CA PHE D 134 42.25 -35.74 11.24
C PHE D 134 43.73 -35.38 11.28
N SER D 135 44.00 -34.12 11.60
CA SER D 135 45.35 -33.61 11.71
C SER D 135 45.77 -33.63 13.18
N GLY D 136 46.90 -32.98 13.47
CA GLY D 136 47.37 -32.94 14.85
C GLY D 136 46.43 -32.18 15.77
N ARG D 137 45.81 -31.13 15.25
CA ARG D 137 44.87 -30.30 15.99
C ARG D 137 43.94 -29.67 14.95
N MET D 138 43.11 -28.71 15.39
CA MET D 138 42.20 -28.02 14.48
C MET D 138 42.97 -27.18 13.48
N MET D 139 42.99 -27.61 12.22
CA MET D 139 43.70 -26.91 11.16
C MET D 139 42.72 -26.44 10.10
N SER D 140 42.83 -25.20 9.75
CA SER D 140 42.04 -24.55 8.74
C SER D 140 42.59 -24.88 7.36
N PRO D 141 41.76 -24.87 6.31
CA PRO D 141 42.28 -25.17 4.97
C PRO D 141 43.22 -24.11 4.42
N ALA D 142 43.30 -22.93 5.05
CA ALA D 142 44.18 -21.88 4.58
C ALA D 142 45.54 -21.89 5.27
N GLU D 143 45.70 -22.70 6.31
CA GLU D 143 46.96 -22.78 7.02
C GLU D 143 48.05 -23.50 6.23
N ILE D 144 47.68 -24.24 5.19
CA ILE D 144 48.64 -24.97 4.38
C ILE D 144 48.80 -24.31 3.01
N GLU E 1 48.52 -6.03 -26.63
CA GLU E 1 47.56 -6.52 -27.61
C GLU E 1 46.90 -7.82 -27.14
N VAL E 2 47.49 -8.42 -26.10
CA VAL E 2 46.96 -9.67 -25.57
C VAL E 2 45.81 -9.37 -24.61
N GLY E 3 44.76 -10.17 -24.69
CA GLY E 3 43.60 -10.01 -23.85
C GLY E 3 42.47 -9.28 -24.53
N PRO E 4 41.39 -9.03 -23.80
CA PRO E 4 40.24 -8.34 -24.39
C PRO E 4 40.54 -6.90 -24.74
N LYS E 5 39.76 -6.38 -25.68
CA LYS E 5 39.90 -5.00 -26.14
C LYS E 5 39.37 -4.03 -25.10
N ARG E 6 40.05 -2.90 -24.95
CA ARG E 6 39.65 -1.87 -24.00
C ARG E 6 38.27 -1.31 -24.35
N GLY E 7 37.40 -1.26 -23.35
CA GLY E 7 36.05 -0.76 -23.52
C GLY E 7 35.01 -1.83 -23.84
N SER E 8 35.44 -3.07 -24.06
CA SER E 8 34.50 -4.14 -24.36
C SER E 8 33.82 -4.64 -23.09
N LEU E 9 32.90 -5.59 -23.26
CA LEU E 9 32.16 -6.18 -22.16
C LEU E 9 32.53 -7.65 -22.03
N VAL E 10 32.88 -8.07 -20.81
CA VAL E 10 33.26 -9.44 -20.57
C VAL E 10 32.50 -9.99 -19.36
N LYS E 11 32.43 -11.30 -19.29
CA LYS E 11 31.78 -12.02 -18.20
C LYS E 11 32.84 -12.53 -17.23
N ILE E 12 32.55 -12.49 -15.94
CA ILE E 12 33.49 -12.94 -14.93
C ILE E 12 33.25 -14.42 -14.64
N LEU E 13 34.32 -15.21 -14.68
CA LEU E 13 34.24 -16.64 -14.43
C LEU E 13 34.81 -17.03 -13.08
N ARG E 14 35.31 -16.08 -12.30
CA ARG E 14 35.86 -16.40 -10.99
C ARG E 14 34.72 -16.74 -10.04
N PRO E 15 34.67 -17.96 -9.49
CA PRO E 15 33.55 -18.33 -8.60
C PRO E 15 33.48 -17.52 -7.31
N GLU E 16 34.61 -17.22 -6.69
CA GLU E 16 34.61 -16.47 -5.43
C GLU E 16 34.37 -14.97 -5.62
N SER E 17 34.32 -14.49 -6.86
CA SER E 17 34.10 -13.08 -7.10
C SER E 17 32.62 -12.72 -6.91
N TYR E 18 32.38 -11.48 -6.49
CA TYR E 18 31.01 -11.01 -6.27
C TYR E 18 30.27 -10.90 -7.59
N TRP E 19 30.99 -10.58 -8.67
CA TRP E 19 30.41 -10.42 -9.99
C TRP E 19 30.49 -11.69 -10.83
N PHE E 20 30.45 -12.86 -10.20
CA PHE E 20 30.50 -14.11 -10.96
C PHE E 20 29.27 -14.20 -11.85
N ASN E 21 29.48 -14.58 -13.11
CA ASN E 21 28.45 -14.66 -14.14
C ASN E 21 27.80 -13.31 -14.42
N GLN E 22 28.53 -12.22 -14.27
CA GLN E 22 28.03 -10.87 -14.50
C GLN E 22 28.92 -10.17 -15.52
N VAL E 23 28.32 -9.22 -16.22
CA VAL E 23 28.99 -8.47 -17.28
C VAL E 23 29.67 -7.23 -16.69
N GLY E 24 30.85 -6.93 -17.21
CA GLY E 24 31.61 -5.76 -16.77
C GLY E 24 32.39 -5.20 -17.93
N LYS E 25 32.64 -3.89 -17.88
CA LYS E 25 33.37 -3.21 -18.94
C LYS E 25 34.87 -3.26 -18.69
N VAL E 26 35.63 -3.58 -19.74
CA VAL E 26 37.08 -3.67 -19.65
C VAL E 26 37.66 -2.26 -19.60
N VAL E 27 38.60 -2.05 -18.68
CA VAL E 27 39.27 -0.76 -18.51
C VAL E 27 40.67 -0.78 -19.11
N SER E 28 41.54 -1.67 -18.62
CA SER E 28 42.90 -1.74 -19.12
C SER E 28 43.46 -3.14 -18.88
N VAL E 29 44.33 -3.57 -19.78
CA VAL E 29 44.98 -4.86 -19.68
C VAL E 29 46.48 -4.60 -19.54
N ASP E 30 47.06 -5.08 -18.45
CA ASP E 30 48.48 -4.87 -18.20
C ASP E 30 49.31 -5.67 -19.19
N GLN E 31 50.39 -5.06 -19.67
CA GLN E 31 51.28 -5.68 -20.64
C GLN E 31 52.43 -6.45 -20.02
N SER E 32 52.47 -6.58 -18.69
CA SER E 32 53.53 -7.32 -18.03
C SER E 32 53.09 -8.77 -17.87
N GLY E 33 53.83 -9.53 -17.08
CA GLY E 33 53.48 -10.91 -16.85
C GLY E 33 52.76 -11.12 -15.53
N VAL E 34 51.90 -10.16 -15.17
CA VAL E 34 51.16 -10.26 -13.92
C VAL E 34 50.08 -11.32 -14.04
N ARG E 35 49.67 -11.87 -12.90
CA ARG E 35 48.67 -12.93 -12.88
C ARG E 35 47.28 -12.41 -13.25
N TYR E 36 46.95 -11.19 -12.83
CA TYR E 36 45.64 -10.61 -13.11
C TYR E 36 45.83 -9.27 -13.81
N PRO E 37 46.03 -9.28 -15.13
CA PRO E 37 46.24 -8.04 -15.86
C PRO E 37 44.97 -7.34 -16.32
N VAL E 38 43.88 -8.08 -16.50
CA VAL E 38 42.64 -7.46 -16.97
C VAL E 38 41.98 -6.68 -15.84
N VAL E 39 41.58 -5.45 -16.13
CA VAL E 39 40.89 -4.59 -15.16
C VAL E 39 39.45 -4.49 -15.63
N VAL E 40 38.51 -4.87 -14.77
CA VAL E 40 37.09 -4.83 -15.12
C VAL E 40 36.35 -3.92 -14.14
N ARG E 41 35.55 -3.02 -14.70
CA ARG E 41 34.74 -2.07 -13.95
C ARG E 41 33.28 -2.48 -14.12
N PHE E 42 32.54 -2.49 -13.02
CA PHE E 42 31.14 -2.89 -13.03
C PHE E 42 30.26 -1.75 -12.55
N GLU E 43 29.03 -1.71 -13.06
CA GLU E 43 28.09 -0.67 -12.64
C GLU E 43 27.60 -0.89 -11.23
N ASN E 44 27.38 -2.15 -10.83
CA ASN E 44 26.91 -2.48 -9.50
C ASN E 44 28.09 -2.74 -8.58
N GLN E 45 28.08 -2.13 -7.41
CA GLN E 45 29.16 -2.29 -6.45
C GLN E 45 28.96 -3.54 -5.60
N ASN E 46 30.04 -3.97 -4.96
CA ASN E 46 30.00 -5.15 -4.10
C ASN E 46 29.56 -4.73 -2.69
N TYR E 47 29.72 -5.63 -1.73
CA TYR E 47 29.34 -5.31 -0.36
C TYR E 47 30.30 -4.32 0.28
N ALA E 48 31.51 -4.22 -0.24
CA ALA E 48 32.52 -3.29 0.27
C ALA E 48 32.47 -1.95 -0.43
N GLY E 49 31.60 -1.78 -1.42
CA GLY E 49 31.49 -0.53 -2.14
C GLY E 49 32.52 -0.33 -3.23
N VAL E 50 33.06 -1.40 -3.78
CA VAL E 50 34.07 -1.34 -4.82
C VAL E 50 33.44 -1.71 -6.15
N THR E 51 33.82 -1.02 -7.23
CA THR E 51 33.28 -1.29 -8.54
C THR E 51 34.32 -1.76 -9.55
N THR E 52 35.59 -1.84 -9.18
CA THR E 52 36.64 -2.26 -10.09
C THR E 52 37.42 -3.42 -9.49
N ASN E 53 37.95 -4.28 -10.36
CA ASN E 53 38.72 -5.42 -9.89
C ASN E 53 39.68 -5.88 -10.98
N ASN E 54 40.63 -6.72 -10.59
CA ASN E 54 41.64 -7.26 -11.49
C ASN E 54 41.42 -8.77 -11.62
N TYR E 55 41.28 -9.22 -12.87
CA TYR E 55 41.06 -10.62 -13.19
C TYR E 55 42.12 -11.10 -14.17
N ALA E 56 42.29 -12.42 -14.22
CA ALA E 56 43.26 -13.07 -15.09
C ALA E 56 42.73 -13.16 -16.51
N LEU E 57 43.59 -13.64 -17.42
CA LEU E 57 43.22 -13.78 -18.82
C LEU E 57 42.15 -14.86 -19.02
N ASP E 58 42.27 -15.99 -18.32
CA ASP E 58 41.28 -17.04 -18.47
C ASP E 58 40.08 -16.87 -17.56
N GLU E 59 40.11 -15.90 -16.65
CA GLU E 59 39.00 -15.66 -15.74
C GLU E 59 37.89 -14.85 -16.37
N VAL E 60 38.11 -14.29 -17.56
CA VAL E 60 37.12 -13.48 -18.24
C VAL E 60 36.83 -14.12 -19.60
N VAL E 61 35.55 -14.16 -19.96
CA VAL E 61 35.10 -14.70 -21.23
C VAL E 61 34.31 -13.60 -21.93
N ALA E 62 34.49 -13.47 -23.24
CA ALA E 62 33.80 -12.44 -23.99
C ALA E 62 32.32 -12.75 -24.07
N ALA E 63 31.49 -11.78 -23.70
CA ALA E 63 30.04 -11.96 -23.71
C ALA E 63 29.33 -10.62 -23.83
N ASP F 1 -25.99 -30.59 5.63
CA ASP F 1 -25.46 -30.56 4.27
C ASP F 1 -23.98 -30.93 4.24
N ILE F 2 -23.13 -29.99 3.81
CA ILE F 2 -21.71 -30.27 3.71
C ILE F 2 -21.06 -30.17 5.08
N ALA F 3 -20.35 -31.23 5.47
CA ALA F 3 -19.63 -31.35 6.75
C ALA F 3 -20.54 -31.12 7.95
N GLY F 4 -21.78 -31.60 7.88
CA GLY F 4 -22.71 -31.45 8.98
C GLY F 4 -23.15 -30.04 9.27
N LEU F 5 -22.97 -29.11 8.33
CA LEU F 5 -23.39 -27.74 8.54
C LEU F 5 -24.78 -27.52 7.97
N THR F 6 -25.45 -26.50 8.49
CA THR F 6 -26.79 -26.15 8.04
C THR F 6 -26.75 -24.77 7.40
N PRO F 7 -27.66 -24.49 6.46
CA PRO F 7 -27.68 -23.16 5.84
C PRO F 7 -28.02 -22.10 6.87
N CYS F 8 -27.49 -20.89 6.66
CA CYS F 8 -27.74 -19.80 7.60
C CYS F 8 -29.20 -19.35 7.58
N SER F 9 -29.93 -19.63 6.51
CA SER F 9 -31.34 -19.24 6.45
C SER F 9 -32.22 -20.11 7.34
N GLU F 10 -31.73 -21.29 7.76
CA GLU F 10 -32.47 -22.19 8.62
C GLU F 10 -31.74 -22.54 9.90
N SER F 11 -30.87 -21.66 10.40
CA SER F 11 -30.13 -21.94 11.63
C SER F 11 -30.71 -21.12 12.78
N LYS F 12 -30.97 -21.79 13.91
CA LYS F 12 -31.53 -21.10 15.07
C LYS F 12 -30.49 -20.22 15.75
N ALA F 13 -29.24 -20.67 15.83
CA ALA F 13 -28.20 -19.86 16.45
C ALA F 13 -27.94 -18.59 15.66
N TYR F 14 -28.09 -18.64 14.33
CA TYR F 14 -27.91 -17.46 13.49
C TYR F 14 -28.95 -16.40 13.83
N ALA F 15 -30.22 -16.81 13.94
CA ALA F 15 -31.29 -15.89 14.28
C ALA F 15 -31.12 -15.37 15.70
N LYS F 16 -30.66 -16.22 16.62
CA LYS F 16 -30.45 -15.79 18.00
C LYS F 16 -29.31 -14.78 18.08
N LEU F 17 -28.28 -14.95 17.25
CA LEU F 17 -27.17 -14.00 17.21
C LEU F 17 -27.64 -12.66 16.66
N GLU F 18 -28.49 -12.70 15.62
CA GLU F 18 -29.02 -11.47 15.06
C GLU F 18 -29.89 -10.75 16.08
N LYS F 19 -30.70 -11.50 16.82
CA LYS F 19 -31.55 -10.91 17.84
C LYS F 19 -30.71 -10.34 18.97
N LYS F 20 -29.57 -10.98 19.29
CA LYS F 20 -28.70 -10.49 20.34
C LYS F 20 -28.07 -9.15 19.95
N GLU F 21 -27.59 -9.06 18.70
CA GLU F 21 -27.00 -7.82 18.22
C GLU F 21 -28.03 -6.70 18.14
N LEU F 22 -29.22 -7.01 17.63
CA LEU F 22 -30.26 -5.99 17.56
C LEU F 22 -30.73 -5.59 18.95
N LYS F 23 -30.73 -6.53 19.89
CA LYS F 23 -31.14 -6.24 21.26
C LYS F 23 -30.17 -5.30 21.95
N THR F 24 -28.86 -5.55 21.79
CA THR F 24 -27.90 -4.66 22.45
C THR F 24 -27.90 -3.28 21.79
N LEU F 25 -28.13 -3.22 20.46
CA LEU F 25 -28.19 -1.92 19.79
C LEU F 25 -29.43 -1.15 20.22
N GLU F 26 -30.57 -1.84 20.33
CA GLU F 26 -31.81 -1.20 20.74
C GLU F 26 -31.71 -0.74 22.19
N LYS F 27 -31.04 -1.54 23.04
CA LYS F 27 -30.84 -1.17 24.43
C LYS F 27 -29.99 0.08 24.53
N ARG F 28 -28.97 0.20 23.68
CA ARG F 28 -28.14 1.40 23.70
C ARG F 28 -28.91 2.59 23.15
N LEU F 29 -29.84 2.35 22.22
CA LEU F 29 -30.64 3.41 21.61
C LEU F 29 -31.72 3.96 22.54
N LYS F 30 -32.23 3.15 23.48
CA LYS F 30 -33.27 3.63 24.40
C LYS F 30 -32.84 4.76 25.32
N GLN F 31 -31.53 5.02 25.46
CA GLN F 31 -31.09 6.09 26.35
C GLN F 31 -31.09 7.47 25.70
N TYR F 32 -31.30 7.57 24.39
CA TYR F 32 -31.29 8.85 23.69
C TYR F 32 -32.71 9.26 23.31
N GLU F 33 -32.81 10.44 22.70
CA GLU F 33 -34.08 10.99 22.24
C GLU F 33 -34.42 10.39 20.88
N ALA F 34 -35.40 10.98 20.20
CA ALA F 34 -35.81 10.47 18.89
C ALA F 34 -35.30 11.28 17.72
N ASP F 35 -35.09 12.58 17.87
CA ASP F 35 -34.61 13.40 16.76
C ASP F 35 -33.22 13.93 17.03
N SER F 36 -32.34 13.07 17.53
CA SER F 36 -30.97 13.46 17.82
C SER F 36 -30.02 12.65 16.94
N ALA F 37 -28.82 13.21 16.77
CA ALA F 37 -27.79 12.57 15.96
C ALA F 37 -27.41 11.17 16.44
N PRO F 38 -27.20 10.89 17.75
CA PRO F 38 -26.86 9.51 18.14
C PRO F 38 -27.98 8.52 17.84
N ALA F 39 -29.24 8.95 17.95
CA ALA F 39 -30.35 8.05 17.64
C ALA F 39 -30.39 7.69 16.17
N VAL F 40 -30.15 8.67 15.29
CA VAL F 40 -30.14 8.42 13.86
C VAL F 40 -28.97 7.52 13.50
N ALA F 41 -27.82 7.75 14.15
CA ALA F 41 -26.65 6.90 13.90
C ALA F 41 -26.90 5.46 14.34
N LEU F 42 -27.55 5.28 15.49
CA LEU F 42 -27.85 3.94 15.98
C LEU F 42 -28.87 3.25 15.08
N LYS F 43 -29.87 4.00 14.60
CA LYS F 43 -30.86 3.42 13.70
C LYS F 43 -30.21 3.02 12.38
N ALA F 44 -29.25 3.81 11.91
CA ALA F 44 -28.53 3.48 10.69
C ALA F 44 -27.72 2.22 10.88
N THR F 45 -27.08 2.08 12.05
CA THR F 45 -26.30 0.88 12.34
C THR F 45 -27.21 -0.35 12.42
N MET F 46 -28.40 -0.18 13.00
CA MET F 46 -29.36 -1.28 13.10
C MET F 46 -29.84 -1.71 11.71
N GLU F 47 -30.08 -0.73 10.83
CA GLU F 47 -30.50 -1.04 9.47
C GLU F 47 -29.39 -1.76 8.73
N ARG F 48 -28.14 -1.35 8.99
CA ARG F 48 -26.99 -2.01 8.36
C ARG F 48 -26.88 -3.44 8.85
N THR F 49 -27.17 -3.67 10.14
CA THR F 49 -27.12 -5.02 10.70
C THR F 49 -28.19 -5.91 10.09
N LYS F 50 -29.41 -5.37 9.94
CA LYS F 50 -30.50 -6.14 9.34
C LYS F 50 -30.19 -6.49 7.89
N ALA F 51 -29.65 -5.52 7.14
CA ALA F 51 -29.30 -5.76 5.75
C ALA F 51 -28.17 -6.77 5.63
N ARG F 52 -27.20 -6.72 6.54
CA ARG F 52 -26.08 -7.66 6.49
C ARG F 52 -26.55 -9.08 6.76
N PHE F 53 -27.38 -9.26 7.79
CA PHE F 53 -27.88 -10.60 8.10
C PHE F 53 -28.76 -11.13 6.99
N ALA F 54 -29.62 -10.27 6.43
CA ALA F 54 -30.50 -10.69 5.34
C ALA F 54 -29.69 -11.07 4.11
N ASN F 55 -28.63 -10.30 3.80
CA ASN F 55 -27.80 -10.58 2.65
C ASN F 55 -27.00 -11.87 2.84
N TYR F 56 -26.52 -12.12 4.07
CA TYR F 56 -25.76 -13.34 4.31
C TYR F 56 -26.66 -14.56 4.20
N ALA F 57 -27.90 -14.46 4.70
CA ALA F 57 -28.81 -15.59 4.60
C ALA F 57 -29.31 -15.77 3.17
N LYS F 58 -29.41 -14.67 2.42
CA LYS F 58 -29.85 -14.71 1.04
C LYS F 58 -28.80 -15.33 0.12
N ALA F 59 -27.52 -15.13 0.45
CA ALA F 59 -26.42 -15.67 -0.35
C ALA F 59 -26.30 -17.18 -0.26
N GLY F 60 -27.03 -17.84 0.64
CA GLY F 60 -26.93 -19.27 0.76
C GLY F 60 -25.73 -19.78 1.50
N LEU F 61 -25.18 -18.98 2.42
CA LEU F 61 -24.02 -19.40 3.19
C LEU F 61 -24.38 -20.52 4.16
N LEU F 62 -23.37 -21.32 4.48
CA LEU F 62 -23.54 -22.43 5.41
C LEU F 62 -23.04 -22.00 6.78
N CYS F 63 -23.89 -22.14 7.78
CA CYS F 63 -23.55 -21.76 9.15
C CYS F 63 -23.24 -23.01 9.96
N GLY F 64 -22.54 -22.82 11.06
CA GLY F 64 -22.16 -23.90 11.95
C GLY F 64 -23.05 -23.94 13.17
N ASN F 65 -22.55 -24.57 14.22
CA ASN F 65 -23.32 -24.66 15.46
C ASN F 65 -23.22 -23.39 16.29
N ASP F 66 -22.34 -22.47 15.89
CA ASP F 66 -22.16 -21.21 16.59
C ASP F 66 -22.98 -20.08 15.98
N GLY F 67 -23.67 -20.33 14.89
CA GLY F 67 -24.45 -19.31 14.22
C GLY F 67 -23.70 -18.43 13.26
N LEU F 68 -22.42 -18.71 13.03
CA LEU F 68 -21.59 -17.94 12.13
C LEU F 68 -21.41 -18.66 10.79
N PRO F 69 -21.25 -17.92 9.69
CA PRO F 69 -21.09 -18.57 8.39
C PRO F 69 -19.76 -19.28 8.24
N HIS F 70 -19.71 -20.20 7.28
CA HIS F 70 -18.53 -20.98 6.97
C HIS F 70 -18.26 -20.89 5.47
N LEU F 71 -16.98 -20.96 5.11
CA LEU F 71 -16.57 -20.88 3.72
C LEU F 71 -16.17 -22.26 3.21
N ILE F 72 -16.47 -22.51 1.94
CA ILE F 72 -16.15 -23.77 1.28
C ILE F 72 -14.97 -23.52 0.35
N ALA F 73 -13.82 -24.12 0.68
CA ALA F 73 -12.60 -23.94 -0.10
C ALA F 73 -12.38 -25.00 -1.16
N ASP F 74 -13.10 -26.11 -1.10
CA ASP F 74 -12.92 -27.15 -2.10
C ASP F 74 -13.59 -26.72 -3.40
N PRO F 75 -12.87 -26.70 -4.53
CA PRO F 75 -13.51 -26.30 -5.81
C PRO F 75 -14.67 -27.18 -6.22
N GLY F 76 -14.57 -28.49 -5.98
CA GLY F 76 -15.66 -29.38 -6.32
C GLY F 76 -16.91 -29.13 -5.53
N LEU F 77 -16.77 -28.99 -4.20
CA LEU F 77 -17.93 -28.72 -3.35
C LEU F 77 -18.52 -27.35 -3.64
N ALA F 78 -17.66 -26.36 -3.88
CA ALA F 78 -18.15 -25.01 -4.17
C ALA F 78 -18.92 -24.96 -5.48
N LEU F 79 -18.39 -25.61 -6.51
CA LEU F 79 -19.08 -25.59 -7.79
C LEU F 79 -20.25 -26.57 -7.85
N LYS F 80 -20.33 -27.51 -6.92
CA LYS F 80 -21.41 -28.49 -6.91
C LYS F 80 -22.59 -28.08 -6.04
N TYR F 81 -22.36 -27.33 -4.95
CA TYR F 81 -23.45 -26.96 -4.08
C TYR F 81 -23.70 -25.45 -4.03
N GLY F 82 -23.31 -24.72 -5.07
CA GLY F 82 -23.51 -23.30 -5.13
C GLY F 82 -22.75 -22.44 -4.13
N HIS F 83 -21.47 -22.73 -3.94
CA HIS F 83 -20.64 -21.98 -3.01
C HIS F 83 -19.38 -21.43 -3.68
N ALA F 84 -19.43 -21.22 -5.00
CA ALA F 84 -18.27 -20.70 -5.72
C ALA F 84 -17.97 -19.25 -5.39
N GLY F 85 -18.94 -18.50 -4.86
CA GLY F 85 -18.69 -17.11 -4.53
C GLY F 85 -17.89 -16.89 -3.27
N GLU F 86 -17.68 -17.93 -2.45
CA GLU F 86 -16.93 -17.77 -1.23
C GLU F 86 -15.42 -17.82 -1.48
N VAL F 87 -14.91 -18.97 -1.91
CA VAL F 87 -13.49 -19.13 -2.20
C VAL F 87 -13.35 -19.89 -3.52
N PHE F 88 -13.21 -19.14 -4.61
CA PHE F 88 -13.05 -19.61 -5.99
C PHE F 88 -13.01 -18.37 -6.86
N ILE F 89 -14.16 -17.70 -6.93
CA ILE F 89 -14.23 -16.44 -7.68
C ILE F 89 -13.33 -15.37 -7.05
N PRO F 90 -13.31 -15.16 -5.72
CA PRO F 90 -12.36 -14.16 -5.18
C PRO F 90 -10.93 -14.61 -5.37
N THR F 91 -10.69 -15.92 -5.43
CA THR F 91 -9.34 -16.43 -5.66
C THR F 91 -8.86 -16.02 -7.04
N PHE F 92 -9.71 -16.19 -8.05
CA PHE F 92 -9.33 -15.78 -9.40
C PHE F 92 -9.24 -14.26 -9.51
N GLY F 93 -10.07 -13.55 -8.74
CA GLY F 93 -10.00 -12.09 -8.75
C GLY F 93 -8.66 -11.60 -8.19
N PHE F 94 -8.22 -12.21 -7.09
CA PHE F 94 -6.93 -11.82 -6.54
C PHE F 94 -5.81 -12.23 -7.48
N LEU F 95 -5.95 -13.37 -8.15
CA LEU F 95 -4.90 -13.79 -9.08
C LEU F 95 -4.76 -12.78 -10.20
N TYR F 96 -5.90 -12.27 -10.71
CA TYR F 96 -5.85 -11.27 -11.77
C TYR F 96 -5.20 -9.97 -11.29
N VAL F 97 -5.61 -9.47 -10.12
CA VAL F 97 -5.02 -8.22 -9.64
C VAL F 97 -3.55 -8.40 -9.24
N ALA F 98 -3.21 -9.56 -8.67
CA ALA F 98 -1.83 -9.82 -8.27
C ALA F 98 -0.90 -9.88 -9.47
N GLY F 99 -1.30 -10.63 -10.50
CA GLY F 99 -0.50 -10.70 -11.71
C GLY F 99 -0.49 -9.37 -12.42
N TYR F 100 -1.56 -8.59 -12.24
CA TYR F 100 -1.66 -7.27 -12.85
C TYR F 100 -0.58 -6.35 -12.29
N ILE F 101 -0.50 -6.28 -10.96
CA ILE F 101 0.49 -5.45 -10.28
C ILE F 101 1.89 -5.96 -10.57
N GLY F 102 2.08 -7.28 -10.52
CA GLY F 102 3.39 -7.85 -10.79
C GLY F 102 3.88 -7.58 -12.19
N TYR F 103 2.98 -7.70 -13.18
CA TYR F 103 3.37 -7.46 -14.56
C TYR F 103 3.66 -5.98 -14.79
N VAL F 104 2.89 -5.08 -14.16
CA VAL F 104 3.14 -3.66 -14.33
C VAL F 104 4.51 -3.30 -13.76
N GLY F 105 4.83 -3.82 -12.57
CA GLY F 105 6.13 -3.56 -11.97
C GLY F 105 7.28 -4.15 -12.77
N ARG F 106 7.09 -5.38 -13.29
CA ARG F 106 8.11 -6.02 -14.10
C ARG F 106 8.35 -5.25 -15.39
N GLN F 107 7.29 -4.79 -16.03
CA GLN F 107 7.43 -4.03 -17.27
C GLN F 107 8.15 -2.72 -17.01
N TYR F 108 7.83 -2.05 -15.90
CA TYR F 108 8.52 -0.79 -15.57
C TYR F 108 10.00 -1.03 -15.32
N LEU F 109 10.34 -2.10 -14.60
CA LEU F 109 11.74 -2.40 -14.33
C LEU F 109 12.52 -2.71 -15.60
N ILE F 110 11.95 -3.55 -16.47
CA ILE F 110 12.63 -3.91 -17.72
C ILE F 110 12.74 -2.69 -18.63
N ALA F 111 11.75 -1.80 -18.60
CA ALA F 111 11.82 -0.60 -19.43
C ALA F 111 12.91 0.36 -18.95
N VAL F 112 12.98 0.61 -17.65
CA VAL F 112 14.01 1.53 -17.14
C VAL F 112 15.38 0.89 -17.01
N LYS F 113 15.47 -0.43 -17.17
CA LYS F 113 16.76 -1.12 -17.05
C LYS F 113 17.73 -0.75 -18.16
N GLY F 114 17.25 -0.51 -19.38
CA GLY F 114 18.13 -0.17 -20.48
C GLY F 114 18.53 1.28 -20.58
N GLU F 115 18.07 2.12 -19.65
CA GLU F 115 18.38 3.54 -19.66
C GLU F 115 19.76 3.79 -19.04
N ALA F 116 20.15 5.07 -19.04
CA ALA F 116 21.46 5.46 -18.53
C ALA F 116 21.58 5.29 -17.02
N LYS F 117 20.59 5.79 -16.27
CA LYS F 117 20.59 5.71 -14.81
C LYS F 117 19.27 5.10 -14.33
N PRO F 118 19.21 3.77 -14.19
CA PRO F 118 17.96 3.14 -13.73
C PRO F 118 17.65 3.42 -12.27
N THR F 119 18.66 3.68 -11.44
CA THR F 119 18.43 3.96 -10.02
C THR F 119 17.64 5.25 -9.84
N ASP F 120 17.86 6.24 -10.70
CA ASP F 120 17.09 7.47 -10.62
C ASP F 120 15.64 7.20 -11.00
N LYS F 121 15.42 6.30 -11.96
CA LYS F 121 14.06 5.96 -12.35
C LYS F 121 13.41 5.09 -11.28
N GLU F 122 14.21 4.55 -10.36
CA GLU F 122 13.64 3.73 -9.30
C GLU F 122 13.28 4.58 -8.09
N ILE F 123 14.11 5.58 -7.74
CA ILE F 123 13.75 6.40 -6.59
C ILE F 123 12.79 7.51 -7.00
N ILE F 124 12.90 8.01 -8.21
CA ILE F 124 12.02 9.05 -8.74
C ILE F 124 11.22 8.35 -9.83
N ILE F 125 9.94 8.10 -9.55
CA ILE F 125 9.09 7.37 -10.49
C ILE F 125 8.76 8.19 -11.72
N ASP F 126 8.94 7.58 -12.88
CA ASP F 126 8.59 8.20 -14.16
C ASP F 126 7.09 8.01 -14.30
N VAL F 127 6.33 9.03 -13.89
CA VAL F 127 4.86 8.93 -13.92
C VAL F 127 4.27 8.67 -15.31
N PRO F 128 4.73 9.30 -16.41
CA PRO F 128 4.11 8.97 -17.71
C PRO F 128 4.29 7.52 -18.15
N LEU F 129 5.51 6.97 -18.04
CA LEU F 129 5.74 5.59 -18.42
C LEU F 129 5.01 4.64 -17.50
N ALA F 130 5.01 4.92 -16.19
CA ALA F 130 4.32 4.07 -15.23
C ALA F 130 2.83 4.08 -15.47
N THR F 131 2.26 5.24 -15.81
CA THR F 131 0.83 5.33 -16.09
C THR F 131 0.48 4.58 -17.36
N LYS F 132 1.33 4.68 -18.38
CA LYS F 132 1.08 3.96 -19.63
C LYS F 132 1.11 2.46 -19.39
N LEU F 133 2.09 1.97 -18.63
CA LEU F 133 2.18 0.55 -18.34
C LEU F 133 1.05 0.09 -17.43
N ALA F 134 0.60 0.97 -16.53
CA ALA F 134 -0.51 0.63 -15.65
C ALA F 134 -1.79 0.45 -16.46
N TRP F 135 -1.97 1.28 -17.48
CA TRP F 135 -3.17 1.16 -18.31
C TRP F 135 -3.04 -0.01 -19.28
N GLN F 136 -1.81 -0.35 -19.69
CA GLN F 136 -1.59 -1.46 -20.62
C GLN F 136 -1.56 -2.82 -19.93
N GLY F 137 -1.47 -2.86 -18.60
CA GLY F 137 -1.43 -4.13 -17.91
C GLY F 137 -2.71 -4.92 -17.85
N ALA F 138 -3.80 -4.46 -18.48
CA ALA F 138 -5.07 -5.19 -18.44
C ALA F 138 -4.96 -6.54 -19.16
N GLY F 139 -4.03 -6.66 -20.09
CA GLY F 139 -3.86 -7.92 -20.78
C GLY F 139 -2.68 -8.68 -20.22
N TRP F 140 -2.47 -8.59 -18.90
CA TRP F 140 -1.35 -9.29 -18.28
C TRP F 140 -1.35 -10.82 -18.44
N PRO F 141 -2.46 -11.57 -18.31
CA PRO F 141 -2.33 -13.04 -18.47
C PRO F 141 -1.98 -13.43 -19.89
N LEU F 142 -2.53 -12.72 -20.87
CA LEU F 142 -2.23 -13.00 -22.26
C LEU F 142 -0.76 -12.70 -22.57
N ALA F 143 -0.27 -11.55 -22.12
CA ALA F 143 1.11 -11.17 -22.35
C ALA F 143 2.06 -12.10 -21.62
N ALA F 144 1.71 -12.52 -20.40
CA ALA F 144 2.57 -13.43 -19.64
C ALA F 144 2.61 -14.80 -20.28
N VAL F 145 1.48 -15.31 -20.77
CA VAL F 145 1.48 -16.62 -21.43
C VAL F 145 2.25 -16.55 -22.74
N GLN F 146 2.10 -15.44 -23.49
CA GLN F 146 2.86 -15.30 -24.72
C GLN F 146 4.34 -15.18 -24.45
N GLU F 147 4.71 -14.55 -23.33
CA GLU F 147 6.11 -14.43 -22.96
C GLU F 147 6.67 -15.78 -22.57
N LEU F 148 5.88 -16.59 -21.86
CA LEU F 148 6.31 -17.92 -21.44
C LEU F 148 6.48 -18.84 -22.64
N GLN F 149 5.60 -18.71 -23.64
CA GLN F 149 5.72 -19.56 -24.81
C GLN F 149 6.93 -19.20 -25.67
N ARG F 150 7.30 -17.91 -25.70
CA ARG F 150 8.46 -17.49 -26.49
C ARG F 150 9.78 -17.76 -25.80
N GLY F 151 9.77 -18.07 -24.52
CA GLY F 151 11.00 -18.31 -23.78
C GLY F 151 11.70 -17.07 -23.29
N THR F 152 11.06 -15.90 -23.41
CA THR F 152 11.66 -14.66 -22.96
C THR F 152 11.27 -14.27 -21.54
N LEU F 153 10.43 -15.07 -20.88
CA LEU F 153 10.02 -14.74 -19.52
C LEU F 153 11.12 -15.01 -18.51
N LEU F 154 11.92 -16.05 -18.72
CA LEU F 154 12.99 -16.40 -17.82
C LEU F 154 14.36 -16.03 -18.38
N GLU F 155 15.32 -15.95 -17.48
CA GLU F 155 16.71 -15.65 -17.78
C GLU F 155 17.51 -16.94 -17.77
N LYS F 156 18.56 -16.99 -18.59
CA LYS F 156 19.37 -18.20 -18.66
C LYS F 156 20.22 -18.36 -17.41
N GLU F 157 20.69 -19.60 -17.20
CA GLU F 157 21.49 -19.93 -16.01
C GLU F 157 22.84 -19.21 -16.01
N GLU F 158 23.49 -19.12 -17.17
CA GLU F 158 24.81 -18.48 -17.28
C GLU F 158 24.80 -16.98 -17.03
N ASN F 159 23.65 -16.32 -17.06
CA ASN F 159 23.58 -14.89 -16.83
C ASN F 159 23.16 -14.52 -15.41
N ILE F 160 23.09 -15.48 -14.50
CA ILE F 160 22.67 -15.22 -13.13
C ILE F 160 23.81 -15.57 -12.18
N THR F 161 24.07 -14.69 -11.22
CA THR F 161 25.14 -14.90 -10.26
C THR F 161 24.73 -15.93 -9.21
N VAL F 162 25.70 -16.78 -8.82
CA VAL F 162 25.50 -17.82 -7.83
C VAL F 162 26.70 -17.89 -6.90
N SER F 163 26.51 -18.60 -5.80
CA SER F 163 27.53 -18.78 -4.76
C SER F 163 28.66 -19.69 -5.26
N PRO F 164 29.82 -19.66 -4.60
CA PRO F 164 30.93 -20.52 -5.03
C PRO F 164 30.78 -21.99 -4.65
N ARG F 165 29.60 -22.41 -4.18
CA ARG F 165 29.30 -23.79 -3.77
C ARG F 165 30.27 -24.39 -2.75
N LEU G 1 -7.09 -78.38 7.18
CA LEU G 1 -5.94 -78.44 6.28
C LEU G 1 -4.75 -79.13 6.96
N ASP G 2 -4.18 -80.12 6.26
CA ASP G 2 -3.05 -80.87 6.78
C ASP G 2 -1.81 -79.98 6.83
N PRO G 3 -1.16 -79.85 7.99
CA PRO G 3 0.02 -78.98 8.04
C PRO G 3 1.23 -79.60 7.38
N GLN G 4 1.40 -80.92 7.53
CA GLN G 4 2.55 -81.61 6.95
C GLN G 4 2.55 -81.51 5.43
N ILE G 5 1.40 -81.72 4.80
CA ILE G 5 1.31 -81.66 3.34
C ILE G 5 1.61 -80.25 2.83
N VAL G 6 1.02 -79.24 3.47
CA VAL G 6 1.22 -77.85 3.05
C VAL G 6 2.67 -77.42 3.22
N ILE G 7 3.25 -77.70 4.39
CA ILE G 7 4.64 -77.30 4.65
C ILE G 7 5.61 -78.03 3.73
N SER G 8 5.43 -79.34 3.56
CA SER G 8 6.31 -80.11 2.69
C SER G 8 6.20 -79.64 1.24
N GLY G 9 4.97 -79.44 0.76
CA GLY G 9 4.79 -78.99 -0.61
C GLY G 9 5.35 -77.61 -0.85
N SER G 10 5.12 -76.68 0.08
CA SER G 10 5.64 -75.32 -0.07
C SER G 10 7.15 -75.29 -0.07
N THR G 11 7.78 -76.01 0.87
CA THR G 11 9.23 -76.04 0.94
C THR G 11 9.84 -76.69 -0.29
N ALA G 12 9.30 -77.84 -0.71
CA ALA G 12 9.81 -78.52 -1.89
C ALA G 12 9.62 -77.69 -3.16
N ALA G 13 8.47 -77.01 -3.27
CA ALA G 13 8.19 -76.19 -4.45
C ALA G 13 9.13 -74.99 -4.53
N PHE G 14 9.37 -74.31 -3.41
CA PHE G 14 10.27 -73.16 -3.49
C PHE G 14 11.71 -73.61 -3.65
N LEU G 15 12.08 -74.77 -3.11
CA LEU G 15 13.44 -75.26 -3.31
C LEU G 15 13.62 -75.65 -4.77
N ALA G 16 12.55 -76.14 -5.41
CA ALA G 16 12.61 -76.49 -6.82
C ALA G 16 12.72 -75.25 -7.69
N ILE G 17 11.96 -74.20 -7.37
CA ILE G 17 12.08 -72.99 -8.20
C ILE G 17 13.37 -72.25 -7.88
N GLY G 18 14.01 -72.58 -6.75
CA GLY G 18 15.27 -71.95 -6.46
C GLY G 18 16.45 -72.65 -7.09
N ARG G 19 16.34 -73.97 -7.29
CA ARG G 19 17.39 -74.78 -7.89
C ARG G 19 17.28 -74.87 -9.41
N PHE G 20 16.08 -74.94 -9.96
CA PHE G 20 15.90 -75.07 -11.40
C PHE G 20 15.38 -73.83 -12.12
N VAL G 21 14.97 -72.78 -11.41
CA VAL G 21 14.44 -71.59 -12.10
C VAL G 21 15.21 -70.32 -11.82
N PHE G 22 15.29 -69.92 -10.56
CA PHE G 22 15.96 -68.68 -10.17
C PHE G 22 17.40 -68.87 -9.71
N LEU G 23 18.06 -69.97 -10.08
CA LEU G 23 19.44 -70.16 -9.64
C LEU G 23 20.40 -69.29 -10.45
N GLY G 24 20.24 -69.30 -11.77
CA GLY G 24 21.11 -68.51 -12.63
C GLY G 24 20.96 -67.01 -12.41
N TYR G 25 19.72 -66.55 -12.23
CA TYR G 25 19.47 -65.14 -12.00
C TYR G 25 20.08 -64.69 -10.67
N GLN G 26 19.91 -65.51 -9.62
CA GLN G 26 20.47 -65.17 -8.32
C GLN G 26 21.99 -65.18 -8.36
N ARG G 27 22.58 -66.11 -9.13
CA ARG G 27 24.03 -66.15 -9.22
C ARG G 27 24.56 -64.95 -10.00
N ARG G 28 23.83 -64.52 -11.04
CA ARG G 28 24.28 -63.38 -11.82
C ARG G 28 24.13 -62.08 -11.04
N GLU G 29 23.08 -61.97 -10.22
CA GLU G 29 22.91 -60.76 -9.42
C GLU G 29 23.91 -60.71 -8.27
N ALA G 30 24.23 -61.88 -7.69
CA ALA G 30 25.19 -61.92 -6.59
C ALA G 30 26.59 -61.57 -7.07
N ASN G 31 26.93 -61.95 -8.30
CA ASN G 31 28.24 -61.64 -8.86
C ASN G 31 28.38 -60.15 -9.11
N PHE G 32 27.35 -59.52 -9.68
CA PHE G 32 27.38 -58.08 -9.95
C PHE G 32 27.20 -57.24 -8.70
N ASP G 33 26.75 -57.82 -7.60
CA ASP G 33 26.56 -57.11 -6.35
C ASP G 33 27.86 -56.56 -5.77
N SER G 34 29.00 -57.11 -6.16
CA SER G 34 30.30 -56.66 -5.68
C SER G 34 30.66 -55.29 -6.23
N ASN G 52 37.61 -61.25 5.07
CA ASN G 52 37.27 -62.34 5.99
C ASN G 52 35.93 -62.92 5.62
N SER G 53 35.94 -64.17 5.15
CA SER G 53 34.71 -64.85 4.76
C SER G 53 34.94 -66.35 4.78
N THR G 54 33.86 -67.09 4.54
CA THR G 54 33.87 -68.55 4.53
C THR G 54 33.30 -69.03 3.20
N ILE G 55 34.00 -69.95 2.55
CA ILE G 55 33.56 -70.52 1.28
C ILE G 55 32.87 -71.84 1.60
N PHE G 56 31.61 -71.98 1.18
CA PHE G 56 30.84 -73.20 1.41
C PHE G 56 30.83 -74.09 0.17
N ALA G 57 31.85 -74.95 0.10
CA ALA G 57 31.96 -75.86 -1.03
C ALA G 57 30.96 -77.00 -0.91
N THR G 58 30.32 -77.34 -2.02
CA THR G 58 29.34 -78.41 -2.09
C THR G 58 29.52 -79.20 -3.37
N ASN G 59 29.01 -80.43 -3.37
CA ASN G 59 29.11 -81.28 -4.55
C ASN G 59 27.94 -81.13 -5.50
N ASP G 60 27.10 -80.13 -5.30
CA ASP G 60 25.97 -79.93 -6.21
C ASP G 60 26.50 -79.42 -7.54
N PRO G 61 26.04 -79.96 -8.67
CA PRO G 61 26.56 -79.50 -9.97
C PRO G 61 26.22 -78.06 -10.30
N ALA G 62 25.15 -77.52 -9.73
CA ALA G 62 24.75 -76.15 -10.00
C ALA G 62 25.14 -75.19 -8.88
N GLY G 63 25.96 -75.62 -7.92
CA GLY G 63 26.40 -74.80 -6.83
C GLY G 63 25.36 -74.45 -5.78
N PHE G 64 24.32 -75.26 -5.62
CA PHE G 64 23.27 -74.99 -4.65
C PHE G 64 23.77 -75.39 -3.27
N ASN G 65 24.50 -74.48 -2.61
CA ASN G 65 25.09 -74.72 -1.30
C ASN G 65 24.04 -74.73 -0.19
N ILE G 66 24.53 -74.90 1.04
CA ILE G 66 23.67 -74.97 2.22
C ILE G 66 23.03 -73.61 2.52
N ILE G 67 23.71 -72.52 2.17
CA ILE G 67 23.16 -71.18 2.42
C ILE G 67 21.89 -70.95 1.59
N ASP G 68 21.95 -71.31 0.31
CA ASP G 68 20.78 -71.14 -0.56
C ASP G 68 19.65 -72.06 -0.12
N VAL G 69 19.99 -73.26 0.34
CA VAL G 69 18.98 -74.21 0.80
C VAL G 69 18.26 -73.64 2.01
N ALA G 70 19.03 -73.07 2.96
CA ALA G 70 18.43 -72.48 4.15
C ALA G 70 17.54 -71.29 3.79
N GLY G 71 18.00 -70.43 2.88
CA GLY G 71 17.20 -69.27 2.50
C GLY G 71 15.91 -69.65 1.80
N TRP G 72 15.99 -70.56 0.82
CA TRP G 72 14.80 -70.98 0.10
C TRP G 72 13.86 -71.75 1.02
N GLY G 73 14.41 -72.56 1.92
CA GLY G 73 13.57 -73.30 2.85
C GLY G 73 12.87 -72.37 3.82
N ALA G 74 13.54 -71.28 4.21
CA ALA G 74 12.92 -70.30 5.09
C ALA G 74 11.75 -69.62 4.39
N LEU G 75 11.95 -69.25 3.11
CA LEU G 75 10.86 -68.63 2.36
C LEU G 75 9.70 -69.59 2.18
N GLY G 76 10.01 -70.86 1.90
CA GLY G 76 8.96 -71.86 1.73
C GLY G 76 8.18 -72.11 2.99
N HIS G 77 8.88 -72.16 4.14
CA HIS G 77 8.19 -72.39 5.39
C HIS G 77 7.32 -71.19 5.77
N ALA G 78 7.80 -69.98 5.49
CA ALA G 78 7.00 -68.78 5.78
C ALA G 78 5.74 -68.75 4.94
N VAL G 79 5.86 -69.08 3.65
CA VAL G 79 4.70 -69.08 2.77
C VAL G 79 3.72 -70.19 3.15
N GLY G 80 4.25 -71.37 3.49
CA GLY G 80 3.38 -72.47 3.89
C GLY G 80 2.64 -72.18 5.17
N PHE G 81 3.32 -71.57 6.14
CA PHE G 81 2.65 -71.24 7.39
C PHE G 81 1.64 -70.12 7.18
N ALA G 82 1.91 -69.20 6.23
CA ALA G 82 0.95 -68.15 5.93
C ALA G 82 -0.31 -68.75 5.32
N VAL G 83 -0.13 -69.73 4.42
CA VAL G 83 -1.26 -70.39 3.78
C VAL G 83 -2.08 -71.15 4.82
N LEU G 84 -1.38 -71.86 5.72
CA LEU G 84 -2.06 -72.61 6.77
C LEU G 84 -2.85 -71.68 7.70
N ALA G 85 -2.25 -70.54 8.05
CA ALA G 85 -2.92 -69.58 8.93
C ALA G 85 -4.15 -68.97 8.27
N ILE G 86 -4.02 -68.58 6.99
CA ILE G 86 -5.13 -67.98 6.26
C ILE G 86 -6.27 -68.98 6.13
N ASN G 87 -5.94 -70.25 5.86
CA ASN G 87 -7.00 -71.25 5.75
C ASN G 87 -7.57 -71.58 7.12
N SER G 88 -6.76 -71.40 8.18
CA SER G 88 -7.25 -71.67 9.52
C SER G 88 -8.25 -70.62 9.96
N LEU G 89 -8.09 -69.38 9.47
CA LEU G 89 -9.00 -68.29 9.81
C LEU G 89 -10.41 -68.51 9.26
N GLN G 90 -10.57 -69.41 8.27
CA GLN G 90 -11.83 -69.74 7.63
C GLN G 90 -12.44 -68.50 6.95
N GLY G 91 -11.70 -67.95 6.00
CA GLY G 91 -12.15 -66.77 5.26
C GLY G 91 -11.78 -66.82 3.78
N PRO H 1 13.89 -56.95 50.39
CA PRO H 1 13.19 -55.78 50.94
C PRO H 1 13.61 -54.48 50.28
N PHE H 2 14.90 -54.15 50.36
CA PHE H 2 15.54 -52.97 49.78
C PHE H 2 14.96 -51.64 50.28
N VAL H 3 14.18 -51.63 51.34
CA VAL H 3 13.58 -50.38 51.84
C VAL H 3 14.57 -49.63 52.72
N PRO H 4 14.81 -48.35 52.46
CA PRO H 4 15.74 -47.56 53.27
C PRO H 4 15.12 -47.19 54.61
N PRO H 5 15.92 -46.78 55.59
CA PRO H 5 15.35 -46.40 56.89
C PRO H 5 14.54 -45.12 56.82
N SER H 6 13.88 -44.81 57.94
CA SER H 6 13.06 -43.62 58.03
C SER H 6 13.91 -42.36 58.06
N TRP H 7 15.12 -42.44 58.62
CA TRP H 7 16.01 -41.30 58.71
C TRP H 7 16.85 -41.10 57.46
N ALA H 8 16.71 -41.98 56.46
CA ALA H 8 17.50 -41.88 55.23
C ALA H 8 17.36 -40.56 54.49
N PRO H 9 16.17 -39.94 54.30
CA PRO H 9 16.17 -38.64 53.60
C PRO H 9 16.86 -37.54 54.38
N SER H 10 16.72 -37.55 55.71
CA SER H 10 17.33 -36.54 56.57
C SER H 10 18.85 -36.58 56.54
N VAL H 11 19.44 -37.65 56.02
CA VAL H 11 20.88 -37.77 55.93
C VAL H 11 21.37 -37.73 54.48
N PHE H 12 20.65 -38.34 53.54
CA PHE H 12 21.05 -38.35 52.14
C PHE H 12 20.77 -37.02 51.44
N VAL H 13 19.68 -36.33 51.77
CA VAL H 13 19.42 -35.02 51.17
C VAL H 13 20.48 -33.99 51.58
N PRO H 14 20.82 -33.83 52.88
CA PRO H 14 21.90 -32.88 53.20
C PRO H 14 23.23 -33.32 52.64
N LEU H 15 23.45 -34.61 52.50
CA LEU H 15 24.70 -35.11 51.92
C LEU H 15 24.81 -34.70 50.46
N THR H 16 23.82 -35.10 49.66
CA THR H 16 23.79 -34.80 48.23
C THR H 16 23.69 -33.29 47.96
N GLY H 17 23.20 -32.53 48.93
CA GLY H 17 23.09 -31.09 48.71
C GLY H 17 24.22 -30.25 49.26
N LEU H 18 24.97 -30.74 50.25
CA LEU H 18 26.05 -29.93 50.81
C LEU H 18 27.40 -30.64 50.88
N VAL H 19 27.43 -31.93 51.19
CA VAL H 19 28.71 -32.64 51.31
C VAL H 19 29.29 -32.95 49.93
N LEU H 20 28.53 -33.69 49.11
CA LEU H 20 28.96 -34.02 47.76
C LEU H 20 29.22 -32.81 46.86
N PRO H 21 28.37 -31.78 46.82
CA PRO H 21 28.70 -30.65 45.94
C PRO H 21 29.92 -29.87 46.38
N ALA H 22 30.15 -29.73 47.69
CA ALA H 22 31.32 -28.99 48.17
C ALA H 22 32.60 -29.74 47.82
N ILE H 23 32.63 -31.05 48.05
CA ILE H 23 33.80 -31.85 47.74
C ILE H 23 34.04 -31.87 46.24
N ALA H 24 32.97 -32.04 45.45
CA ALA H 24 33.11 -32.06 44.00
C ALA H 24 33.57 -30.71 43.47
N MET H 25 33.02 -29.61 43.98
CA MET H 25 33.41 -28.28 43.55
C MET H 25 34.86 -27.97 43.89
N ALA H 26 35.30 -28.34 45.11
CA ALA H 26 36.68 -28.10 45.51
C ALA H 26 37.64 -28.93 44.66
N THR H 27 37.31 -30.22 44.45
CA THR H 27 38.17 -31.08 43.66
C THR H 27 38.28 -30.60 42.22
N LEU H 28 37.14 -30.24 41.61
CA LEU H 28 37.17 -29.75 40.23
C LEU H 28 37.91 -28.42 40.13
N PHE H 29 37.69 -27.52 41.08
CA PHE H 29 38.39 -26.23 41.06
C PHE H 29 39.89 -26.41 41.18
N VAL H 30 40.33 -27.34 42.04
CA VAL H 30 41.76 -27.59 42.17
C VAL H 30 42.31 -28.20 40.89
N TYR H 31 41.54 -29.09 40.27
CA TYR H 31 41.97 -29.75 39.03
C TYR H 31 42.10 -28.78 37.86
N ILE H 32 41.17 -27.81 37.75
CA ILE H 32 41.23 -26.88 36.63
C ILE H 32 42.48 -25.99 36.70
N GLU H 33 42.82 -25.51 37.89
CA GLU H 33 43.98 -24.64 38.04
C GLU H 33 45.31 -25.37 38.14
N LYS H 34 45.37 -26.67 37.86
CA LYS H 34 46.64 -27.37 37.95
C LYS H 34 47.55 -26.95 36.80
N GLU H 35 48.77 -26.53 37.15
CA GLU H 35 49.73 -26.09 36.16
C GLU H 35 50.48 -27.28 35.59
N ALA H 36 50.67 -27.27 34.28
CA ALA H 36 51.39 -28.34 33.63
C ALA H 36 52.88 -28.22 33.94
N PRO H 37 53.61 -29.35 33.97
CA PRO H 37 55.05 -29.29 34.24
C PRO H 37 55.81 -28.61 33.11
N MET I 1 8.51 24.58 -12.37
CA MET I 1 7.46 23.59 -12.18
C MET I 1 8.03 22.19 -12.43
N LYS I 2 9.05 22.11 -13.29
CA LYS I 2 9.68 20.83 -13.60
C LYS I 2 10.31 20.21 -12.36
N ASP I 3 10.93 21.03 -11.52
CA ASP I 3 11.52 20.53 -10.29
C ASP I 3 10.43 20.10 -9.32
N PHE I 4 9.33 20.86 -9.28
CA PHE I 4 8.22 20.51 -8.39
C PHE I 4 7.58 19.19 -8.81
N THR I 5 7.42 18.99 -10.11
CA THR I 5 6.86 17.72 -10.59
C THR I 5 7.82 16.58 -10.33
N THR I 6 9.13 16.84 -10.43
CA THR I 6 10.11 15.80 -10.16
C THR I 6 10.09 15.44 -8.68
N TYR I 7 9.85 16.43 -7.82
CA TYR I 7 9.76 16.16 -6.40
C TYR I 7 8.49 15.37 -6.10
N LEU I 8 7.40 15.69 -6.80
CA LEU I 8 6.15 14.96 -6.60
C LEU I 8 6.24 13.55 -7.18
N SER I 9 7.21 13.31 -8.06
CA SER I 9 7.43 12.01 -8.67
C SER I 9 8.34 11.11 -7.84
N THR I 10 8.80 11.57 -6.68
CA THR I 10 9.67 10.75 -5.87
C THR I 10 8.89 9.60 -5.25
N ALA I 11 9.63 8.61 -4.75
CA ALA I 11 9.02 7.43 -4.15
C ALA I 11 8.08 7.71 -2.97
N PRO I 12 8.42 8.55 -1.95
CA PRO I 12 7.45 8.75 -0.86
C PRO I 12 6.19 9.51 -1.26
N VAL I 13 6.32 10.54 -2.12
CA VAL I 13 5.14 11.29 -2.54
C VAL I 13 4.24 10.42 -3.40
N ILE I 14 4.83 9.66 -4.32
CA ILE I 14 4.04 8.76 -5.18
C ILE I 14 3.38 7.67 -4.33
N ALA I 15 4.12 7.15 -3.34
CA ALA I 15 3.56 6.12 -2.46
C ALA I 15 2.40 6.67 -1.65
N THR I 16 2.52 7.92 -1.17
CA THR I 16 1.46 8.54 -0.39
C THR I 16 0.20 8.75 -1.24
N ILE I 17 0.38 9.30 -2.45
CA ILE I 17 -0.77 9.54 -3.33
C ILE I 17 -1.42 8.23 -3.76
N TRP I 18 -0.61 7.22 -4.10
CA TRP I 18 -1.15 5.93 -4.53
C TRP I 18 -1.89 5.22 -3.40
N PHE I 19 -1.30 5.22 -2.20
CA PHE I 19 -1.97 4.55 -1.09
C PHE I 19 -3.22 5.31 -0.68
N THR I 20 -3.21 6.63 -0.80
CA THR I 20 -4.40 7.40 -0.47
C THR I 20 -5.52 7.10 -1.46
N PHE I 21 -5.16 6.97 -2.74
CA PHE I 21 -6.15 6.65 -3.76
C PHE I 21 -6.70 5.24 -3.56
N THR I 22 -5.83 4.27 -3.29
CA THR I 22 -6.26 2.89 -3.07
C THR I 22 -7.11 2.75 -1.81
N ALA I 23 -6.68 3.40 -0.72
CA ALA I 23 -7.45 3.37 0.52
C ALA I 23 -8.79 4.04 0.34
N GLY I 24 -8.82 5.17 -0.37
CA GLY I 24 -10.07 5.85 -0.60
C GLY I 24 -11.02 5.02 -1.44
N LEU I 25 -10.48 4.33 -2.46
CA LEU I 25 -11.31 3.48 -3.30
C LEU I 25 -11.90 2.33 -2.50
N LEU I 26 -11.08 1.69 -1.66
CA LEU I 26 -11.56 0.59 -0.84
C LEU I 26 -12.58 1.05 0.18
N ILE I 27 -12.36 2.22 0.78
CA ILE I 27 -13.29 2.77 1.76
C ILE I 27 -14.62 3.12 1.11
N GLU I 28 -14.58 3.76 -0.07
CA GLU I 28 -15.82 4.11 -0.76
C GLU I 28 -16.55 2.87 -1.23
N ILE I 29 -15.81 1.82 -1.62
CA ILE I 29 -16.43 0.57 -2.04
C ILE I 29 -17.16 -0.06 -0.86
N ASN I 30 -16.52 -0.09 0.30
CA ASN I 30 -17.18 -0.65 1.47
C ASN I 30 -18.30 0.25 1.98
N ARG I 31 -18.25 1.54 1.63
CA ARG I 31 -19.30 2.45 2.05
C ARG I 31 -20.56 2.24 1.22
N TYR I 32 -20.41 2.13 -0.10
CA TYR I 32 -21.57 1.93 -0.96
C TYR I 32 -22.00 0.48 -1.03
N PHE I 33 -21.15 -0.45 -0.59
CA PHE I 33 -21.43 -1.88 -0.55
C PHE I 33 -21.08 -2.35 0.84
N PRO I 34 -21.92 -2.05 1.83
CA PRO I 34 -21.61 -2.45 3.21
C PRO I 34 -21.58 -3.95 3.42
N ASP I 35 -20.62 -4.35 4.26
CA ASP I 35 -20.39 -5.74 4.65
C ASP I 35 -20.32 -6.79 3.54
N PRO I 36 -19.39 -6.66 2.58
CA PRO I 36 -19.29 -7.68 1.53
C PRO I 36 -18.42 -8.85 1.99
N LEU I 37 -19.05 -10.00 2.16
CA LEU I 37 -18.34 -11.20 2.59
C LEU I 37 -18.21 -12.23 1.47
N VAL I 38 -19.13 -12.21 0.50
CA VAL I 38 -19.10 -13.14 -0.61
C VAL I 38 -19.39 -12.39 -1.90
N PHE I 39 -19.29 -13.13 -3.01
CA PHE I 39 -19.52 -12.58 -4.33
C PHE I 39 -20.94 -12.91 -4.81
N PHE J 1 -1.07 60.62 50.71
CA PHE J 1 0.04 59.69 50.55
C PHE J 1 1.36 60.42 50.77
N ILE J 2 1.38 61.70 50.38
CA ILE J 2 2.58 62.52 50.55
C ILE J 2 2.79 62.78 52.04
N GLY J 3 3.97 62.44 52.54
CA GLY J 3 4.29 62.61 53.93
C GLY J 3 4.10 61.37 54.78
N SER J 4 3.51 60.31 54.22
CA SER J 4 3.31 59.08 54.96
C SER J 4 4.63 58.32 55.07
N SER J 5 4.62 57.27 55.89
CA SER J 5 5.83 56.47 56.08
C SER J 5 6.23 55.73 54.81
N THR J 6 5.23 55.27 54.05
CA THR J 6 5.50 54.55 52.80
C THR J 6 6.21 55.43 51.78
N ASN J 7 5.69 56.65 51.59
CA ASN J 7 6.28 57.58 50.63
C ASN J 7 7.67 58.02 51.09
N LEU J 8 7.82 58.31 52.38
CA LEU J 8 9.11 58.73 52.92
C LEU J 8 10.16 57.64 52.79
N ILE J 9 9.77 56.38 53.08
CA ILE J 9 10.71 55.27 52.99
C ILE J 9 11.11 55.02 51.54
N MET J 10 10.15 55.05 50.61
CA MET J 10 10.49 54.84 49.20
C MET J 10 11.37 55.95 48.65
N VAL J 11 11.06 57.21 49.00
CA VAL J 11 11.87 58.34 48.52
C VAL J 11 13.28 58.25 49.08
N ALA J 12 13.40 57.94 50.38
CA ALA J 12 14.71 57.82 51.01
C ALA J 12 15.51 56.67 50.41
N SER J 13 14.84 55.55 50.10
CA SER J 13 15.52 54.41 49.51
C SER J 13 16.06 54.72 48.12
N THR J 14 15.22 55.34 47.28
CA THR J 14 15.66 55.68 45.93
C THR J 14 16.77 56.73 45.96
N THR J 15 16.65 57.73 46.83
CA THR J 15 17.68 58.75 46.94
C THR J 15 18.98 58.16 47.47
N ALA J 16 18.88 57.21 48.40
CA ALA J 16 20.07 56.58 48.96
C ALA J 16 20.80 55.77 47.90
N THR J 17 20.05 55.03 47.08
CA THR J 17 20.67 54.23 46.03
C THR J 17 21.26 55.12 44.94
N LEU J 18 20.62 56.26 44.67
CA LEU J 18 21.15 57.17 43.65
C LEU J 18 22.38 57.91 44.14
N ALA J 19 22.44 58.20 45.44
CA ALA J 19 23.57 58.93 45.99
C ALA J 19 24.81 58.04 46.13
N ALA J 20 24.63 56.74 46.31
CA ALA J 20 25.77 55.84 46.47
C ALA J 20 26.50 55.62 45.16
N ALA J 21 25.76 55.35 44.08
CA ALA J 21 26.42 55.10 42.80
C ALA J 21 27.09 56.34 42.23
N ARG J 22 26.49 57.52 42.39
CA ARG J 22 27.07 58.75 41.86
C ARG J 22 28.33 59.15 42.63
N PHE J 23 28.36 58.92 43.93
CA PHE J 23 29.51 59.28 44.75
C PHE J 23 30.52 58.13 44.88
N GLY J 24 30.52 57.21 43.93
CA GLY J 24 31.46 56.09 43.91
C GLY J 24 31.36 55.09 45.05
N LEU J 25 30.14 54.70 45.42
CA LEU J 25 29.96 53.74 46.49
C LEU J 25 29.17 52.49 46.07
N ALA J 26 28.65 52.45 44.85
CA ALA J 26 27.88 51.33 44.35
C ALA J 26 28.26 51.06 42.90
N PRO J 27 28.05 49.83 42.41
CA PRO J 27 28.38 49.53 41.01
C PRO J 27 27.60 50.37 40.03
N THR J 28 28.30 50.86 39.00
CA THR J 28 27.72 51.71 37.99
C THR J 28 27.97 51.07 36.62
N VAL J 29 27.66 51.86 35.57
CA VAL J 29 27.86 51.43 34.20
C VAL J 29 29.30 51.63 33.78
N LYS J 30 30.03 52.48 34.52
CA LYS J 30 31.42 52.78 34.22
C LYS J 30 32.39 52.05 35.11
N LYS J 31 32.03 51.79 36.36
CA LYS J 31 32.89 51.08 37.30
C LYS J 31 32.23 49.77 37.72
N ASN J 32 32.91 48.67 37.47
CA ASN J 32 32.44 47.35 37.85
C ASN J 32 33.10 46.94 39.16
N THR J 33 32.77 45.74 39.64
CA THR J 33 33.31 45.22 40.88
C THR J 33 33.91 43.84 40.65
N THR J 34 34.95 43.53 41.42
CA THR J 34 35.64 42.27 41.34
C THR J 34 35.02 41.28 42.32
N ALA J 35 35.69 40.14 42.54
CA ALA J 35 35.18 39.15 43.47
C ALA J 35 35.43 39.56 44.92
N GLY J 36 36.27 40.56 45.15
CA GLY J 36 36.55 41.05 46.49
C GLY J 36 35.79 42.32 46.77
N LEU J 37 34.83 42.63 45.89
CA LEU J 37 33.96 43.81 45.98
C LEU J 37 34.77 45.10 45.96
N LYS J 38 35.61 45.25 44.95
CA LYS J 38 36.43 46.44 44.77
C LYS J 38 36.10 47.08 43.43
N LEU J 39 35.91 48.39 43.43
CA LEU J 39 35.58 49.10 42.21
C LEU J 39 36.76 49.06 41.24
N VAL J 40 36.45 48.94 39.95
CA VAL J 40 37.45 48.89 38.89
C VAL J 40 36.74 49.27 37.59
N ASP J 41 37.52 49.72 36.61
CA ASP J 41 36.98 50.13 35.32
C ASP J 41 36.32 48.95 34.60
N SER J 42 35.44 49.28 33.67
CA SER J 42 34.69 48.30 32.89
C SER J 42 35.03 48.40 31.40
N LYS J 43 34.24 47.67 30.60
CA LYS J 43 34.36 47.60 29.15
C LYS J 43 33.00 47.73 28.49
N ASN J 44 32.23 48.74 28.89
CA ASN J 44 30.88 48.97 28.34
C ASN J 44 30.85 49.17 26.83
N SER J 45 29.94 48.44 26.16
CA SER J 45 29.82 48.51 24.72
C SER J 45 29.10 49.78 24.28
N ALA J 46 28.20 50.29 25.12
CA ALA J 46 27.47 51.51 24.77
C ALA J 46 28.38 52.72 24.83
N GLY J 47 28.92 53.02 26.01
CA GLY J 47 29.78 54.18 26.17
C GLY J 47 28.92 55.41 26.05
N VAL J 48 27.92 55.52 26.94
CA VAL J 48 26.99 56.62 26.92
C VAL J 48 27.73 57.93 27.22
N ILE J 49 27.54 58.91 26.36
CA ILE J 49 28.18 60.21 26.51
C ILE J 49 27.36 61.06 27.47
N SER J 50 27.91 61.28 28.66
CA SER J 50 27.23 62.07 29.67
C SER J 50 28.08 63.28 30.02
N ASN J 51 27.41 64.33 30.49
CA ASN J 51 28.08 65.56 30.89
C ASN J 51 28.40 65.61 32.38
N ASP J 52 27.97 64.60 33.13
CA ASP J 52 28.18 64.54 34.57
C ASP J 52 29.68 64.54 34.91
N PRO J 53 30.08 65.19 36.00
CA PRO J 53 31.51 65.20 36.37
C PRO J 53 32.06 63.82 36.67
N ALA J 54 31.24 62.88 37.11
CA ALA J 54 31.68 61.53 37.40
C ALA J 54 31.25 60.52 36.34
N GLY J 55 30.65 60.98 35.25
CA GLY J 55 30.21 60.06 34.22
C GLY J 55 28.95 59.32 34.51
N PHE J 56 28.09 59.87 35.38
CA PHE J 56 26.83 59.23 35.73
C PHE J 56 25.87 59.33 34.55
N THR J 57 25.61 58.22 33.89
CA THR J 57 24.75 58.21 32.72
C THR J 57 23.32 57.88 33.14
N ILE J 58 22.42 57.90 32.16
CA ILE J 58 21.01 57.62 32.42
C ILE J 58 20.80 56.15 32.79
N VAL J 59 21.68 55.25 32.31
CA VAL J 59 21.57 53.84 32.63
C VAL J 59 21.77 53.63 34.12
N ASP J 60 22.68 54.42 34.71
CA ASP J 60 22.93 54.36 36.14
C ASP J 60 21.69 54.83 36.89
N VAL J 61 21.00 55.84 36.35
CA VAL J 61 19.78 56.35 36.99
C VAL J 61 18.70 55.28 37.01
N LEU J 62 18.54 54.58 35.88
CA LEU J 62 17.53 53.52 35.80
C LEU J 62 17.86 52.36 36.73
N ALA J 63 19.13 51.93 36.75
CA ALA J 63 19.55 50.83 37.60
C ALA J 63 19.39 51.17 39.07
N MET J 64 19.79 52.39 39.46
CA MET J 64 19.66 52.80 40.86
C MET J 64 18.20 53.01 41.22
N GLY J 65 17.38 53.43 40.27
CA GLY J 65 15.97 53.61 40.55
C GLY J 65 15.31 52.26 40.81
N ALA J 66 15.67 51.26 40.01
CA ALA J 66 15.12 49.92 40.21
C ALA J 66 15.61 49.32 41.52
N ALA J 67 16.89 49.53 41.86
CA ALA J 67 17.44 49.01 43.10
C ALA J 67 16.79 49.65 44.31
N GLY J 68 16.62 50.98 44.28
CA GLY J 68 15.97 51.67 45.37
C GLY J 68 14.53 51.28 45.50
N HIS J 69 13.85 51.04 44.38
CA HIS J 69 12.46 50.62 44.42
C HIS J 69 12.34 49.24 45.05
N GLY J 70 13.26 48.33 44.71
CA GLY J 70 13.22 47.01 45.30
C GLY J 70 13.46 47.05 46.79
N LEU J 71 14.49 47.80 47.22
CA LEU J 71 14.79 47.92 48.65
C LEU J 71 13.63 48.60 49.39
N GLY J 72 13.03 49.64 48.79
CA GLY J 72 11.92 50.32 49.43
C GLY J 72 10.67 49.46 49.55
N VAL J 73 10.33 48.72 48.48
CA VAL J 73 9.16 47.86 48.53
C VAL J 73 9.36 46.77 49.57
N GLY J 74 10.57 46.19 49.60
CA GLY J 74 10.85 45.17 50.59
C GLY J 74 10.78 45.69 52.01
N ILE J 75 11.33 46.90 52.24
CA ILE J 75 11.31 47.48 53.58
C ILE J 75 9.89 47.80 54.03
N VAL J 76 9.08 48.39 53.15
CA VAL J 76 7.69 48.73 53.51
C VAL J 76 6.89 47.46 53.80
N LEU J 77 7.02 46.45 52.94
CA LEU J 77 6.27 45.21 53.18
C LEU J 77 6.81 44.45 54.38
N GLY J 78 8.09 44.63 54.71
CA GLY J 78 8.63 43.98 55.89
C GLY J 78 8.14 44.63 57.17
N LEU J 79 8.07 45.95 57.18
CA LEU J 79 7.57 46.66 58.35
C LEU J 79 6.09 46.40 58.53
N LYS J 80 5.35 46.33 57.42
CA LYS J 80 3.92 46.05 57.50
C LYS J 80 3.67 44.59 57.86
N GLY J 81 4.69 43.74 57.71
CA GLY J 81 4.59 42.34 58.05
C GLY J 81 4.87 42.02 59.49
N ILE J 82 5.56 42.92 60.20
CA ILE J 82 5.90 42.76 61.61
C ILE J 82 5.05 43.65 62.50
N GLY J 83 4.06 44.34 61.93
CA GLY J 83 3.22 45.22 62.71
C GLY J 83 3.88 46.49 63.18
N ALA J 84 4.95 46.93 62.53
CA ALA J 84 5.65 48.15 62.92
C ALA J 84 5.58 49.20 61.82
N GLY K 1 51.88 9.38 35.88
CA GLY K 1 51.50 7.99 35.75
C GLY K 1 50.18 7.68 36.42
N MET K 2 50.23 7.16 37.64
CA MET K 2 49.05 6.81 38.41
C MET K 2 48.42 8.05 39.01
N LEU K 3 47.22 7.89 39.58
CA LEU K 3 46.48 8.98 40.19
C LEU K 3 46.61 8.92 41.70
N GLU K 4 47.01 10.04 42.31
CA GLU K 4 47.17 10.15 43.75
C GLU K 4 46.01 10.97 44.30
N THR K 5 45.50 10.55 45.46
CA THR K 5 44.39 11.21 46.13
C THR K 5 44.63 11.18 47.64
N PRO K 6 44.04 12.11 48.39
CA PRO K 6 44.23 12.10 49.85
C PRO K 6 43.66 10.85 50.52
N VAL K 7 42.66 10.21 49.91
CA VAL K 7 42.08 9.00 50.49
C VAL K 7 43.08 7.85 50.43
N THR K 8 43.81 7.73 49.34
CA THR K 8 44.79 6.67 49.17
C THR K 8 46.21 7.07 49.55
N SER K 9 46.42 8.28 50.05
CA SER K 9 47.76 8.74 50.42
C SER K 9 47.82 9.41 51.78
N ALA K 10 46.78 9.32 52.60
CA ALA K 10 46.82 9.94 53.92
C ALA K 10 47.71 9.08 54.82
N PRO K 11 48.54 9.70 55.67
CA PRO K 11 49.42 8.89 56.53
C PRO K 11 48.68 8.14 57.62
N ILE K 12 47.56 8.68 58.12
CA ILE K 12 46.81 8.02 59.18
C ILE K 12 46.18 6.72 58.68
N VAL K 13 45.58 6.74 57.48
CA VAL K 13 44.98 5.52 56.96
C VAL K 13 46.06 4.52 56.55
N ALA K 14 47.22 5.02 56.10
CA ALA K 14 48.31 4.12 55.73
C ALA K 14 48.84 3.40 56.97
N THR K 15 48.96 4.11 58.09
CA THR K 15 49.42 3.47 59.31
C THR K 15 48.36 2.51 59.83
N TYR K 16 47.08 2.85 59.63
CA TYR K 16 46.02 1.95 60.06
C TYR K 16 46.05 0.66 59.25
N LEU K 17 46.31 0.76 57.94
CA LEU K 17 46.39 -0.43 57.10
C LEU K 17 47.63 -1.24 57.45
N SER K 18 48.71 -0.56 57.84
CA SER K 18 49.92 -1.29 58.23
C SER K 18 49.75 -1.99 59.56
N ASN K 19 48.93 -1.42 60.45
CA ASN K 19 48.71 -2.03 61.76
C ASN K 19 47.75 -3.23 61.69
N LEU K 20 47.09 -3.42 60.55
CA LEU K 20 46.19 -4.55 60.40
C LEU K 20 47.00 -5.85 60.36
N PRO K 21 46.40 -6.98 60.79
CA PRO K 21 47.16 -8.24 60.78
C PRO K 21 47.58 -8.71 59.40
N ALA K 22 46.88 -8.31 58.34
CA ALA K 22 47.26 -8.77 57.00
C ALA K 22 48.55 -8.15 56.50
N TYR K 23 48.86 -6.93 56.92
CA TYR K 23 50.06 -6.23 56.46
C TYR K 23 51.19 -6.18 57.50
N ARG K 24 51.35 -7.23 58.30
CA ARG K 24 52.43 -7.21 59.29
C ARG K 24 53.79 -7.41 58.61
N THR K 25 53.88 -8.39 57.70
CA THR K 25 55.08 -8.70 56.94
C THR K 25 56.27 -8.98 57.87
N GLY K 26 56.19 -10.13 58.55
CA GLY K 26 57.23 -10.52 59.48
C GLY K 26 56.77 -11.41 60.61
N VAL K 27 55.46 -11.64 60.71
CA VAL K 27 54.92 -12.52 61.73
C VAL K 27 54.54 -13.84 61.06
N ALA K 28 54.23 -14.84 61.87
CA ALA K 28 53.88 -16.14 61.32
C ALA K 28 52.47 -16.10 60.72
N PRO K 29 52.19 -16.85 59.65
CA PRO K 29 50.85 -16.85 59.07
C PRO K 29 49.80 -17.44 59.98
N VAL K 30 50.19 -18.29 60.94
CA VAL K 30 49.23 -18.89 61.86
C VAL K 30 48.64 -17.82 62.78
N LEU K 31 49.46 -16.89 63.26
CA LEU K 31 48.97 -15.81 64.11
C LEU K 31 48.01 -14.91 63.35
N ARG K 32 48.37 -14.60 62.10
CA ARG K 32 47.53 -13.76 61.25
C ARG K 32 46.18 -14.42 61.01
N GLY K 33 46.21 -15.73 60.73
CA GLY K 33 44.97 -16.45 60.50
C GLY K 33 44.10 -16.52 61.74
N VAL K 34 44.72 -16.74 62.90
CA VAL K 34 43.97 -16.82 64.16
C VAL K 34 43.31 -15.48 64.45
N GLU K 35 44.05 -14.38 64.27
CA GLU K 35 43.48 -13.06 64.53
C GLU K 35 42.33 -12.74 63.57
N ILE K 36 42.53 -13.04 62.28
CA ILE K 36 41.49 -12.79 61.28
C ILE K 36 40.26 -13.64 61.56
N GLY K 37 40.47 -14.91 61.91
CA GLY K 37 39.36 -15.80 62.20
C GLY K 37 38.56 -15.36 63.42
N LEU K 38 39.25 -14.91 64.47
CA LEU K 38 38.56 -14.47 65.68
C LEU K 38 37.72 -13.23 65.38
N ALA K 39 38.32 -12.24 64.70
CA ALA K 39 37.60 -11.02 64.38
C ALA K 39 36.42 -11.29 63.45
N HIS K 40 36.55 -12.28 62.57
CA HIS K 40 35.44 -12.57 61.66
C HIS K 40 34.34 -13.37 62.34
N GLY K 41 34.69 -14.31 63.21
CA GLY K 41 33.67 -15.09 63.88
C GLY K 41 32.83 -14.26 64.82
N PHE K 42 33.48 -13.30 65.51
CA PHE K 42 32.78 -12.43 66.45
C PHE K 42 31.69 -11.62 65.75
N LEU K 43 31.94 -11.18 64.51
CA LEU K 43 30.93 -10.44 63.79
C LEU K 43 29.98 -11.36 63.01
N LEU K 44 30.45 -12.55 62.65
CA LEU K 44 29.63 -13.48 61.88
C LEU K 44 28.51 -14.08 62.71
N ALA K 45 28.72 -14.24 64.03
CA ALA K 45 27.66 -14.82 64.85
C ALA K 45 26.43 -13.93 64.98
N GLY K 46 26.53 -12.63 64.67
CA GLY K 46 25.43 -11.71 64.78
C GLY K 46 24.23 -11.92 63.86
N PRO K 47 24.43 -11.86 62.53
CA PRO K 47 23.30 -12.02 61.60
C PRO K 47 22.52 -13.30 61.73
N PHE K 48 23.18 -14.44 61.96
CA PHE K 48 22.46 -15.70 62.08
C PHE K 48 21.66 -15.75 63.38
N ILE K 49 22.20 -15.18 64.45
CA ILE K 49 21.51 -15.20 65.74
C ILE K 49 20.29 -14.29 65.74
N LYS K 50 20.41 -13.09 65.17
CA LYS K 50 19.29 -12.16 65.19
C LYS K 50 18.37 -12.23 63.98
N LEU K 51 18.69 -12.97 62.91
CA LEU K 51 17.80 -12.97 61.77
C LEU K 51 17.47 -14.34 61.17
N GLY K 52 18.00 -15.43 61.72
CA GLY K 52 17.72 -16.75 61.20
C GLY K 52 16.28 -17.18 61.41
N PRO K 53 15.89 -18.33 60.83
CA PRO K 53 14.50 -18.81 60.98
C PRO K 53 14.09 -19.08 62.42
N LEU K 54 15.00 -19.55 63.26
CA LEU K 54 14.70 -19.85 64.66
C LEU K 54 15.01 -18.69 65.59
N ARG K 55 14.96 -17.46 65.09
CA ARG K 55 15.26 -16.30 65.92
C ARG K 55 14.14 -15.97 66.90
N ASN K 56 12.92 -16.46 66.67
CA ASN K 56 11.83 -16.15 67.58
C ASN K 56 11.70 -17.16 68.71
N VAL K 57 12.05 -18.41 68.48
CA VAL K 57 11.97 -19.41 69.55
C VAL K 57 13.09 -19.19 70.54
N PRO K 58 12.80 -19.13 71.85
CA PRO K 58 13.85 -18.89 72.84
C PRO K 58 14.67 -20.12 73.16
N GLU K 59 15.83 -19.86 73.77
CA GLU K 59 16.84 -20.78 74.25
C GLU K 59 17.55 -21.56 73.14
N THR K 60 17.15 -21.41 71.89
CA THR K 60 17.79 -22.10 70.78
C THR K 60 18.22 -21.19 69.66
N ALA K 61 17.80 -19.91 69.67
CA ALA K 61 18.20 -18.98 68.60
C ALA K 61 19.70 -18.78 68.60
N GLU K 62 20.31 -18.64 69.79
CA GLU K 62 21.75 -18.48 69.86
C GLU K 62 22.47 -19.75 69.44
N ILE K 63 21.88 -20.91 69.77
CA ILE K 63 22.48 -22.19 69.39
C ILE K 63 22.51 -22.34 67.89
N ALA K 64 21.37 -22.11 67.23
CA ALA K 64 21.30 -22.22 65.78
C ALA K 64 22.18 -21.17 65.10
N GLY K 65 22.19 -19.95 65.64
CA GLY K 65 23.01 -18.90 65.05
C GLY K 65 24.50 -19.20 65.14
N SER K 66 24.94 -19.70 66.30
CA SER K 66 26.35 -20.06 66.46
C SER K 66 26.72 -21.25 65.58
N LEU K 67 25.80 -22.22 65.45
CA LEU K 67 26.08 -23.37 64.60
C LEU K 67 26.20 -22.95 63.14
N SER K 68 25.31 -22.05 62.69
CA SER K 68 25.38 -21.56 61.31
C SER K 68 26.64 -20.75 61.09
N ALA K 69 27.04 -19.96 62.10
CA ALA K 69 28.25 -19.17 61.97
C ALA K 69 29.47 -20.07 61.88
N ALA K 70 29.50 -21.14 62.69
CA ALA K 70 30.62 -22.09 62.64
C ALA K 70 30.66 -22.80 61.30
N GLY K 71 29.48 -23.12 60.74
CA GLY K 71 29.44 -23.75 59.44
C GLY K 71 29.96 -22.84 58.35
N LEU K 72 29.62 -21.56 58.43
CA LEU K 72 30.12 -20.60 57.46
C LEU K 72 31.62 -20.43 57.60
N VAL K 73 32.12 -20.47 58.84
CA VAL K 73 33.55 -20.39 59.09
C VAL K 73 34.26 -21.59 58.48
N LEU K 74 33.67 -22.78 58.62
CA LEU K 74 34.25 -24.00 58.05
C LEU K 74 34.28 -23.92 56.53
N ILE K 75 33.21 -23.37 55.93
CA ILE K 75 33.16 -23.23 54.48
C ILE K 75 34.24 -22.25 54.02
N LEU K 76 34.42 -21.16 54.78
CA LEU K 76 35.45 -20.18 54.44
C LEU K 76 36.84 -20.78 54.59
N ALA K 77 37.01 -21.68 55.57
CA ALA K 77 38.31 -22.32 55.77
C ALA K 77 38.62 -23.25 54.61
N LEU K 78 37.60 -23.97 54.12
CA LEU K 78 37.79 -24.85 52.97
C LEU K 78 38.11 -24.02 51.73
N CYS K 79 37.46 -22.86 51.60
CA CYS K 79 37.73 -21.97 50.46
C CYS K 79 39.15 -21.43 50.53
N LEU K 80 39.61 -21.06 51.72
CA LEU K 80 40.96 -20.54 51.88
C LEU K 80 41.99 -21.61 51.58
N SER K 81 41.75 -22.84 52.03
CA SER K 81 42.68 -23.93 51.77
C SER K 81 42.78 -24.23 50.28
N ILE K 82 41.64 -24.34 49.59
CA ILE K 82 41.69 -24.62 48.16
C ILE K 82 42.25 -23.42 47.39
N TYR K 83 42.06 -22.21 47.91
CA TYR K 83 42.61 -21.03 47.24
C TYR K 83 44.13 -21.06 47.32
N GLY K 84 44.67 -21.43 48.47
CA GLY K 84 46.11 -21.52 48.61
C GLY K 84 46.68 -22.69 47.83
N SER K 85 45.86 -23.74 47.64
CA SER K 85 46.33 -24.89 46.88
C SER K 85 46.39 -24.57 45.38
N ALA K 86 45.38 -23.88 44.86
CA ALA K 86 45.33 -23.54 43.45
C ALA K 86 46.07 -22.25 43.10
N GLN K 87 46.51 -21.49 44.09
CA GLN K 87 47.21 -20.24 43.83
C GLN K 87 48.72 -20.36 43.87
N PHE K 88 49.27 -21.09 44.82
CA PHE K 88 50.71 -21.26 44.97
C PHE K 88 51.11 -22.68 44.56
N GLN K 89 51.75 -22.80 43.40
CA GLN K 89 52.21 -24.07 42.88
C GLN K 89 53.70 -24.09 42.57
N SER K 90 54.31 -22.93 42.34
CA SER K 90 55.73 -22.84 42.04
C SER K 90 56.22 -21.43 42.34
N THR K 91 57.55 -21.31 42.42
CA THR K 91 58.27 -20.06 42.69
C THR K 91 57.80 -19.38 43.97
N VAL K 92 61.53 -4.50 49.45
CA VAL K 92 61.15 -5.13 50.70
C VAL K 92 61.54 -6.60 50.67
N ALA K 93 60.91 -7.40 51.53
CA ALA K 93 61.15 -8.84 51.60
C ALA K 93 59.89 -9.59 51.20
N ARG K 94 60.09 -10.82 50.71
CA ARG K 94 58.98 -11.65 50.30
C ARG K 94 58.21 -12.13 51.51
N ASP K 95 56.90 -11.90 51.50
CA ASP K 95 56.06 -12.33 52.62
C ASP K 95 55.90 -13.84 52.60
N PRO K 96 56.17 -14.54 53.69
CA PRO K 96 56.01 -16.00 53.70
C PRO K 96 54.55 -16.44 53.64
N LEU K 97 53.61 -15.50 53.84
CA LEU K 97 52.19 -15.83 53.79
C LEU K 97 51.77 -16.19 52.36
N PHE K 98 52.36 -15.55 51.36
CA PHE K 98 52.02 -15.81 49.96
C PHE K 98 52.86 -16.97 49.41
N SER K 99 52.59 -18.14 49.98
CA SER K 99 53.27 -19.39 49.65
C SER K 99 52.30 -20.51 49.97
N ALA K 100 52.59 -21.71 49.43
CA ALA K 100 51.71 -22.86 49.66
C ALA K 100 51.65 -23.25 51.13
N ASP K 101 52.82 -23.46 51.75
CA ASP K 101 52.87 -23.84 53.15
C ASP K 101 52.37 -22.71 54.04
N GLY K 102 52.73 -21.46 53.69
CA GLY K 102 52.27 -20.32 54.47
C GLY K 102 50.76 -20.16 54.41
N TRP K 103 50.18 -20.32 53.22
CA TRP K 103 48.73 -20.19 53.11
C TRP K 103 48.02 -21.36 53.78
N SER K 104 48.63 -22.55 53.77
CA SER K 104 48.01 -23.68 54.45
C SER K 104 47.96 -23.43 55.96
N GLU K 105 49.08 -22.95 56.52
CA GLU K 105 49.11 -22.63 57.94
C GLU K 105 48.15 -21.50 58.26
N PHE K 106 48.03 -20.54 57.34
CA PHE K 106 47.11 -19.42 57.51
C PHE K 106 45.66 -19.88 57.51
N ALA K 107 45.32 -20.82 56.62
CA ALA K 107 43.96 -21.34 56.55
C ALA K 107 43.62 -22.13 57.81
N ALA K 108 44.57 -22.94 58.31
CA ALA K 108 44.32 -23.69 59.53
C ALA K 108 44.13 -22.73 60.71
N GLY K 109 44.96 -21.68 60.77
CA GLY K 109 44.82 -20.69 61.83
C GLY K 109 43.52 -19.94 61.72
N PHE K 110 43.06 -19.70 60.49
CA PHE K 110 41.79 -19.02 60.28
C PHE K 110 40.64 -19.87 60.79
N LEU K 111 40.69 -21.17 60.53
CA LEU K 111 39.63 -22.06 61.01
C LEU K 111 39.61 -22.11 62.53
N VAL K 112 40.79 -22.24 63.15
CA VAL K 112 40.87 -22.30 64.61
C VAL K 112 40.35 -21.00 65.23
N GLY K 113 40.82 -19.86 64.71
CA GLY K 113 40.37 -18.58 65.22
C GLY K 113 38.89 -18.33 64.97
N GLY K 114 38.38 -18.83 63.84
CA GLY K 114 36.96 -18.64 63.54
C GLY K 114 36.08 -19.42 64.50
N GLU K 115 36.45 -20.66 64.80
CA GLU K 115 35.68 -21.44 65.75
C GLU K 115 35.76 -20.82 67.13
N ALA K 116 36.95 -20.31 67.49
CA ALA K 116 37.09 -19.66 68.79
C ALA K 116 36.27 -18.38 68.85
N GLY K 117 36.20 -17.65 67.74
CA GLY K 117 35.41 -16.43 67.70
C GLY K 117 33.93 -16.70 67.83
N VAL K 118 33.45 -17.75 67.18
CA VAL K 118 32.04 -18.12 67.27
C VAL K 118 31.71 -18.55 68.70
N ALA K 119 32.59 -19.37 69.30
CA ALA K 119 32.37 -19.82 70.68
C ALA K 119 32.40 -18.66 71.66
N TRP K 120 33.29 -17.69 71.42
CA TRP K 120 33.38 -16.53 72.31
C TRP K 120 32.17 -15.62 72.15
N ALA K 121 31.64 -15.51 70.93
CA ALA K 121 30.47 -14.67 70.72
C ALA K 121 29.23 -15.31 71.31
N TYR K 122 29.19 -16.64 71.36
CA TYR K 122 28.02 -17.30 71.94
C TYR K 122 28.02 -17.16 73.46
N VAL K 123 29.19 -17.31 74.09
CA VAL K 123 29.24 -17.20 75.54
C VAL K 123 29.14 -15.75 75.99
N CYS K 124 29.34 -14.79 75.08
CA CYS K 124 29.24 -13.40 75.45
C CYS K 124 27.80 -12.97 75.71
N THR K 125 26.84 -13.69 75.13
CA THR K 125 25.42 -13.39 75.31
C THR K 125 24.79 -14.20 76.43
N GLN K 126 25.43 -15.27 76.86
CA GLN K 126 24.89 -16.11 77.92
C GLN K 126 25.04 -15.43 79.28
N LYS L 1 7.70 -46.60 -41.43
CA LYS L 1 6.66 -46.10 -40.53
C LYS L 1 5.28 -46.51 -41.03
N ALA L 2 4.50 -47.13 -40.14
CA ALA L 2 3.16 -47.58 -40.50
C ALA L 2 2.23 -46.41 -40.79
N GLY L 3 2.40 -45.31 -40.08
CA GLY L 3 1.55 -44.15 -40.30
C GLY L 3 1.98 -43.02 -39.39
N ASN L 4 1.15 -41.98 -39.37
CA ASN L 4 1.39 -40.80 -38.54
C ASN L 4 0.22 -40.64 -37.59
N TRP L 5 0.50 -40.64 -36.29
CA TRP L 5 -0.56 -40.46 -35.31
C TRP L 5 -1.10 -39.04 -35.31
N LEU L 6 -0.27 -38.06 -35.65
CA LEU L 6 -0.67 -36.66 -35.72
C LEU L 6 -0.34 -36.23 -37.14
N PRO L 7 -1.30 -36.27 -38.05
CA PRO L 7 -1.05 -35.88 -39.44
C PRO L 7 -0.49 -34.49 -39.58
N GLY L 8 0.75 -34.40 -40.07
CA GLY L 8 1.42 -33.15 -40.24
C GLY L 8 2.44 -32.82 -39.17
N SER L 9 2.73 -33.75 -38.27
CA SER L 9 3.69 -33.53 -37.21
C SER L 9 4.90 -34.41 -37.45
N ASP L 10 6.08 -33.86 -37.21
CA ASP L 10 7.33 -34.60 -37.41
C ASP L 10 7.45 -35.73 -36.39
N ALA L 11 7.88 -36.89 -36.87
CA ALA L 11 8.05 -38.04 -36.01
C ALA L 11 9.31 -37.89 -35.15
N PRO L 12 9.29 -38.41 -33.92
CA PRO L 12 10.46 -38.31 -33.05
C PRO L 12 11.67 -39.02 -33.62
N ALA L 13 12.84 -38.42 -33.41
CA ALA L 13 14.10 -38.95 -33.92
C ALA L 13 14.55 -40.22 -33.23
N TRP L 14 14.16 -40.44 -31.97
CA TRP L 14 14.58 -41.64 -31.24
C TRP L 14 13.77 -42.87 -31.61
N LEU L 15 12.70 -42.72 -32.40
CA LEU L 15 11.89 -43.87 -32.79
C LEU L 15 12.36 -44.40 -34.14
N PRO L 16 12.80 -45.65 -34.23
CA PRO L 16 13.27 -46.17 -35.51
C PRO L 16 12.13 -46.34 -36.51
N ASP L 17 12.50 -46.36 -37.79
CA ASP L 17 11.51 -46.48 -38.85
C ASP L 17 11.01 -47.91 -39.00
N ASP L 18 11.86 -48.91 -38.75
CA ASP L 18 11.46 -50.30 -38.92
C ASP L 18 10.81 -50.90 -37.67
N LEU L 19 10.53 -50.11 -36.65
CA LEU L 19 9.90 -50.66 -35.46
C LEU L 19 8.44 -50.98 -35.78
N PRO L 20 7.91 -52.13 -35.33
CA PRO L 20 6.50 -52.43 -35.62
C PRO L 20 5.58 -51.50 -34.86
N GLY L 21 4.59 -50.97 -35.59
CA GLY L 21 3.64 -50.05 -34.97
C GLY L 21 4.21 -48.67 -34.73
N ASN L 22 5.27 -48.31 -35.44
CA ASN L 22 5.91 -47.02 -35.27
C ASN L 22 5.05 -45.94 -35.92
N TYR L 23 4.30 -45.21 -35.10
CA TYR L 23 3.44 -44.13 -35.56
C TYR L 23 3.96 -42.77 -35.09
N GLY L 24 5.09 -42.74 -34.40
CA GLY L 24 5.65 -41.51 -33.90
C GLY L 24 4.93 -40.89 -32.73
N PHE L 25 4.17 -41.69 -31.98
CA PHE L 25 3.40 -41.20 -30.84
C PHE L 25 4.20 -41.38 -29.56
N ASP L 26 4.77 -40.27 -29.08
CA ASP L 26 5.56 -40.21 -27.85
C ASP L 26 5.69 -38.76 -27.39
N PRO L 27 4.62 -38.13 -26.89
CA PRO L 27 4.76 -36.73 -26.46
C PRO L 27 5.57 -36.55 -25.20
N LEU L 28 5.56 -37.53 -24.31
CA LEU L 28 6.30 -37.43 -23.06
C LEU L 28 7.78 -37.74 -23.23
N SER L 29 8.20 -38.18 -24.44
CA SER L 29 9.59 -38.52 -24.74
C SER L 29 10.11 -39.60 -23.79
N LEU L 30 9.30 -40.63 -23.56
CA LEU L 30 9.70 -41.70 -22.66
C LEU L 30 10.70 -42.65 -23.30
N GLY L 31 10.64 -42.82 -24.63
CA GLY L 31 11.55 -43.71 -25.32
C GLY L 31 12.78 -43.06 -25.90
N LYS L 32 13.14 -41.87 -25.40
CA LYS L 32 14.31 -41.17 -25.91
C LYS L 32 15.60 -41.93 -25.62
N GLU L 33 15.69 -42.56 -24.46
CA GLU L 33 16.89 -43.33 -24.13
C GLU L 33 16.87 -44.66 -24.89
N PRO L 34 17.96 -45.01 -25.58
CA PRO L 34 17.97 -46.28 -26.34
C PRO L 34 17.76 -47.53 -25.50
N ALA L 35 18.28 -47.55 -24.27
CA ALA L 35 18.10 -48.73 -23.43
C ALA L 35 16.66 -48.84 -22.94
N SER L 36 16.04 -47.72 -22.61
CA SER L 36 14.65 -47.72 -22.15
C SER L 36 13.70 -48.13 -23.26
N LEU L 37 14.01 -47.70 -24.50
CA LEU L 37 13.16 -48.04 -25.64
C LEU L 37 13.24 -49.52 -25.95
N LYS L 38 14.38 -50.15 -25.64
CA LYS L 38 14.53 -51.58 -25.88
C LYS L 38 13.63 -52.37 -24.95
N ARG L 39 13.57 -51.99 -23.67
CA ARG L 39 12.72 -52.69 -22.73
C ARG L 39 11.24 -52.43 -23.01
N PHE L 40 10.92 -51.20 -23.42
CA PHE L 40 9.53 -50.84 -23.70
C PHE L 40 8.94 -51.64 -24.86
N THR L 41 9.78 -52.04 -25.83
CA THR L 41 9.28 -52.81 -26.97
C THR L 41 8.76 -54.18 -26.52
N GLU L 42 9.60 -54.93 -25.78
CA GLU L 42 9.16 -56.24 -25.32
C GLU L 42 8.06 -56.11 -24.28
N SER L 43 8.08 -55.01 -23.49
CA SER L 43 7.04 -54.80 -22.50
C SER L 43 5.69 -54.60 -23.20
N GLU L 44 5.68 -53.82 -24.28
CA GLU L 44 4.45 -53.59 -25.02
C GLU L 44 3.97 -54.85 -25.71
N VAL L 45 4.89 -55.64 -26.28
CA VAL L 45 4.48 -56.87 -26.96
C VAL L 45 3.89 -57.87 -25.97
N ILE L 46 4.54 -58.04 -24.80
CA ILE L 46 4.05 -58.95 -23.78
C ILE L 46 2.69 -58.48 -23.24
N HIS L 47 2.57 -57.17 -23.00
CA HIS L 47 1.31 -56.61 -22.51
C HIS L 47 0.19 -56.80 -23.53
N GLY L 48 0.52 -56.60 -24.81
CA GLY L 48 -0.48 -56.78 -25.85
C GLY L 48 -0.93 -58.22 -25.96
N ARG L 49 0.00 -59.16 -25.82
CA ARG L 49 -0.34 -60.57 -25.88
C ARG L 49 -1.24 -60.98 -24.72
N TRP L 50 -0.87 -60.56 -23.50
CA TRP L 50 -1.67 -60.88 -22.33
C TRP L 50 -3.06 -60.24 -22.42
N ALA L 51 -3.11 -58.99 -22.89
CA ALA L 51 -4.40 -58.30 -23.02
C ALA L 51 -5.26 -58.94 -24.09
N MET L 52 -4.64 -59.44 -25.16
CA MET L 52 -5.41 -60.10 -26.21
C MET L 52 -6.05 -61.36 -25.67
N LEU L 53 -5.27 -62.16 -24.94
CA LEU L 53 -5.81 -63.38 -24.35
C LEU L 53 -6.89 -63.07 -23.33
N GLY L 54 -6.68 -62.04 -22.52
CA GLY L 54 -7.66 -61.67 -21.51
C GLY L 54 -8.96 -61.19 -22.10
N VAL L 55 -8.88 -60.36 -23.14
CA VAL L 55 -10.09 -59.85 -23.79
C VAL L 55 -10.83 -60.98 -24.48
N ALA L 56 -10.09 -61.90 -25.12
CA ALA L 56 -10.74 -63.03 -25.77
C ALA L 56 -11.45 -63.91 -24.74
N GLY L 57 -10.81 -64.15 -23.60
CA GLY L 57 -11.45 -64.96 -22.57
C GLY L 57 -12.66 -64.29 -21.97
N SER L 58 -12.56 -62.99 -21.68
CA SER L 58 -13.69 -62.26 -21.09
C SER L 58 -14.86 -62.20 -22.05
N LEU L 59 -14.58 -62.13 -23.36
CA LEU L 59 -15.67 -62.11 -24.32
C LEU L 59 -16.28 -63.50 -24.47
N ALA L 60 -15.45 -64.54 -24.50
CA ALA L 60 -15.94 -65.91 -24.67
C ALA L 60 -16.81 -66.38 -23.52
N VAL L 61 -16.42 -66.06 -22.27
CA VAL L 61 -17.22 -66.51 -21.13
C VAL L 61 -18.62 -65.90 -21.16
N GLU L 62 -18.72 -64.59 -21.42
CA GLU L 62 -20.02 -63.95 -21.45
C GLU L 62 -20.80 -64.34 -22.70
N LEU L 63 -20.10 -64.65 -23.80
CA LEU L 63 -20.80 -65.05 -25.02
C LEU L 63 -21.36 -66.46 -24.87
N LEU L 64 -20.74 -67.27 -24.02
CA LEU L 64 -21.24 -68.64 -23.83
C LEU L 64 -22.25 -68.72 -22.70
N GLY L 65 -22.20 -67.79 -21.75
CA GLY L 65 -23.18 -67.81 -20.68
C GLY L 65 -22.72 -68.30 -19.33
N TYR L 66 -21.51 -67.93 -18.93
CA TYR L 66 -20.95 -68.32 -17.65
C TYR L 66 -20.56 -67.09 -16.83
N GLY L 67 -21.37 -66.04 -16.92
CA GLY L 67 -21.11 -64.81 -16.19
C GLY L 67 -20.09 -63.95 -16.90
N ASN L 68 -19.74 -62.84 -16.25
CA ASN L 68 -18.77 -61.90 -16.80
C ASN L 68 -17.40 -62.17 -16.19
N TRP L 69 -16.41 -61.39 -16.62
CA TRP L 69 -15.06 -61.54 -16.10
C TRP L 69 -14.96 -61.15 -14.64
N TYR L 70 -15.84 -60.25 -14.18
CA TYR L 70 -15.82 -59.82 -12.78
C TYR L 70 -16.46 -60.87 -11.89
N ASP L 71 -17.46 -61.58 -12.39
CA ASP L 71 -18.14 -62.62 -11.62
C ASP L 71 -17.42 -63.97 -11.70
N ALA L 72 -16.35 -64.06 -12.48
CA ALA L 72 -15.61 -65.31 -12.60
C ALA L 72 -14.93 -65.77 -11.31
N PRO L 73 -14.20 -64.92 -10.53
CA PRO L 73 -13.59 -65.46 -9.31
C PRO L 73 -14.51 -65.39 -8.10
N LEU L 74 -15.81 -65.21 -8.32
CA LEU L 74 -16.75 -65.12 -7.21
C LEU L 74 -17.03 -66.45 -6.53
N TRP L 75 -16.62 -67.57 -7.12
CA TRP L 75 -16.88 -68.86 -6.48
C TRP L 75 -15.99 -69.11 -5.26
N ALA L 76 -14.75 -68.63 -5.29
CA ALA L 76 -13.81 -68.85 -4.20
C ALA L 76 -14.07 -67.98 -2.97
N VAL L 77 -14.95 -66.98 -3.04
CA VAL L 77 -15.18 -66.14 -1.87
C VAL L 77 -16.39 -66.56 -1.04
N ASN L 78 -17.35 -67.29 -1.62
CA ASN L 78 -18.51 -67.71 -0.84
C ASN L 78 -19.03 -69.06 -1.35
N GLY L 79 -18.52 -70.14 -0.74
CA GLY L 79 -18.87 -71.52 -1.00
C GLY L 79 -19.21 -71.96 -2.41
N GLY L 80 -18.25 -71.91 -3.33
CA GLY L 80 -18.51 -72.29 -4.70
C GLY L 80 -17.36 -73.09 -5.28
N LYS L 81 -17.64 -73.74 -6.41
CA LYS L 81 -16.66 -74.54 -7.13
C LYS L 81 -16.59 -74.05 -8.55
N ALA L 82 -15.37 -73.95 -9.09
CA ALA L 82 -15.15 -73.45 -10.44
C ALA L 82 -15.74 -74.39 -11.49
N THR L 83 -16.40 -73.79 -12.49
CA THR L 83 -17.01 -74.53 -13.58
C THR L 83 -16.41 -74.04 -14.90
N TRP L 84 -15.71 -74.92 -15.60
CA TRP L 84 -15.10 -74.59 -16.88
C TRP L 84 -15.87 -75.28 -17.99
N PHE L 85 -16.47 -74.48 -18.88
CA PHE L 85 -17.27 -74.97 -20.02
C PHE L 85 -18.41 -75.88 -19.54
N GLY L 86 -18.93 -75.62 -18.34
CA GLY L 86 -19.98 -76.45 -17.79
C GLY L 86 -19.49 -77.71 -17.13
N ILE L 87 -18.18 -77.85 -16.91
CA ILE L 87 -17.58 -79.02 -16.28
C ILE L 87 -17.03 -78.62 -14.93
N GLU L 88 -17.30 -79.44 -13.92
CA GLU L 88 -16.84 -79.18 -12.56
C GLU L 88 -15.33 -79.37 -12.44
N VAL L 89 -14.69 -78.47 -11.69
CA VAL L 89 -13.25 -78.50 -11.47
C VAL L 89 -13.00 -78.81 -10.00
N PRO L 90 -12.26 -79.88 -9.67
CA PRO L 90 -12.00 -80.25 -8.27
C PRO L 90 -10.75 -79.60 -7.68
N PHE L 91 -10.68 -78.28 -7.71
CA PHE L 91 -9.51 -77.59 -7.18
C PHE L 91 -9.91 -76.38 -6.35
N ASP L 92 -9.43 -76.33 -5.12
CA ASP L 92 -9.70 -75.22 -4.23
C ASP L 92 -8.79 -74.04 -4.58
N LEU L 93 -9.08 -72.88 -3.96
CA LEU L 93 -8.32 -71.67 -4.24
C LEU L 93 -6.85 -71.80 -3.86
N ASN L 94 -6.54 -72.49 -2.75
CA ASN L 94 -5.15 -72.64 -2.33
C ASN L 94 -4.34 -73.48 -3.32
N ALA L 95 -4.96 -74.53 -3.86
CA ALA L 95 -4.26 -75.39 -4.81
C ALA L 95 -4.01 -74.66 -6.13
N LEU L 96 -4.90 -73.75 -6.50
CA LEU L 96 -4.72 -72.99 -7.73
C LEU L 96 -3.56 -72.03 -7.62
N LEU L 97 -3.39 -71.42 -6.44
CA LEU L 97 -2.30 -70.46 -6.25
C LEU L 97 -0.94 -71.14 -6.34
N ALA L 98 -0.80 -72.34 -5.76
CA ALA L 98 0.47 -73.06 -5.81
C ALA L 98 0.82 -73.48 -7.23
N PHE L 99 -0.14 -74.09 -7.93
CA PHE L 99 0.10 -74.55 -9.30
C PHE L 99 0.40 -73.39 -10.24
N GLU L 100 -0.43 -72.34 -10.20
CA GLU L 100 -0.21 -71.19 -11.08
C GLU L 100 1.09 -70.48 -10.74
N PHE L 101 1.41 -70.33 -9.45
CA PHE L 101 2.64 -69.66 -9.06
C PHE L 101 3.87 -70.43 -9.54
N VAL L 102 3.86 -71.76 -9.40
CA VAL L 102 5.00 -72.56 -9.83
C VAL L 102 5.14 -72.53 -11.36
N ALA L 103 4.02 -72.73 -12.08
CA ALA L 103 4.05 -72.74 -13.53
C ALA L 103 4.47 -71.40 -14.10
N MET L 104 3.88 -70.31 -13.61
CA MET L 104 4.23 -68.98 -14.08
C MET L 104 5.65 -68.62 -13.71
N ALA L 105 6.10 -69.03 -12.52
CA ALA L 105 7.47 -68.75 -12.11
C ALA L 105 8.46 -69.44 -13.03
N ALA L 106 8.19 -70.69 -13.39
CA ALA L 106 9.08 -71.41 -14.30
C ALA L 106 9.09 -70.79 -15.69
N ALA L 107 7.90 -70.52 -16.25
CA ALA L 107 7.79 -69.93 -17.58
C ALA L 107 8.45 -68.57 -17.66
N GLU L 108 8.08 -67.66 -16.74
CA GLU L 108 8.65 -66.34 -16.73
C GLU L 108 10.13 -66.36 -16.39
N GLY L 109 10.58 -67.32 -15.58
CA GLY L 109 12.00 -67.40 -15.27
C GLY L 109 12.82 -67.75 -16.49
N GLN L 110 12.35 -68.73 -17.29
CA GLN L 110 13.07 -69.08 -18.51
C GLN L 110 13.05 -67.93 -19.50
N ARG L 111 11.89 -67.26 -19.61
CA ARG L 111 11.78 -66.12 -20.53
C ARG L 111 12.71 -64.98 -20.11
N GLY L 112 12.76 -64.69 -18.82
CA GLY L 112 13.63 -63.62 -18.34
C GLY L 112 15.10 -63.97 -18.49
N ASP L 113 15.46 -65.24 -18.24
CA ASP L 113 16.84 -65.66 -18.38
C ASP L 113 17.27 -65.66 -19.83
N ALA L 114 16.32 -65.75 -20.77
CA ALA L 114 16.66 -65.72 -22.19
C ALA L 114 17.33 -64.41 -22.60
N GLY L 115 17.00 -63.31 -21.93
CA GLY L 115 17.61 -62.04 -22.27
C GLY L 115 16.76 -61.05 -23.05
N GLY L 116 15.50 -60.91 -22.66
CA GLY L 116 14.60 -59.99 -23.35
C GLY L 116 14.25 -60.36 -24.76
N VAL L 117 13.96 -61.63 -25.02
CA VAL L 117 13.61 -62.09 -26.35
C VAL L 117 12.13 -61.76 -26.62
N VAL L 118 11.87 -61.14 -27.76
CA VAL L 118 10.51 -60.77 -28.13
C VAL L 118 9.90 -61.77 -29.10
N TYR L 119 10.70 -62.31 -30.02
CA TYR L 119 10.24 -63.27 -31.01
C TYR L 119 11.07 -64.54 -30.92
N PRO L 120 10.69 -65.47 -30.04
CA PRO L 120 11.45 -66.72 -29.88
C PRO L 120 11.47 -67.62 -31.11
N GLY L 121 10.29 -68.01 -31.60
CA GLY L 121 10.22 -68.88 -32.75
C GLY L 121 10.60 -70.30 -32.40
N GLY L 122 10.69 -71.14 -33.44
CA GLY L 122 11.07 -72.53 -33.23
C GLY L 122 9.98 -73.36 -32.58
N ALA L 123 10.17 -73.72 -31.32
CA ALA L 123 9.17 -74.51 -30.60
C ALA L 123 7.88 -73.74 -30.41
N PHE L 124 7.94 -72.41 -30.38
CA PHE L 124 6.77 -71.57 -30.24
C PHE L 124 6.08 -71.33 -31.57
N ASP L 125 6.68 -71.77 -32.67
CA ASP L 125 6.13 -71.61 -34.01
C ASP L 125 6.09 -72.98 -34.67
N PRO L 126 5.17 -73.85 -34.25
CA PRO L 126 5.12 -75.19 -34.87
C PRO L 126 4.59 -75.18 -36.28
N LEU L 127 3.74 -74.21 -36.62
CA LEU L 127 3.20 -74.11 -37.97
C LEU L 127 4.16 -73.45 -38.95
N GLY L 128 5.19 -72.78 -38.46
CA GLY L 128 6.15 -72.12 -39.34
C GLY L 128 5.59 -70.98 -40.15
N PHE L 129 4.81 -70.09 -39.52
CA PHE L 129 4.24 -68.97 -40.23
C PHE L 129 5.18 -67.78 -40.36
N ALA L 130 6.29 -67.77 -39.63
CA ALA L 130 7.26 -66.68 -39.68
C ALA L 130 8.67 -67.23 -39.88
N LYS L 131 8.81 -68.18 -40.81
CA LYS L 131 10.11 -68.78 -41.10
C LYS L 131 11.06 -67.76 -41.72
N ASP L 132 10.57 -66.98 -42.67
CA ASP L 132 11.38 -65.96 -43.34
C ASP L 132 11.17 -64.60 -42.66
N SER L 133 12.27 -63.89 -42.44
CA SER L 133 12.23 -62.59 -41.78
C SER L 133 11.77 -61.47 -42.71
N SER L 134 11.66 -61.73 -44.02
CA SER L 134 11.21 -60.69 -44.94
C SER L 134 9.70 -60.52 -44.86
N LYS L 135 8.96 -61.60 -44.64
CA LYS L 135 7.51 -61.53 -44.56
C LYS L 135 7.00 -61.39 -43.13
N SER L 136 7.89 -61.31 -42.14
CA SER L 136 7.42 -61.17 -40.77
C SER L 136 7.09 -59.72 -40.43
N GLY L 137 7.51 -58.78 -41.29
CA GLY L 137 7.21 -57.38 -41.02
C GLY L 137 5.74 -57.05 -41.11
N GLU L 138 5.05 -57.61 -42.11
CA GLU L 138 3.63 -57.33 -42.28
C GLU L 138 2.79 -58.08 -41.25
N LEU L 139 3.38 -59.09 -40.60
CA LEU L 139 2.63 -59.85 -39.60
C LEU L 139 2.89 -59.33 -38.19
N LYS L 140 4.05 -58.71 -37.94
CA LYS L 140 4.34 -58.17 -36.61
C LYS L 140 3.50 -56.93 -36.34
N LEU L 141 3.22 -56.16 -37.38
CA LEU L 141 2.40 -54.95 -37.24
C LEU L 141 1.00 -55.33 -36.78
N LYS L 142 0.46 -56.42 -37.34
CA LYS L 142 -0.86 -56.89 -36.95
C LYS L 142 -0.88 -57.28 -35.49
N GLU L 143 0.18 -57.93 -35.01
CA GLU L 143 0.24 -58.34 -33.62
C GLU L 143 0.29 -57.14 -32.68
N ILE L 144 1.13 -56.15 -33.01
CA ILE L 144 1.22 -54.98 -32.11
C ILE L 144 -0.06 -54.15 -32.17
N LYS L 145 -0.71 -54.05 -33.33
CA LYS L 145 -1.93 -53.27 -33.42
C LYS L 145 -3.08 -53.96 -32.70
N ASN L 146 -3.19 -55.28 -32.86
CA ASN L 146 -4.23 -56.01 -32.15
C ASN L 146 -3.96 -55.99 -30.66
N GLY L 147 -2.69 -56.01 -30.25
CA GLY L 147 -2.35 -55.94 -28.84
C GLY L 147 -2.72 -54.61 -28.23
N ARG L 148 -2.44 -53.50 -28.94
CA ARG L 148 -2.79 -52.18 -28.43
C ARG L 148 -4.30 -52.03 -28.35
N LEU L 149 -5.00 -52.54 -29.37
CA LEU L 149 -6.46 -52.48 -29.37
C LEU L 149 -7.05 -53.29 -28.24
N ALA L 150 -6.49 -54.46 -27.97
CA ALA L 150 -6.99 -55.29 -26.88
C ALA L 150 -6.65 -54.67 -25.53
N MET L 151 -5.53 -53.95 -25.43
CA MET L 151 -5.19 -53.27 -24.19
C MET L 151 -6.22 -52.19 -23.89
N VAL L 152 -6.59 -51.43 -24.92
CA VAL L 152 -7.60 -50.38 -24.78
C VAL L 152 -8.95 -51.02 -24.46
N ALA L 153 -9.25 -52.15 -25.09
CA ALA L 153 -10.51 -52.83 -24.85
C ALA L 153 -10.62 -53.35 -23.41
N PHE L 154 -9.53 -53.91 -22.87
CA PHE L 154 -9.58 -54.39 -21.50
C PHE L 154 -9.70 -53.24 -20.52
N LEU L 155 -9.00 -52.13 -20.79
CA LEU L 155 -9.11 -50.95 -19.94
C LEU L 155 -10.53 -50.44 -19.96
N GLY L 156 -11.15 -50.47 -21.14
CA GLY L 156 -12.53 -50.05 -21.27
C GLY L 156 -13.47 -50.99 -20.54
N PHE L 157 -13.14 -52.29 -20.53
CA PHE L 157 -13.96 -53.27 -19.82
C PHE L 157 -13.98 -52.95 -18.33
N VAL L 158 -12.80 -52.70 -17.77
CA VAL L 158 -12.68 -52.38 -16.35
C VAL L 158 -13.38 -51.06 -16.04
N ALA L 159 -13.20 -50.05 -16.88
CA ALA L 159 -13.82 -48.75 -16.65
C ALA L 159 -15.34 -48.82 -16.73
N GLN L 160 -15.87 -49.49 -17.76
CA GLN L 160 -17.32 -49.58 -17.90
C GLN L 160 -17.92 -50.42 -16.80
N HIS L 161 -17.20 -51.45 -16.32
CA HIS L 161 -17.75 -52.24 -15.24
C HIS L 161 -17.77 -51.44 -13.95
N ALA L 162 -16.68 -50.74 -13.63
CA ALA L 162 -16.62 -49.92 -12.42
C ALA L 162 -17.59 -48.75 -12.46
N ALA L 163 -18.00 -48.30 -13.66
CA ALA L 163 -18.94 -47.19 -13.75
C ALA L 163 -20.39 -47.61 -13.98
N THR L 164 -20.67 -48.88 -14.33
CA THR L 164 -22.07 -49.26 -14.55
C THR L 164 -22.52 -50.48 -13.75
N GLY L 165 -21.66 -51.48 -13.60
CA GLY L 165 -22.03 -52.68 -12.89
C GLY L 165 -22.40 -53.86 -13.77
N LYS L 166 -22.31 -53.72 -15.09
CA LYS L 166 -22.65 -54.77 -16.02
C LYS L 166 -21.42 -55.21 -16.81
N GLY L 167 -21.51 -56.41 -17.38
CA GLY L 167 -20.44 -56.98 -18.14
C GLY L 167 -20.28 -56.34 -19.51
N PRO L 168 -19.21 -56.72 -20.20
CA PRO L 168 -18.95 -56.15 -21.54
C PRO L 168 -20.06 -56.39 -22.56
N ILE L 169 -20.63 -57.60 -22.60
CA ILE L 169 -21.69 -57.87 -23.56
C ILE L 169 -22.97 -57.15 -23.13
N ALA L 170 -23.21 -57.10 -21.81
CA ALA L 170 -24.41 -56.43 -21.29
C ALA L 170 -24.38 -54.94 -21.61
N ALA L 171 -23.20 -54.32 -21.58
CA ALA L 171 -23.09 -52.91 -21.91
C ALA L 171 -23.28 -52.71 -23.41
N LEU L 172 -22.92 -53.71 -24.20
CA LEU L 172 -23.10 -53.61 -25.65
C LEU L 172 -24.56 -53.74 -26.04
N GLY L 173 -25.27 -54.68 -25.40
CA GLY L 173 -26.69 -54.84 -25.72
C GLY L 173 -27.52 -53.64 -25.32
N GLU L 174 -27.22 -53.06 -24.15
CA GLU L 174 -27.93 -51.89 -23.68
C GLU L 174 -27.66 -50.70 -24.60
N HIS L 175 -26.42 -50.56 -25.05
CA HIS L 175 -26.06 -49.47 -25.95
C HIS L 175 -26.70 -49.67 -27.32
N LEU L 176 -26.85 -50.92 -27.76
CA LEU L 176 -27.49 -51.15 -29.04
C LEU L 176 -28.99 -50.91 -28.92
N ALA L 177 -29.53 -51.09 -27.72
CA ALA L 177 -30.95 -50.85 -27.50
C ALA L 177 -31.23 -49.35 -27.45
N ASN L 178 -30.37 -48.58 -26.79
CA ASN L 178 -30.52 -47.13 -26.67
C ASN L 178 -29.14 -46.50 -26.74
N PRO L 179 -28.67 -46.14 -27.94
CA PRO L 179 -27.33 -45.54 -28.06
C PRO L 179 -27.24 -44.14 -27.48
N TRP L 180 -28.16 -43.28 -27.92
CA TRP L 180 -28.17 -41.90 -27.44
C TRP L 180 -28.52 -41.81 -25.97
N GLY L 181 -29.40 -42.66 -25.47
CA GLY L 181 -29.80 -42.61 -24.09
C GLY L 181 -29.00 -43.42 -23.10
N ALA L 182 -28.08 -44.27 -23.55
CA ALA L 182 -27.28 -45.07 -22.63
C ALA L 182 -25.85 -45.14 -23.14
N ASN L 183 -24.99 -44.30 -22.58
CA ASN L 183 -23.57 -44.26 -22.94
C ASN L 183 -22.80 -43.84 -21.70
N PHE L 184 -21.55 -43.43 -21.89
CA PHE L 184 -20.75 -43.01 -20.75
C PHE L 184 -21.18 -41.66 -20.21
N ALA L 185 -21.83 -40.84 -21.02
CA ALA L 185 -22.27 -39.52 -20.57
C ALA L 185 -23.62 -39.57 -19.87
N THR L 186 -24.19 -40.76 -19.69
CA THR L 186 -25.47 -40.93 -19.02
C THR L 186 -25.40 -41.83 -17.81
N ASN L 187 -24.23 -42.37 -17.47
CA ASN L 187 -24.13 -43.24 -16.30
C ASN L 187 -24.06 -42.46 -14.99
N GLY L 188 -23.72 -41.18 -15.04
CA GLY L 188 -23.62 -40.39 -13.84
C GLY L 188 -22.32 -40.56 -13.08
N ILE L 189 -21.41 -41.38 -13.59
CA ILE L 189 -20.14 -41.65 -12.96
C ILE L 189 -18.98 -41.05 -13.74
N SER L 190 -19.00 -41.21 -15.08
CA SER L 190 -17.92 -40.68 -15.92
C SER L 190 -17.82 -39.16 -15.85
N VAL L 191 -18.82 -38.44 -16.35
CA VAL L 191 -18.81 -36.99 -16.32
C VAL L 191 -19.82 -36.56 -15.24
N PRO L 192 -19.35 -36.05 -14.09
CA PRO L 192 -20.29 -35.69 -13.02
C PRO L 192 -21.19 -34.51 -13.34
N PHE L 193 -20.78 -33.53 -14.13
CA PHE L 193 -21.65 -32.40 -14.37
C PHE L 193 -22.62 -32.60 -15.53
N PHE L 194 -22.61 -33.76 -16.19
CA PHE L 194 -23.55 -33.98 -17.28
C PHE L 194 -24.90 -34.37 -16.72
N LYS M 1 -14.04 -36.94 -73.50
CA LYS M 1 -14.98 -36.63 -72.43
C LYS M 1 -16.42 -36.74 -72.96
N ALA M 2 -17.36 -37.03 -72.06
CA ALA M 2 -18.75 -37.19 -72.45
C ALA M 2 -19.47 -35.86 -72.68
N GLY M 3 -18.82 -34.74 -72.34
CA GLY M 3 -19.44 -33.44 -72.54
C GLY M 3 -18.97 -32.47 -71.48
N ASN M 4 -19.80 -31.45 -71.23
CA ASN M 4 -19.51 -30.43 -70.23
C ASN M 4 -20.72 -30.30 -69.32
N TRP M 5 -20.47 -30.30 -68.01
CA TRP M 5 -21.57 -30.15 -67.07
C TRP M 5 -22.10 -28.72 -67.08
N LEU M 6 -21.21 -27.74 -67.16
CA LEU M 6 -21.60 -26.33 -67.18
C LEU M 6 -21.22 -25.78 -68.54
N PRO M 7 -22.20 -25.47 -69.40
CA PRO M 7 -21.88 -24.93 -70.72
C PRO M 7 -21.14 -23.60 -70.62
N GLY M 8 -20.15 -23.43 -71.50
CA GLY M 8 -19.35 -22.23 -71.51
C GLY M 8 -18.16 -22.25 -70.57
N SER M 9 -18.11 -23.19 -69.64
CA SER M 9 -17.00 -23.31 -68.71
C SER M 9 -16.02 -24.35 -69.21
N ASP M 10 -14.74 -24.06 -69.02
CA ASP M 10 -13.66 -24.94 -69.44
C ASP M 10 -13.45 -26.04 -68.41
N ALA M 11 -13.22 -27.26 -68.89
CA ALA M 11 -13.00 -28.40 -68.01
C ALA M 11 -11.68 -28.27 -67.27
N PRO M 12 -11.52 -28.91 -66.11
CA PRO M 12 -10.25 -28.82 -65.38
C PRO M 12 -9.11 -29.46 -66.15
N ALA M 13 -7.90 -28.97 -65.90
CA ALA M 13 -6.71 -29.46 -66.57
C ALA M 13 -6.15 -30.74 -65.96
N TRP M 14 -6.72 -31.21 -64.85
CA TRP M 14 -6.22 -32.43 -64.22
C TRP M 14 -7.12 -33.64 -64.45
N LEU M 15 -8.19 -33.49 -65.22
CA LEU M 15 -9.08 -34.62 -65.47
C LEU M 15 -8.76 -35.22 -66.82
N PRO M 16 -8.29 -36.47 -66.88
CA PRO M 16 -7.96 -37.09 -68.17
C PRO M 16 -9.22 -37.27 -69.02
N ASP M 17 -9.04 -37.08 -70.34
CA ASP M 17 -10.17 -37.19 -71.27
C ASP M 17 -10.62 -38.63 -71.45
N ASP M 18 -9.71 -39.60 -71.41
CA ASP M 18 -10.06 -41.00 -71.58
C ASP M 18 -10.82 -41.59 -70.40
N LEU M 19 -10.95 -40.87 -69.30
CA LEU M 19 -11.68 -41.37 -68.14
C LEU M 19 -13.16 -41.53 -68.49
N PRO M 20 -13.80 -42.64 -68.09
CA PRO M 20 -15.22 -42.81 -68.43
C PRO M 20 -16.12 -41.88 -67.63
N GLY M 21 -17.09 -41.30 -68.31
CA GLY M 21 -18.01 -40.38 -67.66
C GLY M 21 -17.40 -39.05 -67.29
N ASN M 22 -16.38 -38.64 -68.03
CA ASN M 22 -15.69 -37.38 -67.79
C ASN M 22 -16.57 -36.26 -68.34
N TYR M 23 -17.11 -35.45 -67.44
CA TYR M 23 -17.95 -34.32 -67.80
C TYR M 23 -17.32 -33.00 -67.37
N GLY M 24 -16.14 -33.05 -66.77
CA GLY M 24 -15.47 -31.84 -66.31
C GLY M 24 -16.12 -31.25 -65.09
N PHE M 25 -16.84 -32.05 -64.32
CA PHE M 25 -17.53 -31.59 -63.11
C PHE M 25 -16.65 -31.83 -61.90
N ASP M 26 -15.97 -30.77 -61.45
CA ASP M 26 -15.10 -30.81 -60.28
C ASP M 26 -14.89 -29.39 -59.76
N PRO M 27 -15.91 -28.73 -59.22
CA PRO M 27 -15.69 -27.36 -58.73
C PRO M 27 -14.89 -27.30 -57.44
N LEU M 28 -14.82 -28.40 -56.70
CA LEU M 28 -14.08 -28.43 -55.44
C LEU M 28 -12.65 -28.92 -55.62
N SER M 29 -12.29 -29.40 -56.82
CA SER M 29 -10.95 -29.89 -57.15
C SER M 29 -10.49 -30.99 -56.17
N LEU M 30 -11.40 -31.93 -55.88
CA LEU M 30 -11.05 -33.00 -54.94
C LEU M 30 -10.13 -34.02 -55.59
N GLY M 31 -10.26 -34.23 -56.90
CA GLY M 31 -9.41 -35.19 -57.60
C GLY M 31 -8.21 -34.53 -58.24
N LYS M 32 -7.65 -33.52 -57.56
CA LYS M 32 -6.49 -32.81 -58.09
C LYS M 32 -5.26 -33.72 -58.17
N GLU M 33 -5.02 -34.50 -57.13
CA GLU M 33 -3.87 -35.39 -57.17
C GLU M 33 -4.22 -36.70 -57.88
N PRO M 34 -3.34 -37.21 -58.74
CA PRO M 34 -3.63 -38.46 -59.45
C PRO M 34 -3.80 -39.66 -58.52
N ALA M 35 -3.12 -39.67 -57.37
CA ALA M 35 -3.28 -40.77 -56.44
C ALA M 35 -4.67 -40.77 -55.82
N SER M 36 -5.21 -39.58 -55.52
CA SER M 36 -6.54 -39.49 -54.95
C SER M 36 -7.59 -39.71 -56.02
N LEU M 37 -7.28 -39.34 -57.27
CA LEU M 37 -8.23 -39.51 -58.37
C LEU M 37 -8.47 -40.98 -58.67
N LYS M 38 -7.42 -41.80 -58.60
CA LYS M 38 -7.56 -43.23 -58.85
C LYS M 38 -8.44 -43.90 -57.80
N ARG M 39 -8.17 -43.58 -56.52
CA ARG M 39 -8.96 -44.13 -55.42
C ARG M 39 -10.41 -43.67 -55.52
N PHE M 40 -10.61 -42.39 -55.81
CA PHE M 40 -11.97 -41.87 -55.95
C PHE M 40 -12.67 -42.48 -57.16
N THR M 41 -11.92 -42.82 -58.21
CA THR M 41 -12.52 -43.44 -59.38
C THR M 41 -13.04 -44.83 -59.04
N GLU M 42 -12.20 -45.62 -58.36
CA GLU M 42 -12.62 -46.96 -57.96
C GLU M 42 -13.78 -46.88 -56.97
N SER M 43 -13.73 -45.91 -56.06
CA SER M 43 -14.79 -45.73 -55.09
C SER M 43 -16.10 -45.34 -55.76
N GLU M 44 -16.03 -44.48 -56.79
CA GLU M 44 -17.22 -44.07 -57.51
C GLU M 44 -17.83 -45.24 -58.28
N VAL M 45 -17.00 -46.06 -58.92
CA VAL M 45 -17.51 -47.19 -59.67
C VAL M 45 -18.18 -48.21 -58.73
N ILE M 46 -17.54 -48.49 -57.60
CA ILE M 46 -18.10 -49.43 -56.63
C ILE M 46 -19.39 -48.87 -56.04
N HIS M 47 -19.42 -47.56 -55.77
CA HIS M 47 -20.62 -46.92 -55.24
C HIS M 47 -21.76 -47.01 -56.24
N GLY M 48 -21.46 -46.81 -57.52
CA GLY M 48 -22.48 -46.89 -58.53
C GLY M 48 -23.04 -48.29 -58.67
N ARG M 49 -22.16 -49.30 -58.60
CA ARG M 49 -22.63 -50.68 -58.71
C ARG M 49 -23.53 -51.06 -57.53
N TRP M 50 -23.11 -50.68 -56.31
CA TRP M 50 -23.92 -50.97 -55.13
C TRP M 50 -25.22 -50.19 -55.16
N ALA M 51 -25.18 -48.95 -55.65
CA ALA M 51 -26.39 -48.14 -55.73
C ALA M 51 -27.35 -48.72 -56.76
N MET M 52 -26.83 -49.25 -57.86
CA MET M 52 -27.70 -49.85 -58.87
C MET M 52 -28.39 -51.07 -58.29
N LEU M 53 -27.64 -51.92 -57.57
CA LEU M 53 -28.22 -53.11 -56.96
C LEU M 53 -29.25 -52.72 -55.90
N GLY M 54 -28.96 -51.69 -55.11
CA GLY M 54 -29.88 -51.25 -54.08
C GLY M 54 -31.17 -50.67 -54.63
N VAL M 55 -31.07 -49.83 -55.66
CA VAL M 55 -32.25 -49.23 -56.25
C VAL M 55 -33.10 -50.31 -56.93
N ALA M 56 -32.45 -51.23 -57.65
CA ALA M 56 -33.19 -52.30 -58.31
C ALA M 56 -33.89 -53.19 -57.28
N GLY M 57 -33.20 -53.49 -56.17
CA GLY M 57 -33.80 -54.31 -55.14
C GLY M 57 -34.98 -53.64 -54.46
N SER M 58 -34.85 -52.33 -54.17
CA SER M 58 -35.94 -51.61 -53.51
C SER M 58 -37.15 -51.53 -54.43
N LEU M 59 -36.93 -51.19 -55.70
CA LEU M 59 -38.03 -51.10 -56.64
C LEU M 59 -38.69 -52.45 -56.87
N ALA M 60 -37.89 -53.51 -56.97
CA ALA M 60 -38.45 -54.84 -57.17
C ALA M 60 -39.26 -55.32 -55.98
N VAL M 61 -38.72 -55.15 -54.75
CA VAL M 61 -39.45 -55.60 -53.57
C VAL M 61 -40.71 -54.78 -53.36
N GLU M 62 -40.71 -53.49 -53.72
CA GLU M 62 -41.92 -52.71 -53.54
C GLU M 62 -42.94 -53.01 -54.62
N LEU M 63 -42.50 -53.29 -55.85
CA LEU M 63 -43.45 -53.59 -56.92
C LEU M 63 -44.00 -55.00 -56.80
N LEU M 64 -43.33 -55.87 -56.05
CA LEU M 64 -43.82 -57.23 -55.89
C LEU M 64 -44.74 -57.39 -54.68
N GLY M 65 -45.07 -56.29 -53.99
CA GLY M 65 -45.95 -56.36 -52.85
C GLY M 65 -45.37 -56.92 -51.57
N TYR M 66 -44.06 -56.89 -51.41
CA TYR M 66 -43.41 -57.41 -50.21
C TYR M 66 -42.94 -56.28 -49.29
N GLY M 67 -43.69 -55.18 -49.26
CA GLY M 67 -43.34 -54.06 -48.43
C GLY M 67 -42.31 -53.15 -49.08
N ASN M 68 -42.19 -51.96 -48.51
CA ASN M 68 -41.23 -50.99 -49.03
C ASN M 68 -39.83 -51.34 -48.53
N TRP M 69 -38.84 -50.58 -49.00
CA TRP M 69 -37.46 -50.83 -48.60
C TRP M 69 -37.22 -50.49 -47.13
N TYR M 70 -38.01 -49.58 -46.57
CA TYR M 70 -37.84 -49.19 -45.17
C TYR M 70 -38.33 -50.26 -44.20
N ASP M 71 -39.37 -51.01 -44.57
CA ASP M 71 -39.89 -52.05 -43.70
C ASP M 71 -39.22 -53.40 -43.94
N ALA M 72 -38.01 -53.41 -44.49
CA ALA M 72 -37.31 -54.67 -44.71
C ALA M 72 -36.74 -55.27 -43.42
N PRO M 73 -35.93 -54.58 -42.62
CA PRO M 73 -35.45 -55.23 -41.38
C PRO M 73 -36.41 -55.12 -40.21
N LEU M 74 -37.67 -54.75 -40.45
CA LEU M 74 -38.65 -54.62 -39.38
C LEU M 74 -39.00 -55.94 -38.72
N TRP M 75 -38.73 -57.07 -39.38
CA TRP M 75 -39.04 -58.36 -38.77
C TRP M 75 -38.10 -58.68 -37.61
N ALA M 76 -36.92 -58.04 -37.58
CA ALA M 76 -35.93 -58.25 -36.54
C ALA M 76 -35.94 -57.15 -35.48
N VAL M 77 -36.95 -56.29 -35.49
CA VAL M 77 -37.04 -55.21 -34.51
C VAL M 77 -37.99 -55.66 -33.41
N ASN M 78 -39.06 -56.36 -33.79
CA ASN M 78 -40.05 -56.86 -32.86
C ASN M 78 -40.05 -58.37 -32.72
N GLY M 79 -39.23 -59.07 -33.51
CA GLY M 79 -39.19 -60.52 -33.46
C GLY M 79 -40.05 -61.15 -34.54
N GLY M 80 -39.43 -61.86 -35.46
CA GLY M 80 -40.16 -62.51 -36.54
C GLY M 80 -39.22 -63.35 -37.37
N LYS M 81 -39.66 -63.65 -38.59
CA LYS M 81 -38.88 -64.45 -39.53
C LYS M 81 -38.90 -63.78 -40.89
N ALA M 82 -37.73 -63.73 -41.54
CA ALA M 82 -37.63 -63.11 -42.85
C ALA M 82 -38.23 -64.00 -43.92
N THR M 83 -38.79 -63.38 -44.96
CA THR M 83 -39.41 -64.11 -46.06
C THR M 83 -38.93 -63.53 -47.39
N TRP M 84 -38.19 -64.33 -48.14
CA TRP M 84 -37.67 -63.95 -49.44
C TRP M 84 -38.59 -64.57 -50.48
N PHE M 85 -39.26 -63.70 -51.26
CA PHE M 85 -40.21 -64.12 -52.31
C PHE M 85 -41.35 -64.94 -51.73
N GLY M 86 -41.69 -64.69 -50.47
CA GLY M 86 -42.74 -65.41 -49.79
C GLY M 86 -42.31 -66.70 -49.14
N ILE M 87 -41.03 -67.07 -49.26
CA ILE M 87 -40.50 -68.31 -48.68
C ILE M 87 -39.80 -67.96 -47.37
N GLU M 88 -40.17 -68.67 -46.31
CA GLU M 88 -39.62 -68.45 -44.98
C GLU M 88 -38.12 -68.71 -44.92
N VAL M 89 -37.45 -67.95 -44.06
CA VAL M 89 -36.01 -68.05 -43.86
C VAL M 89 -35.77 -68.31 -42.38
N PRO M 90 -35.03 -69.36 -42.00
CA PRO M 90 -34.82 -69.65 -40.57
C PRO M 90 -33.61 -68.99 -39.92
N PHE M 91 -33.05 -67.94 -40.49
CA PHE M 91 -31.87 -67.30 -39.91
C PHE M 91 -32.25 -66.04 -39.15
N ASP M 92 -31.72 -65.89 -37.94
CA ASP M 92 -31.98 -64.72 -37.13
C ASP M 92 -30.92 -63.65 -37.38
N LEU M 93 -31.16 -62.47 -36.81
CA LEU M 93 -30.26 -61.33 -36.99
C LEU M 93 -28.85 -61.62 -36.47
N ASN M 94 -28.74 -62.36 -35.37
CA ASN M 94 -27.42 -62.65 -34.82
C ASN M 94 -26.59 -63.53 -35.75
N ALA M 95 -27.24 -64.49 -36.43
CA ALA M 95 -26.50 -65.36 -37.34
C ALA M 95 -26.31 -64.73 -38.71
N LEU M 96 -27.21 -63.83 -39.11
CA LEU M 96 -27.09 -63.19 -40.42
C LEU M 96 -25.90 -62.25 -40.48
N LEU M 97 -25.64 -61.52 -39.39
CA LEU M 97 -24.52 -60.59 -39.35
C LEU M 97 -23.18 -61.33 -39.42
N ALA M 98 -23.11 -62.52 -38.83
CA ALA M 98 -21.87 -63.29 -38.84
C ALA M 98 -21.50 -63.76 -40.23
N PHE M 99 -22.44 -64.42 -40.92
CA PHE M 99 -22.15 -64.92 -42.26
C PHE M 99 -21.90 -63.79 -43.24
N GLU M 100 -22.73 -62.74 -43.19
CA GLU M 100 -22.54 -61.61 -44.09
C GLU M 100 -21.22 -60.92 -43.84
N PHE M 101 -20.85 -60.73 -42.57
CA PHE M 101 -19.58 -60.09 -42.24
C PHE M 101 -18.40 -60.92 -42.71
N VAL M 102 -18.44 -62.24 -42.50
CA VAL M 102 -17.35 -63.11 -42.91
C VAL M 102 -17.20 -63.12 -44.42
N ALA M 103 -18.31 -63.35 -45.14
CA ALA M 103 -18.26 -63.41 -46.60
C ALA M 103 -17.87 -62.07 -47.21
N MET M 104 -18.43 -60.96 -46.72
CA MET M 104 -18.10 -59.66 -47.26
C MET M 104 -16.66 -59.29 -46.95
N ALA M 105 -16.17 -59.63 -45.75
CA ALA M 105 -14.79 -59.33 -45.41
C ALA M 105 -13.83 -60.11 -46.29
N ALA M 106 -14.13 -61.39 -46.56
CA ALA M 106 -13.26 -62.19 -47.42
C ALA M 106 -13.25 -61.67 -48.85
N ALA M 107 -14.44 -61.38 -49.40
CA ALA M 107 -14.54 -60.89 -50.78
C ALA M 107 -13.89 -59.52 -50.93
N GLU M 108 -14.17 -58.60 -50.00
CA GLU M 108 -13.59 -57.27 -50.07
C GLU M 108 -12.09 -57.31 -49.83
N GLY M 109 -11.61 -58.25 -49.02
CA GLY M 109 -10.18 -58.36 -48.80
C GLY M 109 -9.49 -58.82 -50.07
N GLN M 110 -10.08 -59.80 -50.75
CA GLN M 110 -9.50 -60.28 -52.00
C GLN M 110 -9.53 -59.19 -53.07
N ARG M 111 -10.59 -58.38 -53.08
CA ARG M 111 -10.69 -57.30 -54.05
C ARG M 111 -9.69 -56.18 -53.77
N GLY M 112 -9.53 -55.81 -52.50
CA GLY M 112 -8.62 -54.73 -52.16
C GLY M 112 -7.16 -55.12 -52.19
N ASP M 113 -6.86 -56.43 -52.10
CA ASP M 113 -5.46 -56.83 -52.12
C ASP M 113 -4.83 -56.75 -53.51
N ALA M 114 -5.62 -56.48 -54.54
CA ALA M 114 -5.09 -56.37 -55.89
C ALA M 114 -4.49 -55.00 -56.18
N GLY M 115 -4.72 -54.01 -55.32
CA GLY M 115 -4.16 -52.70 -55.53
C GLY M 115 -5.12 -51.70 -56.15
N GLY M 116 -6.42 -51.96 -56.00
CA GLY M 116 -7.43 -51.09 -56.54
C GLY M 116 -7.77 -51.34 -58.00
N VAL M 117 -8.21 -52.56 -58.33
CA VAL M 117 -8.59 -52.92 -59.70
C VAL M 117 -10.05 -52.54 -59.88
N VAL M 118 -10.32 -51.69 -60.85
CA VAL M 118 -11.68 -51.22 -61.13
C VAL M 118 -12.41 -52.13 -62.12
N TYR M 119 -11.72 -52.62 -63.14
CA TYR M 119 -12.32 -53.47 -64.16
C TYR M 119 -11.56 -54.78 -64.24
N PRO M 120 -11.90 -55.74 -63.38
CA PRO M 120 -11.17 -57.03 -63.39
C PRO M 120 -11.44 -57.91 -64.61
N GLY M 121 -12.69 -58.19 -64.90
CA GLY M 121 -13.02 -59.05 -66.02
C GLY M 121 -12.69 -60.50 -65.68
N GLY M 122 -12.49 -61.29 -66.74
CA GLY M 122 -12.15 -62.69 -66.58
C GLY M 122 -13.28 -63.54 -66.02
N ALA M 123 -13.14 -63.92 -64.75
CA ALA M 123 -14.16 -64.74 -64.10
C ALA M 123 -15.47 -63.97 -63.93
N PHE M 124 -15.39 -62.65 -63.77
CA PHE M 124 -16.58 -61.83 -63.61
C PHE M 124 -17.23 -61.46 -64.93
N ASP M 125 -16.61 -61.82 -66.04
CA ASP M 125 -17.14 -61.55 -67.38
C ASP M 125 -17.13 -62.85 -68.17
N PRO M 126 -18.04 -63.78 -67.85
CA PRO M 126 -18.04 -65.05 -68.59
C PRO M 126 -18.63 -64.94 -69.99
N LEU M 127 -19.55 -64.00 -70.21
CA LEU M 127 -20.16 -63.85 -71.52
C LEU M 127 -19.26 -63.13 -72.51
N GLY M 128 -18.17 -62.51 -72.04
CA GLY M 128 -17.27 -61.81 -72.93
C GLY M 128 -17.84 -60.59 -73.58
N PHE M 129 -18.57 -59.76 -72.82
CA PHE M 129 -19.14 -58.53 -73.38
C PHE M 129 -18.10 -57.45 -73.59
N ALA M 130 -16.90 -57.63 -73.07
CA ALA M 130 -15.82 -56.66 -73.21
C ALA M 130 -14.55 -57.35 -73.71
N LYS M 131 -14.69 -58.16 -74.77
CA LYS M 131 -13.54 -58.86 -75.33
C LYS M 131 -12.62 -57.91 -76.07
N ASP M 132 -13.18 -56.94 -76.78
CA ASP M 132 -12.40 -55.96 -77.52
C ASP M 132 -12.41 -54.65 -76.75
N SER M 133 -11.23 -54.06 -76.56
CA SER M 133 -11.10 -52.81 -75.82
C SER M 133 -11.65 -51.59 -76.56
N SER M 134 -12.04 -51.72 -77.82
CA SER M 134 -12.57 -50.58 -78.56
C SER M 134 -13.96 -50.19 -78.03
N LYS M 135 -14.81 -51.18 -77.78
CA LYS M 135 -16.16 -50.94 -77.27
C LYS M 135 -16.25 -51.04 -75.75
N SER M 136 -15.13 -51.33 -75.08
CA SER M 136 -15.15 -51.44 -73.62
C SER M 136 -15.34 -50.07 -72.98
N GLY M 137 -14.82 -49.02 -73.62
CA GLY M 137 -14.95 -47.69 -73.05
C GLY M 137 -16.34 -47.12 -73.16
N GLU M 138 -17.08 -47.51 -74.21
CA GLU M 138 -18.44 -47.01 -74.38
C GLU M 138 -19.38 -47.55 -73.31
N LEU M 139 -19.26 -48.84 -73.01
CA LEU M 139 -20.12 -49.44 -71.99
C LEU M 139 -19.74 -48.92 -70.60
N LYS M 140 -18.48 -48.51 -70.42
CA LYS M 140 -18.07 -47.95 -69.14
C LYS M 140 -18.76 -46.63 -68.87
N LEU M 141 -18.99 -45.85 -69.93
CA LEU M 141 -19.69 -44.60 -69.81
C LEU M 141 -21.13 -44.83 -69.36
N LYS M 142 -21.77 -45.85 -69.94
CA LYS M 142 -23.12 -46.22 -69.55
C LYS M 142 -23.16 -46.70 -68.11
N GLU M 143 -22.14 -47.47 -67.71
CA GLU M 143 -22.07 -48.00 -66.36
C GLU M 143 -21.95 -46.89 -65.33
N ILE M 144 -21.04 -45.94 -65.56
CA ILE M 144 -20.86 -44.86 -64.60
C ILE M 144 -22.07 -43.92 -64.60
N LYS M 145 -22.72 -43.73 -65.76
CA LYS M 145 -23.89 -42.86 -65.78
C LYS M 145 -25.07 -43.51 -65.05
N ASN M 146 -25.25 -44.82 -65.25
CA ASN M 146 -26.31 -45.52 -64.54
C ASN M 146 -26.04 -45.54 -63.05
N GLY M 147 -24.76 -45.63 -62.68
CA GLY M 147 -24.41 -45.61 -61.27
C GLY M 147 -24.67 -44.25 -60.65
N ARG M 148 -24.38 -43.17 -61.39
CA ARG M 148 -24.65 -41.83 -60.87
C ARG M 148 -26.14 -41.63 -60.68
N LEU M 149 -26.93 -42.10 -61.66
CA LEU M 149 -28.39 -41.99 -61.56
C LEU M 149 -28.91 -42.83 -60.40
N ALA M 150 -28.31 -44.01 -60.18
CA ALA M 150 -28.73 -44.87 -59.07
C ALA M 150 -28.41 -44.25 -57.73
N MET M 151 -27.25 -43.60 -57.60
CA MET M 151 -26.89 -42.95 -56.34
C MET M 151 -27.85 -41.80 -56.05
N VAL M 152 -28.18 -41.02 -57.09
CA VAL M 152 -29.11 -39.91 -56.93
C VAL M 152 -30.49 -40.45 -56.56
N ALA M 153 -30.88 -41.57 -57.18
CA ALA M 153 -32.18 -42.18 -56.90
C ALA M 153 -32.25 -42.69 -55.47
N PHE M 154 -31.18 -43.30 -54.96
CA PHE M 154 -31.20 -43.78 -53.58
C PHE M 154 -31.25 -42.60 -52.61
N LEU M 155 -30.54 -41.52 -52.93
CA LEU M 155 -30.61 -40.33 -52.10
C LEU M 155 -32.03 -39.79 -52.09
N GLY M 156 -32.69 -39.85 -53.25
CA GLY M 156 -34.06 -39.40 -53.34
C GLY M 156 -35.01 -40.27 -52.54
N PHE M 157 -34.74 -41.59 -52.52
CA PHE M 157 -35.54 -42.53 -51.76
C PHE M 157 -35.49 -42.18 -50.27
N VAL M 158 -34.28 -42.04 -49.75
CA VAL M 158 -34.08 -41.73 -48.33
C VAL M 158 -34.69 -40.37 -47.98
N ALA M 159 -34.46 -39.37 -48.82
CA ALA M 159 -34.97 -38.03 -48.56
C ALA M 159 -36.50 -37.98 -48.59
N GLN M 160 -37.11 -38.56 -49.61
CA GLN M 160 -38.57 -38.54 -49.71
C GLN M 160 -39.19 -39.35 -48.58
N HIS M 161 -38.52 -40.42 -48.14
CA HIS M 161 -39.07 -41.19 -47.04
C HIS M 161 -39.02 -40.37 -45.75
N ALA M 162 -37.86 -39.77 -45.44
CA ALA M 162 -37.75 -38.96 -44.24
C ALA M 162 -38.63 -37.73 -44.28
N ALA M 163 -39.02 -37.27 -45.47
CA ALA M 163 -39.88 -36.10 -45.56
C ALA M 163 -41.37 -36.42 -45.52
N THR M 164 -41.78 -37.58 -46.04
CA THR M 164 -43.19 -37.94 -46.07
C THR M 164 -43.55 -39.17 -45.27
N GLY M 165 -42.86 -40.29 -45.50
CA GLY M 165 -43.15 -41.54 -44.83
C GLY M 165 -43.50 -42.67 -45.77
N LYS M 166 -44.02 -42.37 -46.94
CA LYS M 166 -44.40 -43.37 -47.93
C LYS M 166 -43.17 -43.88 -48.69
N GLY M 167 -43.35 -45.03 -49.34
CA GLY M 167 -42.27 -45.62 -50.10
C GLY M 167 -42.17 -45.03 -51.49
N PRO M 168 -41.09 -45.39 -52.18
CA PRO M 168 -40.87 -44.87 -53.55
C PRO M 168 -41.98 -45.17 -54.53
N ILE M 169 -42.54 -46.37 -54.52
CA ILE M 169 -43.63 -46.67 -55.46
C ILE M 169 -44.91 -45.99 -54.99
N ALA M 170 -45.13 -45.93 -53.68
CA ALA M 170 -46.31 -45.27 -53.15
C ALA M 170 -46.25 -43.76 -53.37
N ALA M 171 -45.04 -43.20 -53.41
CA ALA M 171 -44.91 -41.78 -53.66
C ALA M 171 -45.13 -41.45 -55.12
N LEU M 172 -44.72 -42.36 -56.01
CA LEU M 172 -44.91 -42.15 -57.44
C LEU M 172 -46.39 -42.15 -57.80
N GLY M 173 -47.15 -43.09 -57.26
CA GLY M 173 -48.58 -43.14 -57.54
C GLY M 173 -49.31 -41.94 -56.96
N GLU M 174 -48.89 -41.48 -55.78
CA GLU M 174 -49.50 -40.31 -55.16
C GLU M 174 -49.22 -39.07 -55.97
N HIS M 175 -47.99 -38.94 -56.49
CA HIS M 175 -47.64 -37.79 -57.31
C HIS M 175 -48.35 -37.85 -58.66
N LEU M 176 -48.58 -39.06 -59.18
CA LEU M 176 -49.28 -39.19 -60.44
C LEU M 176 -50.77 -38.94 -60.27
N ALA M 177 -51.26 -39.11 -59.04
CA ALA M 177 -52.68 -38.88 -58.77
C ALA M 177 -52.94 -37.40 -58.48
N ASN M 178 -51.99 -36.73 -57.85
CA ASN M 178 -52.14 -35.30 -57.52
C ASN M 178 -50.77 -34.66 -57.66
N PRO M 179 -50.41 -34.23 -58.88
CA PRO M 179 -49.07 -33.62 -59.06
C PRO M 179 -48.91 -32.28 -58.37
N TRP M 180 -49.91 -31.41 -58.43
CA TRP M 180 -49.80 -30.12 -57.77
C TRP M 180 -49.99 -30.23 -56.27
N GLY M 181 -50.74 -31.24 -55.82
CA GLY M 181 -50.97 -31.41 -54.40
C GLY M 181 -50.00 -32.32 -53.67
N ALA M 182 -49.23 -33.13 -54.39
CA ALA M 182 -48.28 -34.04 -53.76
C ALA M 182 -46.94 -33.91 -54.45
N ASN M 183 -46.01 -33.20 -53.82
CA ASN M 183 -44.67 -33.01 -54.34
C ASN M 183 -43.77 -32.67 -53.14
N PHE M 184 -42.55 -32.22 -53.43
CA PHE M 184 -41.63 -31.91 -52.34
C PHE M 184 -42.01 -30.62 -51.62
N ALA M 185 -42.92 -29.82 -52.18
CA ALA M 185 -43.30 -28.58 -51.51
C ALA M 185 -44.49 -28.77 -50.59
N THR M 186 -45.27 -29.83 -50.75
CA THR M 186 -46.43 -30.07 -49.91
C THR M 186 -46.14 -31.00 -48.74
N ASN M 187 -44.91 -31.47 -48.58
CA ASN M 187 -44.62 -32.36 -47.45
C ASN M 187 -44.64 -31.61 -46.12
N GLY M 188 -44.26 -30.34 -46.11
CA GLY M 188 -44.28 -29.54 -44.92
C GLY M 188 -42.93 -29.27 -44.28
N ILE M 189 -41.86 -29.97 -44.66
CA ILE M 189 -40.56 -29.74 -44.05
C ILE M 189 -39.55 -29.15 -45.03
N SER M 190 -39.78 -29.22 -46.34
CA SER M 190 -38.82 -28.65 -47.28
C SER M 190 -38.84 -27.12 -47.24
N VAL M 191 -40.03 -26.54 -47.20
CA VAL M 191 -40.21 -25.09 -47.15
C VAL M 191 -40.99 -24.77 -45.88
N PRO M 192 -40.37 -24.24 -44.83
CA PRO M 192 -41.11 -23.95 -43.59
C PRO M 192 -42.04 -22.75 -43.68
N PHE M 193 -41.76 -21.82 -44.59
CA PHE M 193 -42.61 -20.64 -44.71
C PHE M 193 -43.92 -20.96 -45.43
N PHE M 194 -43.99 -22.12 -46.07
CA PHE M 194 -45.19 -22.55 -46.78
C PHE M 194 -45.74 -23.83 -46.19
N LEU N 1 23.65 64.62 20.97
CA LEU N 1 22.98 65.87 21.30
C LEU N 1 21.95 65.67 22.41
N TYR N 2 21.06 64.69 22.25
CA TYR N 2 20.05 64.41 23.26
C TYR N 2 20.63 63.56 24.39
N VAL N 3 19.76 63.13 25.29
CA VAL N 3 20.19 62.28 26.39
C VAL N 3 20.21 60.84 25.91
N GLY N 4 21.22 60.09 26.35
CA GLY N 4 21.36 58.71 25.94
C GLY N 4 22.23 58.49 24.73
N ALA N 5 22.98 59.50 24.31
CA ALA N 5 23.86 59.36 23.15
C ALA N 5 25.05 58.48 23.52
N SER N 6 25.62 57.83 22.52
CA SER N 6 26.74 56.92 22.76
C SER N 6 27.73 57.00 21.61
N GLN N 7 28.97 56.60 21.90
CA GLN N 7 30.00 56.61 20.86
C GLN N 7 29.72 55.56 19.80
N SER N 8 29.03 54.46 20.18
CA SER N 8 28.71 53.42 19.22
C SER N 8 27.61 53.85 18.25
N SER N 9 26.63 54.60 18.73
CA SER N 9 25.56 55.07 17.87
C SER N 9 26.03 56.22 16.98
N LEU N 10 27.10 56.90 17.40
CA LEU N 10 27.61 58.02 16.61
C LEU N 10 28.45 57.55 15.42
N ALA N 11 28.75 56.25 15.33
CA ALA N 11 29.55 55.75 14.22
C ALA N 11 28.78 55.80 12.92
N TYR N 12 27.46 55.66 12.97
CA TYR N 12 26.63 55.69 11.78
C TYR N 12 25.68 56.87 11.74
N LEU N 13 25.62 57.69 12.78
CA LEU N 13 24.74 58.85 12.85
C LEU N 13 25.61 60.10 12.78
N ASP N 14 25.79 60.62 11.58
CA ASP N 14 26.60 61.81 11.34
C ASP N 14 25.77 63.02 10.95
N GLY N 15 24.48 63.04 11.27
CA GLY N 15 23.62 64.14 10.93
C GLY N 15 23.07 64.13 9.52
N SER N 16 23.31 63.06 8.76
CA SER N 16 22.80 62.98 7.40
C SER N 16 21.28 62.88 7.36
N LEU N 17 20.72 62.02 8.22
CA LEU N 17 19.27 61.87 8.27
C LEU N 17 18.64 63.09 8.93
N PRO N 18 17.38 63.40 8.58
CA PRO N 18 16.73 64.57 9.19
C PRO N 18 16.36 64.30 10.64
N GLY N 19 16.64 65.27 11.50
CA GLY N 19 16.33 65.11 12.91
C GLY N 19 17.26 64.17 13.63
N ASP N 20 18.51 64.08 13.17
CA ASP N 20 19.50 63.20 13.78
C ASP N 20 20.07 63.84 15.04
N PHE N 21 19.68 63.32 16.20
CA PHE N 21 20.15 63.80 17.49
C PHE N 21 21.06 62.77 18.14
N GLY N 22 21.40 61.71 17.41
CA GLY N 22 22.26 60.66 17.93
C GLY N 22 21.64 59.86 19.05
N PHE N 23 20.34 59.62 18.99
CA PHE N 23 19.65 58.85 20.02
C PHE N 23 19.34 57.46 19.47
N ASP N 24 20.24 56.53 19.72
CA ASP N 24 20.05 55.16 19.28
C ASP N 24 20.76 54.19 20.23
N PRO N 25 20.32 54.05 21.48
CA PRO N 25 21.01 53.12 22.39
C PRO N 25 20.77 51.66 22.04
N LEU N 26 19.78 51.36 21.20
CA LEU N 26 19.49 50.00 20.82
C LEU N 26 20.16 49.59 19.51
N GLY N 27 20.90 50.50 18.88
CA GLY N 27 21.63 50.23 17.64
C GLY N 27 20.86 49.66 16.48
N LEU N 28 19.74 50.27 16.11
CA LEU N 28 18.94 49.73 15.02
C LEU N 28 19.32 50.27 13.65
N LEU N 29 20.17 51.29 13.56
CA LEU N 29 20.58 51.83 12.26
C LEU N 29 22.00 51.47 11.88
N ASP N 30 22.61 50.48 12.52
CA ASP N 30 23.96 50.10 12.18
C ASP N 30 23.94 49.41 10.83
N PRO N 31 24.59 49.98 9.79
CA PRO N 31 24.55 49.33 8.47
C PRO N 31 25.39 48.06 8.39
N VAL N 32 26.29 47.85 9.34
CA VAL N 32 27.13 46.66 9.36
C VAL N 32 26.25 45.47 9.70
N ASN N 33 26.13 44.53 8.75
CA ASN N 33 25.32 43.32 8.88
C ASN N 33 23.86 43.66 9.16
N SER N 34 23.23 44.32 8.20
CA SER N 34 21.84 44.72 8.31
C SER N 34 21.02 44.02 7.24
N GLY N 35 19.75 43.77 7.54
CA GLY N 35 18.90 43.10 6.58
C GLY N 35 17.46 43.12 7.03
N GLY N 36 16.61 42.54 6.19
CA GLY N 36 15.19 42.49 6.47
C GLY N 36 14.60 43.87 6.60
N PHE N 37 13.89 44.10 7.70
CA PHE N 37 13.28 45.41 7.95
C PHE N 37 14.12 46.29 8.87
N ILE N 38 15.09 45.71 9.56
CA ILE N 38 15.96 46.51 10.46
C ILE N 38 17.14 46.97 9.62
N GLU N 39 16.92 48.07 8.91
CA GLU N 39 17.92 48.70 8.06
C GLU N 39 17.57 50.17 7.98
N PRO N 40 18.56 51.05 7.76
CA PRO N 40 18.26 52.50 7.75
C PRO N 40 17.20 53.02 6.79
N LYS N 41 17.14 52.53 5.56
CA LYS N 41 16.15 53.02 4.60
C LYS N 41 14.72 52.72 5.06
N TRP N 42 14.45 51.46 5.39
CA TRP N 42 13.11 51.09 5.83
C TRP N 42 12.75 51.73 7.16
N LEU N 43 13.71 51.82 8.08
CA LEU N 43 13.42 52.40 9.39
C LEU N 43 13.08 53.88 9.27
N GLN N 44 13.85 54.63 8.45
CA GLN N 44 13.55 56.05 8.29
C GLN N 44 12.22 56.24 7.57
N TYR N 45 11.95 55.40 6.57
CA TYR N 45 10.69 55.47 5.85
C TYR N 45 9.51 55.18 6.77
N SER N 46 9.65 54.16 7.64
CA SER N 46 8.60 53.83 8.58
C SER N 46 8.40 54.94 9.59
N GLU N 47 9.49 55.60 10.01
CA GLU N 47 9.35 56.68 10.97
C GLU N 47 8.59 57.86 10.37
N VAL N 48 8.89 58.22 9.12
CA VAL N 48 8.17 59.35 8.52
C VAL N 48 6.71 58.97 8.25
N ILE N 49 6.45 57.71 7.93
CA ILE N 49 5.07 57.28 7.70
C ILE N 49 4.28 57.33 9.01
N HIS N 50 4.88 56.84 10.09
CA HIS N 50 4.24 56.88 11.41
C HIS N 50 4.07 58.31 11.87
N ALA N 51 5.02 59.17 11.50
CA ALA N 51 4.96 60.59 11.89
C ALA N 51 3.75 61.26 11.25
N ARG N 52 3.58 61.10 9.94
CA ARG N 52 2.45 61.72 9.25
C ARG N 52 1.12 61.12 9.71
N TRP N 53 1.06 59.79 9.83
CA TRP N 53 -0.18 59.15 10.27
C TRP N 53 -0.55 59.57 11.69
N ALA N 54 0.46 59.71 12.56
CA ALA N 54 0.18 60.13 13.93
C ALA N 54 -0.21 61.59 13.99
N MET N 55 0.30 62.41 13.08
CA MET N 55 -0.09 63.82 13.07
C MET N 55 -1.56 63.93 12.73
N LEU N 56 -1.98 63.21 11.69
CA LEU N 56 -3.39 63.21 11.32
C LEU N 56 -4.24 62.60 12.44
N GLY N 57 -3.71 61.56 13.10
CA GLY N 57 -4.46 60.92 14.18
C GLY N 57 -4.65 61.81 15.38
N ALA N 58 -3.59 62.51 15.79
CA ALA N 58 -3.68 63.41 16.96
C ALA N 58 -4.63 64.55 16.67
N ALA N 59 -4.53 65.13 15.46
CA ALA N 59 -5.45 66.21 15.11
C ALA N 59 -6.88 65.70 15.03
N GLY N 60 -7.10 64.52 14.46
CA GLY N 60 -8.44 63.98 14.36
C GLY N 60 -9.01 63.48 15.67
N CYS N 61 -8.16 63.20 16.64
CA CYS N 61 -8.63 62.75 17.94
C CYS N 61 -8.96 63.92 18.85
N ILE N 62 -8.30 65.06 18.66
CA ILE N 62 -8.58 66.23 19.49
C ILE N 62 -9.45 67.27 18.80
N ALA N 63 -9.74 67.12 17.50
CA ALA N 63 -10.54 68.14 16.82
C ALA N 63 -12.04 68.11 17.12
N PRO N 64 -12.76 66.96 17.08
CA PRO N 64 -14.20 67.04 17.36
C PRO N 64 -14.54 67.51 18.77
N GLU N 65 -13.74 67.17 19.77
CA GLU N 65 -14.03 67.62 21.13
C GLU N 65 -13.83 69.12 21.27
N VAL N 66 -12.77 69.65 20.66
CA VAL N 66 -12.49 71.09 20.71
C VAL N 66 -13.55 71.85 19.93
N LEU N 67 -13.95 71.32 18.77
CA LEU N 67 -14.99 71.99 17.98
C LEU N 67 -16.34 71.90 18.66
N GLY N 68 -16.58 70.83 19.42
CA GLY N 68 -17.84 70.69 20.12
C GLY N 68 -17.91 71.62 21.32
N ALA N 69 -16.77 71.81 22.00
CA ALA N 69 -16.74 72.69 23.16
C ALA N 69 -16.84 74.15 22.72
N ALA N 70 -16.46 74.44 21.48
CA ALA N 70 -16.54 75.78 20.94
C ALA N 70 -17.90 76.10 20.35
N GLY N 71 -18.80 75.11 20.29
CA GLY N 71 -20.12 75.31 19.75
C GLY N 71 -20.21 75.37 18.25
N LEU N 72 -19.11 75.08 17.55
CA LEU N 72 -19.13 75.14 16.09
C LEU N 72 -19.94 73.98 15.50
N ILE N 73 -19.77 72.78 16.05
CA ILE N 73 -20.48 71.60 15.57
C ILE N 73 -21.64 71.30 16.52
N PRO N 74 -22.70 70.64 16.08
CA PRO N 74 -23.85 70.37 16.96
C PRO N 74 -23.54 69.34 18.05
N ASP N 75 -24.59 69.01 18.79
CA ASP N 75 -24.50 68.06 19.90
C ASP N 75 -24.57 66.61 19.47
N ALA N 76 -25.12 66.32 18.28
CA ALA N 76 -25.20 64.94 17.80
C ALA N 76 -23.80 64.37 17.58
N THR N 77 -22.89 65.21 17.11
CA THR N 77 -21.49 64.90 16.91
C THR N 77 -20.81 65.25 18.23
N ASN N 78 -19.50 65.47 18.22
CA ASN N 78 -18.72 65.81 19.42
C ASN N 78 -18.76 64.64 20.41
N ILE N 79 -18.10 63.57 20.00
CA ILE N 79 -17.99 62.35 20.77
C ILE N 79 -16.51 62.08 20.97
N LYS N 80 -16.21 61.16 21.87
CA LYS N 80 -14.81 60.83 22.13
C LYS N 80 -14.23 60.09 20.92
N TRP N 81 -12.90 60.18 20.79
CA TRP N 81 -12.22 59.55 19.66
C TRP N 81 -12.36 58.03 19.67
N PHE N 82 -12.51 57.43 20.84
CA PHE N 82 -12.67 55.98 20.92
C PHE N 82 -14.13 55.55 20.94
N GLU N 83 -15.06 56.49 20.83
CA GLU N 83 -16.49 56.20 20.83
C GLU N 83 -17.15 56.47 19.50
N SER N 84 -16.37 56.73 18.46
CA SER N 84 -16.90 57.03 17.13
C SER N 84 -17.03 55.80 16.25
N GLY N 85 -17.21 54.62 16.82
CA GLY N 85 -17.34 53.40 16.06
C GLY N 85 -16.02 52.68 15.85
N VAL N 86 -14.91 53.25 16.34
CA VAL N 86 -13.61 52.63 16.21
C VAL N 86 -13.60 51.30 16.97
N ILE N 87 -14.00 51.35 18.22
CA ILE N 87 -14.11 50.19 19.10
C ILE N 87 -15.55 50.11 19.55
N PRO N 88 -16.35 49.21 18.98
CA PRO N 88 -17.77 49.08 19.36
C PRO N 88 -17.99 48.84 20.86
N PRO N 89 -17.15 48.05 21.57
CA PRO N 89 -17.40 47.93 23.02
C PRO N 89 -17.27 49.23 23.77
N ALA N 90 -16.40 50.14 23.30
CA ALA N 90 -16.21 51.42 23.93
C ALA N 90 -17.26 52.45 23.51
N GLY N 91 -18.08 52.12 22.52
CA GLY N 91 -19.11 53.00 22.03
C GLY N 91 -19.03 53.13 20.53
N SER N 92 -20.19 53.27 19.89
CA SER N 92 -20.23 53.39 18.45
C SER N 92 -21.23 54.47 18.05
N TYR N 93 -20.94 55.13 16.93
CA TYR N 93 -21.78 56.19 16.41
C TYR N 93 -22.57 55.63 15.23
N ASN N 94 -23.89 55.76 15.29
CA ASN N 94 -24.79 55.28 14.26
C ASN N 94 -25.29 56.38 13.33
N GLY N 95 -24.73 57.58 13.41
CA GLY N 95 -25.13 58.68 12.57
C GLY N 95 -24.49 58.72 11.20
N TYR N 96 -23.67 57.73 10.85
CA TYR N 96 -23.03 57.70 9.56
C TYR N 96 -24.01 57.29 8.47
N TRP N 97 -23.60 57.48 7.22
CA TRP N 97 -24.48 57.13 6.10
C TRP N 97 -24.54 55.63 5.85
N ALA N 98 -23.70 54.83 6.50
CA ALA N 98 -23.71 53.39 6.34
C ALA N 98 -23.02 52.76 7.55
N ASP N 99 -23.16 51.44 7.64
CA ASP N 99 -22.55 50.70 8.73
C ASP N 99 -21.03 50.72 8.58
N PRO N 100 -20.28 50.56 9.69
CA PRO N 100 -18.81 50.60 9.58
C PRO N 100 -18.18 49.53 8.70
N TYR N 101 -18.85 48.41 8.43
CA TYR N 101 -18.22 47.39 7.59
C TYR N 101 -18.21 47.79 6.12
N THR N 102 -19.27 48.47 5.64
CA THR N 102 -19.30 48.93 4.25
C THR N 102 -18.21 49.98 4.04
N ILE N 103 -18.09 50.90 5.00
CA ILE N 103 -17.06 51.92 4.93
C ILE N 103 -15.69 51.28 5.07
N PHE N 104 -15.61 50.16 5.79
CA PHE N 104 -14.34 49.47 5.92
C PHE N 104 -13.93 48.83 4.61
N PHE N 105 -14.90 48.32 3.83
CA PHE N 105 -14.56 47.74 2.54
C PHE N 105 -14.08 48.84 1.60
N VAL N 106 -14.72 50.00 1.68
CA VAL N 106 -14.30 51.15 0.87
C VAL N 106 -12.86 51.52 1.24
N GLU N 107 -12.58 51.54 2.55
CA GLU N 107 -11.25 51.85 3.04
C GLU N 107 -10.25 50.78 2.62
N ILE N 108 -10.68 49.52 2.56
CA ILE N 108 -9.79 48.43 2.14
C ILE N 108 -9.33 48.65 0.73
N VAL N 109 -10.27 48.92 -0.18
CA VAL N 109 -9.91 49.14 -1.58
C VAL N 109 -9.04 50.39 -1.73
N ALA N 110 -9.47 51.49 -1.10
CA ALA N 110 -8.75 52.76 -1.19
C ALA N 110 -7.33 52.66 -0.63
N MET N 111 -7.21 52.15 0.59
CA MET N 111 -5.90 52.02 1.24
C MET N 111 -5.04 51.01 0.51
N GLN N 112 -5.63 49.95 -0.06
CA GLN N 112 -4.83 49.00 -0.81
C GLN N 112 -4.21 49.65 -2.03
N PHE N 113 -4.99 50.45 -2.76
CA PHE N 113 -4.44 51.12 -3.93
C PHE N 113 -3.32 52.06 -3.54
N ALA N 114 -3.59 52.95 -2.57
CA ALA N 114 -2.57 53.91 -2.14
C ALA N 114 -1.32 53.26 -1.56
N GLU N 115 -1.49 52.38 -0.57
CA GLU N 115 -0.37 51.73 0.09
C GLU N 115 0.39 50.78 -0.84
N LEU N 116 -0.30 50.04 -1.70
CA LEU N 116 0.40 49.12 -2.58
C LEU N 116 1.20 49.88 -3.63
N ARG N 117 0.66 51.00 -4.14
CA ARG N 117 1.43 51.75 -5.11
C ARG N 117 2.63 52.43 -4.42
N ARG N 118 2.43 52.84 -3.17
CA ARG N 118 3.52 53.43 -2.39
C ARG N 118 4.63 52.41 -2.16
N LEU N 119 4.25 51.18 -1.81
CA LEU N 119 5.22 50.11 -1.58
C LEU N 119 5.95 49.75 -2.86
N GLN N 120 5.23 49.69 -3.98
CA GLN N 120 5.88 49.35 -5.23
C GLN N 120 6.87 50.43 -5.64
N ASP N 121 6.58 51.69 -5.31
CA ASP N 121 7.53 52.76 -5.62
C ASP N 121 8.73 52.66 -4.69
N PHE N 122 8.53 52.16 -3.47
CA PHE N 122 9.67 52.01 -2.56
C PHE N 122 10.56 50.87 -3.01
N ARG N 123 9.97 49.76 -3.44
CA ARG N 123 10.75 48.61 -3.91
C ARG N 123 11.48 48.92 -5.19
N TYR N 124 10.83 49.66 -6.10
CA TYR N 124 11.41 50.06 -7.38
C TYR N 124 11.19 51.56 -7.49
N PRO N 125 12.23 52.37 -7.32
CA PRO N 125 12.05 53.83 -7.41
C PRO N 125 11.74 54.29 -8.83
N GLY N 126 10.60 54.96 -8.97
CA GLY N 126 10.15 55.48 -10.24
C GLY N 126 9.32 54.52 -11.06
N SER N 127 9.02 53.32 -10.56
CA SER N 127 8.22 52.36 -11.31
C SER N 127 6.74 52.71 -11.35
N MET N 128 6.30 53.68 -10.55
CA MET N 128 4.90 54.06 -10.54
C MET N 128 4.58 55.14 -11.56
N GLY N 129 5.51 55.46 -12.45
CA GLY N 129 5.30 56.47 -13.47
C GLY N 129 5.23 55.96 -14.89
N GLN N 130 5.37 54.65 -15.11
CA GLN N 130 5.31 54.10 -16.46
C GLN N 130 3.97 53.52 -16.83
N GLN N 131 3.40 52.64 -16.00
CA GLN N 131 2.12 52.02 -16.32
C GLN N 131 1.00 53.05 -16.33
N TYR N 132 0.01 52.81 -17.18
CA TYR N 132 -1.12 53.72 -17.31
C TYR N 132 -2.02 53.68 -16.08
N PHE N 133 -2.25 54.85 -15.50
CA PHE N 133 -3.10 55.01 -14.32
C PHE N 133 -3.97 56.25 -14.53
N LEU N 134 -4.67 56.30 -15.67
CA LEU N 134 -5.55 57.40 -16.08
C LEU N 134 -4.78 58.70 -16.22
N GLY N 135 -3.51 58.62 -16.61
CA GLY N 135 -2.69 59.79 -16.77
C GLY N 135 -2.09 60.32 -15.48
N LEU N 136 -2.34 59.67 -14.35
CA LEU N 136 -1.81 60.13 -13.07
C LEU N 136 -0.37 59.68 -12.83
N GLU N 137 0.18 58.87 -13.73
CA GLU N 137 1.56 58.40 -13.56
C GLU N 137 2.58 59.52 -13.75
N ALA N 138 2.16 60.67 -14.27
CA ALA N 138 3.08 61.79 -14.46
C ALA N 138 3.48 62.43 -13.14
N ILE N 139 2.76 62.14 -12.05
CA ILE N 139 3.06 62.70 -10.75
C ILE N 139 3.43 61.65 -9.73
N PHE N 140 3.53 60.38 -10.13
CA PHE N 140 3.90 59.30 -9.23
C PHE N 140 5.32 58.83 -9.44
N LYS N 141 6.16 59.64 -10.08
CA LYS N 141 7.54 59.26 -10.30
C LYS N 141 8.34 59.33 -9.01
N GLY N 142 8.12 60.37 -8.20
CA GLY N 142 8.85 60.52 -6.96
C GLY N 142 10.27 61.00 -7.21
N SER N 143 11.18 60.52 -6.37
CA SER N 143 12.59 60.86 -6.46
C SER N 143 13.38 59.64 -5.99
N GLY N 144 14.64 59.88 -5.61
CA GLY N 144 15.46 58.78 -5.13
C GLY N 144 15.09 58.36 -3.72
N ASP N 145 14.49 59.27 -2.95
CA ASP N 145 14.08 58.98 -1.58
C ASP N 145 12.60 58.63 -1.55
N ALA N 146 12.27 57.43 -1.07
CA ALA N 146 10.88 57.01 -0.99
C ALA N 146 10.12 57.79 0.08
N ALA N 147 10.84 58.28 1.10
CA ALA N 147 10.21 59.03 2.16
C ALA N 147 9.77 60.41 1.72
N TYR N 148 10.44 61.00 0.73
CA TYR N 148 10.13 62.32 0.22
C TYR N 148 9.96 62.27 -1.29
N PRO N 149 8.82 61.77 -1.77
CA PRO N 149 8.61 61.65 -3.23
C PRO N 149 8.47 62.96 -3.97
N GLY N 150 7.63 63.87 -3.49
CA GLY N 150 7.45 65.14 -4.16
C GLY N 150 6.63 65.01 -5.44
N GLY N 151 6.85 65.96 -6.34
CA GLY N 151 6.15 65.99 -7.60
C GLY N 151 5.12 67.09 -7.62
N PRO N 152 4.33 67.17 -8.69
CA PRO N 152 3.31 68.23 -8.79
C PRO N 152 2.24 68.17 -7.71
N PHE N 153 1.83 66.99 -7.24
CA PHE N 153 0.80 66.89 -6.21
C PHE N 153 1.35 66.80 -4.79
N PHE N 154 2.31 65.90 -4.54
CA PHE N 154 2.87 65.77 -3.20
C PHE N 154 3.60 67.02 -2.76
N ASN N 155 4.07 67.83 -3.71
CA ASN N 155 4.72 69.11 -3.45
C ASN N 155 3.94 70.05 -4.37
N LEU N 156 2.78 70.48 -3.89
CA LEU N 156 1.89 71.33 -4.69
C LEU N 156 2.45 72.73 -4.87
N PHE N 157 2.89 73.37 -3.79
CA PHE N 157 3.38 74.73 -3.84
C PHE N 157 4.89 74.82 -4.06
N ASN N 158 5.56 73.68 -4.30
CA ASN N 158 7.00 73.61 -4.56
C ASN N 158 7.80 74.29 -3.45
N LEU N 159 7.48 73.95 -2.21
CA LEU N 159 8.19 74.52 -1.07
C LEU N 159 9.56 73.89 -0.94
N GLY N 160 10.45 74.59 -0.23
CA GLY N 160 11.81 74.10 -0.05
C GLY N 160 12.63 74.16 -1.31
N LYS N 161 12.68 75.34 -1.94
CA LYS N 161 13.44 75.52 -3.17
C LYS N 161 14.93 75.33 -2.95
N THR N 162 15.44 75.83 -1.83
CA THR N 162 16.83 75.69 -1.46
C THR N 162 17.00 74.42 -0.65
N GLU N 163 18.18 73.79 -0.73
CA GLU N 163 18.43 72.56 0.01
C GLU N 163 18.34 72.80 1.52
N ALA N 164 18.82 73.95 1.99
CA ALA N 164 18.76 74.26 3.42
C ALA N 164 17.32 74.39 3.89
N ALA N 165 16.47 75.04 3.08
CA ALA N 165 15.06 75.18 3.45
C ALA N 165 14.36 73.83 3.50
N MET N 166 14.69 72.94 2.56
CA MET N 166 14.10 71.61 2.55
C MET N 166 14.56 70.82 3.76
N LYS N 167 15.83 70.97 4.15
CA LYS N 167 16.34 70.28 5.33
C LYS N 167 15.66 70.78 6.60
N GLU N 168 15.46 72.10 6.69
CA GLU N 168 14.78 72.70 7.84
C GLU N 168 13.36 72.20 7.93
N LEU N 169 12.65 72.16 6.81
CA LEU N 169 11.28 71.68 6.80
C LEU N 169 11.20 70.19 7.13
N LYS N 170 12.19 69.41 6.69
CA LYS N 170 12.21 67.99 7.00
C LYS N 170 12.40 67.76 8.49
N LEU N 171 13.29 68.54 9.11
CA LEU N 171 13.50 68.44 10.55
C LEU N 171 12.25 68.84 11.31
N LYS N 172 11.56 69.88 10.83
CA LYS N 172 10.31 70.31 11.47
C LYS N 172 9.27 69.21 11.38
N GLU N 173 9.19 68.54 10.22
CA GLU N 173 8.23 67.47 10.03
C GLU N 173 8.50 66.29 10.94
N ILE N 174 9.77 65.88 11.05
CA ILE N 174 10.08 64.73 11.90
C ILE N 174 9.86 65.07 13.38
N LYS N 175 10.15 66.31 13.79
CA LYS N 175 9.95 66.65 15.20
C LYS N 175 8.47 66.73 15.53
N ASN N 176 7.67 67.35 14.65
CA ASN N 176 6.24 67.43 14.88
C ASN N 176 5.62 66.03 14.85
N GLY N 177 6.15 65.16 13.99
CA GLY N 177 5.63 63.80 13.92
C GLY N 177 5.94 63.00 15.18
N ARG N 178 7.13 63.19 15.74
CA ARG N 178 7.48 62.48 16.97
C ARG N 178 6.61 62.98 18.12
N LEU N 179 6.37 64.29 18.17
CA LEU N 179 5.51 64.86 19.19
C LEU N 179 4.09 64.33 19.05
N ALA N 180 3.62 64.18 17.81
CA ALA N 180 2.29 63.65 17.57
C ALA N 180 2.21 62.18 17.94
N MET N 181 3.28 61.42 17.72
CA MET N 181 3.30 60.01 18.10
C MET N 181 3.19 59.88 19.62
N LEU N 182 3.94 60.71 20.35
CA LEU N 182 3.87 60.69 21.80
C LEU N 182 2.48 61.12 22.27
N ALA N 183 1.88 62.08 21.55
CA ALA N 183 0.53 62.52 21.90
C ALA N 183 -0.48 61.41 21.67
N MET N 184 -0.32 60.63 20.60
CA MET N 184 -1.24 59.53 20.33
C MET N 184 -1.11 58.45 21.38
N LEU N 185 0.12 58.17 21.82
CA LEU N 185 0.33 57.20 22.88
C LEU N 185 -0.32 57.70 24.17
N GLY N 186 -0.20 59.00 24.43
CA GLY N 186 -0.81 59.58 25.61
C GLY N 186 -2.33 59.52 25.51
N TYR N 187 -2.87 59.69 24.30
CA TYR N 187 -4.31 59.63 24.08
C TYR N 187 -4.83 58.24 24.43
N GLY N 188 -4.12 57.21 23.94
CA GLY N 188 -4.54 55.85 24.23
C GLY N 188 -4.44 55.51 25.71
N ALA N 189 -3.34 55.94 26.35
CA ALA N 189 -3.17 55.67 27.77
C ALA N 189 -4.22 56.40 28.61
N GLN N 190 -4.52 57.65 28.27
CA GLN N 190 -5.53 58.40 29.01
C GLN N 190 -6.91 57.82 28.79
N ALA N 191 -7.18 57.31 27.59
CA ALA N 191 -8.47 56.70 27.32
C ALA N 191 -8.64 55.43 28.12
N VAL N 192 -7.57 54.65 28.29
CA VAL N 192 -7.68 53.43 29.08
C VAL N 192 -7.76 53.74 30.57
N MET N 193 -7.01 54.75 31.05
CA MET N 193 -7.01 55.09 32.46
C MET N 193 -8.23 55.90 32.88
N THR N 194 -8.38 57.11 32.34
CA THR N 194 -9.49 57.97 32.73
C THR N 194 -10.83 57.56 32.12
N GLY N 195 -10.83 56.98 30.92
CA GLY N 195 -12.08 56.61 30.30
C GLY N 195 -12.83 57.77 29.70
N LYS N 196 -12.17 58.91 29.52
CA LYS N 196 -12.77 60.11 28.95
C LYS N 196 -11.93 60.60 27.78
N GLY N 197 -12.36 61.71 27.18
CA GLY N 197 -11.66 62.29 26.06
C GLY N 197 -10.39 63.00 26.47
N PRO N 198 -9.48 63.19 25.52
CA PRO N 198 -8.21 63.88 25.85
C PRO N 198 -8.41 65.35 26.20
N PHE N 199 -9.31 66.03 25.49
CA PHE N 199 -9.57 67.43 25.81
C PHE N 199 -10.24 67.56 27.17
N GLN N 200 -11.07 66.58 27.53
CA GLN N 200 -11.71 66.60 28.84
C GLN N 200 -10.66 66.42 29.93
N ASN N 201 -9.66 65.58 29.67
CA ASN N 201 -8.57 65.38 30.63
C ASN N 201 -7.76 66.65 30.77
N LEU N 202 -7.51 67.34 29.65
CA LEU N 202 -6.76 68.59 29.68
C LEU N 202 -7.51 69.65 30.48
N VAL N 203 -8.83 69.72 30.30
CA VAL N 203 -9.64 70.70 31.03
C VAL N 203 -9.65 70.39 32.52
N GLU N 204 -9.87 69.11 32.86
CA GLU N 204 -9.91 68.70 34.26
C GLU N 204 -8.56 68.93 34.93
N HIS N 205 -7.46 68.74 34.19
CA HIS N 205 -6.15 68.98 34.78
C HIS N 205 -5.88 70.46 34.92
N LEU N 206 -6.38 71.27 33.98
CA LEU N 206 -6.17 72.72 34.07
C LEU N 206 -6.97 73.33 35.20
N ALA N 207 -8.11 72.74 35.55
CA ALA N 207 -8.92 73.28 36.65
C ALA N 207 -8.20 73.13 37.98
N ASP N 208 -7.73 71.93 38.29
CA ASP N 208 -7.02 71.67 39.55
C ASP N 208 -5.98 70.60 39.29
N PRO N 209 -4.75 70.99 38.96
CA PRO N 209 -3.68 70.01 38.67
C PRO N 209 -3.29 69.11 39.82
N VAL N 210 -3.38 69.59 41.06
CA VAL N 210 -2.98 68.78 42.21
C VAL N 210 -3.93 67.60 42.39
N ASN N 211 -5.21 67.79 42.09
CA ASN N 211 -6.21 66.74 42.23
C ASN N 211 -6.56 66.07 40.90
N ASN N 212 -5.83 66.37 39.82
CA ASN N 212 -6.10 65.78 38.51
C ASN N 212 -4.77 65.47 37.84
N ASN N 213 -4.32 64.24 37.99
CA ASN N 213 -3.07 63.76 37.39
C ASN N 213 -3.09 62.24 37.41
N ILE N 214 -1.98 61.64 36.97
CA ILE N 214 -1.90 60.19 36.92
C ILE N 214 -1.85 59.59 38.33
N LEU N 215 -1.42 60.36 39.33
CA LEU N 215 -1.34 59.84 40.68
C LEU N 215 -2.72 59.77 41.33
N THR N 216 -3.59 60.72 41.00
CA THR N 216 -4.93 60.72 41.56
C THR N 216 -5.92 59.92 40.73
N ASN N 217 -5.58 59.60 39.49
CA ASN N 217 -6.48 58.84 38.64
C ASN N 217 -6.28 57.33 38.76
N PHE N 218 -5.40 56.89 39.66
CA PHE N 218 -5.19 55.45 39.84
C PHE N 218 -6.42 54.78 40.44
N GLY N 219 -7.01 55.42 41.46
CA GLY N 219 -8.20 54.88 42.11
C GLY N 219 -9.11 55.97 42.65
N VAL O 1 7.07 47.69 -20.27
CA VAL O 1 6.45 48.24 -21.48
C VAL O 1 4.94 48.09 -21.41
N ARG O 2 4.46 46.87 -21.63
CA ARG O 2 3.04 46.60 -21.58
C ARG O 2 2.55 46.60 -20.13
N PRO O 3 1.27 46.91 -19.89
CA PRO O 3 0.77 46.91 -18.52
C PRO O 3 0.72 45.49 -17.95
N VAL O 4 0.91 45.39 -16.64
CA VAL O 4 0.91 44.10 -15.97
C VAL O 4 -0.10 44.10 -14.83
N TRP O 5 -0.32 42.91 -14.27
CA TRP O 5 -1.29 42.76 -13.18
C TRP O 5 -0.80 43.43 -11.92
N PHE O 6 0.50 43.60 -11.76
CA PHE O 6 1.03 44.26 -10.58
C PHE O 6 2.09 45.25 -11.05
N PRO O 7 1.74 46.54 -11.13
CA PRO O 7 2.70 47.54 -11.62
C PRO O 7 3.98 47.59 -10.78
N GLY O 8 5.10 47.67 -11.50
CA GLY O 8 6.41 47.69 -10.88
C GLY O 8 7.06 46.33 -10.79
N ASN O 9 6.27 45.26 -10.84
CA ASN O 9 6.79 43.91 -10.77
C ASN O 9 7.16 43.46 -12.18
N PRO O 10 8.35 42.93 -12.41
CA PRO O 10 8.71 42.48 -13.76
C PRO O 10 7.92 41.25 -14.15
N PRO O 11 7.46 41.17 -15.39
CA PRO O 11 6.70 39.99 -15.84
C PRO O 11 7.58 38.77 -15.95
N PRO O 12 7.04 37.58 -15.77
CA PRO O 12 7.85 36.35 -15.87
C PRO O 12 8.31 36.06 -17.28
N ALA O 13 9.28 35.14 -17.36
CA ALA O 13 9.85 34.77 -18.66
C ALA O 13 8.88 33.95 -19.50
N HIS O 14 8.05 33.13 -18.87
CA HIS O 14 7.12 32.33 -19.65
C HIS O 14 5.94 33.14 -20.18
N LEU O 15 5.80 34.39 -19.77
CA LEU O 15 4.73 35.28 -20.22
C LEU O 15 5.39 36.47 -20.88
N ASP O 16 5.52 36.42 -22.21
CA ASP O 16 6.17 37.47 -22.98
C ASP O 16 5.19 38.37 -23.75
N GLY O 17 3.89 38.25 -23.49
CA GLY O 17 2.92 39.07 -24.18
C GLY O 17 2.46 38.58 -25.55
N SER O 18 2.85 37.38 -25.95
CA SER O 18 2.41 36.88 -27.25
C SER O 18 0.96 36.42 -27.23
N LEU O 19 0.51 35.91 -26.09
CA LEU O 19 -0.86 35.45 -25.98
C LEU O 19 -1.80 36.61 -25.66
N ALA O 20 -3.07 36.42 -26.03
CA ALA O 20 -4.08 37.45 -25.78
C ALA O 20 -4.37 37.56 -24.30
N GLY O 21 -4.52 38.80 -23.83
CA GLY O 21 -4.79 39.04 -22.43
C GLY O 21 -3.64 38.68 -21.53
N ASP O 22 -2.42 38.90 -22.00
CA ASP O 22 -1.21 38.60 -21.24
C ASP O 22 -0.86 39.79 -20.36
N TYR O 23 -0.97 39.60 -19.04
CA TYR O 23 -0.65 40.64 -18.07
C TYR O 23 0.44 40.19 -17.12
N GLY O 24 1.06 39.05 -17.39
CA GLY O 24 2.12 38.54 -16.53
C GLY O 24 1.66 38.13 -15.16
N PHE O 25 0.48 37.53 -15.06
CA PHE O 25 -0.08 37.10 -13.78
C PHE O 25 0.10 35.60 -13.63
N ASP O 26 1.12 35.21 -12.88
CA ASP O 26 1.43 33.82 -12.58
C ASP O 26 2.35 33.76 -11.36
N PRO O 27 1.82 34.02 -10.15
CA PRO O 27 2.69 33.98 -8.97
C PRO O 27 3.07 32.57 -8.55
N LEU O 28 2.31 31.56 -8.95
CA LEU O 28 2.62 30.19 -8.59
C LEU O 28 3.38 29.44 -9.68
N PHE O 29 3.67 30.09 -10.81
CA PHE O 29 4.42 29.51 -11.94
C PHE O 29 3.78 28.21 -12.43
N LEU O 30 2.45 28.18 -12.49
CA LEU O 30 1.76 26.97 -12.94
C LEU O 30 1.94 26.74 -14.43
N GLY O 31 2.16 27.80 -15.20
CA GLY O 31 2.33 27.66 -16.64
C GLY O 31 3.71 28.00 -17.13
N GLN O 32 4.75 27.52 -16.41
CA GLN O 32 6.11 27.81 -16.82
C GLN O 32 6.54 26.96 -18.00
N GLU O 33 6.06 25.72 -18.07
CA GLU O 33 6.43 24.85 -19.17
C GLU O 33 5.65 25.23 -20.43
N PRO O 34 6.22 25.03 -21.61
CA PRO O 34 5.49 25.41 -22.84
C PRO O 34 4.27 24.54 -23.12
N GLN O 35 4.39 23.22 -22.97
CA GLN O 35 3.24 22.35 -23.21
C GLN O 35 2.16 22.57 -22.15
N THR O 36 2.58 22.77 -20.91
CA THR O 36 1.62 23.03 -19.83
C THR O 36 0.93 24.36 -20.06
N LEU O 37 1.66 25.37 -20.54
CA LEU O 37 1.06 26.67 -20.82
C LEU O 37 0.09 26.55 -21.99
N LYS O 38 0.43 25.72 -22.98
CA LYS O 38 -0.47 25.52 -24.12
C LYS O 38 -1.77 24.88 -23.68
N TRP O 39 -1.66 23.85 -22.84
CA TRP O 39 -2.84 23.17 -22.31
C TRP O 39 -3.67 24.12 -21.45
N TYR O 40 -3.01 24.94 -20.63
CA TYR O 40 -3.73 25.89 -19.80
C TYR O 40 -4.38 26.99 -20.62
N VAL O 41 -3.77 27.36 -21.76
CA VAL O 41 -4.37 28.38 -22.63
C VAL O 41 -5.66 27.86 -23.19
N GLN O 42 -5.66 26.61 -23.68
CA GLN O 42 -6.89 26.04 -24.22
C GLN O 42 -7.93 25.88 -23.11
N ALA O 43 -7.48 25.50 -21.90
CA ALA O 43 -8.40 25.34 -20.78
C ALA O 43 -9.05 26.66 -20.39
N GLU O 44 -8.26 27.75 -20.37
CA GLU O 44 -8.80 29.06 -20.03
C GLU O 44 -9.77 29.54 -21.09
N LEU O 45 -9.48 29.27 -22.37
CA LEU O 45 -10.38 29.69 -23.43
C LEU O 45 -11.71 28.95 -23.36
N VAL O 46 -11.65 27.64 -23.12
CA VAL O 46 -12.89 26.85 -23.00
C VAL O 46 -13.68 27.29 -21.79
N HIS O 47 -12.99 27.55 -20.67
CA HIS O 47 -13.64 28.00 -19.45
C HIS O 47 -14.33 29.34 -19.66
N GLY O 48 -13.65 30.27 -20.32
CA GLY O 48 -14.24 31.57 -20.57
C GLY O 48 -15.42 31.50 -21.52
N ARG O 49 -15.34 30.66 -22.55
CA ARG O 49 -16.46 30.54 -23.48
C ARG O 49 -17.69 29.94 -22.80
N PHE O 50 -17.47 28.89 -21.99
CA PHE O 50 -18.59 28.29 -21.27
C PHE O 50 -19.15 29.27 -20.25
N ALA O 51 -18.27 30.03 -19.60
CA ALA O 51 -18.71 31.01 -18.62
C ALA O 51 -19.49 32.13 -19.29
N MET O 52 -19.12 32.50 -20.52
CA MET O 52 -19.83 33.54 -21.25
C MET O 52 -21.23 33.07 -21.60
N LEU O 53 -21.34 31.82 -22.08
CA LEU O 53 -22.66 31.28 -22.39
C LEU O 53 -23.52 31.18 -21.15
N GLY O 54 -22.92 30.75 -20.04
CA GLY O 54 -23.66 30.63 -18.80
C GLY O 54 -24.12 31.97 -18.26
N ALA O 55 -23.23 32.97 -18.27
CA ALA O 55 -23.58 34.30 -17.77
C ALA O 55 -24.67 34.93 -18.62
N ALA O 56 -24.59 34.77 -19.94
CA ALA O 56 -25.62 35.32 -20.82
C ALA O 56 -26.97 34.64 -20.57
N GLY O 57 -26.97 33.31 -20.45
CA GLY O 57 -28.22 32.60 -20.20
C GLY O 57 -28.83 32.94 -18.85
N ILE O 58 -28.00 33.05 -17.81
CA ILE O 58 -28.49 33.37 -16.48
C ILE O 58 -29.05 34.78 -16.45
N ILE O 59 -28.36 35.73 -17.09
CA ILE O 59 -28.86 37.10 -17.10
C ILE O 59 -30.17 37.20 -17.87
N LEU O 60 -30.27 36.54 -19.02
CA LEU O 60 -31.52 36.58 -19.80
C LEU O 60 -32.67 35.93 -19.05
N THR O 61 -32.42 34.78 -18.39
CA THR O 61 -33.50 34.12 -17.67
C THR O 61 -33.92 34.95 -16.47
N SER O 62 -32.97 35.59 -15.78
CA SER O 62 -33.33 36.43 -14.64
C SER O 62 -34.09 37.66 -15.11
N ILE O 63 -33.79 38.15 -16.33
CA ILE O 63 -34.52 39.29 -16.89
C ILE O 63 -35.96 38.88 -17.12
N GLY O 64 -36.16 37.69 -17.69
CA GLY O 64 -37.51 37.20 -17.92
C GLY O 64 -38.23 36.89 -16.62
N ALA O 65 -37.46 36.58 -15.57
CA ALA O 65 -38.05 36.28 -14.28
C ALA O 65 -38.51 37.55 -13.57
N LYS O 66 -37.74 38.63 -13.69
CA LYS O 66 -38.12 39.88 -13.02
C LYS O 66 -39.39 40.47 -13.63
N VAL O 67 -39.56 40.34 -14.93
CA VAL O 67 -40.73 40.83 -15.62
C VAL O 67 -41.74 39.68 -15.52
N GLY O 68 -43.03 39.95 -15.69
CA GLY O 68 -44.01 38.89 -15.56
C GLY O 68 -44.05 37.91 -16.72
N LEU O 69 -43.00 37.10 -16.88
CA LEU O 69 -42.94 36.11 -17.94
C LEU O 69 -42.95 34.67 -17.44
N GLY O 70 -42.79 34.45 -16.14
CA GLY O 70 -42.81 33.10 -15.61
C GLY O 70 -41.53 32.32 -15.74
N PHE O 71 -40.43 32.96 -16.12
CA PHE O 71 -39.16 32.28 -16.26
C PHE O 71 -38.63 31.86 -14.88
N PRO O 72 -38.24 30.60 -14.73
CA PRO O 72 -37.70 30.14 -13.46
C PRO O 72 -36.27 30.63 -13.28
N GLU O 73 -35.81 30.60 -12.03
CA GLU O 73 -34.45 31.02 -11.75
C GLU O 73 -33.47 29.98 -12.28
N TRP O 74 -32.20 30.39 -12.40
CA TRP O 74 -31.19 29.50 -12.92
C TRP O 74 -30.91 28.32 -12.00
N TYR O 75 -31.17 28.47 -10.70
CA TYR O 75 -30.92 27.37 -9.77
C TYR O 75 -32.09 26.42 -9.66
N ASP O 76 -33.16 26.63 -10.43
CA ASP O 76 -34.34 25.78 -10.44
C ASP O 76 -34.79 25.40 -11.84
N ALA O 77 -34.10 25.91 -12.87
CA ALA O 77 -34.48 25.64 -14.26
C ALA O 77 -34.39 24.16 -14.59
N GLY O 78 -33.41 23.46 -14.04
CA GLY O 78 -33.28 22.04 -14.33
C GLY O 78 -34.47 21.25 -13.85
N LYS O 79 -34.90 21.51 -12.60
CA LYS O 79 -36.07 20.84 -12.04
C LYS O 79 -37.33 21.22 -12.79
N VAL O 80 -37.46 22.50 -13.17
CA VAL O 80 -38.64 22.97 -13.89
C VAL O 80 -38.74 22.30 -15.25
N VAL O 81 -37.62 22.16 -15.96
CA VAL O 81 -37.65 21.55 -17.28
C VAL O 81 -37.89 20.04 -17.18
N VAL O 82 -37.20 19.37 -16.25
CA VAL O 82 -37.37 17.92 -16.10
C VAL O 82 -38.77 17.56 -15.61
N GLU O 83 -39.38 18.37 -14.75
CA GLU O 83 -40.72 18.03 -14.27
C GLU O 83 -41.82 18.54 -15.18
N LYS O 84 -41.61 19.66 -15.86
CA LYS O 84 -42.62 20.20 -16.76
C LYS O 84 -42.72 19.38 -18.04
N ASN O 85 -41.58 19.03 -18.64
CA ASN O 85 -41.53 18.24 -19.85
C ASN O 85 -41.16 16.82 -19.46
N ASN O 86 -41.81 15.85 -20.09
CA ASN O 86 -41.52 14.44 -19.78
C ASN O 86 -40.15 14.09 -20.37
N ILE O 87 -39.11 14.48 -19.64
CA ILE O 87 -37.72 14.26 -20.03
C ILE O 87 -37.03 13.46 -18.94
N ASP O 88 -36.40 12.36 -19.32
CA ASP O 88 -35.68 11.53 -18.38
C ASP O 88 -34.31 12.14 -18.16
N PHE O 89 -33.99 12.46 -16.89
CA PHE O 89 -32.71 13.08 -16.57
C PHE O 89 -31.49 12.23 -16.93
N PRO O 90 -31.42 10.91 -16.61
CA PRO O 90 -30.23 10.16 -17.02
C PRO O 90 -30.09 10.04 -18.53
N THR O 91 -31.20 9.96 -19.26
CA THR O 91 -31.14 9.88 -20.71
C THR O 91 -30.56 11.16 -21.30
N LEU O 92 -30.99 12.31 -20.77
CA LEU O 92 -30.46 13.59 -21.23
C LEU O 92 -28.99 13.71 -20.89
N MET O 93 -28.60 13.23 -19.71
CA MET O 93 -27.19 13.25 -19.33
C MET O 93 -26.34 12.40 -20.25
N VAL O 94 -26.84 11.21 -20.61
CA VAL O 94 -26.09 10.33 -21.49
C VAL O 94 -25.96 10.91 -22.89
N ILE O 95 -27.03 11.53 -23.40
CA ILE O 95 -26.97 12.15 -24.73
C ILE O 95 -25.97 13.30 -24.73
N GLN O 96 -26.03 14.14 -23.68
CA GLN O 96 -25.10 15.27 -23.58
C GLN O 96 -23.67 14.77 -23.46
N PHE O 97 -23.46 13.70 -22.70
CA PHE O 97 -22.11 13.15 -22.56
C PHE O 97 -21.63 12.56 -23.88
N TYR O 98 -22.52 11.98 -24.67
CA TYR O 98 -22.12 11.43 -25.97
C TYR O 98 -21.67 12.52 -26.92
N LEU O 99 -22.48 13.58 -27.05
CA LEU O 99 -22.14 14.68 -27.94
C LEU O 99 -20.87 15.40 -27.48
N MET O 100 -20.80 15.71 -26.18
CA MET O 100 -19.62 16.38 -25.64
C MET O 100 -18.40 15.48 -25.73
N GLY O 101 -18.58 14.18 -25.56
CA GLY O 101 -17.46 13.26 -25.66
C GLY O 101 -16.88 13.24 -27.05
N TRP O 102 -17.75 13.19 -28.06
CA TRP O 102 -17.27 13.19 -29.45
C TRP O 102 -16.53 14.50 -29.77
N ALA O 103 -17.15 15.64 -29.43
CA ALA O 103 -16.53 16.94 -29.72
C ALA O 103 -15.22 17.13 -28.97
N GLU O 104 -15.22 16.91 -27.65
CA GLU O 104 -14.03 17.10 -26.84
C GLU O 104 -12.96 16.07 -27.17
N THR O 105 -13.33 14.86 -27.60
CA THR O 105 -12.32 13.88 -27.95
C THR O 105 -11.62 14.28 -29.23
N LYS O 106 -12.38 14.80 -30.21
CA LYS O 106 -11.76 15.26 -31.44
C LYS O 106 -10.84 16.44 -31.14
N ARG O 107 -11.28 17.34 -30.27
CA ARG O 107 -10.48 18.49 -29.89
C ARG O 107 -9.21 18.06 -29.14
N TRP O 108 -9.32 17.05 -28.26
CA TRP O 108 -8.17 16.57 -27.51
C TRP O 108 -7.13 15.94 -28.42
N TYR O 109 -7.58 15.04 -29.31
CA TYR O 109 -6.63 14.42 -30.22
C TYR O 109 -6.09 15.40 -31.23
N ASP O 110 -6.79 16.53 -31.45
CA ASP O 110 -6.23 17.55 -32.32
C ASP O 110 -5.16 18.32 -31.57
N PHE O 111 -5.34 18.46 -30.25
CA PHE O 111 -4.34 19.13 -29.44
C PHE O 111 -3.07 18.29 -29.38
N LYS O 112 -3.23 16.96 -29.33
CA LYS O 112 -2.07 16.08 -29.29
C LYS O 112 -1.34 16.08 -30.63
N ASN O 113 -2.08 16.05 -31.73
CA ASN O 113 -1.52 16.05 -33.08
C ASN O 113 -2.23 17.15 -33.86
N PRO O 114 -1.64 18.35 -33.95
CA PRO O 114 -2.29 19.45 -34.67
C PRO O 114 -2.47 19.15 -36.15
N GLY O 115 -3.69 19.38 -36.63
CA GLY O 115 -4.04 19.15 -38.01
C GLY O 115 -4.39 17.71 -38.34
N SER O 116 -4.41 16.82 -37.35
CA SER O 116 -4.72 15.42 -37.60
C SER O 116 -6.18 15.19 -37.98
N GLN O 117 -7.09 15.97 -37.43
CA GLN O 117 -8.51 15.83 -37.73
C GLN O 117 -8.87 16.24 -39.16
N ALA O 118 -7.95 16.88 -39.87
CA ALA O 118 -8.17 17.31 -41.24
C ALA O 118 -7.84 16.23 -42.26
N ASP O 119 -7.60 15.00 -41.81
CA ASP O 119 -7.26 13.92 -42.75
C ASP O 119 -8.46 13.49 -43.59
N GLY O 120 -9.67 13.84 -43.18
CA GLY O 120 -10.86 13.48 -43.91
C GLY O 120 -11.53 12.21 -43.45
N SER O 121 -11.13 11.66 -42.30
CA SER O 121 -11.72 10.45 -41.78
C SER O 121 -13.12 10.65 -41.20
N PHE O 122 -13.53 11.91 -40.99
CA PHE O 122 -14.85 12.22 -40.46
C PHE O 122 -15.69 12.82 -41.58
N LEU O 123 -16.45 11.96 -42.26
CA LEU O 123 -17.36 12.29 -43.36
C LEU O 123 -16.70 13.03 -44.52
N GLY O 124 -15.37 12.98 -44.64
CA GLY O 124 -14.68 13.65 -45.71
C GLY O 124 -14.35 15.11 -45.47
N PHE O 125 -14.77 15.67 -44.34
CA PHE O 125 -14.48 17.07 -44.04
C PHE O 125 -13.01 17.24 -43.71
N THR O 126 -12.33 18.13 -44.43
CA THR O 126 -10.91 18.35 -44.19
C THR O 126 -10.59 19.76 -43.69
N GLU O 127 -10.89 20.80 -44.45
CA GLU O 127 -10.54 22.16 -44.02
C GLU O 127 -11.37 22.66 -42.85
N GLU O 128 -12.47 22.00 -42.52
CA GLU O 128 -13.30 22.43 -41.40
C GLU O 128 -12.70 22.05 -40.05
N PHE O 129 -11.68 21.19 -40.01
CA PHE O 129 -11.05 20.78 -38.77
C PHE O 129 -9.54 20.92 -38.82
N LYS O 130 -9.02 21.76 -39.71
CA LYS O 130 -7.58 21.94 -39.81
C LYS O 130 -7.03 22.70 -38.61
N GLY O 131 -7.79 23.66 -38.09
CA GLY O 131 -7.35 24.43 -36.94
C GLY O 131 -6.40 25.57 -37.29
N LEU O 132 -6.55 26.70 -36.61
CA LEU O 132 -5.69 27.84 -36.87
C LEU O 132 -4.52 27.90 -35.88
N GLU O 133 -4.83 28.04 -34.58
CA GLU O 133 -3.83 28.11 -33.53
C GLU O 133 -4.30 27.26 -32.36
N ASN O 134 -3.59 27.37 -31.23
CA ASN O 134 -3.96 26.62 -30.05
C ASN O 134 -5.15 27.30 -29.38
N GLY O 135 -6.26 26.56 -29.24
CA GLY O 135 -7.45 27.11 -28.64
C GLY O 135 -8.25 28.02 -29.56
N TYR O 136 -7.83 28.16 -30.82
CA TYR O 136 -8.52 28.99 -31.80
C TYR O 136 -8.74 28.13 -33.04
N PRO O 137 -9.83 27.37 -33.07
CA PRO O 137 -10.14 26.46 -34.20
C PRO O 137 -10.86 27.09 -35.38
N GLY O 138 -10.12 27.79 -36.24
CA GLY O 138 -10.73 28.42 -37.39
C GLY O 138 -11.22 27.42 -38.42
N GLY O 139 -12.12 27.91 -39.26
CA GLY O 139 -12.70 27.10 -40.31
C GLY O 139 -14.07 27.65 -40.68
N ARG O 140 -14.67 27.02 -41.70
CA ARG O 140 -15.98 27.47 -42.15
C ARG O 140 -17.09 27.05 -41.20
N PHE O 141 -16.88 26.01 -40.39
CA PHE O 141 -17.91 25.57 -39.46
C PHE O 141 -17.88 26.37 -38.16
N PHE O 142 -16.71 26.55 -37.58
CA PHE O 142 -16.59 27.29 -36.34
C PHE O 142 -16.65 28.80 -36.57
N ASP O 143 -16.14 29.27 -37.70
CA ASP O 143 -16.14 30.69 -38.03
C ASP O 143 -16.68 30.88 -39.44
N PRO O 144 -18.00 30.73 -39.64
CA PRO O 144 -18.55 30.91 -41.00
C PRO O 144 -18.46 32.34 -41.51
N MET O 145 -18.32 33.32 -40.62
CA MET O 145 -18.21 34.71 -41.05
C MET O 145 -16.81 35.05 -41.56
N GLY O 146 -15.83 34.18 -41.35
CA GLY O 146 -14.47 34.44 -41.81
C GLY O 146 -13.76 35.58 -41.15
N LEU O 147 -14.02 35.82 -39.86
CA LEU O 147 -13.36 36.92 -39.17
C LEU O 147 -11.94 36.57 -38.75
N SER O 148 -11.61 35.28 -38.68
CA SER O 148 -10.27 34.85 -38.30
C SER O 148 -9.33 34.74 -39.48
N ARG O 149 -9.82 34.96 -40.69
CA ARG O 149 -9.02 34.88 -41.91
C ARG O 149 -9.05 36.21 -42.66
N GLY O 150 -8.87 37.30 -41.93
CA GLY O 150 -8.87 38.62 -42.54
C GLY O 150 -8.72 39.72 -41.52
N ASP O 151 -7.91 40.73 -41.84
CA ASP O 151 -7.65 41.89 -40.98
C ASP O 151 -7.07 41.46 -39.64
N ALA O 152 -5.82 41.00 -39.70
CA ALA O 152 -5.04 40.50 -38.56
C ALA O 152 -5.11 41.37 -37.31
N ALA O 153 -5.06 42.69 -37.47
CA ALA O 153 -5.14 43.59 -36.31
C ALA O 153 -6.51 43.47 -35.64
N LYS O 154 -7.57 43.42 -36.45
CA LYS O 154 -8.91 43.27 -35.92
C LYS O 154 -9.06 41.92 -35.24
N TYR O 155 -8.41 40.90 -35.79
CA TYR O 155 -8.45 39.56 -35.21
C TYR O 155 -7.78 39.53 -33.85
N GLN O 156 -6.63 40.19 -33.73
CA GLN O 156 -5.93 40.23 -32.44
C GLN O 156 -6.74 41.01 -31.42
N GLU O 157 -7.38 42.11 -31.85
CA GLU O 157 -8.20 42.89 -30.95
C GLU O 157 -9.39 42.06 -30.46
N TYR O 158 -10.00 41.29 -31.36
CA TYR O 158 -11.11 40.42 -30.98
C TYR O 158 -10.63 39.31 -30.05
N LYS O 159 -9.39 38.84 -30.21
CA LYS O 159 -8.84 37.82 -29.32
C LYS O 159 -8.70 38.38 -27.91
N GLN O 160 -8.22 39.63 -27.82
CA GLN O 160 -8.08 40.27 -26.51
C GLN O 160 -9.45 40.48 -25.87
N LYS O 161 -10.43 40.87 -26.68
CA LYS O 161 -11.78 41.07 -26.17
C LYS O 161 -12.37 39.75 -25.68
N GLU O 162 -12.11 38.66 -26.41
CA GLU O 162 -12.64 37.35 -26.04
C GLU O 162 -12.05 36.85 -24.72
N VAL O 163 -10.72 36.98 -24.55
CA VAL O 163 -10.14 36.50 -23.30
C VAL O 163 -10.57 37.37 -22.12
N LYS O 164 -10.66 38.68 -22.31
CA LYS O 164 -11.09 39.54 -21.21
C LYS O 164 -12.55 39.30 -20.86
N ASN O 165 -13.42 39.13 -21.86
CA ASN O 165 -14.82 38.86 -21.59
C ASN O 165 -15.00 37.49 -20.95
N GLY O 166 -14.13 36.53 -21.31
CA GLY O 166 -14.21 35.22 -20.70
C GLY O 166 -13.83 35.25 -19.23
N ARG O 167 -12.77 35.99 -18.89
CA ARG O 167 -12.36 36.10 -17.49
C ARG O 167 -13.44 36.82 -16.69
N LEU O 168 -14.05 37.85 -17.28
CA LEU O 168 -15.13 38.57 -16.61
C LEU O 168 -16.33 37.66 -16.40
N ALA O 169 -16.64 36.81 -17.38
CA ALA O 169 -17.76 35.90 -17.25
C ALA O 169 -17.48 34.82 -16.20
N MET O 170 -16.21 34.41 -16.07
CA MET O 170 -15.88 33.42 -15.04
C MET O 170 -16.09 34.03 -13.66
N ILE O 171 -15.66 35.28 -13.50
CA ILE O 171 -15.86 35.99 -12.23
C ILE O 171 -17.34 36.18 -11.98
N ALA O 172 -18.11 36.42 -13.05
CA ALA O 172 -19.55 36.60 -12.94
C ALA O 172 -20.24 35.33 -12.47
N CYS O 173 -19.82 34.18 -12.99
CA CYS O 173 -20.41 32.91 -12.57
C CYS O 173 -20.08 32.61 -11.12
N LEU O 174 -18.84 32.93 -10.71
CA LEU O 174 -18.47 32.72 -9.31
C LEU O 174 -19.31 33.63 -8.42
N GLY O 175 -19.57 34.85 -8.89
CA GLY O 175 -20.40 35.77 -8.14
C GLY O 175 -21.83 35.30 -8.06
N PHE O 176 -22.33 34.65 -9.13
CA PHE O 176 -23.69 34.13 -9.12
C PHE O 176 -23.82 33.04 -8.06
N ALA O 177 -22.82 32.14 -8.00
CA ALA O 177 -22.85 31.07 -7.02
C ALA O 177 -22.76 31.61 -5.60
N ALA O 178 -21.87 32.57 -5.36
CA ALA O 178 -21.75 33.14 -4.02
C ALA O 178 -23.01 33.92 -3.63
N GLN O 179 -23.59 34.65 -4.58
CA GLN O 179 -24.80 35.42 -4.28
C GLN O 179 -25.97 34.50 -3.96
N TYR O 180 -26.08 33.38 -4.67
CA TYR O 180 -27.17 32.46 -4.39
C TYR O 180 -26.95 31.75 -3.06
N ALA O 181 -25.70 31.43 -2.72
CA ALA O 181 -25.45 30.74 -1.47
C ALA O 181 -25.52 31.68 -0.26
N ALA O 182 -25.35 32.98 -0.47
CA ALA O 182 -25.37 33.92 0.66
C ALA O 182 -26.71 34.64 0.83
N THR O 183 -27.37 35.01 -0.26
CA THR O 183 -28.64 35.72 -0.15
C THR O 183 -29.84 34.82 -0.41
N GLY O 184 -29.68 33.80 -1.25
CA GLY O 184 -30.77 32.89 -1.55
C GLY O 184 -31.65 33.25 -2.73
N LYS O 185 -31.46 34.40 -3.36
CA LYS O 185 -32.26 34.82 -4.51
C LYS O 185 -31.39 34.89 -5.76
N GLY O 186 -32.01 35.26 -6.86
CA GLY O 186 -31.33 35.37 -8.13
C GLY O 186 -30.45 36.60 -8.21
N PRO O 187 -29.58 36.66 -9.23
CA PRO O 187 -28.70 37.82 -9.37
C PRO O 187 -29.43 39.13 -9.63
N LEU O 188 -30.52 39.11 -10.41
CA LEU O 188 -31.23 40.36 -10.64
C LEU O 188 -32.03 40.78 -9.43
N ASP O 189 -32.45 39.82 -8.61
CA ASP O 189 -33.16 40.17 -7.38
C ASP O 189 -32.20 40.88 -6.44
N ASN O 190 -30.95 40.41 -6.41
CA ASN O 190 -29.92 41.05 -5.59
C ASN O 190 -29.59 42.44 -6.14
N LEU O 191 -29.59 42.57 -7.47
CA LEU O 191 -29.30 43.87 -8.07
C LEU O 191 -30.41 44.86 -7.76
N ALA O 192 -31.68 44.41 -7.78
CA ALA O 192 -32.78 45.30 -7.46
C ALA O 192 -32.76 45.69 -5.98
N ASP O 193 -32.40 44.74 -5.11
CA ASP O 193 -32.30 45.04 -3.68
C ASP O 193 -31.18 46.03 -3.42
N HIS O 194 -30.08 45.90 -4.14
CA HIS O 194 -28.97 46.83 -3.96
C HIS O 194 -29.28 48.20 -4.53
N LEU O 195 -29.95 48.26 -5.69
CA LEU O 195 -30.29 49.55 -6.27
C LEU O 195 -31.34 50.26 -5.44
N ALA O 196 -32.18 49.51 -4.73
CA ALA O 196 -33.19 50.13 -3.89
C ALA O 196 -32.55 50.81 -2.69
N ASP O 197 -31.47 50.23 -2.16
CA ASP O 197 -30.78 50.78 -1.00
C ASP O 197 -29.33 50.32 -1.03
N PRO O 198 -28.46 51.07 -1.70
CA PRO O 198 -27.04 50.64 -1.77
C PRO O 198 -26.27 50.83 -0.48
N ASN O 199 -26.70 51.74 0.39
CA ASN O 199 -25.95 51.96 1.62
C ASN O 199 -26.21 50.90 2.66
N HIS O 200 -27.35 50.20 2.59
CA HIS O 200 -27.67 49.20 3.60
C HIS O 200 -27.88 47.80 3.06
N VAL O 201 -27.91 47.61 1.73
CA VAL O 201 -28.11 46.28 1.16
C VAL O 201 -26.87 45.96 0.32
N ASN O 202 -25.90 45.27 0.92
CA ASN O 202 -24.67 44.90 0.23
C ASN O 202 -24.12 43.65 0.91
N PHE O 203 -22.87 43.32 0.61
CA PHE O 203 -22.25 42.13 1.21
C PHE O 203 -21.90 42.36 2.66
N ALA O 204 -21.75 43.61 3.09
CA ALA O 204 -21.39 43.88 4.47
C ALA O 204 -22.59 43.85 5.40
N THR O 205 -23.81 43.65 4.86
CA THR O 205 -25.01 43.61 5.66
C THR O 205 -25.85 42.36 5.42
N ASN O 206 -25.37 41.41 4.62
CA ASN O 206 -26.17 40.22 4.38
C ASN O 206 -26.15 39.25 5.56
N GLY O 207 -25.24 39.43 6.51
CA GLY O 207 -25.16 38.58 7.68
C GLY O 207 -24.48 37.24 7.46
N VAL O 208 -23.98 36.97 6.25
CA VAL O 208 -23.33 35.72 5.93
C VAL O 208 -21.88 35.92 5.53
N SER O 209 -21.61 36.93 4.67
CA SER O 209 -20.26 37.19 4.19
C SER O 209 -19.32 37.58 5.32
N ILE O 210 -19.70 38.58 6.11
CA ILE O 210 -18.84 39.00 7.22
C ILE O 210 -19.45 38.43 8.49
N PRO O 211 -18.85 37.41 9.10
CA PRO O 211 -19.44 36.83 10.31
C PRO O 211 -19.31 37.70 11.53
N ILE O 212 -18.28 38.56 11.60
CA ILE O 212 -18.12 39.43 12.77
C ILE O 212 -18.98 40.68 12.70
N ALA O 213 -19.78 40.84 11.66
CA ALA O 213 -20.65 42.01 11.53
C ALA O 213 -21.96 41.78 12.27
N ARG P 1 -4.17 6.34 -44.38
CA ARG P 1 -4.18 5.30 -43.35
C ARG P 1 -5.41 5.43 -42.47
N GLN P 2 -6.31 4.44 -42.57
CA GLN P 2 -7.51 4.46 -41.74
C GLN P 2 -7.14 4.12 -40.31
N SER P 3 -7.69 4.87 -39.37
CA SER P 3 -7.39 4.67 -37.97
C SER P 3 -8.65 4.70 -37.12
N TRP P 4 -8.57 4.03 -35.98
CA TRP P 4 -9.66 3.99 -35.02
C TRP P 4 -9.69 5.23 -34.14
N LEU P 5 -8.72 6.13 -34.29
CA LEU P 5 -8.66 7.35 -33.49
C LEU P 5 -7.80 8.34 -34.24
N PRO P 6 -8.41 9.30 -34.94
CA PRO P 6 -7.62 10.29 -35.69
C PRO P 6 -6.74 11.13 -34.77
N GLY P 7 -5.42 11.02 -34.98
CA GLY P 7 -4.44 11.72 -34.18
C GLY P 7 -3.73 10.85 -33.17
N SER P 8 -4.28 9.69 -32.84
CA SER P 8 -3.64 8.81 -31.87
C SER P 8 -2.40 8.17 -32.48
N GLN P 9 -1.44 7.85 -31.62
CA GLN P 9 -0.20 7.24 -32.06
C GLN P 9 -0.46 5.79 -32.42
N ILE P 10 -0.35 5.46 -33.70
CA ILE P 10 -0.56 4.08 -34.14
C ILE P 10 0.63 3.25 -33.69
N PRO P 11 0.42 2.05 -33.14
CA PRO P 11 1.55 1.24 -32.68
C PRO P 11 2.47 0.84 -33.83
N ALA P 12 3.76 0.71 -33.50
CA ALA P 12 4.75 0.34 -34.50
C ALA P 12 4.53 -1.08 -35.00
N HIS P 13 4.10 -1.98 -34.11
CA HIS P 13 3.88 -3.36 -34.53
C HIS P 13 2.71 -3.50 -35.48
N LEU P 14 1.75 -2.58 -35.43
CA LEU P 14 0.61 -2.61 -36.32
C LEU P 14 0.88 -1.88 -37.63
N ASP P 15 2.04 -1.25 -37.75
CA ASP P 15 2.44 -0.53 -38.95
C ASP P 15 3.37 -1.32 -39.85
N THR P 16 3.69 -2.56 -39.48
CA THR P 16 4.56 -3.37 -40.31
C THR P 16 3.80 -3.83 -41.55
N PRO P 17 4.51 -4.16 -42.65
CA PRO P 17 3.80 -4.61 -43.86
C PRO P 17 3.00 -5.89 -43.65
N ALA P 18 3.43 -6.77 -42.75
CA ALA P 18 2.67 -7.99 -42.51
C ALA P 18 1.41 -7.70 -41.73
N ALA P 19 1.49 -6.79 -40.75
CA ALA P 19 0.32 -6.45 -39.95
C ALA P 19 -0.72 -5.71 -40.77
N GLN P 20 -0.28 -4.88 -41.72
CA GLN P 20 -1.22 -4.15 -42.56
C GLN P 20 -1.88 -5.05 -43.61
N ALA P 21 -1.37 -6.25 -43.81
CA ALA P 21 -1.97 -7.18 -44.76
C ALA P 21 -3.25 -7.78 -44.23
N LEU P 22 -3.46 -7.75 -42.92
CA LEU P 22 -4.67 -8.30 -42.34
C LEU P 22 -5.87 -7.41 -42.66
N ALA P 23 -7.04 -8.04 -42.77
CA ALA P 23 -8.24 -7.28 -43.05
C ALA P 23 -8.70 -6.53 -41.80
N GLY P 24 -9.26 -5.36 -42.01
CA GLY P 24 -9.75 -4.54 -40.92
C GLY P 24 -8.69 -3.95 -40.02
N ASN P 25 -7.55 -3.55 -40.59
CA ASN P 25 -6.48 -2.95 -39.80
C ASN P 25 -6.81 -1.48 -39.59
N PHE P 26 -7.11 -1.12 -38.35
CA PHE P 26 -7.44 0.23 -37.97
C PHE P 26 -6.52 0.76 -36.89
N GLY P 27 -5.41 0.08 -36.64
CA GLY P 27 -4.43 0.48 -35.63
C GLY P 27 -4.94 0.50 -34.21
N PHE P 28 -5.85 -0.42 -33.87
CA PHE P 28 -6.43 -0.48 -32.53
C PHE P 28 -5.75 -1.56 -31.70
N ASP P 29 -4.89 -1.12 -30.78
CA ASP P 29 -4.18 -2.00 -29.86
C ASP P 29 -3.65 -1.17 -28.69
N PRO P 30 -4.51 -0.71 -27.79
CA PRO P 30 -4.01 0.09 -26.66
C PRO P 30 -3.26 -0.73 -25.63
N LEU P 31 -3.49 -2.03 -25.57
CA LEU P 31 -2.79 -2.87 -24.60
C LEU P 31 -1.52 -3.51 -25.17
N GLY P 32 -1.29 -3.39 -26.47
CA GLY P 32 -0.11 -3.96 -27.08
C GLY P 32 -0.09 -5.48 -27.06
N LEU P 33 -1.24 -6.11 -27.30
CA LEU P 33 -1.30 -7.57 -27.30
C LEU P 33 -0.83 -8.17 -28.62
N GLY P 34 -0.53 -7.34 -29.61
CA GLY P 34 -0.07 -7.84 -30.89
C GLY P 34 1.36 -7.48 -31.22
N LYS P 35 2.15 -7.13 -30.20
CA LYS P 35 3.55 -6.79 -30.44
C LYS P 35 4.33 -7.97 -30.99
N ASP P 36 4.13 -9.15 -30.41
CA ASP P 36 4.80 -10.35 -30.87
C ASP P 36 4.16 -10.83 -32.18
N PRO P 37 4.93 -11.01 -33.27
CA PRO P 37 4.33 -11.47 -34.52
C PRO P 37 3.65 -12.83 -34.42
N VAL P 38 4.20 -13.74 -33.60
CA VAL P 38 3.56 -15.03 -33.42
C VAL P 38 2.24 -14.87 -32.69
N ALA P 39 2.25 -14.02 -31.66
CA ALA P 39 1.02 -13.74 -30.91
C ALA P 39 0.00 -13.05 -31.79
N LEU P 40 0.45 -12.12 -32.64
CA LEU P 40 -0.44 -11.42 -33.55
C LEU P 40 -1.08 -12.38 -34.53
N ARG P 41 -0.30 -13.35 -35.03
CA ARG P 41 -0.84 -14.35 -35.96
C ARG P 41 -1.86 -15.24 -35.27
N TRP P 42 -1.55 -15.69 -34.05
CA TRP P 42 -2.48 -16.53 -33.30
C TRP P 42 -3.76 -15.78 -32.98
N TYR P 43 -3.65 -14.52 -32.57
CA TYR P 43 -4.82 -13.72 -32.28
C TYR P 43 -5.61 -13.42 -33.53
N GLN P 44 -4.94 -13.34 -34.70
CA GLN P 44 -5.65 -13.11 -35.95
C GLN P 44 -6.51 -14.32 -36.27
N GLN P 45 -5.96 -15.52 -36.01
CA GLN P 45 -6.73 -16.74 -36.19
C GLN P 45 -7.91 -16.78 -35.22
N ALA P 46 -7.66 -16.39 -33.97
CA ALA P 46 -8.71 -16.38 -32.95
C ALA P 46 -9.81 -15.40 -33.32
N GLU P 47 -9.44 -14.24 -33.85
CA GLU P 47 -10.43 -13.25 -34.27
C GLU P 47 -11.26 -13.77 -35.42
N LEU P 48 -10.63 -14.48 -36.38
CA LEU P 48 -11.40 -15.03 -37.49
C LEU P 48 -12.40 -16.08 -37.02
N ILE P 49 -11.95 -16.98 -36.13
CA ILE P 49 -12.84 -18.02 -35.62
C ILE P 49 -13.98 -17.41 -34.82
N HIS P 50 -13.66 -16.41 -33.99
CA HIS P 50 -14.69 -15.73 -33.21
C HIS P 50 -15.67 -15.00 -34.10
N CYS P 51 -15.18 -14.40 -35.19
CA CYS P 51 -16.05 -13.67 -36.12
C CYS P 51 -17.03 -14.61 -36.77
N ARG P 52 -16.55 -15.74 -37.29
CA ARG P 52 -17.45 -16.69 -37.95
C ARG P 52 -18.42 -17.33 -36.96
N THR P 53 -17.93 -17.71 -35.78
CA THR P 53 -18.80 -18.32 -34.77
C THR P 53 -19.85 -17.34 -34.28
N ALA P 54 -19.45 -16.08 -34.03
CA ALA P 54 -20.38 -15.06 -33.57
C ALA P 54 -21.39 -14.74 -34.65
N MET P 55 -20.98 -14.72 -35.91
CA MET P 55 -21.91 -14.43 -36.99
C MET P 55 -22.96 -15.53 -37.10
N ALA P 56 -22.54 -16.79 -37.03
CA ALA P 56 -23.50 -17.89 -37.11
C ALA P 56 -24.44 -17.88 -35.92
N GLY P 57 -23.91 -17.64 -34.71
CA GLY P 57 -24.77 -17.61 -33.53
C GLY P 57 -25.75 -16.45 -33.52
N VAL P 58 -25.26 -15.24 -33.83
CA VAL P 58 -26.13 -14.06 -33.85
C VAL P 58 -27.15 -14.20 -34.97
N ALA P 59 -26.80 -14.84 -36.09
CA ALA P 59 -27.77 -15.04 -37.14
C ALA P 59 -28.85 -16.00 -36.68
N GLY P 60 -28.44 -17.10 -36.03
CA GLY P 60 -29.37 -18.08 -35.50
C GLY P 60 -30.23 -17.57 -34.36
N ILE P 61 -29.87 -16.42 -33.79
CA ILE P 61 -30.65 -15.80 -32.73
C ILE P 61 -31.56 -14.70 -33.27
N LEU P 62 -31.03 -13.87 -34.16
CA LEU P 62 -31.73 -12.73 -34.73
C LEU P 62 -32.76 -13.10 -35.79
N ILE P 63 -32.38 -13.93 -36.78
CA ILE P 63 -33.34 -14.29 -37.83
C ILE P 63 -34.54 -15.08 -37.30
N PRO P 64 -34.38 -16.17 -36.52
CA PRO P 64 -35.59 -16.84 -36.00
C PRO P 64 -36.36 -15.98 -35.03
N GLY P 65 -35.68 -15.03 -34.38
CA GLY P 65 -36.38 -14.13 -33.48
C GLY P 65 -37.20 -13.12 -34.24
N LEU P 66 -36.69 -12.71 -35.42
CA LEU P 66 -37.43 -11.76 -36.25
C LEU P 66 -38.60 -12.45 -36.93
N LEU P 67 -38.43 -13.74 -37.25
CA LEU P 67 -39.52 -14.47 -37.88
C LEU P 67 -40.58 -14.82 -36.85
N THR P 68 -40.19 -14.94 -35.58
CA THR P 68 -41.15 -15.23 -34.52
C THR P 68 -42.06 -14.05 -34.26
N LYS P 69 -41.52 -12.82 -34.41
CA LYS P 69 -42.34 -11.63 -34.23
C LYS P 69 -43.45 -11.58 -35.26
N ALA P 70 -43.17 -12.07 -36.46
CA ALA P 70 -44.15 -12.15 -37.53
C ALA P 70 -44.78 -13.54 -37.46
N GLY P 71 -45.54 -13.91 -38.49
CA GLY P 71 -46.14 -15.23 -38.48
C GLY P 71 -45.35 -16.28 -39.22
N ALA P 72 -44.07 -16.02 -39.51
CA ALA P 72 -43.27 -16.99 -40.25
C ALA P 72 -42.88 -18.19 -39.39
N LEU P 73 -42.45 -17.93 -38.16
CA LEU P 73 -42.02 -19.01 -37.27
C LEU P 73 -42.55 -18.78 -35.86
N ASN P 74 -42.26 -19.75 -35.00
CA ASN P 74 -42.64 -19.74 -33.59
C ASN P 74 -41.47 -20.23 -32.74
N VAL P 75 -40.27 -19.76 -33.07
CA VAL P 75 -39.05 -20.14 -32.35
C VAL P 75 -39.01 -19.40 -31.02
N PRO P 76 -38.74 -20.07 -29.89
CA PRO P 76 -38.68 -19.36 -28.60
C PRO P 76 -37.45 -18.47 -28.48
N GLU P 77 -37.28 -17.87 -27.31
CA GLU P 77 -36.14 -17.00 -27.08
C GLU P 77 -34.84 -17.80 -27.08
N TRP P 78 -33.74 -17.10 -27.36
CA TRP P 78 -32.44 -17.74 -27.41
C TRP P 78 -32.02 -18.24 -26.03
N TYR P 79 -32.46 -17.57 -24.98
CA TYR P 79 -32.09 -18.01 -23.64
C TYR P 79 -33.01 -19.12 -23.12
N ASP P 80 -34.04 -19.47 -23.89
CA ASP P 80 -34.96 -20.53 -23.51
C ASP P 80 -35.07 -21.62 -24.56
N ALA P 81 -34.38 -21.48 -25.69
CA ALA P 81 -34.46 -22.48 -26.74
C ALA P 81 -33.78 -23.79 -26.37
N GLY P 82 -32.79 -23.75 -25.48
CA GLY P 82 -32.10 -24.96 -25.09
C GLY P 82 -33.01 -25.93 -24.34
N LYS P 83 -33.76 -25.40 -23.37
CA LYS P 83 -34.68 -26.22 -22.59
C LYS P 83 -35.81 -26.78 -23.46
N VAL P 84 -36.38 -25.93 -24.31
CA VAL P 84 -37.47 -26.35 -25.19
C VAL P 84 -36.98 -27.41 -26.19
N ALA P 85 -35.77 -27.23 -26.72
CA ALA P 85 -35.24 -28.17 -27.70
C ALA P 85 -34.82 -29.48 -27.04
N ILE P 86 -34.44 -29.44 -25.76
CA ILE P 86 -34.03 -30.68 -25.11
C ILE P 86 -35.22 -31.42 -24.51
N GLU P 87 -36.37 -30.74 -24.35
CA GLU P 87 -37.54 -31.39 -23.78
C GLU P 87 -38.03 -32.53 -24.67
N ASN P 88 -38.42 -32.21 -25.90
CA ASN P 88 -38.88 -33.23 -26.85
C ASN P 88 -37.76 -33.58 -27.83
N SER P 89 -36.70 -34.16 -27.27
CA SER P 89 -35.53 -34.56 -28.04
C SER P 89 -35.36 -36.08 -27.99
N PHE P 90 -34.27 -36.55 -28.57
CA PHE P 90 -33.96 -37.97 -28.60
C PHE P 90 -32.79 -38.36 -27.70
N ALA P 91 -32.18 -37.40 -27.00
CA ALA P 91 -31.05 -37.68 -26.14
C ALA P 91 -30.89 -36.56 -25.13
N PRO P 92 -30.33 -36.82 -23.95
CA PRO P 92 -30.12 -35.77 -22.96
C PRO P 92 -29.02 -34.82 -23.44
N TRP P 93 -28.87 -33.73 -22.69
CA TRP P 93 -27.87 -32.74 -23.06
C TRP P 93 -26.45 -33.24 -22.82
N GLY P 94 -26.26 -34.15 -21.87
CA GLY P 94 -24.92 -34.67 -21.61
C GLY P 94 -24.38 -35.51 -22.74
N SER P 95 -25.20 -36.44 -23.25
CA SER P 95 -24.77 -37.29 -24.35
C SER P 95 -24.53 -36.47 -25.61
N LEU P 96 -25.40 -35.50 -25.86
CA LEU P 96 -25.28 -34.64 -27.03
C LEU P 96 -24.02 -33.79 -26.93
N LEU P 97 -23.71 -33.27 -25.73
CA LEU P 97 -22.51 -32.48 -25.55
C LEU P 97 -21.27 -33.34 -25.69
N ALA P 98 -21.35 -34.61 -25.28
CA ALA P 98 -20.19 -35.49 -25.42
C ALA P 98 -19.88 -35.75 -26.89
N VAL P 99 -20.92 -36.06 -27.69
CA VAL P 99 -20.71 -36.29 -29.12
C VAL P 99 -20.22 -35.01 -29.78
N GLN P 100 -20.77 -33.87 -29.35
CA GLN P 100 -20.35 -32.57 -29.87
C GLN P 100 -18.89 -32.30 -29.58
N LEU P 101 -18.46 -32.57 -28.34
CA LEU P 101 -17.07 -32.33 -27.98
C LEU P 101 -16.13 -33.23 -28.78
N PHE P 102 -16.54 -34.48 -29.03
CA PHE P 102 -15.70 -35.38 -29.82
C PHE P 102 -15.54 -34.88 -31.26
N LEU P 103 -16.69 -34.61 -31.91
CA LEU P 103 -16.69 -34.15 -33.30
C LEU P 103 -16.00 -32.80 -33.45
N CYS P 104 -16.16 -31.91 -32.48
CA CYS P 104 -15.52 -30.60 -32.58
C CYS P 104 -14.04 -30.70 -32.26
N GLY P 105 -13.66 -31.62 -31.36
CA GLY P 105 -12.27 -31.78 -31.03
C GLY P 105 -11.44 -32.29 -32.18
N PHE P 106 -12.01 -33.19 -32.99
CA PHE P 106 -11.28 -33.72 -34.13
C PHE P 106 -10.92 -32.63 -35.13
N VAL P 107 -11.91 -31.85 -35.57
CA VAL P 107 -11.67 -30.80 -36.55
C VAL P 107 -10.85 -29.66 -35.95
N GLU P 108 -11.03 -29.35 -34.66
CA GLU P 108 -10.23 -28.28 -34.08
C GLU P 108 -8.78 -28.73 -33.93
N ALA P 109 -8.56 -30.02 -33.71
CA ALA P 109 -7.20 -30.53 -33.63
C ALA P 109 -6.54 -30.47 -34.99
N LYS P 110 -7.29 -30.79 -36.05
CA LYS P 110 -6.72 -30.69 -37.40
C LYS P 110 -6.41 -29.23 -37.74
N ARG P 111 -7.30 -28.31 -37.35
CA ARG P 111 -7.07 -26.90 -37.60
C ARG P 111 -5.87 -26.40 -36.82
N TRP P 112 -5.70 -26.89 -35.58
CA TRP P 112 -4.56 -26.50 -34.76
C TRP P 112 -3.26 -26.99 -35.38
N GLN P 113 -3.27 -28.22 -35.91
CA GLN P 113 -2.08 -28.75 -36.53
C GLN P 113 -1.74 -27.98 -37.80
N ASP P 114 -2.76 -27.50 -38.52
CA ASP P 114 -2.49 -26.72 -39.72
C ASP P 114 -2.01 -25.33 -39.35
N ILE P 115 -2.42 -24.82 -38.19
CA ILE P 115 -1.95 -23.51 -37.75
C ILE P 115 -0.49 -23.61 -37.35
N ARG P 116 -0.13 -24.70 -36.67
CA ARG P 116 1.26 -24.91 -36.26
C ARG P 116 2.17 -25.07 -37.47
N LYS P 117 1.71 -25.78 -38.50
CA LYS P 117 2.47 -25.98 -39.72
C LYS P 117 1.49 -25.83 -40.90
N PRO P 118 1.60 -24.73 -41.65
CA PRO P 118 0.68 -24.51 -42.78
C PRO P 118 0.82 -25.56 -43.88
N GLY P 119 -0.31 -26.11 -44.29
CA GLY P 119 -0.33 -27.14 -45.33
C GLY P 119 0.11 -28.51 -44.87
N SER P 120 0.31 -28.71 -43.58
CA SER P 120 0.74 -29.99 -43.06
C SER P 120 -0.34 -31.05 -43.11
N GLN P 121 -1.61 -30.67 -43.27
CA GLN P 121 -2.68 -31.63 -43.33
C GLN P 121 -2.72 -32.39 -44.64
N GLY P 122 -1.86 -32.06 -45.60
CA GLY P 122 -1.82 -32.74 -46.86
C GLY P 122 -0.78 -33.85 -46.90
N GLU P 123 -0.57 -34.50 -45.75
CA GLU P 123 0.39 -35.59 -45.66
C GLU P 123 -0.14 -36.77 -46.46
N PRO P 124 0.61 -37.29 -47.43
CA PRO P 124 0.12 -38.40 -48.25
C PRO P 124 -0.19 -39.65 -47.44
N GLY P 125 -1.28 -40.31 -47.82
CA GLY P 125 -1.73 -41.53 -47.15
C GLY P 125 -2.18 -41.31 -45.73
N SER P 126 -2.95 -40.24 -45.49
CA SER P 126 -3.41 -39.96 -44.14
C SER P 126 -4.90 -39.67 -44.01
N PHE P 127 -5.61 -39.33 -45.08
CA PHE P 127 -7.03 -39.06 -44.93
C PHE P 127 -7.85 -39.68 -46.06
N LEU P 128 -7.47 -40.89 -46.48
CA LEU P 128 -8.17 -41.65 -47.53
C LEU P 128 -8.30 -40.86 -48.84
N GLY P 129 -7.24 -40.15 -49.21
CA GLY P 129 -7.24 -39.37 -50.43
C GLY P 129 -7.77 -37.96 -50.29
N PHE P 130 -8.42 -37.64 -49.17
CA PHE P 130 -8.94 -36.30 -48.97
C PHE P 130 -7.92 -35.36 -48.36
N GLU P 131 -6.70 -35.84 -48.10
CA GLU P 131 -5.69 -34.99 -47.49
C GLU P 131 -5.23 -33.88 -48.42
N ALA P 132 -5.30 -34.10 -49.74
CA ALA P 132 -4.88 -33.08 -50.69
C ALA P 132 -5.75 -31.83 -50.60
N SER P 133 -7.05 -32.03 -50.43
CA SER P 133 -7.99 -30.92 -50.32
C SER P 133 -7.95 -30.23 -48.97
N LEU P 134 -7.27 -30.80 -47.98
CA LEU P 134 -7.19 -30.21 -46.65
C LEU P 134 -6.11 -29.15 -46.54
N LYS P 135 -5.35 -28.89 -47.60
CA LYS P 135 -4.33 -27.86 -47.58
C LYS P 135 -4.98 -26.54 -47.95
N GLY P 136 -4.88 -25.55 -47.07
CA GLY P 136 -5.48 -24.26 -47.32
C GLY P 136 -4.66 -23.43 -48.29
N THR P 137 -5.08 -22.18 -48.45
CA THR P 137 -4.41 -21.25 -49.33
C THR P 137 -3.15 -20.71 -48.65
N SER P 138 -2.49 -19.73 -49.28
CA SER P 138 -1.27 -19.16 -48.72
C SER P 138 -1.51 -18.41 -47.42
N GLU P 139 -2.71 -17.88 -47.20
CA GLU P 139 -3.04 -17.14 -45.99
C GLU P 139 -3.65 -18.08 -44.96
N LEU P 140 -3.19 -17.97 -43.72
CA LEU P 140 -3.69 -18.81 -42.66
C LEU P 140 -5.12 -18.41 -42.29
N GLY P 141 -5.97 -19.41 -42.09
CA GLY P 141 -7.35 -19.17 -41.76
C GLY P 141 -8.28 -19.02 -42.94
N TYR P 142 -7.77 -19.18 -44.15
CA TYR P 142 -8.57 -19.07 -45.38
C TYR P 142 -8.32 -20.31 -46.22
N PRO P 143 -8.97 -21.42 -45.87
CA PRO P 143 -8.78 -22.66 -46.64
C PRO P 143 -9.73 -22.78 -47.83
N GLY P 144 -9.39 -23.70 -48.72
CA GLY P 144 -10.19 -23.96 -49.89
C GLY P 144 -10.58 -25.42 -49.92
N GLY P 145 -10.70 -26.00 -51.12
CA GLY P 145 -11.06 -27.40 -51.24
C GLY P 145 -12.51 -27.64 -50.88
N PRO P 146 -12.75 -28.45 -49.83
CA PRO P 146 -14.14 -28.71 -49.41
C PRO P 146 -14.83 -27.44 -48.95
N PHE P 147 -14.10 -26.55 -48.31
CA PHE P 147 -14.66 -25.28 -47.91
C PHE P 147 -14.70 -24.40 -49.15
N ASP P 148 -15.59 -23.41 -49.14
CA ASP P 148 -15.82 -22.48 -50.25
C ASP P 148 -16.18 -23.29 -51.50
N PRO P 149 -17.37 -23.91 -51.56
CA PRO P 149 -17.72 -24.69 -52.77
C PRO P 149 -17.98 -23.83 -53.99
N LEU P 150 -18.47 -22.60 -53.80
CA LEU P 150 -18.76 -21.73 -54.93
C LEU P 150 -17.52 -21.16 -55.59
N GLY P 151 -16.36 -21.24 -54.95
CA GLY P 151 -15.13 -20.73 -55.54
C GLY P 151 -15.11 -19.23 -55.73
N LEU P 152 -15.62 -18.47 -54.78
CA LEU P 152 -15.63 -17.01 -54.89
C LEU P 152 -14.33 -16.36 -54.47
N SER P 153 -13.36 -17.15 -54.01
CA SER P 153 -12.06 -16.62 -53.57
C SER P 153 -11.01 -16.64 -54.67
N LYS P 154 -11.37 -17.06 -55.89
CA LYS P 154 -10.39 -17.10 -56.98
C LYS P 154 -10.15 -15.73 -57.61
N GLU P 155 -11.10 -14.81 -57.47
CA GLU P 155 -10.98 -13.47 -58.06
C GLU P 155 -10.32 -12.57 -57.01
N ALA P 156 -9.05 -12.23 -57.24
CA ALA P 156 -8.26 -11.43 -56.31
C ALA P 156 -8.77 -10.01 -56.14
N ASP P 157 -9.24 -9.37 -57.22
CA ASP P 157 -9.72 -7.99 -57.16
C ASP P 157 -10.77 -7.78 -56.08
N LYS P 158 -11.65 -8.75 -55.88
CA LYS P 158 -12.65 -8.62 -54.83
C LYS P 158 -12.24 -9.33 -53.54
N TRP P 159 -11.21 -10.19 -53.60
CA TRP P 159 -10.75 -10.94 -52.44
C TRP P 159 -10.41 -10.03 -51.28
N ALA P 160 -9.56 -9.02 -51.54
CA ALA P 160 -9.16 -8.07 -50.51
C ALA P 160 -10.36 -7.33 -49.93
N ASP P 161 -11.42 -7.18 -50.71
CA ASP P 161 -12.62 -6.52 -50.21
C ASP P 161 -13.52 -7.52 -49.49
N TRP P 162 -13.54 -8.76 -50.00
CA TRP P 162 -14.37 -9.81 -49.42
C TRP P 162 -14.01 -10.04 -47.96
N LYS P 163 -12.71 -10.13 -47.68
CA LYS P 163 -12.24 -10.33 -46.32
C LYS P 163 -12.66 -9.17 -45.42
N LEU P 164 -12.72 -7.95 -45.99
CA LEU P 164 -13.13 -6.80 -45.20
C LEU P 164 -14.59 -6.94 -44.78
N LYS P 165 -15.41 -7.61 -45.58
CA LYS P 165 -16.79 -7.80 -45.22
C LYS P 165 -16.96 -8.98 -44.25
N GLU P 166 -15.89 -9.76 -44.06
CA GLU P 166 -16.00 -10.90 -43.17
C GLU P 166 -15.57 -10.56 -41.76
N VAL P 167 -14.49 -9.79 -41.61
CA VAL P 167 -14.00 -9.44 -40.28
C VAL P 167 -14.92 -8.41 -39.63
N LYS P 168 -15.16 -7.30 -40.33
CA LYS P 168 -15.99 -6.20 -39.81
C LYS P 168 -17.35 -6.70 -39.35
N ASN P 169 -18.05 -7.41 -40.23
CA ASN P 169 -19.36 -7.98 -39.89
C ASN P 169 -19.23 -8.86 -38.67
N GLY P 170 -18.19 -9.71 -38.66
CA GLY P 170 -17.96 -10.58 -37.53
C GLY P 170 -17.75 -9.81 -36.25
N ARG P 171 -16.99 -8.71 -36.33
CA ARG P 171 -16.75 -7.88 -35.16
C ARG P 171 -18.08 -7.36 -34.64
N LEU P 172 -18.94 -6.93 -35.55
CA LEU P 172 -20.26 -6.43 -35.17
C LEU P 172 -21.04 -7.56 -34.51
N ALA P 173 -20.97 -8.76 -35.09
CA ALA P 173 -21.67 -9.89 -34.52
C ALA P 173 -21.15 -10.17 -33.11
N MET P 174 -19.83 -10.02 -32.91
CA MET P 174 -19.26 -10.25 -31.59
C MET P 174 -19.84 -9.30 -30.58
N LEU P 175 -20.09 -8.06 -30.97
CA LEU P 175 -20.69 -7.12 -30.03
C LEU P 175 -22.17 -7.43 -29.86
N ALA P 176 -22.81 -7.89 -30.95
CA ALA P 176 -24.24 -8.20 -30.93
C ALA P 176 -24.57 -9.23 -29.87
N PHE P 177 -23.82 -10.35 -29.87
CA PHE P 177 -24.03 -11.39 -28.88
C PHE P 177 -23.81 -10.84 -27.48
N LEU P 178 -22.80 -9.96 -27.33
CA LEU P 178 -22.55 -9.34 -26.04
C LEU P 178 -23.78 -8.57 -25.58
N GLY P 179 -24.37 -7.81 -26.49
CA GLY P 179 -25.58 -7.08 -26.15
C GLY P 179 -26.69 -8.03 -25.76
N PHE P 180 -26.82 -9.14 -26.51
CA PHE P 180 -27.83 -10.15 -26.23
C PHE P 180 -27.71 -10.65 -24.80
N VAL P 181 -26.49 -10.75 -24.30
CA VAL P 181 -26.31 -11.22 -22.93
C VAL P 181 -26.65 -10.10 -21.95
N ALA P 182 -26.10 -8.91 -22.21
CA ALA P 182 -26.32 -7.78 -21.29
C ALA P 182 -27.79 -7.43 -21.19
N GLN P 183 -28.47 -7.36 -22.34
CA GLN P 183 -29.90 -7.06 -22.34
C GLN P 183 -30.66 -8.13 -21.57
N LYS P 184 -30.22 -9.39 -21.67
CA LYS P 184 -30.89 -10.47 -20.95
C LYS P 184 -30.82 -10.24 -19.46
N TYR P 185 -29.70 -9.69 -18.98
CA TYR P 185 -29.55 -9.43 -17.56
C TYR P 185 -29.97 -8.02 -17.18
N ALA P 186 -30.56 -7.27 -18.11
CA ALA P 186 -30.97 -5.90 -17.81
C ALA P 186 -32.46 -5.65 -18.00
N THR P 187 -33.12 -6.30 -18.96
CA THR P 187 -34.53 -6.10 -19.19
C THR P 187 -35.34 -7.36 -18.93
N GLY P 188 -34.71 -8.52 -19.10
CA GLY P 188 -35.40 -9.78 -18.90
C GLY P 188 -36.18 -10.26 -20.09
N ALA P 189 -36.11 -9.58 -21.23
CA ALA P 189 -36.82 -9.98 -22.43
C ALA P 189 -35.81 -10.29 -23.53
N GLY P 190 -36.33 -10.64 -24.70
CA GLY P 190 -35.49 -10.96 -25.83
C GLY P 190 -34.97 -9.73 -26.53
N PRO P 191 -34.04 -9.95 -27.46
CA PRO P 191 -33.47 -8.82 -28.20
C PRO P 191 -34.47 -8.11 -29.11
N VAL P 192 -35.32 -8.87 -29.81
CA VAL P 192 -36.30 -8.24 -30.69
C VAL P 192 -37.32 -7.47 -29.87
N ASP P 193 -37.71 -8.01 -28.70
CA ASP P 193 -38.65 -7.31 -27.83
C ASP P 193 -38.03 -6.04 -27.29
N ASN P 194 -36.72 -6.08 -26.97
CA ASN P 194 -36.06 -4.88 -26.48
C ASN P 194 -35.99 -3.83 -27.57
N LEU P 195 -35.76 -4.27 -28.82
CA LEU P 195 -35.71 -3.34 -29.94
C LEU P 195 -37.06 -2.68 -30.16
N ALA P 196 -38.14 -3.47 -30.08
CA ALA P 196 -39.48 -2.91 -30.27
C ALA P 196 -39.86 -1.98 -29.13
N ALA P 197 -39.52 -2.36 -27.89
CA ALA P 197 -39.82 -1.51 -26.74
C ALA P 197 -39.06 -0.20 -26.82
N HIS P 198 -37.84 -0.25 -27.35
CA HIS P 198 -37.06 0.98 -27.51
C HIS P 198 -37.64 1.83 -28.63
N LEU P 199 -38.07 1.21 -29.72
CA LEU P 199 -38.64 1.97 -30.82
C LEU P 199 -39.96 2.61 -30.43
N LYS P 200 -40.66 2.02 -29.44
CA LYS P 200 -41.93 2.59 -28.98
C LYS P 200 -41.70 3.92 -28.27
N ASP P 201 -40.67 4.00 -27.43
CA ASP P 201 -40.36 5.22 -26.69
C ASP P 201 -38.86 5.27 -26.49
N PRO P 202 -38.12 5.80 -27.46
CA PRO P 202 -36.65 5.85 -27.33
C PRO P 202 -36.16 6.84 -26.29
N TRP P 203 -36.95 7.87 -26.00
CA TRP P 203 -36.52 8.90 -25.09
C TRP P 203 -36.68 8.51 -23.62
N HIS P 204 -37.29 7.36 -23.33
CA HIS P 204 -37.47 6.92 -21.95
C HIS P 204 -37.20 5.43 -21.73
N VAL P 205 -36.80 4.68 -22.76
CA VAL P 205 -36.53 3.25 -22.63
C VAL P 205 -35.14 3.01 -23.23
N ASN P 206 -34.12 2.95 -22.37
CA ASN P 206 -32.75 2.71 -22.81
C ASN P 206 -31.96 2.17 -21.64
N TYR P 207 -30.63 2.18 -21.75
CA TYR P 207 -29.80 1.67 -20.67
C TYR P 207 -29.71 2.64 -19.49
N ALA P 208 -30.12 3.89 -19.68
CA ALA P 208 -30.08 4.86 -18.60
C ALA P 208 -31.37 4.91 -17.82
N THR P 209 -32.34 4.05 -18.14
CA THR P 209 -33.63 4.01 -17.47
C THR P 209 -33.94 2.70 -16.78
N ASN P 210 -33.21 1.62 -17.08
CA ASN P 210 -33.49 0.34 -16.44
C ASN P 210 -33.00 0.27 -14.99
N GLY P 211 -32.12 1.17 -14.57
CA GLY P 211 -31.61 1.18 -13.23
C GLY P 211 -30.51 0.18 -12.95
N VAL P 212 -30.13 -0.64 -13.93
CA VAL P 212 -29.09 -1.63 -13.78
C VAL P 212 -27.77 -1.16 -14.39
N SER P 213 -27.84 -0.52 -15.56
CA SER P 213 -26.62 -0.06 -16.20
C SER P 213 -26.11 1.26 -15.64
N LEU P 214 -26.88 1.90 -14.75
CA LEU P 214 -26.48 3.16 -14.13
C LEU P 214 -26.99 3.16 -12.69
N PRO P 215 -26.30 2.46 -11.79
CA PRO P 215 -26.77 2.40 -10.40
C PRO P 215 -26.61 3.71 -9.63
N PHE P 216 -25.71 4.60 -10.04
CA PHE P 216 -25.55 5.87 -9.35
C PHE P 216 -26.62 6.88 -9.74
N LEU P 217 -27.44 6.57 -10.72
CA LEU P 217 -28.51 7.44 -11.18
C LEU P 217 -29.85 6.76 -10.99
N ASP Q 1 -18.09 15.16 -65.71
CA ASP Q 1 -16.97 15.94 -66.22
C ASP Q 1 -16.99 15.98 -67.74
N ALA Q 2 -18.19 16.06 -68.31
CA ALA Q 2 -18.36 16.10 -69.76
C ALA Q 2 -19.59 16.95 -70.08
N ALA Q 3 -20.06 16.86 -71.33
CA ALA Q 3 -21.22 17.61 -71.81
C ALA Q 3 -22.51 16.80 -71.73
N LEU Q 4 -22.48 15.60 -71.18
CA LEU Q 4 -23.67 14.77 -71.06
C LEU Q 4 -24.62 15.36 -70.01
N PRO Q 5 -25.92 15.08 -70.11
CA PRO Q 5 -26.88 15.63 -69.13
C PRO Q 5 -26.59 15.15 -67.72
N SER Q 6 -26.72 16.07 -66.77
CA SER Q 6 -26.44 15.79 -65.37
C SER Q 6 -27.66 16.04 -64.49
N TRP Q 7 -27.61 15.47 -63.29
CA TRP Q 7 -28.66 15.59 -62.29
C TRP Q 7 -28.53 16.87 -61.48
N MET Q 8 -27.52 17.67 -61.75
CA MET Q 8 -27.29 18.94 -61.06
C MET Q 8 -26.41 19.78 -61.96
N PRO Q 9 -26.99 20.67 -62.78
CA PRO Q 9 -26.18 21.51 -63.68
C PRO Q 9 -25.13 22.34 -62.99
N GLY Q 10 -23.87 22.11 -63.35
CA GLY Q 10 -22.75 22.82 -62.78
C GLY Q 10 -22.02 22.06 -61.70
N ALA Q 11 -22.66 21.06 -61.09
CA ALA Q 11 -22.02 20.29 -60.04
C ALA Q 11 -20.86 19.48 -60.58
N ASP Q 12 -19.87 19.24 -59.72
CA ASP Q 12 -18.68 18.47 -60.07
C ASP Q 12 -18.99 16.99 -59.86
N LEU Q 13 -19.43 16.35 -60.94
CA LEU Q 13 -19.77 14.94 -60.93
C LEU Q 13 -18.52 14.08 -60.83
N PRO Q 14 -18.66 12.83 -60.36
CA PRO Q 14 -17.49 11.95 -60.28
C PRO Q 14 -16.98 11.58 -61.67
N GLY Q 15 -15.68 11.30 -61.74
CA GLY Q 15 -15.04 10.98 -63.01
C GLY Q 15 -15.16 9.55 -63.48
N TYR Q 16 -15.64 8.62 -62.65
CA TYR Q 16 -15.74 7.25 -63.14
C TYR Q 16 -16.95 7.03 -64.04
N LEU Q 17 -17.92 7.94 -64.04
CA LEU Q 17 -19.11 7.81 -64.89
C LEU Q 17 -18.80 8.64 -66.13
N ASN Q 18 -18.42 7.95 -67.21
CA ASN Q 18 -18.03 8.60 -68.46
C ASN Q 18 -19.12 8.55 -69.55
N GLY Q 19 -20.32 8.10 -69.22
CA GLY Q 19 -21.39 8.04 -70.20
C GLY Q 19 -21.53 6.73 -70.94
N THR Q 20 -20.64 5.76 -70.71
CA THR Q 20 -20.73 4.48 -71.39
C THR Q 20 -21.98 3.71 -70.94
N LEU Q 21 -22.29 3.77 -69.65
CA LEU Q 21 -23.46 3.07 -69.14
C LEU Q 21 -24.73 3.81 -69.54
N PRO Q 22 -25.82 3.10 -69.81
CA PRO Q 22 -27.07 3.77 -70.19
C PRO Q 22 -27.66 4.53 -69.02
N GLY Q 23 -28.22 5.69 -69.32
CA GLY Q 23 -28.81 6.54 -68.30
C GLY Q 23 -27.80 7.13 -67.34
N ASP Q 24 -26.64 7.54 -67.84
CA ASP Q 24 -25.60 8.12 -66.98
C ASP Q 24 -25.88 9.60 -66.79
N PHE Q 25 -26.10 9.99 -65.54
CA PHE Q 25 -26.36 11.38 -65.16
C PHE Q 25 -25.42 11.85 -64.06
N GLY Q 26 -24.45 11.01 -63.70
CA GLY Q 26 -23.49 11.36 -62.66
C GLY Q 26 -24.09 11.49 -61.28
N PHE Q 27 -25.09 10.66 -60.96
CA PHE Q 27 -25.75 10.70 -59.65
C PHE Q 27 -25.19 9.58 -58.80
N ASP Q 28 -24.32 9.95 -57.86
CA ASP Q 28 -23.70 9.04 -56.92
C ASP Q 28 -23.08 9.83 -55.77
N PRO Q 29 -23.90 10.44 -54.89
CA PRO Q 29 -23.30 11.20 -53.77
C PRO Q 29 -22.57 10.33 -52.77
N LEU Q 30 -22.91 9.04 -52.70
CA LEU Q 30 -22.26 8.12 -51.78
C LEU Q 30 -21.06 7.43 -52.41
N TYR Q 31 -20.83 7.65 -53.72
CA TYR Q 31 -19.72 7.07 -54.47
C TYR Q 31 -19.70 5.55 -54.42
N LEU Q 32 -20.88 4.94 -54.54
CA LEU Q 32 -20.97 3.47 -54.49
C LEU Q 32 -20.40 2.81 -55.74
N GLY Q 33 -20.29 3.53 -56.85
CA GLY Q 33 -19.77 2.94 -58.07
C GLY Q 33 -18.30 3.25 -58.34
N GLN Q 34 -17.54 3.52 -57.28
CA GLN Q 34 -16.12 3.84 -57.43
C GLN Q 34 -15.35 2.65 -57.99
N ASP Q 35 -15.59 1.48 -57.44
CA ASP Q 35 -14.91 0.26 -57.89
C ASP Q 35 -15.46 -0.16 -59.24
N PRO Q 36 -14.61 -0.39 -60.25
CA PRO Q 36 -15.13 -0.81 -61.57
C PRO Q 36 -15.87 -2.14 -61.55
N VAL Q 37 -15.41 -3.11 -60.75
CA VAL Q 37 -16.09 -4.40 -60.69
C VAL Q 37 -17.44 -4.27 -59.99
N LYS Q 38 -17.50 -3.44 -58.93
CA LYS Q 38 -18.75 -3.23 -58.22
C LYS Q 38 -19.75 -2.52 -59.12
N LEU Q 39 -19.27 -1.56 -59.91
CA LEU Q 39 -20.15 -0.83 -60.82
C LEU Q 39 -20.65 -1.75 -61.93
N LYS Q 40 -19.78 -2.66 -62.38
CA LYS Q 40 -20.16 -3.63 -63.42
C LYS Q 40 -21.25 -4.55 -62.91
N TRP Q 41 -21.18 -4.91 -61.63
CA TRP Q 41 -22.23 -5.76 -61.05
C TRP Q 41 -23.51 -4.96 -60.81
N TYR Q 42 -23.37 -3.73 -60.32
CA TYR Q 42 -24.53 -2.89 -60.02
C TYR Q 42 -25.30 -2.54 -61.28
N ALA Q 43 -24.64 -2.46 -62.43
CA ALA Q 43 -25.36 -2.16 -63.66
C ALA Q 43 -26.33 -3.29 -64.00
N GLN Q 44 -25.87 -4.54 -63.89
CA GLN Q 44 -26.72 -5.68 -64.15
C GLN Q 44 -27.81 -5.80 -63.10
N ALA Q 45 -27.48 -5.50 -61.83
CA ALA Q 45 -28.48 -5.56 -60.77
C ALA Q 45 -29.56 -4.53 -60.99
N GLU Q 46 -29.16 -3.32 -61.39
CA GLU Q 46 -30.12 -2.25 -61.66
C GLU Q 46 -31.01 -2.61 -62.84
N LEU Q 47 -30.43 -3.20 -63.88
CA LEU Q 47 -31.21 -3.56 -65.06
C LEU Q 47 -32.24 -4.66 -64.75
N MET Q 48 -31.82 -5.68 -64.00
CA MET Q 48 -32.73 -6.77 -63.65
C MET Q 48 -33.83 -6.28 -62.72
N ASN Q 49 -33.47 -5.48 -61.72
CA ASN Q 49 -34.46 -4.93 -60.78
C ASN Q 49 -35.41 -4.00 -61.50
N ALA Q 50 -34.89 -3.26 -62.49
CA ALA Q 50 -35.70 -2.33 -63.26
C ALA Q 50 -36.76 -3.06 -64.07
N ARG Q 51 -36.36 -4.10 -64.80
CA ARG Q 51 -37.34 -4.84 -65.59
C ARG Q 51 -38.34 -5.56 -64.70
N PHE Q 52 -37.88 -6.10 -63.57
CA PHE Q 52 -38.79 -6.78 -62.65
C PHE Q 52 -39.80 -5.81 -62.04
N ALA Q 53 -39.35 -4.61 -61.66
CA ALA Q 53 -40.27 -3.63 -61.10
C ALA Q 53 -41.22 -3.12 -62.18
N MET Q 54 -40.76 -3.08 -63.43
CA MET Q 54 -41.65 -2.65 -64.52
C MET Q 54 -42.79 -3.64 -64.67
N LEU Q 55 -42.44 -4.93 -64.64
CA LEU Q 55 -43.47 -5.96 -64.73
C LEU Q 55 -44.38 -5.94 -63.51
N ALA Q 56 -43.82 -5.59 -62.35
CA ALA Q 56 -44.60 -5.53 -61.11
C ALA Q 56 -45.62 -4.40 -61.13
N VAL Q 57 -45.17 -3.19 -61.52
CA VAL Q 57 -46.07 -2.05 -61.56
C VAL Q 57 -47.13 -2.26 -62.64
N ALA Q 58 -46.75 -2.88 -63.76
CA ALA Q 58 -47.74 -3.15 -64.79
C ALA Q 58 -48.76 -4.18 -64.29
N GLY Q 59 -48.30 -5.22 -63.61
CA GLY Q 59 -49.18 -6.24 -63.08
C GLY Q 59 -49.97 -5.80 -61.86
N ILE Q 60 -49.66 -4.65 -61.31
CA ILE Q 60 -50.41 -4.14 -60.17
C ILE Q 60 -51.47 -3.19 -60.70
N LEU Q 61 -51.08 -2.30 -61.62
CA LEU Q 61 -51.99 -1.30 -62.17
C LEU Q 61 -53.00 -1.84 -63.18
N VAL Q 62 -52.62 -2.76 -64.08
CA VAL Q 62 -53.58 -3.26 -65.07
C VAL Q 62 -54.80 -3.99 -64.49
N PRO Q 63 -54.65 -4.97 -63.57
CA PRO Q 63 -55.87 -5.62 -63.05
C PRO Q 63 -56.80 -4.69 -62.27
N GLU Q 64 -56.26 -3.75 -61.50
CA GLU Q 64 -57.14 -2.84 -60.77
C GLU Q 64 -57.84 -1.89 -61.73
N LEU Q 65 -57.16 -1.49 -62.80
CA LEU Q 65 -57.78 -0.59 -63.79
C LEU Q 65 -58.86 -1.33 -64.56
N LEU Q 66 -58.64 -2.61 -64.85
CA LEU Q 66 -59.64 -3.38 -65.59
C LEU Q 66 -60.82 -3.75 -64.71
N SER Q 67 -60.62 -3.84 -63.39
CA SER Q 67 -61.73 -4.20 -62.51
C SER Q 67 -62.71 -3.04 -62.34
N ASN Q 68 -62.22 -1.80 -62.43
CA ASN Q 68 -63.09 -0.64 -62.26
C ASN Q 68 -63.99 -0.39 -63.46
N ILE Q 69 -63.81 -1.11 -64.56
CA ILE Q 69 -64.64 -0.93 -65.75
C ILE Q 69 -65.49 -2.20 -65.93
N GLY Q 70 -66.29 -2.23 -66.99
CA GLY Q 70 -67.16 -3.36 -67.28
C GLY Q 70 -66.47 -4.70 -67.46
N PHE Q 71 -65.15 -4.72 -67.60
CA PHE Q 71 -64.43 -5.98 -67.77
C PHE Q 71 -64.47 -6.78 -66.48
N SER Q 72 -64.83 -8.05 -66.58
CA SER Q 72 -64.92 -8.91 -65.41
C SER Q 72 -64.18 -10.22 -65.64
N TRP Q 73 -63.67 -10.76 -64.53
CA TRP Q 73 -62.93 -12.02 -64.50
C TRP Q 73 -62.87 -12.47 -63.05
N PRO Q 74 -62.48 -13.76 -62.78
CA PRO Q 74 -62.42 -14.25 -61.38
C PRO Q 74 -61.73 -13.36 -60.35
N GLY Q 75 -60.45 -13.06 -60.50
CA GLY Q 75 -59.82 -12.21 -59.50
C GLY Q 75 -59.81 -10.76 -59.94
N ALA Q 76 -60.81 -9.98 -59.51
CA ALA Q 76 -60.91 -8.57 -59.86
C ALA Q 76 -60.96 -7.66 -58.65
N GLY Q 77 -61.80 -7.98 -57.66
CA GLY Q 77 -61.88 -7.16 -56.47
C GLY Q 77 -60.80 -7.40 -55.45
N VAL Q 78 -59.94 -8.37 -55.70
CA VAL Q 78 -58.86 -8.67 -54.76
C VAL Q 78 -57.71 -7.69 -54.96
N ALA Q 79 -57.11 -7.24 -53.86
CA ALA Q 79 -56.01 -6.30 -53.90
C ALA Q 79 -54.73 -7.01 -54.35
N TRP Q 80 -53.72 -6.21 -54.69
CA TRP Q 80 -52.45 -6.79 -55.12
C TRP Q 80 -51.77 -7.53 -53.97
N TYR Q 81 -51.91 -7.01 -52.75
CA TYR Q 81 -51.33 -7.65 -51.58
C TYR Q 81 -52.17 -8.79 -51.04
N ASP Q 82 -53.43 -8.87 -51.45
CA ASP Q 82 -54.34 -9.92 -51.00
C ASP Q 82 -54.43 -11.08 -51.99
N ALA Q 83 -53.62 -11.08 -53.05
CA ALA Q 83 -53.67 -12.15 -54.03
C ALA Q 83 -53.02 -13.43 -53.54
N GLY Q 84 -52.26 -13.37 -52.45
CA GLY Q 84 -51.62 -14.57 -51.94
C GLY Q 84 -52.60 -15.58 -51.36
N LYS Q 85 -53.62 -15.09 -50.63
CA LYS Q 85 -54.62 -15.97 -50.03
C LYS Q 85 -55.84 -16.14 -50.94
N PHE Q 86 -55.55 -16.52 -52.19
CA PHE Q 86 -56.58 -16.73 -53.19
C PHE Q 86 -56.67 -18.22 -53.52
N GLU Q 87 -57.86 -18.66 -53.92
CA GLU Q 87 -58.08 -20.06 -54.26
C GLU Q 87 -57.73 -20.31 -55.72
N TYR Q 88 -56.58 -20.94 -55.95
CA TYR Q 88 -56.09 -21.27 -57.27
C TYR Q 88 -56.30 -22.75 -57.56
N PHE Q 89 -55.75 -23.20 -58.69
CA PHE Q 89 -55.86 -24.60 -59.05
C PHE Q 89 -54.77 -25.44 -58.40
N ALA Q 90 -53.84 -24.81 -57.69
CA ALA Q 90 -52.73 -25.46 -57.03
C ALA Q 90 -52.33 -24.63 -55.81
N PRO Q 91 -51.74 -25.26 -54.80
CA PRO Q 91 -51.29 -24.49 -53.62
C PRO Q 91 -50.09 -23.62 -53.98
N ALA Q 92 -49.93 -22.56 -53.19
CA ALA Q 92 -48.83 -21.61 -53.43
C ALA Q 92 -47.46 -22.26 -53.23
N SER Q 93 -47.38 -23.29 -52.39
CA SER Q 93 -46.10 -23.95 -52.15
C SER Q 93 -45.60 -24.68 -53.40
N SER Q 94 -46.50 -25.39 -54.08
CA SER Q 94 -46.13 -26.11 -55.30
C SER Q 94 -45.68 -25.14 -56.38
N LEU Q 95 -46.41 -24.04 -56.54
CA LEU Q 95 -46.05 -23.03 -57.52
C LEU Q 95 -44.72 -22.40 -57.17
N PHE Q 96 -44.47 -22.22 -55.86
CA PHE Q 96 -43.22 -21.65 -55.40
C PHE Q 96 -42.05 -22.57 -55.75
N GLY Q 97 -42.23 -23.87 -55.57
CA GLY Q 97 -41.16 -24.81 -55.92
C GLY Q 97 -40.90 -24.83 -57.41
N VAL Q 98 -41.97 -24.84 -58.21
CA VAL Q 98 -41.84 -24.86 -59.67
C VAL Q 98 -41.12 -23.60 -60.16
N GLN Q 99 -41.55 -22.43 -59.69
CA GLN Q 99 -40.90 -21.19 -60.13
C GLN Q 99 -39.47 -21.12 -59.61
N MET Q 100 -39.18 -21.72 -58.45
CA MET Q 100 -37.82 -21.65 -57.95
C MET Q 100 -36.89 -22.47 -58.84
N LEU Q 101 -37.35 -23.63 -59.28
CA LEU Q 101 -36.52 -24.44 -60.18
C LEU Q 101 -36.34 -23.75 -61.54
N LEU Q 102 -37.44 -23.21 -62.10
CA LEU Q 102 -37.34 -22.54 -63.41
C LEU Q 102 -36.46 -21.29 -63.33
N PHE Q 103 -36.65 -20.48 -62.28
CA PHE Q 103 -35.83 -19.30 -62.10
C PHE Q 103 -34.39 -19.67 -61.84
N ALA Q 104 -34.15 -20.80 -61.17
CA ALA Q 104 -32.77 -21.22 -60.94
C ALA Q 104 -32.10 -21.54 -62.25
N TRP Q 105 -32.80 -22.23 -63.15
CA TRP Q 105 -32.24 -22.56 -64.45
C TRP Q 105 -31.91 -21.31 -65.27
N VAL Q 106 -32.89 -20.41 -65.42
CA VAL Q 106 -32.65 -19.21 -66.23
C VAL Q 106 -31.65 -18.27 -65.57
N GLU Q 107 -31.65 -18.18 -64.24
CA GLU Q 107 -30.72 -17.28 -63.56
C GLU Q 107 -29.30 -17.82 -63.64
N ILE Q 108 -29.14 -19.16 -63.60
CA ILE Q 108 -27.80 -19.72 -63.73
C ILE Q 108 -27.31 -19.51 -65.16
N ARG Q 109 -28.21 -19.62 -66.14
CA ARG Q 109 -27.80 -19.37 -67.53
C ARG Q 109 -27.36 -17.92 -67.71
N ARG Q 110 -28.13 -16.99 -67.14
CA ARG Q 110 -27.79 -15.57 -67.22
C ARG Q 110 -26.48 -15.29 -66.51
N TYR Q 111 -26.25 -15.90 -65.35
CA TYR Q 111 -25.01 -15.70 -64.61
C TYR Q 111 -23.82 -16.21 -65.38
N GLN Q 112 -23.99 -17.37 -66.03
CA GLN Q 112 -22.92 -17.94 -66.84
C GLN Q 112 -22.57 -17.03 -68.00
N ASP Q 113 -23.60 -16.45 -68.63
CA ASP Q 113 -23.34 -15.52 -69.73
C ASP Q 113 -22.80 -14.18 -69.20
N PHE Q 114 -23.02 -13.89 -67.91
CA PHE Q 114 -22.54 -12.65 -67.34
C PHE Q 114 -21.06 -12.73 -67.00
N VAL Q 115 -20.62 -13.85 -66.44
CA VAL Q 115 -19.20 -13.99 -66.07
C VAL Q 115 -18.34 -14.17 -67.31
N LYS Q 116 -18.95 -14.59 -68.42
CA LYS Q 116 -18.26 -14.77 -69.69
C LYS Q 116 -19.27 -14.50 -70.79
N PRO Q 117 -19.19 -13.33 -71.44
CA PRO Q 117 -20.15 -13.02 -72.51
C PRO Q 117 -20.00 -13.95 -73.70
N GLY Q 118 -21.15 -14.41 -74.19
CA GLY Q 118 -21.20 -15.32 -75.32
C GLY Q 118 -20.99 -16.78 -74.99
N SER Q 119 -20.72 -17.11 -73.72
CA SER Q 119 -20.50 -18.49 -73.32
C SER Q 119 -21.79 -19.29 -73.16
N ALA Q 120 -22.95 -18.62 -73.17
CA ALA Q 120 -24.23 -19.29 -73.02
C ALA Q 120 -25.20 -18.91 -74.14
N ASN Q 121 -24.70 -18.69 -75.35
CA ASN Q 121 -25.56 -18.33 -76.47
C ASN Q 121 -25.99 -19.53 -77.30
N GLN Q 122 -25.81 -20.74 -76.79
CA GLN Q 122 -26.16 -21.95 -77.52
C GLN Q 122 -27.27 -22.73 -76.84
N ASP Q 123 -28.27 -23.12 -77.62
CA ASP Q 123 -29.39 -23.90 -77.12
C ASP Q 123 -28.89 -25.30 -76.79
N PRO Q 124 -29.02 -25.75 -75.53
CA PRO Q 124 -28.51 -27.09 -75.16
C PRO Q 124 -29.13 -28.26 -75.88
N ILE Q 125 -30.42 -28.21 -76.21
CA ILE Q 125 -31.06 -29.34 -76.89
C ILE Q 125 -30.81 -29.29 -78.39
N PHE Q 126 -31.20 -28.19 -79.02
CA PHE Q 126 -31.02 -28.02 -80.46
C PHE Q 126 -29.77 -27.20 -80.71
N THR Q 127 -28.74 -27.82 -81.26
CA THR Q 127 -27.48 -27.12 -81.52
C THR Q 127 -27.63 -26.05 -82.59
N ASN Q 128 -28.56 -26.22 -83.54
CA ASN Q 128 -28.74 -25.24 -84.60
C ASN Q 128 -29.24 -23.91 -84.06
N ASN Q 129 -30.14 -23.94 -83.07
CA ASN Q 129 -30.66 -22.70 -82.51
C ASN Q 129 -29.59 -22.02 -81.67
N LYS Q 130 -29.41 -20.72 -81.88
CA LYS Q 130 -28.43 -19.96 -81.13
C LYS Q 130 -28.76 -18.48 -81.26
N LEU Q 131 -28.10 -17.69 -80.44
CA LEU Q 131 -28.11 -16.25 -80.28
C LEU Q 131 -26.99 -15.65 -81.11
N PRO Q 132 -27.05 -14.36 -81.48
CA PRO Q 132 -25.95 -13.77 -82.27
C PRO Q 132 -24.67 -13.70 -81.47
N ASP Q 133 -23.54 -13.71 -82.19
CA ASP Q 133 -22.23 -13.66 -81.53
C ASP Q 133 -22.03 -12.35 -80.79
N GLY Q 134 -22.49 -11.24 -81.37
CA GLY Q 134 -22.34 -9.97 -80.70
C GLY Q 134 -23.37 -9.80 -79.62
N ASN Q 135 -22.96 -9.92 -78.37
CA ASN Q 135 -23.88 -9.79 -77.25
C ASN Q 135 -23.12 -9.30 -76.04
N GLU Q 136 -23.84 -8.65 -75.14
CA GLU Q 136 -23.34 -8.09 -73.90
C GLU Q 136 -24.21 -8.55 -72.75
N PRO Q 137 -23.67 -8.59 -71.52
CA PRO Q 137 -24.49 -9.01 -70.37
C PRO Q 137 -25.63 -8.04 -70.12
N GLY Q 138 -26.80 -8.60 -69.84
CA GLY Q 138 -28.00 -7.83 -69.59
C GLY Q 138 -28.80 -7.50 -70.83
N TYR Q 139 -28.22 -7.71 -72.02
CA TYR Q 139 -28.88 -7.43 -73.29
C TYR Q 139 -28.77 -8.69 -74.14
N PRO Q 140 -29.66 -9.67 -73.92
CA PRO Q 140 -29.60 -10.94 -74.66
C PRO Q 140 -29.81 -10.86 -76.18
N GLY Q 141 -30.93 -10.29 -76.62
CA GLY Q 141 -31.16 -10.23 -78.05
C GLY Q 141 -31.53 -11.60 -78.61
N GLY Q 142 -31.43 -11.71 -79.93
CA GLY Q 142 -31.74 -12.98 -80.60
C GLY Q 142 -33.22 -13.31 -80.49
N ILE Q 143 -33.52 -14.46 -79.88
CA ILE Q 143 -34.92 -14.87 -79.72
C ILE Q 143 -35.61 -13.93 -78.74
N PHE Q 144 -34.86 -13.31 -77.84
CA PHE Q 144 -35.41 -12.35 -76.89
C PHE Q 144 -35.87 -11.07 -77.58
N ASP Q 145 -35.47 -10.88 -78.83
CA ASP Q 145 -35.87 -9.74 -79.65
C ASP Q 145 -36.32 -10.30 -81.00
N PRO Q 146 -37.51 -10.92 -81.07
CA PRO Q 146 -37.95 -11.49 -82.34
C PRO Q 146 -38.36 -10.47 -83.38
N PHE Q 147 -38.65 -9.23 -82.98
CA PHE Q 147 -39.07 -8.22 -83.94
C PHE Q 147 -37.92 -7.33 -84.42
N GLY Q 148 -36.70 -7.53 -83.92
CA GLY Q 148 -35.58 -6.72 -84.33
C GLY Q 148 -35.71 -5.25 -83.99
N TRP Q 149 -36.25 -4.93 -82.82
CA TRP Q 149 -36.41 -3.53 -82.43
C TRP Q 149 -35.09 -2.90 -82.02
N SER Q 150 -34.12 -3.70 -81.56
CA SER Q 150 -32.83 -3.18 -81.15
C SER Q 150 -31.94 -2.78 -82.32
N LYS Q 151 -32.33 -3.11 -83.55
CA LYS Q 151 -31.52 -2.77 -84.72
C LYS Q 151 -31.51 -1.27 -85.00
N GLY Q 152 -32.45 -0.51 -84.44
CA GLY Q 152 -32.50 0.91 -84.66
C GLY Q 152 -31.66 1.70 -83.68
N ASP Q 153 -32.20 2.82 -83.19
CA ASP Q 153 -31.49 3.66 -82.23
C ASP Q 153 -31.48 2.93 -80.90
N ILE Q 154 -30.45 2.11 -80.69
CA ILE Q 154 -30.33 1.34 -79.46
C ILE Q 154 -30.04 2.23 -78.25
N LYS Q 155 -29.30 3.32 -78.43
CA LYS Q 155 -28.96 4.20 -77.32
C LYS Q 155 -30.20 4.88 -76.74
N SER Q 156 -31.06 5.43 -77.61
CA SER Q 156 -32.27 6.08 -77.13
C SER Q 156 -33.21 5.05 -76.52
N LEU Q 157 -33.30 3.87 -77.12
CA LEU Q 157 -34.16 2.81 -76.59
C LEU Q 157 -33.64 2.32 -75.23
N LYS Q 158 -32.31 2.21 -75.09
CA LYS Q 158 -31.74 1.80 -73.81
C LYS Q 158 -31.98 2.87 -72.76
N LEU Q 159 -31.93 4.14 -73.16
CA LEU Q 159 -32.20 5.23 -72.22
C LEU Q 159 -33.65 5.18 -71.77
N LYS Q 160 -34.56 4.87 -72.70
CA LYS Q 160 -35.97 4.74 -72.36
C LYS Q 160 -36.17 3.60 -71.38
N GLU Q 161 -35.47 2.48 -71.62
CA GLU Q 161 -35.59 1.31 -70.75
C GLU Q 161 -35.13 1.60 -69.34
N ILE Q 162 -33.96 2.22 -69.18
CA ILE Q 162 -33.45 2.50 -67.84
C ILE Q 162 -34.30 3.56 -67.13
N LYS Q 163 -34.79 4.58 -67.86
CA LYS Q 163 -35.60 5.61 -67.23
C LYS Q 163 -36.94 5.03 -66.77
N ASN Q 164 -37.56 4.19 -67.62
CA ASN Q 164 -38.82 3.55 -67.24
C ASN Q 164 -38.60 2.60 -66.07
N GLY Q 165 -37.44 1.95 -66.04
CA GLY Q 165 -37.14 1.06 -64.93
C GLY Q 165 -36.99 1.80 -63.62
N ARG Q 166 -36.31 2.94 -63.64
CA ARG Q 166 -36.16 3.73 -62.42
C ARG Q 166 -37.51 4.24 -61.94
N LEU Q 167 -38.34 4.70 -62.88
CA LEU Q 167 -39.67 5.19 -62.53
C LEU Q 167 -40.52 4.07 -61.95
N ALA Q 168 -40.43 2.86 -62.52
CA ALA Q 168 -41.20 1.75 -62.00
C ALA Q 168 -40.70 1.30 -60.64
N MET Q 169 -39.38 1.37 -60.40
CA MET Q 169 -38.84 0.99 -59.10
C MET Q 169 -39.35 1.94 -58.02
N LEU Q 170 -39.34 3.24 -58.33
CA LEU Q 170 -39.86 4.22 -57.38
C LEU Q 170 -41.35 4.02 -57.16
N ALA Q 171 -42.08 3.69 -58.24
CA ALA Q 171 -43.51 3.46 -58.13
C ALA Q 171 -43.81 2.24 -57.25
N PHE Q 172 -43.01 1.18 -57.38
CA PHE Q 172 -43.24 -0.01 -56.56
C PHE Q 172 -42.92 0.28 -55.10
N ALA Q 173 -41.88 1.08 -54.85
CA ALA Q 173 -41.57 1.45 -53.48
C ALA Q 173 -42.73 2.27 -52.91
N GLY Q 174 -43.31 3.14 -53.75
CA GLY Q 174 -44.46 3.91 -53.32
C GLY Q 174 -45.67 3.04 -53.07
N PHE Q 175 -45.81 1.97 -53.84
CA PHE Q 175 -46.92 1.04 -53.64
C PHE Q 175 -46.81 0.39 -52.27
N ILE Q 176 -45.58 -0.01 -51.90
CA ILE Q 176 -45.34 -0.62 -50.60
C ILE Q 176 -45.61 0.38 -49.48
N GLY Q 177 -45.13 1.61 -49.65
CA GLY Q 177 -45.33 2.65 -48.64
C GLY Q 177 -46.80 3.00 -48.45
N GLN Q 178 -47.53 3.13 -49.57
CA GLN Q 178 -48.94 3.45 -49.48
C GLN Q 178 -49.74 2.30 -48.88
N ALA Q 179 -49.34 1.07 -49.18
CA ALA Q 179 -50.04 -0.08 -48.60
C ALA Q 179 -49.78 -0.18 -47.10
N TYR Q 180 -48.57 0.16 -46.66
CA TYR Q 180 -48.27 0.08 -45.23
C TYR Q 180 -48.86 1.24 -44.45
N THR Q 181 -49.03 2.41 -45.07
CA THR Q 181 -49.59 3.55 -44.34
C THR Q 181 -51.10 3.67 -44.48
N THR Q 182 -51.59 3.84 -45.71
CA THR Q 182 -53.03 3.99 -45.93
C THR Q 182 -53.78 2.68 -45.73
N GLY Q 183 -53.18 1.55 -46.11
CA GLY Q 183 -53.86 0.28 -46.00
C GLY Q 183 -54.95 0.15 -47.03
N THR Q 184 -54.70 0.62 -48.24
CA THR Q 184 -55.68 0.57 -49.33
C THR Q 184 -54.90 0.42 -50.63
N THR Q 185 -55.58 0.02 -51.70
CA THR Q 185 -54.96 -0.17 -53.00
C THR Q 185 -54.45 1.17 -53.56
N PRO Q 186 -53.46 1.14 -54.46
CA PRO Q 186 -52.92 2.41 -55.01
C PRO Q 186 -53.88 3.25 -55.83
N LEU Q 187 -54.69 2.63 -56.70
CA LEU Q 187 -55.62 3.42 -57.52
C LEU Q 187 -56.67 4.12 -56.67
N LYS Q 188 -57.01 3.51 -55.52
CA LYS Q 188 -57.95 4.16 -54.61
C LYS Q 188 -57.33 5.42 -54.03
N ASN Q 189 -56.03 5.35 -53.70
CA ASN Q 189 -55.33 6.53 -53.20
C ASN Q 189 -55.22 7.58 -54.28
N LEU Q 190 -55.04 7.15 -55.54
CA LEU Q 190 -54.96 8.08 -56.66
C LEU Q 190 -56.27 8.82 -56.85
N SER Q 191 -57.40 8.10 -56.76
CA SER Q 191 -58.70 8.73 -56.90
C SER Q 191 -58.99 9.63 -55.71
N THR Q 192 -58.56 9.22 -54.51
CA THR Q 192 -58.76 10.03 -53.31
C THR Q 192 -57.99 11.34 -53.43
N HIS Q 193 -56.78 11.28 -53.99
CA HIS Q 193 -56.00 12.50 -54.17
C HIS Q 193 -56.54 13.34 -55.31
N LEU Q 194 -57.16 12.70 -56.30
CA LEU Q 194 -57.72 13.44 -57.43
C LEU Q 194 -59.01 14.17 -57.08
N ALA Q 195 -59.77 13.66 -56.10
CA ALA Q 195 -61.02 14.32 -55.71
C ALA Q 195 -60.74 15.69 -55.09
N ASP Q 196 -59.75 15.78 -54.20
CA ASP Q 196 -59.41 17.04 -53.57
C ASP Q 196 -57.92 17.01 -53.24
N PRO Q 197 -57.06 17.48 -54.14
CA PRO Q 197 -55.61 17.42 -53.88
C PRO Q 197 -55.10 18.32 -52.75
N TRP Q 198 -55.85 19.33 -52.33
CA TRP Q 198 -55.34 20.21 -51.29
C TRP Q 198 -55.41 19.57 -49.89
N SER Q 199 -56.39 18.72 -49.64
CA SER Q 199 -56.53 18.10 -48.33
C SER Q 199 -56.14 16.63 -48.31
N THR Q 200 -55.77 16.04 -49.44
CA THR Q 200 -55.37 14.64 -49.53
C THR Q 200 -53.89 14.63 -49.89
N THR Q 201 -53.04 14.79 -48.88
CA THR Q 201 -51.59 14.82 -49.04
C THR Q 201 -50.97 13.92 -48.00
N VAL Q 202 -49.71 13.54 -48.23
CA VAL Q 202 -48.99 12.66 -47.32
C VAL Q 202 -48.82 13.32 -45.95
N TRP Q 203 -48.61 14.65 -45.93
CA TRP Q 203 -48.45 15.35 -44.66
C TRP Q 203 -49.75 15.33 -43.86
N GLN Q 204 -50.88 15.59 -44.52
CA GLN Q 204 -52.18 15.60 -43.85
C GLN Q 204 -52.55 14.20 -43.35
N ASN Q 205 -52.35 13.19 -44.19
CA ASN Q 205 -52.68 11.82 -43.80
C ASN Q 205 -51.82 11.35 -42.64
N ASP Q 206 -50.53 11.71 -42.64
CA ASP Q 206 -49.68 11.28 -41.53
C ASP Q 206 -49.91 12.11 -40.28
N LEU Q 207 -50.34 13.37 -40.43
CA LEU Q 207 -50.60 14.19 -39.26
C LEU Q 207 -51.90 13.78 -38.58
N ALA Q 208 -52.87 13.30 -39.36
CA ALA Q 208 -54.13 12.86 -38.79
C ALA Q 208 -53.97 11.60 -37.96
N ARG Q 209 -53.04 10.71 -38.35
CA ARG Q 209 -52.79 9.47 -37.63
C ARG Q 209 -51.78 9.62 -36.50
N LEU Q 210 -51.16 10.78 -36.34
CA LEU Q 210 -50.20 11.00 -35.28
C LEU Q 210 -50.90 11.14 -33.93
N ASP R 1 7.00 87.14 -18.61
CA ASP R 1 6.29 85.87 -18.59
C ASP R 1 4.93 86.01 -17.92
N ARG R 2 4.05 85.05 -18.19
CA ARG R 2 2.72 85.07 -17.62
C ARG R 2 2.77 84.77 -16.14
N LYS R 3 1.70 85.14 -15.44
CA LYS R 3 1.60 84.92 -14.01
C LYS R 3 1.04 83.54 -13.73
N LEU R 4 1.72 82.78 -12.88
CA LEU R 4 1.30 81.43 -12.52
C LEU R 4 0.29 81.49 -11.38
N TRP R 5 -0.30 80.33 -11.08
CA TRP R 5 -1.29 80.24 -10.03
C TRP R 5 -0.69 80.29 -8.63
N ALA R 6 0.58 79.92 -8.44
CA ALA R 6 1.16 79.98 -7.11
C ALA R 6 2.48 80.71 -7.18
N PRO R 7 2.80 81.55 -6.19
CA PRO R 7 4.08 82.26 -6.21
C PRO R 7 5.22 81.33 -5.84
N GLY R 8 6.17 81.18 -6.75
CA GLY R 8 7.32 80.32 -6.53
C GLY R 8 7.27 78.97 -7.19
N VAL R 9 6.10 78.54 -7.67
CA VAL R 9 5.99 77.24 -8.31
C VAL R 9 6.49 77.34 -9.75
N VAL R 10 6.83 76.19 -10.34
CA VAL R 10 7.33 76.12 -11.70
C VAL R 10 6.27 75.45 -12.56
N ALA R 11 5.87 76.12 -13.64
CA ALA R 11 4.84 75.61 -14.54
C ALA R 11 5.33 74.36 -15.27
N PRO R 12 4.41 73.49 -15.70
CA PRO R 12 4.81 72.29 -16.43
C PRO R 12 5.40 72.63 -17.79
N GLU R 13 6.19 71.70 -18.31
CA GLU R 13 6.83 71.91 -19.61
C GLU R 13 5.81 71.91 -20.73
N TYR R 14 4.69 71.21 -20.55
CA TYR R 14 3.68 71.18 -21.60
C TYR R 14 2.73 72.37 -21.54
N LEU R 15 2.91 73.28 -20.57
CA LEU R 15 2.07 74.47 -20.42
C LEU R 15 2.98 75.69 -20.58
N LYS R 16 3.19 76.09 -21.82
CA LYS R 16 4.04 77.23 -22.14
C LYS R 16 3.26 78.53 -22.28
N GLY R 17 1.93 78.46 -22.31
CA GLY R 17 1.12 79.64 -22.45
C GLY R 17 0.46 79.81 -23.81
N ASP R 18 0.46 78.77 -24.65
CA ASP R 18 -0.16 78.88 -25.96
C ASP R 18 -1.68 78.97 -25.86
N LEU R 19 -2.30 78.10 -25.07
CA LEU R 19 -3.74 78.14 -24.90
C LEU R 19 -4.16 79.27 -23.97
N ALA R 20 -5.40 79.70 -24.10
CA ALA R 20 -5.92 80.77 -23.27
C ALA R 20 -6.15 80.31 -21.84
N GLY R 21 -5.92 81.22 -20.89
CA GLY R 21 -6.11 80.93 -19.47
C GLY R 21 -5.15 79.91 -18.91
N ASP R 22 -3.92 79.85 -19.42
CA ASP R 22 -2.93 78.90 -18.95
C ASP R 22 -2.16 79.49 -17.78
N TYR R 23 -2.52 79.08 -16.56
CA TYR R 23 -1.86 79.54 -15.35
C TYR R 23 -0.79 78.57 -14.89
N GLY R 24 -0.48 77.55 -15.69
CA GLY R 24 0.51 76.56 -15.29
C GLY R 24 0.00 75.73 -14.14
N TRP R 25 -1.28 75.41 -14.14
CA TRP R 25 -1.91 74.65 -13.08
C TRP R 25 -2.32 73.26 -13.58
N ASP R 26 -1.61 72.25 -13.10
CA ASP R 26 -1.90 70.86 -13.43
C ASP R 26 -1.29 69.96 -12.37
N PRO R 27 -1.82 69.95 -11.14
CA PRO R 27 -1.23 69.09 -10.09
C PRO R 27 -1.29 67.61 -10.38
N LEU R 28 -2.27 67.15 -11.15
CA LEU R 28 -2.37 65.72 -11.46
C LEU R 28 -1.63 65.33 -12.73
N GLY R 29 -1.13 66.29 -13.50
CA GLY R 29 -0.42 65.96 -14.73
C GLY R 29 -1.29 65.30 -15.77
N LEU R 30 -2.57 65.65 -15.83
CA LEU R 30 -3.47 65.06 -16.80
C LEU R 30 -3.24 65.57 -18.21
N GLY R 31 -2.41 66.61 -18.37
CA GLY R 31 -2.10 67.17 -19.66
C GLY R 31 -0.81 66.67 -20.27
N ALA R 32 -0.24 65.57 -19.75
CA ALA R 32 1.00 65.04 -20.31
C ALA R 32 0.78 64.48 -21.71
N ASP R 33 -0.34 63.82 -21.94
CA ASP R 33 -0.63 63.28 -23.25
C ASP R 33 -1.23 64.37 -24.12
N PRO R 34 -0.65 64.68 -25.29
CA PRO R 34 -1.23 65.75 -26.14
C PRO R 34 -2.64 65.46 -26.60
N THR R 35 -2.93 64.19 -26.93
CA THR R 35 -4.29 63.84 -27.35
C THR R 35 -5.26 64.05 -26.19
N ALA R 36 -4.87 63.62 -25.00
CA ALA R 36 -5.70 63.80 -23.81
C ALA R 36 -5.83 65.28 -23.48
N LEU R 37 -4.78 66.06 -23.72
CA LEU R 37 -4.84 67.49 -23.46
C LEU R 37 -5.84 68.18 -24.37
N LYS R 38 -5.85 67.81 -25.66
CA LYS R 38 -6.80 68.40 -26.60
C LYS R 38 -8.23 68.00 -26.25
N TRP R 39 -8.43 66.73 -25.84
CA TRP R 39 -9.75 66.28 -25.45
C TRP R 39 -10.23 66.99 -24.20
N TYR R 40 -9.34 67.19 -23.24
CA TYR R 40 -9.70 67.88 -22.01
C TYR R 40 -9.96 69.35 -22.29
N ARG R 41 -9.29 69.93 -23.29
CA ARG R 41 -9.55 71.32 -23.62
C ARG R 41 -10.95 71.47 -24.20
N GLN R 42 -11.35 70.51 -25.06
CA GLN R 42 -12.70 70.54 -25.61
C GLN R 42 -13.73 70.35 -24.50
N SER R 43 -13.44 69.43 -23.56
CA SER R 43 -14.34 69.16 -22.45
C SER R 43 -14.47 70.39 -21.55
N GLU R 44 -13.37 71.10 -21.31
CA GLU R 44 -13.40 72.30 -20.49
C GLU R 44 -14.18 73.40 -21.19
N LEU R 45 -14.05 73.50 -22.52
CA LEU R 45 -14.79 74.51 -23.26
C LEU R 45 -16.29 74.23 -23.18
N GLN R 46 -16.68 72.96 -23.33
CA GLN R 46 -18.09 72.59 -23.24
C GLN R 46 -18.63 72.86 -21.84
N HIS R 47 -17.84 72.51 -20.81
CA HIS R 47 -18.26 72.75 -19.44
C HIS R 47 -18.40 74.24 -19.15
N ALA R 48 -17.46 75.04 -19.64
CA ALA R 48 -17.48 76.48 -19.41
C ALA R 48 -18.69 77.13 -20.05
N ARG R 49 -18.96 76.80 -21.33
CA ARG R 49 -20.10 77.40 -22.02
C ARG R 49 -21.42 76.96 -21.40
N TRP R 50 -21.55 75.66 -21.09
CA TRP R 50 -22.79 75.17 -20.50
C TRP R 50 -23.01 75.77 -19.11
N ALA R 51 -21.93 75.95 -18.34
CA ALA R 51 -22.07 76.54 -17.02
C ALA R 51 -22.47 78.00 -17.10
N MET R 52 -21.90 78.73 -18.06
CA MET R 52 -22.28 80.14 -18.20
C MET R 52 -23.75 80.26 -18.57
N LEU R 53 -24.20 79.40 -19.49
CA LEU R 53 -25.61 79.39 -19.88
C LEU R 53 -26.50 79.05 -18.69
N GLY R 54 -26.10 78.05 -17.89
CA GLY R 54 -26.89 77.66 -16.74
C GLY R 54 -26.97 78.73 -15.66
N VAL R 55 -25.84 79.38 -15.36
CA VAL R 55 -25.81 80.43 -14.35
C VAL R 55 -26.67 81.61 -14.79
N ALA R 56 -26.54 82.02 -16.05
CA ALA R 56 -27.35 83.13 -16.55
C ALA R 56 -28.82 82.75 -16.56
N GLY R 57 -29.13 81.49 -16.88
CA GLY R 57 -30.51 81.05 -16.90
C GLY R 57 -31.13 81.05 -15.51
N VAL R 58 -30.38 80.58 -14.52
CA VAL R 58 -30.89 80.55 -13.15
C VAL R 58 -31.14 81.97 -12.65
N LEU R 59 -30.18 82.88 -12.89
CA LEU R 59 -30.32 84.25 -12.42
C LEU R 59 -31.48 84.97 -13.09
N VAL R 60 -31.59 84.86 -14.42
CA VAL R 60 -32.68 85.52 -15.13
C VAL R 60 -34.02 84.90 -14.74
N GLN R 61 -34.05 83.58 -14.52
CA GLN R 61 -35.29 82.93 -14.12
C GLN R 61 -35.72 83.38 -12.74
N GLU R 62 -34.76 83.56 -11.82
CA GLU R 62 -35.12 84.01 -10.48
C GLU R 62 -35.56 85.46 -10.50
N ILE R 63 -35.05 86.25 -11.44
CA ILE R 63 -35.45 87.65 -11.51
C ILE R 63 -36.85 87.78 -12.13
N VAL R 64 -37.06 87.17 -13.30
CA VAL R 64 -38.34 87.25 -13.99
C VAL R 64 -39.43 86.44 -13.29
N LYS R 65 -39.11 85.24 -12.80
CA LYS R 65 -40.06 84.36 -12.10
C LYS R 65 -39.52 84.08 -10.70
N PRO R 66 -39.76 84.97 -9.74
CA PRO R 66 -39.25 84.73 -8.39
C PRO R 66 -40.01 83.68 -7.60
N ASP R 67 -41.17 83.23 -8.06
CA ASP R 67 -41.92 82.24 -7.29
C ASP R 67 -41.70 80.81 -7.77
N VAL R 68 -40.88 80.58 -8.77
CA VAL R 68 -40.61 79.24 -9.29
C VAL R 68 -39.21 78.82 -8.88
N TYR R 69 -39.12 77.69 -8.19
CA TYR R 69 -37.85 77.16 -7.72
C TYR R 69 -37.09 76.55 -8.90
N PHE R 70 -35.84 76.97 -9.09
CA PHE R 70 -35.05 76.46 -10.20
C PHE R 70 -34.69 74.98 -10.02
N TYR R 71 -34.60 74.52 -8.76
CA TYR R 71 -34.29 73.12 -8.51
C TYR R 71 -35.44 72.22 -8.95
N GLU R 72 -36.67 72.60 -8.61
CA GLU R 72 -37.86 71.85 -8.96
C GLU R 72 -38.50 72.34 -10.26
N ALA R 73 -37.78 73.15 -11.04
CA ALA R 73 -38.33 73.65 -12.30
C ALA R 73 -38.41 72.59 -13.37
N GLY R 74 -37.75 71.45 -13.17
CA GLY R 74 -37.80 70.38 -14.14
C GLY R 74 -39.05 69.53 -14.11
N LEU R 75 -39.91 69.75 -13.13
CA LEU R 75 -41.15 68.99 -13.03
C LEU R 75 -42.14 69.42 -14.10
N PRO R 76 -43.00 68.52 -14.58
CA PRO R 76 -43.97 68.93 -15.60
C PRO R 76 -45.08 69.81 -15.06
N GLN R 77 -45.28 69.82 -13.74
CA GLN R 77 -46.32 70.66 -13.16
C GLN R 77 -45.86 72.09 -12.97
N ASN R 78 -44.56 72.35 -13.16
CA ASN R 78 -43.99 73.69 -13.04
C ASN R 78 -43.66 74.31 -14.39
N LEU R 79 -43.94 73.61 -15.48
CA LEU R 79 -43.65 74.16 -16.80
C LEU R 79 -44.66 75.25 -17.16
N PRO R 80 -44.22 76.30 -17.85
CA PRO R 80 -45.14 77.37 -18.22
C PRO R 80 -46.03 76.94 -19.39
N GLU R 81 -47.07 77.74 -19.61
CA GLU R 81 -47.97 77.47 -20.72
C GLU R 81 -47.27 77.76 -22.04
N PRO R 82 -47.56 77.01 -23.11
CA PRO R 82 -48.51 75.90 -23.18
C PRO R 82 -47.83 74.55 -23.03
N PHE R 83 -46.79 74.50 -22.19
CA PHE R 83 -46.05 73.26 -21.97
C PHE R 83 -46.34 72.63 -20.62
N THR R 84 -47.39 73.04 -19.92
CA THR R 84 -47.69 72.45 -18.62
C THR R 84 -48.25 71.05 -18.77
N ASN R 85 -47.85 70.16 -17.86
CA ASN R 85 -48.29 68.77 -17.81
C ASN R 85 -48.08 68.06 -19.15
N ILE R 86 -47.00 68.39 -19.81
CA ILE R 86 -46.67 67.82 -21.10
C ILE R 86 -45.99 66.47 -20.87
N ASN R 87 -46.09 65.58 -21.85
CA ASN R 87 -45.46 64.27 -21.73
C ASN R 87 -43.95 64.44 -21.81
N MET R 88 -43.26 64.05 -20.74
CA MET R 88 -41.81 64.17 -20.70
C MET R 88 -41.10 63.21 -21.65
N GLY R 89 -41.79 62.14 -22.08
CA GLY R 89 -41.16 61.21 -23.02
C GLY R 89 -40.86 61.84 -24.36
N GLY R 90 -41.83 62.57 -24.91
CA GLY R 90 -41.62 63.23 -26.19
C GLY R 90 -40.59 64.34 -26.07
N LEU R 91 -40.57 65.02 -24.92
CA LEU R 91 -39.60 66.07 -24.66
C LEU R 91 -38.19 65.48 -24.65
N LEU R 92 -38.03 64.33 -23.99
CA LEU R 92 -36.75 63.66 -23.94
C LEU R 92 -36.35 63.16 -25.32
N ALA R 93 -37.33 62.73 -26.12
CA ALA R 93 -37.04 62.28 -27.48
C ALA R 93 -36.52 63.42 -28.34
N TRP R 94 -37.14 64.60 -28.20
CA TRP R 94 -36.71 65.78 -28.95
C TRP R 94 -35.28 66.14 -28.59
N GLU R 95 -35.01 66.25 -27.28
CA GLU R 95 -33.67 66.61 -26.82
C GLU R 95 -32.64 65.57 -27.22
N PHE R 96 -32.99 64.29 -27.14
CA PHE R 96 -32.06 63.23 -27.49
C PHE R 96 -31.69 63.29 -28.97
N ILE R 97 -32.68 63.44 -29.84
CA ILE R 97 -32.41 63.47 -31.28
C ILE R 97 -31.56 64.68 -31.67
N LEU R 98 -31.98 65.88 -31.25
CA LEU R 98 -31.25 67.09 -31.63
C LEU R 98 -29.85 67.13 -31.02
N MET R 99 -29.74 66.85 -29.71
CA MET R 99 -28.44 66.86 -29.06
C MET R 99 -27.54 65.79 -29.62
N HIS R 100 -28.09 64.61 -29.95
CA HIS R 100 -27.28 63.54 -30.52
C HIS R 100 -26.72 63.95 -31.87
N TRP R 101 -27.52 64.61 -32.70
CA TRP R 101 -27.04 65.06 -34.00
C TRP R 101 -25.90 66.07 -33.86
N VAL R 102 -26.12 67.13 -33.08
CA VAL R 102 -25.09 68.18 -32.97
C VAL R 102 -23.85 67.65 -32.26
N GLU R 103 -24.01 66.78 -31.26
CA GLU R 103 -22.85 66.27 -30.56
C GLU R 103 -22.07 65.30 -31.43
N VAL R 104 -22.73 64.57 -32.32
CA VAL R 104 -21.99 63.69 -33.22
C VAL R 104 -21.21 64.53 -34.22
N ARG R 105 -21.80 65.65 -34.67
CA ARG R 105 -21.07 66.53 -35.58
C ARG R 105 -19.85 67.13 -34.89
N ARG R 106 -20.01 67.57 -33.63
CA ARG R 106 -18.90 68.14 -32.89
C ARG R 106 -17.81 67.10 -32.61
N TRP R 107 -18.22 65.87 -32.30
CA TRP R 107 -17.26 64.80 -32.04
C TRP R 107 -16.48 64.47 -33.30
N GLN R 108 -17.17 64.46 -34.44
CA GLN R 108 -16.50 64.18 -35.71
C GLN R 108 -15.53 65.30 -36.03
N ASP R 109 -15.87 66.53 -35.64
CA ASP R 109 -14.96 67.65 -35.85
C ASP R 109 -13.72 67.49 -35.00
N TYR R 110 -13.89 66.93 -33.79
CA TYR R 110 -12.73 66.72 -32.93
C TYR R 110 -11.84 65.60 -33.47
N LYS R 111 -12.44 64.48 -33.87
CA LYS R 111 -11.67 63.36 -34.40
C LYS R 111 -10.96 63.73 -35.70
N ASN R 112 -11.70 64.27 -36.66
CA ASN R 112 -11.14 64.70 -37.94
C ASN R 112 -11.39 66.19 -38.03
N PHE R 113 -10.34 66.98 -37.81
CA PHE R 113 -10.46 68.43 -37.86
C PHE R 113 -10.73 68.93 -39.27
N GLY R 114 -11.67 69.86 -39.38
CA GLY R 114 -12.04 70.46 -40.66
C GLY R 114 -12.63 69.48 -41.66
N SER R 115 -13.45 68.54 -41.20
CA SER R 115 -14.06 67.56 -42.08
C SER R 115 -15.58 67.61 -42.09
N VAL R 116 -16.21 68.40 -41.23
CA VAL R 116 -17.66 68.49 -41.19
C VAL R 116 -18.10 69.95 -41.23
N ASN R 117 -17.24 70.82 -41.75
CA ASN R 117 -17.57 72.24 -41.82
C ASN R 117 -18.69 72.51 -42.82
N GLU R 118 -18.72 71.77 -43.92
CA GLU R 118 -19.73 71.99 -44.94
C GLU R 118 -21.10 71.44 -44.53
N ASP R 119 -22.13 72.17 -44.93
CA ASP R 119 -23.51 71.79 -44.67
C ASP R 119 -23.82 70.59 -45.54
N PRO R 120 -24.25 69.46 -44.97
CA PRO R 120 -24.52 68.26 -45.80
C PRO R 120 -25.70 68.39 -46.75
N ILE R 121 -26.59 69.35 -46.55
CA ILE R 121 -27.76 69.48 -47.43
C ILE R 121 -27.52 70.57 -48.46
N PHE R 122 -27.22 71.79 -47.99
CA PHE R 122 -26.99 72.92 -48.88
C PHE R 122 -25.48 73.11 -49.04
N LYS R 123 -24.96 72.73 -50.19
CA LYS R 123 -23.53 72.86 -50.45
C LYS R 123 -23.13 74.33 -50.56
N GLY R 124 -21.93 74.63 -50.08
CA GLY R 124 -21.39 75.96 -50.09
C GLY R 124 -21.51 76.68 -48.77
N ASN R 125 -22.30 76.16 -47.83
CA ASN R 125 -22.49 76.77 -46.52
C ASN R 125 -21.54 76.10 -45.54
N LYS R 126 -20.34 76.66 -45.40
CA LYS R 126 -19.32 76.14 -44.52
C LYS R 126 -18.96 77.16 -43.46
N VAL R 127 -18.17 76.72 -42.48
CA VAL R 127 -17.72 77.57 -41.38
C VAL R 127 -16.20 77.65 -41.48
N PRO R 128 -15.58 78.78 -41.09
CA PRO R 128 -14.11 78.86 -41.19
C PRO R 128 -13.37 77.88 -40.30
N ASN R 129 -13.78 77.79 -39.03
CA ASN R 129 -13.18 76.89 -38.04
C ASN R 129 -11.66 77.03 -37.92
N PRO R 130 -11.18 78.12 -37.31
CA PRO R 130 -9.72 78.25 -37.17
C PRO R 130 -9.10 77.23 -36.23
N GLU R 131 -9.65 77.05 -35.03
CA GLU R 131 -9.12 76.10 -34.08
C GLU R 131 -10.22 75.12 -33.68
N MET R 132 -9.83 74.12 -32.88
CA MET R 132 -10.79 73.13 -32.42
C MET R 132 -11.66 73.73 -31.32
N GLY R 133 -12.96 73.49 -31.39
CA GLY R 133 -13.88 74.05 -30.43
C GLY R 133 -14.25 75.48 -30.70
N TYR R 134 -13.80 76.03 -31.82
CA TYR R 134 -14.07 77.40 -32.22
C TYR R 134 -14.53 77.39 -33.67
N PRO R 135 -15.77 76.98 -33.94
CA PRO R 135 -16.23 76.93 -35.35
C PRO R 135 -16.43 78.28 -36.00
N GLY R 136 -17.19 79.19 -35.38
CA GLY R 136 -17.40 80.48 -36.01
C GLY R 136 -18.37 80.40 -37.18
N GLY R 137 -18.33 81.42 -38.03
CA GLY R 137 -19.22 81.47 -39.18
C GLY R 137 -20.67 81.69 -38.80
N ILE R 138 -21.49 80.64 -38.93
CA ILE R 138 -22.90 80.76 -38.56
C ILE R 138 -23.02 80.88 -37.04
N PHE R 139 -22.08 80.30 -36.30
CA PHE R 139 -22.08 80.35 -34.85
C PHE R 139 -21.65 81.70 -34.31
N ASP R 140 -20.95 82.49 -35.11
CA ASP R 140 -20.52 83.84 -34.75
C ASP R 140 -20.91 84.76 -35.89
N PRO R 141 -22.20 85.07 -36.02
CA PRO R 141 -22.63 85.94 -37.13
C PRO R 141 -22.23 87.38 -36.95
N PHE R 142 -22.00 87.84 -35.72
CA PHE R 142 -21.63 89.23 -35.53
C PHE R 142 -20.18 89.52 -35.94
N GLY R 143 -19.37 88.48 -36.14
CA GLY R 143 -17.98 88.64 -36.56
C GLY R 143 -17.07 89.37 -35.60
N PHE R 144 -17.05 88.95 -34.34
CA PHE R 144 -16.19 89.59 -33.35
C PHE R 144 -14.83 88.92 -33.24
N SER R 145 -14.56 87.91 -34.07
CA SER R 145 -13.30 87.18 -34.08
C SER R 145 -12.23 87.82 -34.96
N LYS R 146 -12.57 88.86 -35.71
CA LYS R 146 -11.59 89.50 -36.59
C LYS R 146 -10.76 90.54 -35.84
N GLY R 147 -10.15 90.14 -34.72
CA GLY R 147 -9.34 91.04 -33.93
C GLY R 147 -8.46 90.30 -32.94
N ASN R 148 -8.38 90.81 -31.71
CA ASN R 148 -7.59 90.18 -30.65
C ASN R 148 -8.39 89.01 -30.11
N LEU R 149 -8.11 87.82 -30.63
CA LEU R 149 -8.84 86.63 -30.20
C LEU R 149 -8.22 85.99 -28.96
N LYS R 150 -6.94 86.28 -28.68
CA LYS R 150 -6.28 85.69 -27.52
C LYS R 150 -6.89 86.19 -26.21
N GLU R 151 -7.03 87.52 -26.07
CA GLU R 151 -7.60 88.05 -24.84
C GLU R 151 -9.09 87.71 -24.75
N LEU R 152 -9.77 87.62 -25.89
CA LEU R 152 -11.18 87.28 -25.87
C LEU R 152 -11.38 85.84 -25.43
N GLN R 153 -10.53 84.92 -25.91
CA GLN R 153 -10.62 83.53 -25.49
C GLN R 153 -10.23 83.37 -24.03
N THR R 154 -9.28 84.21 -23.58
CA THR R 154 -8.87 84.18 -22.18
C THR R 154 -10.03 84.61 -21.28
N LYS R 155 -10.73 85.67 -21.68
CA LYS R 155 -11.88 86.14 -20.93
C LYS R 155 -12.98 85.09 -20.93
N GLU R 156 -13.16 84.41 -22.07
CA GLU R 156 -14.19 83.38 -22.17
C GLU R 156 -13.92 82.22 -21.23
N ILE R 157 -12.68 81.72 -21.22
CA ILE R 157 -12.36 80.58 -20.37
C ILE R 157 -12.39 80.98 -18.88
N LYS R 158 -11.96 82.20 -18.55
CA LYS R 158 -11.99 82.61 -17.15
C LYS R 158 -13.42 82.80 -16.66
N ASN R 159 -14.27 83.41 -17.50
CA ASN R 159 -15.67 83.58 -17.13
C ASN R 159 -16.35 82.24 -17.01
N GLY R 160 -15.98 81.29 -17.87
CA GLY R 160 -16.55 79.96 -17.80
C GLY R 160 -16.17 79.23 -16.54
N ARG R 161 -14.90 79.37 -16.11
CA ARG R 161 -14.47 78.73 -14.88
C ARG R 161 -15.21 79.31 -13.68
N LEU R 162 -15.36 80.64 -13.66
CA LEU R 162 -16.08 81.29 -12.58
C LEU R 162 -17.54 80.84 -12.58
N ALA R 163 -18.12 80.65 -13.76
CA ALA R 163 -19.49 80.20 -13.84
C ALA R 163 -19.63 78.74 -13.40
N MET R 164 -18.61 77.91 -13.64
CA MET R 164 -18.66 76.52 -13.18
C MET R 164 -18.71 76.48 -11.67
N ILE R 165 -17.84 77.28 -11.04
CA ILE R 165 -17.81 77.37 -9.58
C ILE R 165 -19.13 77.93 -9.07
N ALA R 166 -19.68 78.93 -9.77
CA ALA R 166 -20.93 79.54 -9.38
C ALA R 166 -22.11 78.58 -9.47
N TYR R 167 -22.19 77.78 -10.54
CA TYR R 167 -23.31 76.86 -10.65
C TYR R 167 -23.21 75.75 -9.62
N MET R 168 -21.99 75.29 -9.30
CA MET R 168 -21.90 74.27 -8.26
C MET R 168 -22.27 74.87 -6.90
N ALA R 169 -21.95 76.16 -6.71
CA ALA R 169 -22.34 76.84 -5.48
C ALA R 169 -23.85 76.96 -5.41
N PHE R 170 -24.48 77.19 -6.57
CA PHE R 170 -25.94 77.28 -6.62
C PHE R 170 -26.57 75.95 -6.23
N ILE R 171 -26.00 74.86 -6.76
CA ILE R 171 -26.51 73.52 -6.47
C ILE R 171 -26.38 73.20 -4.99
N LEU R 172 -25.22 73.46 -4.40
CA LEU R 172 -25.04 73.16 -2.98
C LEU R 172 -25.87 74.09 -2.09
N GLN R 173 -26.06 75.34 -2.51
CA GLN R 173 -26.88 76.26 -1.72
C GLN R 173 -28.33 75.81 -1.74
N ALA R 174 -28.81 75.37 -2.89
CA ALA R 174 -30.19 74.90 -2.98
C ALA R 174 -30.37 73.57 -2.26
N GLN R 175 -29.31 72.77 -2.21
CA GLN R 175 -29.40 71.50 -1.51
C GLN R 175 -29.36 71.65 0.01
N ALA R 176 -28.61 72.62 0.52
CA ALA R 176 -28.53 72.83 1.96
C ALA R 176 -29.63 73.70 2.53
N THR R 177 -30.06 74.74 1.81
CA THR R 177 -31.10 75.63 2.32
C THR R 177 -32.46 75.45 1.67
N GLY R 178 -32.53 75.20 0.37
CA GLY R 178 -33.82 75.04 -0.28
C GLY R 178 -34.36 76.28 -0.94
N LYS R 179 -33.49 77.13 -1.48
CA LYS R 179 -33.92 78.35 -2.14
C LYS R 179 -32.89 78.77 -3.17
N GLY R 180 -33.29 79.68 -4.05
CA GLY R 180 -32.45 80.17 -5.10
C GLY R 180 -31.29 81.01 -4.60
N PRO R 181 -30.27 81.20 -5.45
CA PRO R 181 -29.10 81.99 -5.03
C PRO R 181 -29.43 83.41 -4.64
N LEU R 182 -30.37 84.06 -5.32
CA LEU R 182 -30.72 85.42 -4.94
C LEU R 182 -31.46 85.43 -3.61
N ALA R 183 -32.38 84.48 -3.42
CA ALA R 183 -33.11 84.39 -2.16
C ALA R 183 -32.18 84.03 -1.02
N ALA R 184 -31.21 83.13 -1.29
CA ALA R 184 -30.25 82.75 -0.25
C ALA R 184 -29.34 83.91 0.09
N LEU R 185 -29.00 84.73 -0.92
CA LEU R 185 -28.15 85.89 -0.68
C LEU R 185 -28.89 86.92 0.17
N SER R 186 -30.18 87.12 -0.11
CA SER R 186 -30.97 88.05 0.69
C SER R 186 -31.13 87.54 2.11
N ALA R 187 -31.33 86.23 2.27
CA ALA R 187 -31.47 85.63 3.59
C ALA R 187 -30.18 85.76 4.38
N HIS R 188 -29.03 85.60 3.72
CA HIS R 188 -27.76 85.75 4.40
C HIS R 188 -27.52 87.21 4.76
N LEU R 189 -27.97 88.15 3.92
CA LEU R 189 -27.80 89.56 4.21
C LEU R 189 -28.68 89.98 5.38
N SER R 190 -29.82 89.30 5.56
CA SER R 190 -30.70 89.60 6.68
C SER R 190 -30.02 89.28 8.00
N ASN R 191 -29.32 88.15 8.06
CA ASN R 191 -28.59 87.74 9.26
C ASN R 191 -27.36 86.88 8.93
N PRO R 192 -26.22 87.53 8.71
CA PRO R 192 -24.97 86.81 8.39
C PRO R 192 -24.49 85.86 9.46
N PHE R 193 -24.76 86.18 10.72
CA PHE R 193 -24.31 85.34 11.82
C PHE R 193 -25.32 84.24 12.13
N GLY R 194 -26.42 84.18 11.40
CA GLY R 194 -27.42 83.16 11.65
C GLY R 194 -27.73 82.26 10.48
N ASN R 195 -27.48 82.74 9.27
CA ASN R 195 -27.73 81.99 8.04
C ASN R 195 -26.43 81.88 7.25
N ASN R 196 -25.66 80.83 7.51
CA ASN R 196 -24.41 80.60 6.81
C ASN R 196 -24.21 79.10 6.67
N ILE R 197 -23.03 78.71 6.21
CA ILE R 197 -22.76 77.28 6.03
C ILE R 197 -22.50 76.59 7.37
N LEU R 198 -22.31 77.36 8.45
CA LEU R 198 -22.07 76.72 9.75
C LEU R 198 -23.32 76.05 10.30
N LYS R 199 -24.50 76.61 10.00
CA LYS R 199 -25.76 76.06 10.49
C LYS R 199 -26.60 75.39 9.42
N ASN R 200 -26.54 75.88 8.18
CA ASN R 200 -27.36 75.30 7.12
C ASN R 200 -26.83 73.96 6.65
N ILE R 201 -25.56 73.68 6.93
CA ILE R 201 -24.98 72.42 6.49
C ILE R 201 -25.56 71.28 7.34
N GLY R 202 -25.43 70.06 6.82
CA GLY R 202 -25.95 68.89 7.49
C GLY R 202 -27.43 68.64 7.24
N THR R 203 -28.10 69.53 6.52
CA THR R 203 -29.51 69.39 6.19
C THR R 203 -29.63 69.27 4.68
N CYS R 204 -30.29 68.22 4.22
CA CYS R 204 -30.49 67.99 2.80
C CYS R 204 -31.98 68.18 2.50
N THR R 205 -32.33 69.31 1.90
CA THR R 205 -33.72 69.61 1.57
C THR R 205 -34.23 68.78 0.40
N VAL R 206 -33.35 68.18 -0.38
CA VAL R 206 -33.78 67.37 -1.52
C VAL R 206 -34.41 66.08 -0.98
N PRO R 207 -35.62 65.72 -1.42
CA PRO R 207 -36.26 64.50 -0.93
C PRO R 207 -35.55 63.25 -1.42
N HIS R 208 -36.04 62.10 -0.92
CA HIS R 208 -35.47 60.82 -1.32
C HIS R 208 -35.75 60.51 -2.78
N SER R 209 -36.95 60.81 -3.26
CA SER R 209 -37.31 60.53 -4.64
C SER R 209 -38.46 61.44 -5.07
N VAL R 210 -38.76 61.38 -6.36
CA VAL R 210 -39.83 62.16 -6.97
C VAL R 210 -40.59 61.27 -7.94
N ASP R 211 -41.91 61.42 -8.00
CA ASP R 211 -42.72 60.62 -8.90
C ASP R 211 -43.15 61.50 -10.06
N VAL R 212 -42.33 61.50 -11.13
CA VAL R 212 -42.63 62.29 -12.32
C VAL R 212 -43.62 61.48 -13.14
N GLN R 213 -44.91 61.81 -13.01
CA GLN R 213 -46.03 61.15 -13.69
C GLN R 213 -46.11 59.68 -13.27
N GLY R 214 -45.53 58.78 -14.07
CA GLY R 214 -45.60 57.37 -13.74
C GLY R 214 -44.39 56.76 -13.06
N LEU R 215 -43.19 57.06 -13.57
CA LEU R 215 -41.98 56.50 -13.00
C LEU R 215 -41.42 57.39 -11.90
N THR R 216 -40.67 56.75 -11.00
CA THR R 216 -40.06 57.42 -9.86
C THR R 216 -38.57 57.62 -10.12
N ILE R 217 -38.10 58.85 -9.97
CA ILE R 217 -36.71 59.22 -10.17
C ILE R 217 -36.04 59.36 -8.81
N PRO R 218 -34.99 58.59 -8.51
CA PRO R 218 -34.33 58.74 -7.21
C PRO R 218 -33.49 60.00 -7.19
N LEU R 219 -33.48 60.69 -6.05
CA LEU R 219 -32.73 61.93 -5.90
C LEU R 219 -31.90 61.86 -4.63
N THR R 220 -30.78 62.57 -4.64
CA THR R 220 -29.90 62.59 -3.48
C THR R 220 -29.15 63.91 -3.45
N CYS R 221 -28.57 64.20 -2.29
CA CYS R 221 -27.76 65.39 -2.11
C CYS R 221 -26.31 65.01 -2.33
N LEU R 222 -25.44 66.02 -2.43
CA LEU R 222 -24.04 65.73 -2.67
C LEU R 222 -23.33 65.21 -1.42
N TRP R 223 -23.88 65.46 -0.24
CA TRP R 223 -23.28 65.01 0.99
C TRP R 223 -24.29 64.27 1.85
N PRO R 224 -23.84 63.35 2.72
CA PRO R 224 -24.79 62.60 3.56
C PRO R 224 -25.44 63.41 4.66
N GLY R 225 -26.20 64.43 4.32
CA GLY R 225 -26.86 65.24 5.33
C GLY R 225 -28.18 64.65 5.76
N SER R 226 -28.91 65.43 6.57
CA SER R 226 -30.21 65.00 7.07
C SER R 226 -31.26 65.23 5.99
N GLN R 227 -31.93 64.16 5.57
CA GLN R 227 -32.96 64.27 4.53
C GLN R 227 -34.20 64.98 5.02
N ARG S 1 -16.72 61.46 -52.08
CA ARG S 1 -17.34 60.14 -52.01
C ARG S 1 -18.28 60.06 -50.82
N PRO S 2 -19.51 59.62 -51.05
CA PRO S 2 -20.48 59.52 -49.95
C PRO S 2 -20.10 58.41 -48.98
N LEU S 3 -20.25 58.70 -47.69
CA LEU S 3 -19.92 57.76 -46.63
C LEU S 3 -20.97 57.83 -45.53
N TRP S 4 -21.00 56.80 -44.69
CA TRP S 4 -21.92 56.75 -43.57
C TRP S 4 -21.49 57.68 -42.43
N LEU S 5 -20.31 58.27 -42.53
CA LEU S 5 -19.80 59.19 -41.50
C LEU S 5 -18.88 60.14 -42.23
N PRO S 6 -19.31 61.38 -42.46
CA PRO S 6 -18.46 62.35 -43.18
C PRO S 6 -17.14 62.61 -42.46
N GLY S 7 -16.06 62.57 -43.23
CA GLY S 7 -14.75 62.79 -42.69
C GLY S 7 -14.13 61.59 -41.99
N SER S 8 -14.77 60.42 -42.08
CA SER S 8 -14.27 59.21 -41.47
C SER S 8 -13.54 58.37 -42.49
N THR S 9 -12.56 57.61 -42.01
CA THR S 9 -11.77 56.75 -42.89
C THR S 9 -12.50 55.44 -43.08
N PRO S 10 -12.85 55.06 -44.31
CA PRO S 10 -13.54 53.79 -44.53
C PRO S 10 -12.60 52.62 -44.29
N PRO S 11 -13.13 51.42 -44.05
CA PRO S 11 -12.25 50.28 -43.83
C PRO S 11 -11.48 49.89 -45.07
N ALA S 12 -10.36 49.19 -44.86
CA ALA S 12 -9.49 48.79 -45.96
C ALA S 12 -10.16 47.82 -46.91
N HIS S 13 -11.08 46.98 -46.42
CA HIS S 13 -11.73 46.03 -47.31
C HIS S 13 -12.84 46.65 -48.15
N LEU S 14 -13.18 47.92 -47.92
CA LEU S 14 -14.23 48.61 -48.66
C LEU S 14 -13.55 49.71 -49.47
N LYS S 15 -13.51 49.54 -50.78
CA LYS S 15 -12.90 50.51 -51.69
C LYS S 15 -13.91 51.24 -52.57
N GLY S 16 -15.20 51.15 -52.27
CA GLY S 16 -16.21 51.81 -53.06
C GLY S 16 -16.44 51.24 -54.44
N ASP S 17 -16.38 49.93 -54.60
CA ASP S 17 -16.59 49.31 -55.90
C ASP S 17 -18.00 48.73 -56.02
N LEU S 18 -18.44 48.00 -55.00
CA LEU S 18 -19.76 47.41 -55.02
C LEU S 18 -20.82 48.49 -54.86
N PRO S 19 -22.03 48.27 -55.39
CA PRO S 19 -23.08 49.28 -55.26
C PRO S 19 -23.48 49.48 -53.81
N GLY S 20 -23.70 50.75 -53.44
CA GLY S 20 -24.07 51.07 -52.08
C GLY S 20 -22.94 51.03 -51.10
N ASP S 21 -21.69 51.09 -51.58
CA ASP S 21 -20.53 51.04 -50.70
C ASP S 21 -20.33 52.41 -50.07
N PHE S 22 -20.64 52.52 -48.77
CA PHE S 22 -20.50 53.77 -48.04
C PHE S 22 -19.49 53.65 -46.91
N GLY S 23 -18.63 52.63 -46.96
CA GLY S 23 -17.60 52.42 -45.96
C GLY S 23 -18.09 52.16 -44.55
N PHE S 24 -19.16 51.39 -44.41
CA PHE S 24 -19.73 51.09 -43.10
C PHE S 24 -19.55 49.61 -42.79
N ASP S 25 -18.60 49.30 -41.91
CA ASP S 25 -18.32 47.94 -41.46
C ASP S 25 -17.50 47.97 -40.18
N PRO S 26 -18.09 48.35 -39.03
CA PRO S 26 -17.30 48.38 -37.79
C PRO S 26 -16.87 47.00 -37.32
N LEU S 27 -17.65 45.96 -37.58
CA LEU S 27 -17.27 44.61 -37.17
C LEU S 27 -16.34 43.94 -38.17
N GLY S 28 -16.21 44.49 -39.37
CA GLY S 28 -15.35 43.91 -40.39
C GLY S 28 -15.83 42.57 -40.88
N LEU S 29 -17.15 42.39 -40.97
CA LEU S 29 -17.71 41.11 -41.43
C LEU S 29 -17.47 40.89 -42.92
N GLY S 30 -17.18 41.96 -43.67
CA GLY S 30 -16.93 41.88 -45.08
C GLY S 30 -15.47 41.91 -45.46
N ALA S 31 -14.57 41.66 -44.50
CA ALA S 31 -13.14 41.70 -44.79
C ALA S 31 -12.74 40.55 -45.72
N ASN S 32 -13.28 39.36 -45.47
CA ASN S 32 -12.96 38.20 -46.31
C ASN S 32 -13.65 38.35 -47.67
N ALA S 33 -12.98 37.84 -48.71
CA ALA S 33 -13.54 37.95 -50.06
C ALA S 33 -14.74 37.03 -50.25
N GLU S 34 -14.62 35.78 -49.82
CA GLU S 34 -15.72 34.81 -49.97
C GLU S 34 -16.92 35.22 -49.12
N SER S 35 -16.67 35.68 -47.89
CA SER S 35 -17.76 36.11 -47.02
C SER S 35 -18.49 37.30 -47.60
N LEU S 36 -17.73 38.25 -48.17
CA LEU S 36 -18.35 39.42 -48.78
C LEU S 36 -19.16 39.03 -50.01
N LYS S 37 -18.65 38.09 -50.79
CA LYS S 37 -19.36 37.64 -51.98
C LYS S 37 -20.67 36.97 -51.63
N TRP S 38 -20.69 36.21 -50.53
CA TRP S 38 -21.93 35.56 -50.10
C TRP S 38 -22.89 36.57 -49.47
N PHE S 39 -22.35 37.49 -48.67
CA PHE S 39 -23.20 38.48 -48.01
C PHE S 39 -23.80 39.45 -49.01
N LYS S 40 -23.15 39.67 -50.16
CA LYS S 40 -23.72 40.56 -51.17
C LYS S 40 -25.03 39.99 -51.70
N GLU S 41 -25.02 38.68 -51.98
CA GLU S 41 -26.22 38.01 -52.45
C GLU S 41 -27.28 38.00 -51.36
N SER S 42 -26.84 37.77 -50.11
CA SER S 42 -27.79 37.75 -48.99
C SER S 42 -28.46 39.10 -48.83
N GLU S 43 -27.68 40.19 -48.94
CA GLU S 43 -28.23 41.54 -48.82
C GLU S 43 -29.18 41.85 -49.97
N LEU S 44 -28.86 41.39 -51.19
CA LEU S 44 -29.74 41.64 -52.33
C LEU S 44 -31.07 40.92 -52.15
N VAL S 45 -31.02 39.65 -51.72
CA VAL S 45 -32.22 38.87 -51.49
C VAL S 45 -33.04 39.48 -50.36
N HIS S 46 -32.37 39.91 -49.29
CA HIS S 46 -33.05 40.55 -48.18
C HIS S 46 -33.73 41.85 -48.61
N SER S 47 -33.03 42.63 -49.45
CA SER S 47 -33.57 43.89 -49.93
C SER S 47 -34.84 43.68 -50.74
N ARG S 48 -34.78 42.78 -51.73
CA ARG S 48 -35.96 42.52 -52.56
C ARG S 48 -37.11 41.94 -51.75
N TRP S 49 -36.81 41.01 -50.83
CA TRP S 49 -37.86 40.41 -50.01
C TRP S 49 -38.52 41.46 -49.11
N ALA S 50 -37.73 42.34 -48.49
CA ALA S 50 -38.27 43.36 -47.61
C ALA S 50 -39.07 44.39 -48.39
N MET S 51 -38.63 44.75 -49.60
CA MET S 51 -39.37 45.71 -50.40
C MET S 51 -40.73 45.14 -50.78
N ALA S 52 -40.75 43.88 -51.20
CA ALA S 52 -42.01 43.23 -51.56
C ALA S 52 -42.93 43.12 -50.36
N ALA S 53 -42.38 42.79 -49.20
CA ALA S 53 -43.18 42.65 -47.99
C ALA S 53 -43.76 43.98 -47.53
N VAL S 54 -42.97 45.06 -47.58
CA VAL S 54 -43.47 46.36 -47.16
C VAL S 54 -44.56 46.84 -48.09
N ALA S 55 -44.37 46.65 -49.40
CA ALA S 55 -45.40 47.04 -50.36
C ALA S 55 -46.67 46.22 -50.14
N GLY S 56 -46.51 44.94 -49.85
CA GLY S 56 -47.66 44.08 -49.60
C GLY S 56 -48.43 44.51 -48.36
N ILE S 57 -47.73 44.84 -47.29
CA ILE S 57 -48.39 45.27 -46.05
C ILE S 57 -49.15 46.57 -46.27
N LEU S 58 -48.50 47.52 -46.96
CA LEU S 58 -49.14 48.82 -47.21
C LEU S 58 -50.40 48.67 -48.07
N VAL S 59 -50.31 47.91 -49.16
CA VAL S 59 -51.48 47.72 -50.02
C VAL S 59 -52.57 46.93 -49.28
N GLN S 60 -52.16 45.96 -48.45
CA GLN S 60 -53.11 45.16 -47.68
C GLN S 60 -53.91 46.02 -46.71
N GLU S 61 -53.25 46.96 -46.04
CA GLU S 61 -53.98 47.81 -45.11
C GLU S 61 -54.82 48.86 -45.83
N ILE S 62 -54.30 49.46 -46.91
CA ILE S 62 -55.05 50.48 -47.62
C ILE S 62 -56.31 49.88 -48.25
N VAL S 63 -56.17 48.75 -48.93
CA VAL S 63 -57.32 48.11 -49.58
C VAL S 63 -58.25 47.47 -48.53
N ARG S 64 -57.68 46.80 -47.53
CA ARG S 64 -58.44 46.13 -46.48
C ARG S 64 -58.04 46.68 -45.12
N PRO S 65 -58.69 47.76 -44.67
CA PRO S 65 -58.34 48.33 -43.36
C PRO S 65 -58.86 47.54 -42.17
N ASP S 66 -59.74 46.56 -42.38
CA ASP S 66 -60.26 45.78 -41.27
C ASP S 66 -59.46 44.51 -40.99
N VAL S 67 -58.51 44.16 -41.84
CA VAL S 67 -57.70 42.96 -41.67
C VAL S 67 -56.30 43.38 -41.24
N PHE S 68 -55.89 42.89 -40.08
CA PHE S 68 -54.57 43.19 -39.53
C PHE S 68 -53.54 42.34 -40.28
N TRP S 69 -52.40 42.94 -40.63
CA TRP S 69 -51.38 42.21 -41.37
C TRP S 69 -50.79 41.09 -40.51
N TYR S 70 -50.61 41.34 -39.21
CA TYR S 70 -50.07 40.33 -38.31
C TYR S 70 -51.03 39.14 -38.21
N ASN S 71 -52.32 39.39 -38.38
CA ASN S 71 -53.35 38.37 -38.37
C ASN S 71 -53.70 37.89 -39.78
N ALA S 72 -52.96 38.37 -40.78
CA ALA S 72 -53.23 37.99 -42.17
C ALA S 72 -53.08 36.49 -42.38
N GLY S 73 -52.17 35.86 -41.66
CA GLY S 73 -52.05 34.42 -41.84
C GLY S 73 -53.07 33.63 -41.06
N LYS S 74 -53.86 34.29 -40.23
CA LYS S 74 -54.85 33.66 -39.38
C LYS S 74 -56.28 33.83 -39.86
N GLU S 75 -56.69 35.02 -40.26
CA GLU S 75 -58.07 35.27 -40.67
C GLU S 75 -58.28 35.22 -42.19
N VAL S 76 -57.50 34.43 -42.91
CA VAL S 76 -57.64 34.28 -44.35
C VAL S 76 -58.04 32.84 -44.64
N GLU S 77 -59.20 32.67 -45.28
CA GLU S 77 -59.73 31.36 -45.64
C GLU S 77 -59.64 31.20 -47.15
N SER S 78 -59.18 30.03 -47.57
CA SER S 78 -59.02 29.71 -48.99
C SER S 78 -59.38 28.25 -49.23
N PRO S 79 -59.93 27.92 -50.41
CA PRO S 79 -60.28 26.52 -50.69
C PRO S 79 -59.07 25.60 -50.67
N LEU S 80 -57.90 26.13 -50.99
CA LEU S 80 -56.67 25.37 -50.96
C LEU S 80 -56.27 25.23 -49.49
N GLY S 81 -56.10 23.99 -49.03
CA GLY S 81 -55.75 23.75 -47.65
C GLY S 81 -54.39 24.30 -47.27
N PRO S 82 -54.19 24.60 -45.99
CA PRO S 82 -52.89 25.14 -45.56
C PRO S 82 -51.73 24.18 -45.80
N LEU S 83 -51.97 22.88 -45.69
CA LEU S 83 -50.90 21.91 -45.93
C LEU S 83 -50.58 21.85 -47.42
N GLY S 84 -51.60 21.93 -48.28
CA GLY S 84 -51.37 21.93 -49.70
C GLY S 84 -50.65 23.19 -50.15
N LEU S 85 -51.04 24.33 -49.56
CA LEU S 85 -50.38 25.60 -49.88
C LEU S 85 -48.92 25.57 -49.44
N LEU S 86 -48.67 24.98 -48.27
CA LEU S 86 -47.30 24.88 -47.77
C LEU S 86 -46.47 23.97 -48.66
N ALA S 87 -47.05 22.87 -49.14
CA ALA S 87 -46.32 21.97 -50.03
C ALA S 87 -45.98 22.65 -51.35
N VAL S 88 -46.95 23.36 -51.94
CA VAL S 88 -46.71 24.08 -53.19
C VAL S 88 -45.63 25.13 -53.00
N GLU S 89 -45.74 25.93 -51.93
CA GLU S 89 -44.78 26.98 -51.66
C GLU S 89 -43.39 26.41 -51.40
N PHE S 90 -43.31 25.32 -50.64
CA PHE S 90 -42.02 24.72 -50.34
C PHE S 90 -41.35 24.19 -51.60
N PHE S 91 -42.11 23.53 -52.47
CA PHE S 91 -41.51 22.99 -53.69
C PHE S 91 -41.05 24.10 -54.64
N LEU S 92 -41.90 25.10 -54.88
CA LEU S 92 -41.51 26.18 -55.78
C LEU S 92 -40.35 26.99 -55.23
N MET S 93 -40.41 27.35 -53.94
CA MET S 93 -39.34 28.13 -53.32
C MET S 93 -38.05 27.31 -53.28
N HIS S 94 -38.15 26.01 -53.02
CA HIS S 94 -36.97 25.17 -52.98
C HIS S 94 -36.30 25.12 -54.35
N TRP S 95 -37.11 25.00 -55.41
CA TRP S 95 -36.57 24.96 -56.76
C TRP S 95 -35.84 26.26 -57.11
N VAL S 96 -36.49 27.40 -56.88
CA VAL S 96 -35.86 28.68 -57.24
C VAL S 96 -34.64 28.98 -56.36
N GLU S 97 -34.69 28.64 -55.07
CA GLU S 97 -33.54 28.92 -54.22
C GLU S 97 -32.38 27.99 -54.56
N VAL S 98 -32.67 26.77 -55.02
CA VAL S 98 -31.60 25.87 -55.43
C VAL S 98 -30.93 26.40 -56.70
N ARG S 99 -31.72 26.92 -57.65
CA ARG S 99 -31.14 27.49 -58.86
C ARG S 99 -30.27 28.71 -58.51
N ARG S 100 -30.77 29.58 -57.63
CA ARG S 100 -30.00 30.77 -57.23
C ARG S 100 -28.72 30.38 -56.50
N TRP S 101 -28.79 29.41 -55.60
CA TRP S 101 -27.61 28.98 -54.85
C TRP S 101 -26.57 28.36 -55.76
N GLN S 102 -27.02 27.57 -56.74
CA GLN S 102 -26.09 26.96 -57.67
C GLN S 102 -25.42 28.02 -58.53
N ASP S 103 -26.15 29.08 -58.88
CA ASP S 103 -25.53 30.15 -59.64
C ASP S 103 -24.53 30.91 -58.78
N LEU S 104 -24.79 30.98 -57.47
CA LEU S 104 -23.85 31.66 -56.59
C LEU S 104 -22.54 30.88 -56.49
N ARG S 105 -22.63 29.57 -56.23
CA ARG S 105 -21.41 28.78 -56.09
C ARG S 105 -20.76 28.49 -57.43
N LYS S 106 -21.54 28.37 -58.51
CA LYS S 106 -21.02 28.07 -59.84
C LYS S 106 -21.67 29.02 -60.84
N PRO S 107 -21.09 30.20 -61.05
CA PRO S 107 -21.68 31.18 -61.98
C PRO S 107 -21.71 30.67 -63.41
N GLY S 108 -22.78 31.03 -64.11
CA GLY S 108 -22.95 30.63 -65.50
C GLY S 108 -23.14 29.13 -65.68
N SER S 109 -23.82 28.49 -64.74
CA SER S 109 -24.06 27.04 -64.80
C SER S 109 -25.53 26.65 -64.81
N VAL S 110 -26.44 27.50 -64.35
CA VAL S 110 -27.86 27.18 -64.34
C VAL S 110 -28.64 28.23 -65.13
N ASP S 111 -27.96 28.96 -66.02
CA ASP S 111 -28.60 29.98 -66.83
C ASP S 111 -29.37 29.41 -68.01
N GLN S 112 -29.36 28.08 -68.18
CA GLN S 112 -30.04 27.42 -69.29
C GLN S 112 -31.42 26.91 -68.89
N ASP S 113 -32.38 27.06 -69.80
CA ASP S 113 -33.74 26.58 -69.58
C ASP S 113 -33.77 25.08 -69.81
N PRO S 114 -34.21 24.28 -68.84
CA PRO S 114 -34.22 22.82 -69.05
C PRO S 114 -35.29 22.32 -70.01
N ILE S 115 -36.49 22.89 -69.99
CA ILE S 115 -37.56 22.43 -70.87
C ILE S 115 -37.26 22.76 -72.34
N PHE S 116 -36.79 23.97 -72.61
CA PHE S 116 -36.51 24.43 -73.97
C PHE S 116 -35.03 24.80 -74.07
N SER S 117 -34.34 24.19 -75.03
CA SER S 117 -32.91 24.42 -75.22
C SER S 117 -32.58 25.73 -75.92
N GLN S 118 -33.56 26.47 -76.44
CA GLN S 118 -33.26 27.72 -77.12
C GLN S 118 -33.21 28.92 -76.19
N TYR S 119 -33.81 28.84 -75.00
CA TYR S 119 -33.81 29.95 -74.06
C TYR S 119 -32.62 29.81 -73.13
N LYS S 120 -31.89 30.91 -72.94
CA LYS S 120 -30.72 30.93 -72.08
C LYS S 120 -30.45 32.35 -71.62
N LEU S 121 -30.17 32.51 -70.34
CA LEU S 121 -29.87 33.83 -69.79
C LEU S 121 -28.53 34.32 -70.32
N PRO S 122 -28.43 35.61 -70.65
CA PRO S 122 -27.16 36.15 -71.15
C PRO S 122 -26.15 36.22 -70.01
N PRO S 123 -24.85 36.37 -70.31
CA PRO S 123 -23.86 36.46 -69.23
C PRO S 123 -24.11 37.67 -68.35
N HIS S 124 -24.00 37.47 -67.04
CA HIS S 124 -24.27 38.52 -66.08
C HIS S 124 -23.39 38.33 -64.84
N GLU S 125 -23.67 39.11 -63.81
CA GLU S 125 -22.96 39.05 -62.54
C GLU S 125 -23.70 38.11 -61.60
N VAL S 126 -23.18 38.01 -60.38
CA VAL S 126 -23.82 37.16 -59.38
C VAL S 126 -24.75 38.01 -58.54
N GLY S 127 -26.02 37.62 -58.50
CA GLY S 127 -27.03 38.35 -57.78
C GLY S 127 -27.84 39.26 -58.68
N TYR S 128 -27.43 39.42 -59.94
CA TYR S 128 -28.12 40.24 -60.92
C TYR S 128 -28.34 39.38 -62.16
N PRO S 129 -29.42 38.58 -62.17
CA PRO S 129 -29.68 37.68 -63.31
C PRO S 129 -29.84 38.35 -64.67
N GLY S 130 -30.80 39.27 -64.77
CA GLY S 130 -30.98 39.92 -66.06
C GLY S 130 -31.64 39.02 -67.09
N GLY S 131 -31.70 39.53 -68.30
CA GLY S 131 -32.31 38.79 -69.39
C GLY S 131 -33.81 38.80 -69.27
N VAL S 132 -34.41 37.63 -69.02
CA VAL S 132 -35.85 37.56 -68.87
C VAL S 132 -36.29 38.20 -67.56
N PHE S 133 -35.41 38.25 -66.56
CA PHE S 133 -35.72 38.86 -65.28
C PHE S 133 -35.69 40.38 -65.34
N ALA S 134 -35.13 40.96 -66.40
CA ALA S 134 -35.02 42.41 -66.55
C ALA S 134 -35.53 42.83 -67.93
N PRO S 135 -36.85 42.83 -68.14
CA PRO S 135 -37.35 43.23 -69.46
C PRO S 135 -37.23 44.72 -69.76
N PHE S 136 -37.41 45.59 -68.77
CA PHE S 136 -37.29 47.03 -68.98
C PHE S 136 -36.33 47.60 -67.94
N ILE S 137 -35.36 48.38 -68.40
CA ILE S 137 -34.36 49.00 -67.52
C ILE S 137 -34.32 50.50 -67.81
N PRO S 138 -35.22 51.31 -67.23
CA PRO S 138 -35.19 52.76 -67.51
C PRO S 138 -34.18 53.50 -66.65
N GLY S 139 -33.09 53.92 -67.27
CA GLY S 139 -32.04 54.64 -66.57
C GLY S 139 -30.72 53.89 -66.58
N ASP S 140 -29.75 54.50 -65.91
CA ASP S 140 -28.42 53.93 -65.81
C ASP S 140 -28.43 52.68 -64.96
N LEU S 141 -27.59 51.71 -65.34
CA LEU S 141 -27.52 50.45 -64.59
C LEU S 141 -26.94 50.64 -63.20
N ALA S 142 -25.81 51.32 -63.09
CA ALA S 142 -25.19 51.54 -61.78
C ALA S 142 -26.06 52.42 -60.90
N GLU S 143 -26.66 53.47 -61.48
CA GLU S 143 -27.54 54.35 -60.72
C GLU S 143 -28.74 53.59 -60.17
N LEU S 144 -29.36 52.77 -61.02
CA LEU S 144 -30.51 51.99 -60.59
C LEU S 144 -30.10 50.93 -59.56
N LYS S 145 -28.87 50.41 -59.67
CA LYS S 145 -28.40 49.43 -58.69
C LYS S 145 -28.24 50.07 -57.32
N VAL S 146 -27.71 51.30 -57.30
CA VAL S 146 -27.54 52.03 -56.04
C VAL S 146 -28.92 52.35 -55.46
N LYS S 147 -29.86 52.74 -56.32
CA LYS S 147 -31.22 53.04 -55.86
C LYS S 147 -31.87 51.79 -55.28
N GLU S 148 -31.61 50.64 -55.89
CA GLU S 148 -32.17 49.38 -55.43
C GLU S 148 -31.63 48.99 -54.06
N ILE S 149 -30.31 49.12 -53.86
CA ILE S 149 -29.76 48.74 -52.55
C ILE S 149 -30.19 49.74 -51.47
N LYS S 150 -30.34 51.03 -51.81
CA LYS S 150 -30.77 52.00 -50.80
C LYS S 150 -32.23 51.76 -50.42
N ASN S 151 -33.09 51.54 -51.42
CA ASN S 151 -34.50 51.27 -51.15
C ASN S 151 -34.66 49.97 -50.37
N GLY S 152 -33.78 49.00 -50.63
CA GLY S 152 -33.85 47.75 -49.90
C GLY S 152 -33.46 47.91 -48.44
N ARG S 153 -32.42 48.72 -48.17
CA ARG S 153 -32.03 48.94 -46.77
C ARG S 153 -33.16 49.64 -46.01
N LEU S 154 -33.76 50.65 -46.65
CA LEU S 154 -34.88 51.34 -46.02
C LEU S 154 -36.06 50.41 -45.81
N ALA S 155 -36.31 49.51 -46.76
CA ALA S 155 -37.42 48.57 -46.60
C ALA S 155 -37.16 47.55 -45.51
N MET S 156 -35.89 47.15 -45.33
CA MET S 156 -35.57 46.19 -44.28
C MET S 156 -35.84 46.82 -42.91
N LEU S 157 -35.36 48.06 -42.73
CA LEU S 157 -35.62 48.75 -41.46
C LEU S 157 -37.10 49.02 -41.29
N ALA S 158 -37.81 49.25 -42.40
CA ALA S 158 -39.24 49.49 -42.34
C ALA S 158 -39.99 48.24 -41.90
N PHE S 159 -39.58 47.07 -42.38
CA PHE S 159 -40.27 45.85 -41.96
C PHE S 159 -40.02 45.57 -40.49
N VAL S 160 -38.80 45.84 -40.02
CA VAL S 160 -38.51 45.64 -38.60
C VAL S 160 -39.37 46.58 -37.76
N GLY S 161 -39.52 47.83 -38.23
CA GLY S 161 -40.36 48.78 -37.53
C GLY S 161 -41.82 48.37 -37.57
N PHE S 162 -42.25 47.77 -38.68
CA PHE S 162 -43.63 47.30 -38.80
C PHE S 162 -43.91 46.21 -37.78
N VAL S 163 -42.99 45.25 -37.66
CA VAL S 163 -43.15 44.15 -36.71
C VAL S 163 -43.18 44.66 -35.28
N MET S 164 -42.23 45.56 -34.95
CA MET S 164 -42.17 46.08 -33.58
C MET S 164 -43.40 46.93 -33.24
N ALA S 165 -43.86 47.76 -34.17
CA ALA S 165 -45.04 48.57 -33.90
C ALA S 165 -46.30 47.71 -33.82
N ALA S 166 -46.35 46.62 -34.59
CA ALA S 166 -47.51 45.75 -34.53
C ALA S 166 -47.49 44.92 -33.24
N GLN S 167 -46.30 44.69 -32.68
CA GLN S 167 -46.22 43.92 -31.45
C GLN S 167 -46.42 44.80 -30.21
N VAL S 168 -46.07 46.08 -30.29
CA VAL S 168 -46.21 46.98 -29.15
C VAL S 168 -47.60 47.62 -29.10
N THR S 169 -48.12 48.10 -30.24
CA THR S 169 -49.42 48.75 -30.25
C THR S 169 -50.54 47.91 -30.83
N GLY S 170 -50.25 46.94 -31.68
CA GLY S 170 -51.30 46.14 -32.27
C GLY S 170 -52.00 46.81 -33.42
N LYS S 171 -51.40 47.84 -34.01
CA LYS S 171 -51.98 48.57 -35.12
C LYS S 171 -51.05 48.49 -36.33
N GLY S 172 -51.63 48.65 -37.51
CA GLY S 172 -50.87 48.61 -38.73
C GLY S 172 -50.06 49.87 -38.96
N PRO S 173 -49.25 49.85 -40.01
CA PRO S 173 -48.42 51.03 -40.33
C PRO S 173 -49.19 52.32 -40.54
N ILE S 174 -50.30 52.26 -41.28
CA ILE S 174 -51.10 53.46 -41.51
C ILE S 174 -51.80 53.88 -40.22
N ALA S 175 -52.31 52.91 -39.46
CA ALA S 175 -52.97 53.20 -38.19
C ALA S 175 -51.98 53.79 -37.19
N ALA S 176 -50.77 53.22 -37.14
CA ALA S 176 -49.76 53.74 -36.23
C ALA S 176 -49.33 55.14 -36.64
N LEU S 177 -49.23 55.40 -37.95
CA LEU S 177 -48.85 56.72 -38.42
C LEU S 177 -49.91 57.75 -38.05
N GLN S 178 -51.19 57.41 -38.21
CA GLN S 178 -52.24 58.34 -37.85
C GLN S 178 -52.30 58.57 -36.35
N GLU S 179 -52.15 57.51 -35.55
CA GLU S 179 -52.16 57.65 -34.10
C GLU S 179 -50.99 58.47 -33.61
N HIS S 180 -49.83 58.31 -34.27
CA HIS S 180 -48.66 59.08 -33.88
C HIS S 180 -48.82 60.54 -34.28
N LEU S 181 -49.42 60.80 -35.44
CA LEU S 181 -49.62 62.19 -35.84
C LEU S 181 -50.67 62.88 -34.98
N ALA S 182 -51.60 62.11 -34.41
CA ALA S 182 -52.63 62.71 -33.56
C ALA S 182 -52.04 63.27 -32.27
N ASP S 183 -51.21 62.48 -31.59
CA ASP S 183 -50.57 62.88 -30.34
C ASP S 183 -49.08 62.54 -30.42
N PRO S 184 -48.29 63.34 -31.15
CA PRO S 184 -46.85 63.02 -31.27
C PRO S 184 -46.04 63.11 -29.99
N TRP S 185 -46.44 63.95 -29.04
CA TRP S 185 -45.64 64.06 -27.81
C TRP S 185 -45.92 62.92 -26.84
N GLY S 186 -47.00 62.17 -27.04
CA GLY S 186 -47.28 61.09 -26.12
C GLY S 186 -47.41 59.70 -26.71
N THR S 187 -47.21 59.56 -28.02
CA THR S 187 -47.32 58.25 -28.66
C THR S 187 -46.01 57.65 -29.14
N THR S 188 -44.87 58.27 -28.84
CA THR S 188 -43.61 57.68 -29.24
C THR S 188 -43.23 56.58 -28.26
N ILE S 189 -42.14 55.87 -28.56
CA ILE S 189 -41.70 54.79 -27.67
C ILE S 189 -41.16 55.38 -26.37
N PHE S 190 -40.66 56.61 -26.41
CA PHE S 190 -40.13 57.23 -25.20
C PHE S 190 -41.26 57.54 -24.23
N SER S 191 -42.44 57.86 -24.74
CA SER S 191 -43.59 58.15 -23.90
C SER S 191 -44.22 56.89 -23.35
N LYS S 192 -44.15 55.78 -24.10
CA LYS S 192 -44.72 54.51 -23.66
C LYS S 192 -43.91 53.83 -22.57
N ALA S 193 -42.60 54.03 -22.53
CA ALA S 193 -41.80 53.35 -21.53
C ALA S 193 -40.52 54.12 -21.22
N ALA S 194 -39.93 53.78 -20.07
CA ALA S 194 -38.70 54.38 -19.58
C ALA S 194 -38.12 53.44 -18.54
N VAL S 195 -36.79 53.45 -18.40
CA VAL S 195 -36.10 52.60 -17.44
C VAL S 195 -35.21 53.47 -16.56
N VAL S 196 -35.25 53.22 -15.26
CA VAL S 196 -34.44 53.94 -14.28
C VAL S 196 -33.89 52.93 -13.30
N PRO S 197 -32.88 53.32 -12.50
CA PRO S 197 -32.34 52.36 -11.52
C PRO S 197 -33.36 51.87 -10.49
N GLY S 198 -34.47 52.57 -10.29
CA GLY S 198 -35.45 52.12 -9.34
C GLY S 198 -36.71 51.51 -9.94
N GLN S 199 -36.88 51.61 -11.26
CA GLN S 199 -38.07 51.07 -11.89
C GLN S 199 -37.80 50.75 -13.36
N ALA S 200 -38.45 49.71 -13.86
CA ALA S 200 -38.32 49.29 -15.25
C ALA S 200 -39.70 48.94 -15.77
N VAL S 201 -40.29 49.86 -16.53
CA VAL S 201 -41.62 49.69 -17.09
C VAL S 201 -41.51 49.56 -18.61
N ALA S 202 -42.29 48.66 -19.18
CA ALA S 202 -42.33 48.37 -20.60
C ALA S 202 -43.78 48.29 -21.05
N PRO S 203 -44.06 48.61 -22.32
CA PRO S 203 -45.44 48.53 -22.80
C PRO S 203 -45.87 47.08 -22.92
N PRO S 204 -47.15 46.78 -22.69
CA PRO S 204 -47.61 45.40 -22.79
C PRO S 204 -47.64 44.91 -24.22
N CYS S 205 -47.47 43.61 -24.38
CA CYS S 205 -47.49 42.96 -25.68
C CYS S 205 -48.94 42.76 -26.07
N LYS S 206 -49.39 43.49 -27.10
CA LYS S 206 -50.76 43.40 -27.58
C LYS S 206 -51.06 42.08 -28.30
N ILE S 207 -50.04 41.33 -28.67
CA ILE S 207 -50.25 40.07 -29.37
C ILE S 207 -50.50 38.96 -28.35
N PRO S 208 -51.59 38.18 -28.50
CA PRO S 208 -51.84 37.10 -27.55
C PRO S 208 -50.76 36.03 -27.63
N ALA S 209 -50.53 35.38 -26.49
CA ALA S 209 -49.49 34.34 -26.41
C ALA S 209 -49.79 33.16 -27.32
N SER S 210 -51.04 32.73 -27.40
CA SER S 210 -51.42 31.60 -28.22
C SER S 210 -52.55 31.96 -29.17
N VAL S 211 -52.51 31.38 -30.36
CA VAL S 211 -53.52 31.59 -31.39
C VAL S 211 -54.09 30.23 -31.76
N SER S 212 -55.41 30.09 -31.62
CA SER S 212 -56.08 28.83 -31.93
C SER S 212 -56.40 28.77 -33.42
N TYR S 213 -55.54 28.10 -34.18
CA TYR S 213 -55.72 27.92 -35.62
C TYR S 213 -56.10 26.46 -35.82
N LYS S 214 -57.40 26.21 -35.99
CA LYS S 214 -57.96 24.86 -36.16
C LYS S 214 -57.60 23.95 -35.00
N GLY S 215 -57.67 24.49 -33.78
CA GLY S 215 -57.39 23.75 -32.56
C GLY S 215 -55.97 23.24 -32.40
N ILE S 216 -54.98 24.08 -32.70
CA ILE S 216 -53.59 23.67 -32.57
C ILE S 216 -52.80 24.55 -31.60
N GLU S 217 -53.30 25.74 -31.24
CA GLU S 217 -52.67 26.67 -30.30
C GLU S 217 -51.25 27.07 -30.74
N ILE S 218 -51.20 27.79 -31.85
CA ILE S 218 -49.92 28.27 -32.40
C ILE S 218 -49.39 29.36 -31.47
N PRO S 219 -48.16 29.24 -30.97
CA PRO S 219 -47.62 30.28 -30.09
C PRO S 219 -47.15 31.48 -30.91
N THR S 220 -47.65 32.66 -30.52
CA THR S 220 -47.32 33.91 -31.19
C THR S 220 -46.78 34.89 -30.15
N PRO S 221 -45.50 34.76 -29.79
CA PRO S 221 -44.92 35.64 -28.77
C PRO S 221 -44.22 36.87 -29.31
N CYS S 222 -44.18 37.92 -28.47
CA CYS S 222 -43.53 39.16 -28.85
C CYS S 222 -42.02 38.98 -28.85
N PHE S 223 -41.37 39.39 -29.94
CA PHE S 223 -39.92 39.23 -30.11
C PHE S 223 -39.12 39.92 -29.00
N LEU S 224 -38.51 39.10 -28.14
CA LEU S 224 -37.68 39.53 -27.01
C LEU S 224 -38.41 40.54 -26.13
N GLN S 225 -39.61 40.15 -25.67
CA GLN S 225 -40.42 41.03 -24.83
C GLN S 225 -39.75 41.33 -23.49
N GLY S 226 -38.93 40.41 -22.99
CA GLY S 226 -38.26 40.65 -21.73
C GLY S 226 -37.21 41.74 -21.81
N LEU S 227 -36.63 41.93 -22.98
CA LEU S 227 -35.61 42.95 -23.23
C LEU S 227 -36.20 44.26 -23.69
N TRP S 228 -37.53 44.38 -23.70
CA TRP S 228 -38.18 45.61 -24.13
C TRP S 228 -37.90 46.73 -23.13
N PRO S 229 -37.60 47.94 -23.61
CA PRO S 229 -37.33 49.08 -22.73
C PRO S 229 -38.61 49.62 -22.10
#